data_5FVC
#
_entry.id   5FVC
#
_cell.length_a   202.010
_cell.length_b   233.210
_cell.length_c   203.640
_cell.angle_alpha   90.00
_cell.angle_beta   90.00
_cell.angle_gamma   90.00
#
_symmetry.space_group_name_H-M   'C 2 2 21'
#
loop_
_entity.id
_entity.type
_entity.pdbx_description
1 polymer 'HMPV NUCLEOPROTEIN'
2 polymer RNA
#
loop_
_entity_poly.entity_id
_entity_poly.type
_entity_poly.pdbx_seq_one_letter_code
_entity_poly.pdbx_strand_id
1 'polypeptide(L)'
;MSLQGIHLSDLSYKHAILKESQYTIKRDVGTTTAVTPSSLQQEITLLCGEILYAKHADYKYAAEIGIQYISTALGSERVQ
QILRNSGSEVQVVLTRTYSLGKIKNNKGEDLQMLDIHGVEKSWVEEIDKEARKTMATLLKESSGNIPQNQRPSAPDTPII
LLCVGALIFTKLASTIEVGLETTVRRANRVLSDALKRYPRMDIPKIARSFYDLFEQKVYHRSLFIEYGKALGSSSTGSKA
ESLFVNIFMQAYGAGQTMLRWGVIARSSNNIMLGHVSVQAELKQVTEVYDLVREMGPESGLLHLRQSPKAGLLSLANCPN
FASVVLGNASGLGIIGMYRGRVPNTELFSAAESYAKSLKESNKINFSSLGLTDEEKEAAEHFLNVSDDSQNDYEKHHHHH
H
;
A,B,C,D,E,F,G,H,I,J
2 'polyribonucleotide' CCCCCCCCCCCCCCCCCCCCCCCCCCCCCCCCCCCCCCCCCCCCCCCCCCCCCCCCCCCCCCCCCCCCCC K
#
loop_
_chem_comp.id
_chem_comp.type
_chem_comp.name
_chem_comp.formula
C RNA linking CYTIDINE-5'-MONOPHOSPHATE 'C9 H14 N3 O8 P'
#
# COMPACT_ATOMS: atom_id res chain seq x y z
N LEU A 3 11.09 -23.03 -28.77
CA LEU A 3 11.33 -22.28 -30.01
C LEU A 3 10.30 -21.21 -30.30
N GLN A 4 10.12 -20.33 -29.34
CA GLN A 4 9.13 -19.26 -29.44
C GLN A 4 9.68 -17.86 -29.70
N GLY A 5 10.91 -17.59 -29.29
CA GLY A 5 11.58 -16.31 -29.46
C GLY A 5 11.88 -15.91 -30.89
N ILE A 6 11.43 -16.70 -31.89
CA ILE A 6 11.59 -16.44 -33.33
C ILE A 6 10.42 -15.54 -33.75
N HIS A 7 10.54 -14.23 -33.46
CA HIS A 7 9.49 -13.28 -33.78
C HIS A 7 9.99 -11.81 -33.91
N LEU A 8 9.59 -11.14 -34.99
CA LEU A 8 9.92 -9.76 -35.32
C LEU A 8 8.61 -9.00 -35.52
N SER A 9 8.41 -7.90 -34.78
CA SER A 9 7.18 -7.12 -34.93
C SER A 9 7.38 -5.95 -35.90
N ASP A 10 8.04 -6.25 -37.03
CA ASP A 10 8.42 -5.35 -38.12
C ASP A 10 7.43 -4.23 -38.46
N LEU A 11 6.14 -4.55 -38.66
CA LEU A 11 5.14 -3.55 -39.03
C LEU A 11 4.98 -2.46 -38.00
N SER A 12 5.03 -2.80 -36.70
CA SER A 12 4.94 -1.82 -35.62
C SER A 12 6.14 -0.86 -35.67
N TYR A 13 7.36 -1.43 -35.82
CA TYR A 13 8.62 -0.70 -35.92
C TYR A 13 8.59 0.21 -37.12
N LYS A 14 8.04 -0.30 -38.26
CA LYS A 14 7.87 0.43 -39.52
C LYS A 14 7.08 1.71 -39.27
N HIS A 15 6.02 1.63 -38.46
CA HIS A 15 5.20 2.77 -38.08
C HIS A 15 5.93 3.67 -37.09
N ALA A 16 6.56 3.05 -36.08
CA ALA A 16 7.30 3.76 -35.03
C ALA A 16 8.37 4.71 -35.57
N ILE A 17 8.98 4.34 -36.70
CA ILE A 17 10.00 5.12 -37.38
C ILE A 17 9.40 6.40 -37.99
N LEU A 18 8.11 6.37 -38.34
CA LEU A 18 7.39 7.50 -38.94
C LEU A 18 6.74 8.41 -37.88
N LYS A 19 7.29 8.39 -36.66
CA LYS A 19 6.86 9.18 -35.51
C LYS A 19 8.07 9.87 -34.96
N GLU A 20 9.23 9.18 -35.00
CA GLU A 20 10.59 9.59 -34.57
C GLU A 20 11.11 10.87 -35.28
N SER A 21 10.49 11.22 -36.44
CA SER A 21 10.89 12.39 -37.21
C SER A 21 10.57 13.63 -36.42
N GLN A 22 11.60 14.17 -35.81
CA GLN A 22 11.45 15.38 -35.04
C GLN A 22 11.47 16.53 -36.04
N TYR A 23 12.12 16.30 -37.20
CA TYR A 23 12.23 17.28 -38.25
C TYR A 23 10.98 17.24 -39.14
N THR A 24 10.56 18.43 -39.59
CA THR A 24 9.33 18.64 -40.33
C THR A 24 9.59 19.15 -41.72
N ILE A 25 8.86 18.57 -42.71
CA ILE A 25 8.97 18.94 -44.11
C ILE A 25 8.21 20.24 -44.42
N LYS A 26 8.87 21.13 -45.18
CA LYS A 26 8.33 22.41 -45.58
C LYS A 26 8.16 22.42 -47.09
N ARG A 27 7.12 21.71 -47.57
CA ARG A 27 6.85 21.64 -49.01
C ARG A 27 5.97 22.84 -49.37
N ASP A 28 5.82 23.13 -50.69
CA ASP A 28 4.99 24.21 -51.23
C ASP A 28 5.51 25.56 -50.73
N VAL A 29 6.83 25.73 -50.84
CA VAL A 29 7.55 26.85 -50.32
C VAL A 29 7.02 28.23 -50.79
N GLY A 30 6.86 28.44 -52.10
CA GLY A 30 6.42 29.73 -52.61
C GLY A 30 4.93 29.90 -52.81
N THR A 31 4.20 28.78 -52.88
CA THR A 31 2.76 28.66 -53.17
C THR A 31 1.86 29.65 -52.41
N THR A 32 0.77 30.07 -53.09
CA THR A 32 -0.26 30.94 -52.56
C THR A 32 -1.64 30.44 -52.98
N THR A 33 -2.60 30.44 -52.04
CA THR A 33 -3.97 30.02 -52.32
C THR A 33 -4.94 31.02 -51.73
N ALA A 34 -6.11 31.12 -52.37
CA ALA A 34 -7.13 32.03 -51.92
C ALA A 34 -7.88 31.55 -50.70
N VAL A 35 -8.14 32.50 -49.79
CA VAL A 35 -8.98 32.36 -48.60
C VAL A 35 -9.97 33.52 -48.61
N THR A 36 -11.19 33.27 -48.16
CA THR A 36 -12.25 34.27 -48.11
C THR A 36 -12.58 34.54 -46.64
N PRO A 37 -12.63 35.81 -46.20
CA PRO A 37 -12.98 36.06 -44.80
C PRO A 37 -14.44 35.76 -44.55
N SER A 38 -14.76 35.38 -43.31
CA SER A 38 -16.11 35.01 -42.87
C SER A 38 -17.20 36.03 -43.32
N SER A 39 -16.83 37.31 -43.30
CA SER A 39 -17.63 38.49 -43.65
C SER A 39 -18.26 38.42 -45.04
N LEU A 40 -17.60 37.73 -45.97
CA LEU A 40 -18.04 37.61 -47.36
C LEU A 40 -18.78 36.31 -47.66
N GLN A 41 -19.32 35.64 -46.64
CA GLN A 41 -20.05 34.38 -46.81
C GLN A 41 -21.29 34.55 -47.74
N GLN A 42 -22.04 35.65 -47.62
CA GLN A 42 -23.23 35.90 -48.46
C GLN A 42 -22.90 36.07 -49.96
N GLU A 43 -21.77 36.74 -50.23
CA GLU A 43 -21.26 37.03 -51.56
C GLU A 43 -20.77 35.79 -52.25
N ILE A 44 -20.06 34.93 -51.50
CA ILE A 44 -19.57 33.66 -52.05
C ILE A 44 -20.76 32.69 -52.24
N THR A 45 -21.80 32.79 -51.37
CA THR A 45 -23.03 31.98 -51.47
C THR A 45 -23.73 32.29 -52.78
N LEU A 46 -23.86 33.58 -53.11
CA LEU A 46 -24.47 33.99 -54.36
C LEU A 46 -23.70 33.42 -55.56
N LEU A 47 -22.34 33.52 -55.54
CA LEU A 47 -21.47 33.04 -56.61
C LEU A 47 -21.60 31.56 -56.86
N CYS A 48 -21.77 30.78 -55.77
CA CYS A 48 -21.96 29.34 -55.79
C CYS A 48 -23.28 29.02 -56.53
N GLY A 49 -24.33 29.75 -56.15
CA GLY A 49 -25.66 29.63 -56.75
C GLY A 49 -25.66 29.93 -58.23
N GLU A 50 -24.87 30.94 -58.64
CA GLU A 50 -24.70 31.37 -60.03
C GLU A 50 -24.12 30.26 -60.89
N ILE A 51 -23.18 29.46 -60.33
CA ILE A 51 -22.57 28.31 -61.01
C ILE A 51 -23.63 27.24 -61.35
N LEU A 52 -24.51 26.94 -60.38
CA LEU A 52 -25.58 25.95 -60.51
C LEU A 52 -26.75 26.44 -61.38
N TYR A 53 -27.12 27.73 -61.23
CA TYR A 53 -28.29 28.39 -61.84
C TYR A 53 -28.31 28.44 -63.37
N ALA A 54 -27.16 28.69 -64.01
CA ALA A 54 -27.06 28.81 -65.47
C ALA A 54 -26.10 27.81 -66.10
N LYS A 55 -26.27 27.54 -67.41
CA LYS A 55 -25.40 26.61 -68.14
C LYS A 55 -24.24 27.42 -68.65
N HIS A 56 -23.10 27.31 -67.96
CA HIS A 56 -21.87 28.07 -68.25
C HIS A 56 -20.97 27.43 -69.25
N ALA A 57 -20.14 28.28 -69.86
CA ALA A 57 -19.17 27.86 -70.85
C ALA A 57 -18.03 27.10 -70.19
N ASP A 58 -17.51 27.63 -69.07
CA ASP A 58 -16.42 26.97 -68.39
C ASP A 58 -16.64 26.86 -66.90
N TYR A 59 -16.36 25.66 -66.37
CA TYR A 59 -16.48 25.31 -64.96
C TYR A 59 -15.07 24.96 -64.40
N LYS A 60 -14.07 25.82 -64.67
CA LYS A 60 -12.69 25.59 -64.24
C LYS A 60 -12.49 25.84 -62.74
N TYR A 61 -12.93 27.00 -62.27
CA TYR A 61 -12.74 27.44 -60.90
C TYR A 61 -13.89 27.10 -59.96
N ALA A 62 -14.91 26.35 -60.43
CA ALA A 62 -16.09 25.93 -59.67
C ALA A 62 -15.72 25.36 -58.29
N ALA A 63 -14.69 24.49 -58.24
CA ALA A 63 -14.18 23.86 -57.01
C ALA A 63 -13.53 24.87 -56.07
N GLU A 64 -12.71 25.80 -56.61
CA GLU A 64 -12.07 26.83 -55.81
C GLU A 64 -13.11 27.70 -55.11
N ILE A 65 -14.25 27.96 -55.78
CA ILE A 65 -15.37 28.71 -55.20
C ILE A 65 -15.97 27.97 -54.01
N GLY A 66 -16.09 26.64 -54.12
CA GLY A 66 -16.57 25.78 -53.05
C GLY A 66 -15.69 25.84 -51.81
N ILE A 67 -14.36 25.80 -52.03
CA ILE A 67 -13.32 25.90 -51.01
C ILE A 67 -13.45 27.26 -50.34
N GLN A 68 -13.77 28.31 -51.12
CA GLN A 68 -13.96 29.66 -50.61
C GLN A 68 -15.13 29.75 -49.65
N TYR A 69 -16.20 28.96 -49.86
CA TYR A 69 -17.31 28.92 -48.91
C TYR A 69 -16.84 28.25 -47.62
N ILE A 70 -16.11 27.10 -47.74
CA ILE A 70 -15.54 26.38 -46.60
C ILE A 70 -14.73 27.37 -45.77
N SER A 71 -13.91 28.20 -46.45
CA SER A 71 -13.05 29.22 -45.86
C SER A 71 -13.85 30.18 -44.98
N THR A 72 -15.00 30.67 -45.49
CA THR A 72 -15.87 31.59 -44.74
C THR A 72 -16.45 30.87 -43.54
N ALA A 73 -16.89 29.61 -43.74
CA ALA A 73 -17.50 28.79 -42.69
C ALA A 73 -16.53 28.44 -41.56
N LEU A 74 -15.25 28.11 -41.87
CA LEU A 74 -14.26 27.71 -40.87
C LEU A 74 -13.58 28.86 -40.16
N GLY A 75 -13.18 29.88 -40.92
CA GLY A 75 -12.52 31.01 -40.30
C GLY A 75 -11.77 31.93 -41.25
N SER A 76 -12.02 33.28 -41.07
CA SER A 76 -11.42 34.37 -41.83
C SER A 76 -9.91 34.02 -42.13
N GLU A 77 -9.19 33.59 -41.06
CA GLU A 77 -7.75 33.28 -40.97
C GLU A 77 -7.41 31.94 -40.25
N ARG A 78 -8.44 31.19 -39.78
CA ARG A 78 -8.25 29.90 -39.10
C ARG A 78 -7.77 28.89 -40.14
N VAL A 79 -8.11 29.14 -41.40
CA VAL A 79 -7.78 28.30 -42.51
C VAL A 79 -6.26 28.17 -42.71
N GLN A 80 -5.51 29.29 -42.61
CA GLN A 80 -4.05 29.29 -42.73
C GLN A 80 -3.45 28.29 -41.77
N GLN A 81 -3.95 28.25 -40.51
CA GLN A 81 -3.51 27.33 -39.48
C GLN A 81 -3.63 25.89 -39.97
N ILE A 82 -4.81 25.51 -40.49
CA ILE A 82 -5.08 24.16 -41.00
C ILE A 82 -4.07 23.75 -42.08
N LEU A 83 -3.89 24.62 -43.09
CA LEU A 83 -3.01 24.40 -44.22
C LEU A 83 -1.55 24.26 -43.80
N ARG A 84 -1.09 25.10 -42.88
CA ARG A 84 0.26 25.06 -42.33
C ARG A 84 0.47 23.74 -41.60
N ASN A 85 -0.56 23.31 -40.84
CA ASN A 85 -0.54 22.06 -40.07
C ASN A 85 -0.74 20.81 -40.93
N SER A 86 -1.12 20.97 -42.20
CA SER A 86 -1.28 19.79 -43.04
C SER A 86 0.09 19.29 -43.59
N GLY A 87 1.13 20.11 -43.40
CA GLY A 87 2.50 19.83 -43.85
C GLY A 87 3.00 20.76 -44.95
N SER A 88 2.04 21.50 -45.57
CA SER A 88 2.30 22.45 -46.64
C SER A 88 2.59 23.82 -46.06
N GLU A 89 3.68 24.40 -46.50
CA GLU A 89 4.11 25.69 -46.04
C GLU A 89 3.52 26.83 -46.92
N VAL A 90 2.45 26.53 -47.68
CA VAL A 90 1.72 27.45 -48.55
C VAL A 90 1.21 28.71 -47.77
N GLN A 91 1.18 29.89 -48.44
CA GLN A 91 0.66 31.14 -47.85
C GLN A 91 -0.71 31.45 -48.40
N VAL A 92 -1.55 32.08 -47.58
CA VAL A 92 -2.93 32.40 -47.96
C VAL A 92 -3.07 33.81 -48.48
N VAL A 93 -4.12 34.06 -49.30
CA VAL A 93 -4.40 35.38 -49.84
C VAL A 93 -5.88 35.71 -49.66
N LEU A 94 -6.17 36.75 -48.85
CA LEU A 94 -7.54 37.15 -48.55
C LEU A 94 -8.19 37.88 -49.70
N THR A 95 -9.23 37.25 -50.24
CA THR A 95 -10.01 37.69 -51.38
C THR A 95 -10.79 38.96 -51.05
N ARG A 96 -10.73 39.95 -51.95
CA ARG A 96 -11.32 41.28 -51.80
C ARG A 96 -12.52 41.53 -52.71
N THR A 97 -13.06 42.77 -52.66
CA THR A 97 -14.19 43.20 -53.47
C THR A 97 -13.82 44.36 -54.38
N TYR A 98 -14.45 44.41 -55.57
CA TYR A 98 -14.26 45.44 -56.58
C TYR A 98 -15.58 45.83 -57.26
N SER A 99 -15.57 46.90 -58.07
CA SER A 99 -16.77 47.43 -58.73
C SER A 99 -16.65 47.60 -60.27
N LEU A 114 -16.36 39.93 -56.57
CA LEU A 114 -15.36 39.26 -55.73
C LEU A 114 -14.08 38.99 -56.48
N ASP A 115 -12.94 39.43 -55.90
CA ASP A 115 -11.62 39.22 -56.47
C ASP A 115 -10.94 38.09 -55.74
N ILE A 116 -11.12 36.88 -56.26
CA ILE A 116 -10.57 35.68 -55.65
C ILE A 116 -9.19 35.38 -56.21
N HIS A 117 -8.22 35.19 -55.30
CA HIS A 117 -6.83 34.91 -55.69
C HIS A 117 -6.69 33.60 -56.44
N GLY A 118 -6.11 33.68 -57.64
CA GLY A 118 -5.90 32.54 -58.52
C GLY A 118 -7.03 32.36 -59.51
N VAL A 119 -8.18 32.97 -59.21
CA VAL A 119 -9.37 32.92 -60.04
C VAL A 119 -9.40 34.18 -60.90
N GLU A 120 -9.39 33.95 -62.24
CA GLU A 120 -9.41 35.00 -63.27
C GLU A 120 -10.59 35.91 -63.05
N LYS A 121 -10.36 37.23 -63.03
CA LYS A 121 -11.43 38.21 -62.86
C LYS A 121 -12.46 38.00 -63.98
N SER A 122 -11.98 37.72 -65.21
CA SER A 122 -12.77 37.44 -66.42
C SER A 122 -13.77 36.30 -66.20
N TRP A 123 -13.33 35.22 -65.50
CA TRP A 123 -14.15 34.05 -65.20
C TRP A 123 -15.29 34.38 -64.25
N VAL A 124 -15.00 35.13 -63.17
CA VAL A 124 -15.94 35.60 -62.15
C VAL A 124 -17.05 36.40 -62.84
N GLU A 125 -16.66 37.34 -63.71
CA GLU A 125 -17.58 38.19 -64.47
C GLU A 125 -18.42 37.40 -65.43
N GLU A 126 -17.83 36.37 -66.10
CA GLU A 126 -18.53 35.47 -67.04
C GLU A 126 -19.66 34.74 -66.32
N ILE A 127 -19.32 34.10 -65.16
CA ILE A 127 -20.26 33.33 -64.35
C ILE A 127 -21.42 34.22 -63.91
N ASP A 128 -21.12 35.44 -63.44
CA ASP A 128 -22.12 36.40 -63.02
C ASP A 128 -23.00 36.83 -64.20
N LYS A 129 -22.38 37.29 -65.30
CA LYS A 129 -23.05 37.74 -66.53
C LYS A 129 -23.99 36.69 -67.09
N GLU A 130 -23.49 35.46 -67.30
CA GLU A 130 -24.26 34.36 -67.83
C GLU A 130 -25.47 34.03 -66.95
N ALA A 131 -25.30 34.06 -65.61
CA ALA A 131 -26.38 33.78 -64.66
C ALA A 131 -27.47 34.84 -64.70
N ARG A 132 -27.08 36.13 -64.81
CA ARG A 132 -28.02 37.26 -64.87
C ARG A 132 -28.85 37.18 -66.14
N LYS A 133 -28.21 36.77 -67.28
CA LYS A 133 -28.82 36.57 -68.59
C LYS A 133 -29.91 35.51 -68.48
N THR A 134 -29.60 34.38 -67.82
CA THR A 134 -30.52 33.26 -67.61
C THR A 134 -31.67 33.70 -66.68
N MET A 135 -31.38 34.51 -65.64
CA MET A 135 -32.39 35.01 -64.70
C MET A 135 -33.41 35.90 -65.42
N ALA A 136 -32.94 36.76 -66.32
CA ALA A 136 -33.75 37.69 -67.12
C ALA A 136 -34.69 36.96 -68.09
N THR A 137 -34.14 35.95 -68.83
CA THR A 137 -34.86 35.11 -69.79
C THR A 137 -36.03 34.42 -69.08
N LEU A 138 -35.73 33.76 -67.95
CA LEU A 138 -36.67 33.00 -67.12
C LEU A 138 -37.71 33.85 -66.40
N LEU A 139 -37.33 35.04 -65.88
CA LEU A 139 -38.25 35.93 -65.19
C LEU A 139 -39.33 36.49 -66.13
N LYS A 140 -39.01 36.62 -67.43
CA LYS A 140 -39.94 37.03 -68.48
C LYS A 140 -41.03 35.93 -68.69
N GLU A 141 -40.60 34.64 -68.72
CA GLU A 141 -41.43 33.42 -68.90
C GLU A 141 -42.34 33.18 -67.69
N SER A 142 -41.74 33.20 -66.46
CA SER A 142 -42.33 33.02 -65.11
C SER A 142 -43.32 34.13 -64.74
N SER A 143 -43.35 35.20 -65.57
CA SER A 143 -44.17 36.41 -65.44
C SER A 143 -43.80 37.12 -64.14
N GLY A 144 -42.50 37.37 -64.00
CA GLY A 144 -41.87 38.02 -62.85
C GLY A 144 -41.82 37.19 -61.57
N ASN A 145 -42.24 35.89 -61.65
CA ASN A 145 -42.33 35.01 -60.47
C ASN A 145 -41.30 33.85 -60.41
N ILE A 146 -40.19 34.10 -59.67
CA ILE A 146 -39.15 33.10 -59.40
C ILE A 146 -39.08 32.96 -57.88
N PRO A 147 -39.48 31.78 -57.33
CA PRO A 147 -39.45 31.59 -55.86
C PRO A 147 -38.03 31.52 -55.33
N GLN A 148 -37.85 31.87 -54.04
CA GLN A 148 -36.56 31.92 -53.35
C GLN A 148 -35.66 30.70 -53.59
N ASN A 149 -36.24 29.50 -53.46
CA ASN A 149 -35.62 28.18 -53.62
C ASN A 149 -35.03 27.90 -55.02
N GLN A 150 -35.39 28.70 -56.02
CA GLN A 150 -34.88 28.51 -57.37
C GLN A 150 -33.86 29.55 -57.77
N ARG A 151 -33.64 30.55 -56.92
CA ARG A 151 -32.70 31.64 -57.17
C ARG A 151 -31.27 31.27 -56.73
N PRO A 152 -30.23 31.83 -57.40
CA PRO A 152 -28.83 31.57 -56.96
C PRO A 152 -28.51 32.07 -55.56
N SER A 153 -29.41 32.89 -55.00
CA SER A 153 -29.35 33.49 -53.67
C SER A 153 -29.65 32.51 -52.53
N ALA A 154 -30.34 31.37 -52.81
CA ALA A 154 -30.69 30.36 -51.81
C ALA A 154 -29.46 29.93 -51.00
N PRO A 155 -29.57 29.93 -49.65
CA PRO A 155 -28.39 29.67 -48.79
C PRO A 155 -27.74 28.29 -48.88
N ASP A 156 -28.46 27.29 -49.38
CA ASP A 156 -27.98 25.92 -49.50
C ASP A 156 -27.16 25.64 -50.78
N THR A 157 -27.10 26.62 -51.72
CA THR A 157 -26.37 26.51 -52.99
C THR A 157 -24.87 26.16 -52.80
N PRO A 158 -24.13 26.74 -51.81
CA PRO A 158 -22.72 26.33 -51.63
C PRO A 158 -22.60 24.88 -51.17
N ILE A 159 -23.54 24.44 -50.30
CA ILE A 159 -23.57 23.07 -49.78
C ILE A 159 -23.81 22.09 -50.94
N ILE A 160 -24.77 22.40 -51.84
CA ILE A 160 -25.08 21.62 -53.04
C ILE A 160 -23.83 21.44 -53.88
N LEU A 161 -23.10 22.56 -54.13
CA LEU A 161 -21.85 22.60 -54.89
C LEU A 161 -20.81 21.64 -54.26
N LEU A 162 -20.66 21.72 -52.93
CA LEU A 162 -19.73 20.92 -52.15
C LEU A 162 -20.10 19.45 -52.07
N CYS A 163 -21.40 19.14 -52.23
CA CYS A 163 -21.90 17.77 -52.24
C CYS A 163 -21.43 17.01 -53.47
N VAL A 164 -21.27 17.73 -54.60
CA VAL A 164 -20.74 17.18 -55.85
C VAL A 164 -19.24 16.89 -55.59
N GLY A 165 -18.59 17.78 -54.84
CA GLY A 165 -17.21 17.63 -54.43
C GLY A 165 -17.02 16.47 -53.48
N ALA A 166 -18.01 16.24 -52.59
CA ALA A 166 -18.03 15.15 -51.63
C ALA A 166 -18.09 13.79 -52.33
N LEU A 167 -18.87 13.71 -53.41
CA LEU A 167 -19.01 12.50 -54.20
C LEU A 167 -17.73 12.16 -54.94
N ILE A 168 -16.98 13.18 -55.42
CA ILE A 168 -15.70 12.97 -56.08
C ILE A 168 -14.62 12.68 -55.03
N PHE A 169 -14.84 13.17 -53.80
CA PHE A 169 -13.95 12.94 -52.67
C PHE A 169 -13.98 11.46 -52.32
N THR A 170 -15.17 10.83 -52.30
CA THR A 170 -15.30 9.40 -52.04
C THR A 170 -14.47 8.59 -53.06
N LYS A 171 -14.61 8.87 -54.35
CA LYS A 171 -13.89 8.13 -55.40
C LYS A 171 -12.55 8.79 -55.76
N LEU A 172 -11.80 9.24 -54.75
CA LEU A 172 -10.47 9.81 -54.97
C LEU A 172 -9.46 8.66 -55.00
N ALA A 173 -9.90 7.47 -54.53
CA ALA A 173 -9.15 6.22 -54.46
C ALA A 173 -8.92 5.59 -55.85
N SER A 174 -9.79 5.91 -56.82
CA SER A 174 -9.71 5.36 -58.18
C SER A 174 -9.35 6.44 -59.25
N THR A 175 -9.68 6.17 -60.55
CA THR A 175 -9.43 7.05 -61.71
C THR A 175 -10.19 8.36 -61.56
N ILE A 176 -9.75 9.39 -62.33
CA ILE A 176 -10.41 10.70 -62.43
C ILE A 176 -11.73 10.41 -63.13
N GLU A 177 -11.68 9.41 -64.00
CA GLU A 177 -12.77 8.91 -64.78
C GLU A 177 -13.80 8.17 -63.91
N VAL A 178 -13.42 7.06 -63.23
CA VAL A 178 -14.31 6.21 -62.40
C VAL A 178 -15.19 7.06 -61.49
N GLY A 179 -14.56 8.04 -60.84
CA GLY A 179 -15.18 9.00 -59.94
C GLY A 179 -16.31 9.78 -60.58
N LEU A 180 -16.12 10.22 -61.83
CA LEU A 180 -17.14 10.97 -62.57
C LEU A 180 -18.40 10.17 -62.82
N GLU A 181 -18.25 8.86 -63.05
CA GLU A 181 -19.38 7.95 -63.28
C GLU A 181 -20.21 7.93 -62.05
N THR A 182 -19.58 7.45 -60.96
CA THR A 182 -20.13 7.31 -59.62
C THR A 182 -20.77 8.63 -59.17
N THR A 183 -20.04 9.76 -59.32
CA THR A 183 -20.52 11.10 -58.97
C THR A 183 -21.84 11.40 -59.69
N VAL A 184 -21.86 11.26 -61.02
CA VAL A 184 -23.05 11.52 -61.82
C VAL A 184 -24.24 10.64 -61.38
N ARG A 185 -24.03 9.30 -61.32
CA ARG A 185 -25.04 8.30 -60.94
C ARG A 185 -25.71 8.65 -59.62
N ARG A 186 -24.90 8.77 -58.57
CA ARG A 186 -25.32 9.06 -57.22
C ARG A 186 -25.92 10.45 -57.08
N ALA A 187 -25.34 11.46 -57.77
CA ALA A 187 -25.83 12.84 -57.73
C ALA A 187 -27.27 12.93 -58.18
N ASN A 188 -27.65 12.09 -59.15
CA ASN A 188 -29.01 12.04 -59.68
C ASN A 188 -30.02 11.61 -58.65
N ARG A 189 -29.65 10.65 -57.80
CA ARG A 189 -30.53 10.11 -56.76
C ARG A 189 -30.48 10.97 -55.50
N VAL A 190 -29.27 11.34 -55.10
CA VAL A 190 -28.95 12.10 -53.92
C VAL A 190 -29.37 13.58 -54.02
N LEU A 191 -28.90 14.30 -55.06
CA LEU A 191 -29.19 15.73 -55.28
C LEU A 191 -30.41 15.93 -56.18
N SER A 192 -31.32 14.94 -56.11
CA SER A 192 -32.58 14.85 -56.83
C SER A 192 -33.32 16.19 -56.86
N ASP A 193 -33.64 16.72 -55.68
CA ASP A 193 -34.39 17.94 -55.47
C ASP A 193 -33.66 19.21 -55.81
N ALA A 194 -32.32 19.21 -55.61
CA ALA A 194 -31.45 20.35 -55.93
C ALA A 194 -31.46 20.56 -57.44
N LEU A 195 -31.39 19.44 -58.18
CA LEU A 195 -31.42 19.38 -59.63
C LEU A 195 -32.77 19.88 -60.16
N LYS A 196 -33.86 19.71 -59.37
CA LYS A 196 -35.19 20.17 -59.75
C LYS A 196 -35.18 21.70 -59.80
N ARG A 197 -34.54 22.35 -58.81
CA ARG A 197 -34.47 23.81 -58.71
C ARG A 197 -33.38 24.44 -59.59
N TYR A 198 -32.24 23.74 -59.77
CA TYR A 198 -31.14 24.24 -60.60
C TYR A 198 -30.84 23.17 -61.65
N PRO A 199 -31.69 23.05 -62.70
CA PRO A 199 -31.49 21.97 -63.68
C PRO A 199 -30.32 22.24 -64.61
N ARG A 200 -29.75 23.43 -64.48
CA ARG A 200 -28.65 23.91 -65.28
C ARG A 200 -27.29 23.52 -64.71
N MET A 201 -27.26 22.88 -63.52
CA MET A 201 -26.00 22.46 -62.90
C MET A 201 -25.37 21.29 -63.69
N ASP A 202 -24.17 21.56 -64.22
CA ASP A 202 -23.40 20.59 -65.00
C ASP A 202 -22.56 19.79 -64.04
N ILE A 203 -23.16 18.73 -63.50
CA ILE A 203 -22.52 17.83 -62.53
C ILE A 203 -21.15 17.34 -63.05
N PRO A 204 -21.02 16.84 -64.32
CA PRO A 204 -19.71 16.37 -64.77
C PRO A 204 -18.58 17.38 -64.82
N LYS A 205 -18.89 18.63 -65.18
CA LYS A 205 -17.88 19.68 -65.24
C LYS A 205 -17.50 20.17 -63.84
N ILE A 206 -18.51 20.30 -62.94
CA ILE A 206 -18.31 20.69 -61.53
C ILE A 206 -17.45 19.62 -60.88
N ALA A 207 -17.82 18.33 -61.04
CA ALA A 207 -17.09 17.20 -60.47
C ALA A 207 -15.67 17.09 -61.01
N ARG A 208 -15.45 17.52 -62.27
CA ARG A 208 -14.11 17.51 -62.86
C ARG A 208 -13.24 18.56 -62.21
N SER A 209 -13.81 19.77 -61.94
CA SER A 209 -13.12 20.90 -61.27
C SER A 209 -12.61 20.48 -59.89
N PHE A 210 -13.43 19.71 -59.16
CA PHE A 210 -13.12 19.17 -57.84
C PHE A 210 -12.03 18.13 -57.94
N TYR A 211 -12.06 17.22 -58.94
CA TYR A 211 -10.97 16.24 -59.06
C TYR A 211 -9.66 16.95 -59.33
N ASP A 212 -9.67 17.88 -60.27
CA ASP A 212 -8.48 18.65 -60.62
C ASP A 212 -7.92 19.35 -59.38
N LEU A 213 -8.80 20.03 -58.60
CA LEU A 213 -8.44 20.74 -57.36
C LEU A 213 -7.80 19.84 -56.32
N PHE A 214 -8.43 18.69 -56.00
CA PHE A 214 -7.93 17.75 -55.00
C PHE A 214 -6.61 17.14 -55.39
N GLU A 215 -6.37 17.05 -56.69
CA GLU A 215 -5.13 16.49 -57.18
C GLU A 215 -3.99 17.52 -57.16
N GLN A 216 -4.28 18.78 -57.53
CA GLN A 216 -3.29 19.88 -57.55
C GLN A 216 -3.02 20.44 -56.16
N LYS A 217 -4.06 20.97 -55.50
CA LYS A 217 -3.92 21.56 -54.19
C LYS A 217 -4.20 20.49 -53.12
N VAL A 218 -3.22 19.59 -52.89
CA VAL A 218 -3.32 18.46 -51.94
C VAL A 218 -3.74 18.88 -50.53
N TYR A 219 -3.32 20.08 -50.09
CA TYR A 219 -3.68 20.61 -48.78
C TYR A 219 -5.18 20.85 -48.64
N HIS A 220 -5.88 21.09 -49.74
CA HIS A 220 -7.34 21.27 -49.72
C HIS A 220 -8.11 19.97 -49.40
N ARG A 221 -7.42 18.82 -49.46
CA ARG A 221 -8.01 17.53 -49.13
C ARG A 221 -8.26 17.53 -47.64
N SER A 222 -7.25 17.92 -46.83
CA SER A 222 -7.40 17.98 -45.36
C SER A 222 -8.21 19.19 -44.88
N LEU A 223 -8.37 20.22 -45.75
CA LEU A 223 -9.21 21.37 -45.44
C LEU A 223 -10.67 20.91 -45.55
N PHE A 224 -10.98 20.09 -46.57
CA PHE A 224 -12.28 19.50 -46.84
C PHE A 224 -12.67 18.58 -45.68
N ILE A 225 -11.69 17.78 -45.20
CA ILE A 225 -11.83 16.88 -44.06
C ILE A 225 -12.18 17.66 -42.82
N GLU A 226 -11.47 18.80 -42.58
CA GLU A 226 -11.74 19.64 -41.43
C GLU A 226 -13.11 20.30 -41.48
N TYR A 227 -13.62 20.59 -42.70
CA TYR A 227 -14.96 21.15 -42.87
C TYR A 227 -15.96 20.08 -42.48
N GLY A 228 -15.73 18.87 -42.97
CA GLY A 228 -16.54 17.69 -42.70
C GLY A 228 -16.59 17.41 -41.22
N LYS A 229 -15.41 17.33 -40.56
CA LYS A 229 -15.25 17.10 -39.11
C LYS A 229 -16.05 18.15 -38.33
N ALA A 230 -15.87 19.46 -38.68
CA ALA A 230 -16.53 20.61 -38.07
C ALA A 230 -18.04 20.57 -38.22
N LEU A 231 -18.52 20.31 -39.46
CA LEU A 231 -19.94 20.19 -39.82
C LEU A 231 -20.59 19.04 -39.07
N GLY A 232 -19.87 17.92 -38.97
CA GLY A 232 -20.30 16.72 -38.26
C GLY A 232 -20.52 16.97 -36.80
N SER A 233 -19.84 17.96 -36.24
CA SER A 233 -19.99 18.26 -34.84
C SER A 233 -21.24 19.06 -34.48
N SER A 234 -21.61 20.11 -35.26
CA SER A 234 -22.75 21.04 -34.99
C SER A 234 -24.09 20.38 -34.56
N SER A 235 -24.82 21.08 -33.67
CA SER A 235 -26.11 20.70 -33.10
C SER A 235 -27.22 20.71 -34.15
N THR A 236 -27.32 21.80 -34.93
CA THR A 236 -28.32 21.93 -35.99
C THR A 236 -27.68 22.10 -37.33
N GLY A 237 -27.97 21.17 -38.22
CA GLY A 237 -27.47 21.22 -39.58
C GLY A 237 -28.61 21.43 -40.55
N SER A 238 -28.25 21.83 -41.78
CA SER A 238 -29.20 22.02 -42.86
C SER A 238 -29.55 20.63 -43.40
N LYS A 239 -30.60 20.54 -44.23
CA LYS A 239 -31.00 19.31 -44.90
C LYS A 239 -29.84 18.92 -45.86
N ALA A 240 -29.25 19.93 -46.54
CA ALA A 240 -28.13 19.84 -47.48
C ALA A 240 -26.83 19.47 -46.75
N GLU A 241 -26.63 20.06 -45.58
CA GLU A 241 -25.46 19.84 -44.73
C GLU A 241 -25.42 18.41 -44.21
N SER A 242 -26.58 17.92 -43.72
CA SER A 242 -26.72 16.56 -43.21
C SER A 242 -26.50 15.52 -44.33
N LEU A 243 -26.69 15.93 -45.59
CA LEU A 243 -26.41 15.06 -46.72
C LEU A 243 -24.91 15.00 -46.94
N PHE A 244 -24.23 16.16 -46.95
CA PHE A 244 -22.80 16.29 -47.18
C PHE A 244 -21.97 15.34 -46.31
N VAL A 245 -22.23 15.37 -44.99
CA VAL A 245 -21.54 14.52 -44.02
C VAL A 245 -21.79 13.05 -44.30
N ASN A 246 -23.04 12.71 -44.69
CA ASN A 246 -23.44 11.34 -44.99
C ASN A 246 -22.73 10.80 -46.24
N ILE A 247 -22.35 11.68 -47.19
CA ILE A 247 -21.56 11.30 -48.37
C ILE A 247 -20.12 11.09 -47.89
N PHE A 248 -19.63 12.02 -47.05
CA PHE A 248 -18.31 12.06 -46.42
C PHE A 248 -18.06 10.80 -45.58
N MET A 249 -19.11 10.24 -44.95
CA MET A 249 -19.00 9.03 -44.12
C MET A 249 -18.75 7.78 -44.93
N GLN A 250 -19.47 7.65 -46.06
CA GLN A 250 -19.36 6.53 -46.99
C GLN A 250 -17.93 6.52 -47.60
N ALA A 251 -17.17 7.61 -47.38
CA ALA A 251 -15.81 7.80 -47.81
C ALA A 251 -14.79 7.39 -46.74
N TYR A 252 -15.25 6.97 -45.52
CA TYR A 252 -14.29 6.64 -44.45
C TYR A 252 -13.36 5.47 -44.81
N GLY A 253 -13.90 4.33 -45.22
CA GLY A 253 -13.09 3.18 -45.60
C GLY A 253 -12.43 3.37 -46.95
N ALA A 254 -11.58 4.40 -47.06
CA ALA A 254 -10.91 4.79 -48.28
C ALA A 254 -9.67 3.95 -48.46
N GLY A 255 -9.55 3.31 -49.62
CA GLY A 255 -8.37 2.48 -49.93
C GLY A 255 -8.13 1.28 -49.02
N GLN A 256 -8.97 1.09 -48.00
CA GLN A 256 -8.84 -0.01 -47.07
C GLN A 256 -9.91 -1.05 -47.32
N THR A 257 -10.58 -1.00 -48.50
CA THR A 257 -11.67 -1.90 -48.90
C THR A 257 -11.31 -3.35 -48.64
N MET A 258 -10.02 -3.69 -48.75
CA MET A 258 -9.51 -5.01 -48.50
C MET A 258 -9.65 -5.47 -47.04
N LEU A 259 -9.35 -4.59 -46.08
CA LEU A 259 -9.47 -4.90 -44.64
C LEU A 259 -10.91 -5.08 -44.22
N ARG A 260 -11.83 -4.27 -44.78
CA ARG A 260 -13.26 -4.37 -44.46
C ARG A 260 -13.87 -5.62 -45.06
N TRP A 261 -13.39 -6.04 -46.24
CA TRP A 261 -13.85 -7.28 -46.87
C TRP A 261 -13.25 -8.48 -46.14
N GLY A 262 -12.15 -8.21 -45.42
CA GLY A 262 -11.45 -9.18 -44.59
C GLY A 262 -12.30 -9.57 -43.41
N VAL A 263 -12.94 -8.57 -42.75
CA VAL A 263 -13.85 -8.85 -41.64
C VAL A 263 -15.11 -9.58 -42.14
N ILE A 264 -15.54 -9.26 -43.38
CA ILE A 264 -16.67 -9.90 -44.04
C ILE A 264 -16.41 -11.38 -44.27
N ALA A 265 -15.18 -11.73 -44.65
CA ALA A 265 -14.75 -13.11 -44.83
C ALA A 265 -14.85 -13.90 -43.50
N ARG A 266 -14.50 -13.26 -42.36
CA ARG A 266 -14.58 -13.84 -41.02
C ARG A 266 -16.06 -14.02 -40.63
N SER A 267 -16.89 -12.98 -40.87
CA SER A 267 -18.33 -12.98 -40.59
C SER A 267 -19.05 -14.07 -41.38
N SER A 268 -18.59 -14.34 -42.62
CA SER A 268 -19.15 -15.38 -43.50
C SER A 268 -18.70 -16.77 -43.08
N ASN A 269 -17.66 -16.84 -42.22
CA ASN A 269 -17.03 -18.07 -41.74
C ASN A 269 -16.61 -18.94 -42.90
N ASN A 270 -15.93 -18.32 -43.87
CA ASN A 270 -15.43 -18.97 -45.06
C ASN A 270 -14.33 -19.95 -44.65
N ILE A 271 -14.58 -21.23 -44.91
CA ILE A 271 -13.72 -22.37 -44.57
C ILE A 271 -12.33 -22.27 -45.20
N MET A 272 -12.18 -21.43 -46.22
CA MET A 272 -10.90 -21.21 -46.87
C MET A 272 -9.94 -20.42 -45.99
N LEU A 273 -10.47 -19.69 -44.99
CA LEU A 273 -9.64 -18.95 -44.03
C LEU A 273 -8.92 -19.94 -43.11
N GLY A 274 -9.32 -21.21 -43.18
CA GLY A 274 -8.73 -22.32 -42.43
C GLY A 274 -7.67 -23.07 -43.21
N HIS A 275 -7.46 -22.71 -44.49
CA HIS A 275 -6.44 -23.35 -45.34
C HIS A 275 -5.07 -23.14 -44.73
N VAL A 276 -4.24 -24.18 -44.77
CA VAL A 276 -2.89 -24.21 -44.21
C VAL A 276 -2.00 -23.02 -44.70
N SER A 277 -2.05 -22.71 -46.01
CA SER A 277 -1.29 -21.63 -46.63
C SER A 277 -1.75 -20.25 -46.16
N VAL A 278 -3.04 -20.13 -45.84
CA VAL A 278 -3.67 -18.91 -45.34
C VAL A 278 -3.32 -18.78 -43.84
N GLN A 279 -3.39 -19.91 -43.10
CA GLN A 279 -3.04 -19.99 -41.67
C GLN A 279 -1.62 -19.50 -41.44
N ALA A 280 -0.71 -19.76 -42.39
CA ALA A 280 0.68 -19.33 -42.34
C ALA A 280 0.87 -17.78 -42.30
N GLU A 281 -0.07 -17.05 -42.90
CA GLU A 281 -0.04 -15.58 -43.00
C GLU A 281 -0.74 -14.87 -41.85
N LEU A 282 -1.31 -15.63 -40.92
CA LEU A 282 -2.05 -15.13 -39.77
C LEU A 282 -1.36 -13.98 -39.05
N LYS A 283 -0.08 -14.17 -38.68
CA LYS A 283 0.66 -13.15 -37.94
C LYS A 283 0.80 -11.82 -38.68
N GLN A 284 0.98 -11.86 -40.03
CA GLN A 284 1.09 -10.63 -40.83
C GLN A 284 -0.26 -9.92 -40.86
N VAL A 285 -1.35 -10.69 -41.10
CA VAL A 285 -2.72 -10.18 -41.16
C VAL A 285 -3.04 -9.49 -39.84
N THR A 286 -2.76 -10.16 -38.73
CA THR A 286 -2.99 -9.66 -37.38
C THR A 286 -2.27 -8.33 -37.20
N GLU A 287 -1.00 -8.29 -37.60
CA GLU A 287 -0.16 -7.09 -37.51
C GLU A 287 -0.79 -5.88 -38.18
N VAL A 288 -1.43 -6.09 -39.35
CA VAL A 288 -2.07 -4.99 -40.07
C VAL A 288 -3.29 -4.46 -39.30
N TYR A 289 -4.21 -5.35 -38.84
CA TYR A 289 -5.40 -4.95 -38.08
C TYR A 289 -5.10 -4.28 -36.75
N ASP A 290 -3.95 -4.63 -36.16
CA ASP A 290 -3.42 -4.11 -34.89
C ASP A 290 -2.75 -2.75 -35.09
N LEU A 291 -2.30 -2.48 -36.31
CA LEU A 291 -1.74 -1.18 -36.66
C LEU A 291 -2.91 -0.19 -36.78
N VAL A 292 -4.08 -0.63 -37.29
CA VAL A 292 -5.30 0.18 -37.42
C VAL A 292 -5.72 0.69 -36.04
N ARG A 293 -5.67 -0.21 -35.04
CA ARG A 293 -6.00 0.10 -33.66
C ARG A 293 -4.93 1.01 -33.05
N GLU A 294 -3.65 0.84 -33.43
CA GLU A 294 -2.52 1.66 -32.98
C GLU A 294 -2.67 3.12 -33.50
N MET A 295 -3.20 3.30 -34.71
CA MET A 295 -3.40 4.60 -35.36
C MET A 295 -4.75 5.24 -35.01
N GLY A 296 -5.70 4.43 -34.57
CA GLY A 296 -7.01 4.87 -34.14
C GLY A 296 -7.99 5.34 -35.20
N PRO A 297 -8.65 6.50 -34.98
CA PRO A 297 -9.65 6.97 -35.94
C PRO A 297 -9.09 7.57 -37.21
N GLU A 298 -7.92 8.16 -37.15
CA GLU A 298 -7.32 8.78 -38.33
C GLU A 298 -6.88 7.73 -39.38
N SER A 299 -6.73 6.46 -38.93
CA SER A 299 -6.33 5.33 -39.76
C SER A 299 -7.15 5.21 -41.04
N GLY A 300 -8.47 5.36 -40.94
CA GLY A 300 -9.39 5.28 -42.06
C GLY A 300 -9.22 6.30 -43.17
N LEU A 301 -9.17 7.57 -42.79
CA LEU A 301 -9.03 8.62 -43.79
C LEU A 301 -7.57 8.86 -44.26
N LEU A 302 -6.59 7.99 -43.91
CA LEU A 302 -5.18 8.11 -44.31
C LEU A 302 -4.96 8.15 -45.82
N HIS A 303 -5.65 7.22 -46.52
CA HIS A 303 -5.59 7.09 -47.97
C HIS A 303 -6.26 8.30 -48.60
N LEU A 304 -7.36 8.78 -48.00
CA LEU A 304 -8.12 9.96 -48.46
C LEU A 304 -7.33 11.26 -48.43
N ARG A 305 -6.47 11.41 -47.42
CA ARG A 305 -5.59 12.56 -47.20
C ARG A 305 -4.39 12.53 -48.14
N GLN A 306 -4.17 11.39 -48.84
CA GLN A 306 -3.04 11.07 -49.73
C GLN A 306 -1.75 11.07 -48.89
N SER A 307 -1.89 10.69 -47.60
CA SER A 307 -0.81 10.66 -46.64
C SER A 307 0.27 9.66 -47.05
N PRO A 308 1.57 10.07 -47.00
CA PRO A 308 2.65 9.11 -47.35
C PRO A 308 2.69 7.94 -46.36
N LYS A 309 2.29 8.18 -45.10
CA LYS A 309 2.17 7.20 -43.99
C LYS A 309 1.35 5.98 -44.43
N ALA A 310 0.23 6.21 -45.17
CA ALA A 310 -0.68 5.20 -45.69
C ALA A 310 0.05 4.23 -46.59
N GLY A 311 -0.49 3.04 -46.70
CA GLY A 311 0.15 2.00 -47.48
C GLY A 311 0.81 1.01 -46.56
N LEU A 312 0.96 1.37 -45.28
CA LEU A 312 1.48 0.45 -44.26
C LEU A 312 0.36 -0.59 -43.99
N LEU A 313 -0.88 -0.17 -44.31
CA LEU A 313 -2.12 -0.94 -44.22
C LEU A 313 -2.36 -1.75 -45.52
N SER A 314 -1.27 -2.23 -46.13
CA SER A 314 -1.34 -3.04 -47.33
C SER A 314 -1.30 -4.49 -46.95
N LEU A 315 -2.11 -5.27 -47.66
CA LEU A 315 -2.22 -6.70 -47.46
C LEU A 315 -1.43 -7.43 -48.56
N ALA A 316 -0.32 -6.81 -48.98
CA ALA A 316 0.61 -7.34 -49.97
C ALA A 316 1.40 -8.52 -49.37
N ASN A 317 1.77 -8.41 -48.08
CA ASN A 317 2.51 -9.39 -47.27
C ASN A 317 1.78 -10.73 -47.12
N CYS A 318 0.45 -10.73 -47.35
CA CYS A 318 -0.46 -11.89 -47.23
C CYS A 318 -1.31 -12.12 -48.50
N PRO A 319 -0.66 -12.58 -49.59
CA PRO A 319 -1.38 -12.81 -50.83
C PRO A 319 -2.44 -13.91 -50.83
N ASN A 320 -2.22 -15.01 -50.08
CA ASN A 320 -3.16 -16.13 -49.98
C ASN A 320 -4.43 -15.73 -49.24
N PHE A 321 -4.28 -14.88 -48.20
CA PHE A 321 -5.40 -14.34 -47.41
C PHE A 321 -6.24 -13.45 -48.30
N ALA A 322 -5.56 -12.53 -49.03
CA ALA A 322 -6.19 -11.60 -49.96
C ALA A 322 -7.04 -12.36 -50.99
N SER A 323 -6.50 -13.48 -51.51
CA SER A 323 -7.15 -14.36 -52.47
C SER A 323 -8.48 -14.90 -51.93
N VAL A 324 -8.47 -15.36 -50.67
CA VAL A 324 -9.64 -15.91 -50.00
C VAL A 324 -10.70 -14.83 -49.75
N VAL A 325 -10.26 -13.64 -49.24
CA VAL A 325 -11.10 -12.47 -48.96
C VAL A 325 -11.86 -12.04 -50.21
N LEU A 326 -11.14 -11.95 -51.35
CA LEU A 326 -11.69 -11.59 -52.66
C LEU A 326 -12.64 -12.67 -53.20
N GLY A 327 -12.28 -13.93 -53.01
CA GLY A 327 -13.10 -15.07 -53.41
C GLY A 327 -14.44 -15.03 -52.71
N ASN A 328 -14.39 -14.84 -51.39
CA ASN A 328 -15.56 -14.72 -50.53
C ASN A 328 -16.46 -13.57 -50.99
N ALA A 329 -15.86 -12.41 -51.32
CA ALA A 329 -16.56 -11.22 -51.82
C ALA A 329 -17.23 -11.51 -53.16
N SER A 330 -16.54 -12.28 -54.04
CA SER A 330 -17.06 -12.67 -55.34
C SER A 330 -18.26 -13.58 -55.19
N GLY A 331 -18.13 -14.58 -54.31
CA GLY A 331 -19.17 -15.55 -54.00
C GLY A 331 -20.43 -14.91 -53.43
N LEU A 332 -20.26 -13.92 -52.55
CA LEU A 332 -21.39 -13.21 -51.97
C LEU A 332 -21.97 -12.15 -52.92
N GLY A 333 -21.22 -11.85 -53.99
CA GLY A 333 -21.61 -10.90 -55.03
C GLY A 333 -21.42 -9.45 -54.65
N ILE A 334 -20.30 -9.14 -53.97
CA ILE A 334 -19.95 -7.79 -53.51
C ILE A 334 -18.87 -7.20 -54.40
N ILE A 335 -17.87 -8.03 -54.75
CA ILE A 335 -16.66 -7.74 -55.52
C ILE A 335 -16.83 -6.63 -56.59
N GLY A 336 -17.96 -6.62 -57.30
CA GLY A 336 -18.23 -5.64 -58.35
C GLY A 336 -17.07 -5.41 -59.29
N MET A 337 -16.68 -4.14 -59.46
CA MET A 337 -15.58 -3.76 -60.32
C MET A 337 -14.26 -3.48 -59.59
N TYR A 338 -13.94 -4.32 -58.61
CA TYR A 338 -12.69 -4.21 -57.92
C TYR A 338 -11.56 -4.88 -58.73
N ARG A 339 -10.57 -4.05 -59.15
CA ARG A 339 -9.41 -4.43 -59.97
C ARG A 339 -8.30 -5.15 -59.17
N GLY A 340 -8.44 -5.23 -57.84
CA GLY A 340 -7.49 -5.89 -56.95
C GLY A 340 -7.03 -7.25 -57.43
N ARG A 341 -5.73 -7.36 -57.70
CA ARG A 341 -5.06 -8.55 -58.22
C ARG A 341 -5.27 -9.78 -57.34
N VAL A 342 -5.48 -10.96 -57.97
CA VAL A 342 -5.70 -12.23 -57.26
C VAL A 342 -4.47 -13.13 -57.39
N PRO A 343 -3.66 -13.21 -56.32
CA PRO A 343 -2.43 -14.01 -56.37
C PRO A 343 -2.70 -15.50 -56.49
N ASN A 344 -3.54 -16.06 -55.59
CA ASN A 344 -3.85 -17.48 -55.64
C ASN A 344 -5.25 -17.70 -56.22
N THR A 345 -5.30 -17.94 -57.54
CA THR A 345 -6.51 -18.18 -58.30
C THR A 345 -7.26 -19.41 -57.80
N GLU A 346 -6.51 -20.44 -57.38
CA GLU A 346 -7.01 -21.68 -56.84
C GLU A 346 -7.85 -21.42 -55.58
N LEU A 347 -7.25 -20.78 -54.55
CA LEU A 347 -7.89 -20.43 -53.28
C LEU A 347 -9.11 -19.54 -53.48
N PHE A 348 -9.02 -18.58 -54.42
CA PHE A 348 -10.08 -17.65 -54.77
C PHE A 348 -11.33 -18.41 -55.18
N SER A 349 -11.18 -19.32 -56.16
CA SER A 349 -12.27 -20.11 -56.70
C SER A 349 -12.97 -20.94 -55.63
N ALA A 350 -12.18 -21.53 -54.73
CA ALA A 350 -12.66 -22.35 -53.62
C ALA A 350 -13.48 -21.52 -52.64
N ALA A 351 -12.95 -20.35 -52.21
CA ALA A 351 -13.61 -19.43 -51.29
C ALA A 351 -14.93 -18.95 -51.90
N GLU A 352 -14.93 -18.70 -53.23
CA GLU A 352 -16.06 -18.25 -54.01
C GLU A 352 -17.18 -19.28 -54.01
N SER A 353 -16.82 -20.55 -54.21
CA SER A 353 -17.76 -21.67 -54.24
C SER A 353 -18.47 -21.81 -52.92
N TYR A 354 -17.70 -21.80 -51.81
CA TYR A 354 -18.24 -21.92 -50.46
C TYR A 354 -19.19 -20.77 -50.18
N ALA A 355 -18.77 -19.51 -50.49
CA ALA A 355 -19.57 -18.31 -50.26
C ALA A 355 -20.87 -18.31 -51.07
N LYS A 356 -20.85 -18.88 -52.29
CA LYS A 356 -22.05 -18.96 -53.13
C LYS A 356 -23.05 -19.95 -52.53
N SER A 357 -22.55 -21.07 -51.98
CA SER A 357 -23.36 -22.10 -51.31
C SER A 357 -23.95 -21.57 -50.02
N LEU A 358 -23.16 -20.76 -49.29
CA LEU A 358 -23.51 -20.09 -48.04
C LEU A 358 -24.65 -19.11 -48.32
N LYS A 359 -24.48 -18.27 -49.36
CA LYS A 359 -25.39 -17.22 -49.86
C LYS A 359 -26.83 -17.73 -50.00
N GLU A 360 -27.00 -18.88 -50.66
CA GLU A 360 -28.31 -19.48 -50.89
C GLU A 360 -28.91 -20.18 -49.66
N SER A 361 -28.07 -20.91 -48.90
CA SER A 361 -28.46 -21.70 -47.74
C SER A 361 -29.01 -20.90 -46.57
N ASN A 362 -30.15 -21.38 -46.05
CA ASN A 362 -30.90 -20.79 -44.94
C ASN A 362 -30.70 -21.53 -43.63
N LEU B 3 -6.56 -15.25 -36.03
CA LEU B 3 -7.82 -15.99 -35.86
C LEU B 3 -8.96 -15.00 -35.48
N GLN B 4 -8.75 -14.28 -34.39
CA GLN B 4 -9.67 -13.33 -33.81
C GLN B 4 -9.31 -11.87 -34.06
N GLY B 5 -8.02 -11.55 -34.22
CA GLY B 5 -7.53 -10.19 -34.45
C GLY B 5 -7.95 -9.54 -35.75
N ILE B 6 -8.79 -10.23 -36.57
CA ILE B 6 -9.33 -9.73 -37.83
C ILE B 6 -10.60 -8.93 -37.48
N HIS B 7 -10.42 -7.68 -37.03
CA HIS B 7 -11.53 -6.83 -36.61
C HIS B 7 -11.23 -5.33 -36.66
N LEU B 8 -12.17 -4.57 -37.25
CA LEU B 8 -12.12 -3.12 -37.41
C LEU B 8 -13.35 -2.54 -36.76
N SER B 9 -13.16 -1.61 -35.83
CA SER B 9 -14.29 -1.00 -35.16
C SER B 9 -14.68 0.32 -35.84
N ASP B 10 -14.73 0.31 -37.17
CA ASP B 10 -15.00 1.43 -38.08
C ASP B 10 -16.06 2.44 -37.61
N LEU B 11 -17.25 1.98 -37.17
CA LEU B 11 -18.32 2.87 -36.73
C LEU B 11 -17.93 3.74 -35.56
N SER B 12 -17.17 3.19 -34.60
CA SER B 12 -16.68 3.97 -33.45
C SER B 12 -15.73 5.08 -33.91
N TYR B 13 -14.77 4.72 -34.80
CA TYR B 13 -13.79 5.63 -35.38
C TYR B 13 -14.50 6.72 -36.16
N LYS B 14 -15.56 6.33 -36.91
CA LYS B 14 -16.42 7.24 -37.70
C LYS B 14 -16.98 8.33 -36.80
N HIS B 15 -17.42 7.95 -35.59
CA HIS B 15 -17.94 8.90 -34.61
C HIS B 15 -16.81 9.71 -33.99
N ALA B 16 -15.70 9.04 -33.62
CA ALA B 16 -14.53 9.66 -33.00
C ALA B 16 -13.95 10.84 -33.80
N ILE B 17 -14.07 10.76 -35.12
CA ILE B 17 -13.63 11.79 -36.05
C ILE B 17 -14.51 13.04 -35.96
N LEU B 18 -15.78 12.87 -35.58
CA LEU B 18 -16.74 13.97 -35.44
C LEU B 18 -16.73 14.57 -34.02
N LYS B 19 -15.60 14.44 -33.32
CA LYS B 19 -15.37 14.96 -31.98
C LYS B 19 -14.06 15.75 -32.02
N GLU B 20 -13.11 15.25 -32.82
CA GLU B 20 -11.76 15.80 -33.09
C GLU B 20 -11.78 17.24 -33.67
N SER B 21 -12.96 17.68 -34.19
CA SER B 21 -13.12 19.00 -34.79
C SER B 21 -12.95 20.04 -33.74
N GLN B 22 -11.76 20.62 -33.73
CA GLN B 22 -11.44 21.69 -32.81
C GLN B 22 -12.02 22.97 -33.41
N TYR B 23 -12.16 22.98 -34.74
CA TYR B 23 -12.69 24.12 -35.46
C TYR B 23 -14.22 24.09 -35.44
N THR B 24 -14.80 25.30 -35.38
CA THR B 24 -16.24 25.51 -35.27
C THR B 24 -16.83 26.23 -36.47
N ILE B 25 -17.97 25.72 -36.98
CA ILE B 25 -18.67 26.31 -38.12
C ILE B 25 -19.52 27.52 -37.71
N LYS B 26 -19.46 28.58 -38.51
CA LYS B 26 -20.17 29.83 -38.29
C LYS B 26 -21.17 30.04 -39.42
N ARG B 27 -22.27 29.27 -39.39
CA ARG B 27 -23.33 29.38 -40.40
C ARG B 27 -24.30 30.47 -39.97
N ASP B 28 -25.19 30.92 -40.88
CA ASP B 28 -26.23 31.94 -40.64
C ASP B 28 -25.56 33.26 -40.25
N VAL B 29 -24.55 33.64 -41.04
CA VAL B 29 -23.70 34.77 -40.79
C VAL B 29 -24.46 36.11 -40.58
N GLY B 30 -25.36 36.49 -41.48
CA GLY B 30 -26.06 37.76 -41.37
C GLY B 30 -27.40 37.72 -40.68
N THR B 31 -28.00 36.53 -40.58
CA THR B 31 -29.35 36.25 -40.02
C THR B 31 -29.69 36.98 -38.72
N THR B 32 -30.98 37.32 -38.57
CA THR B 32 -31.56 37.96 -37.39
C THR B 32 -32.91 37.33 -37.06
N THR B 33 -33.14 37.04 -35.77
CA THR B 33 -34.42 36.48 -35.31
C THR B 33 -34.91 37.23 -34.10
N ALA B 34 -36.23 37.26 -33.93
CA ALA B 34 -36.85 37.94 -32.80
C ALA B 34 -36.72 37.18 -31.51
N VAL B 35 -36.45 37.93 -30.43
CA VAL B 35 -36.43 37.49 -29.04
C VAL B 35 -37.26 38.48 -28.24
N THR B 36 -37.99 37.98 -27.25
CA THR B 36 -38.84 38.80 -26.40
C THR B 36 -38.28 38.77 -24.99
N PRO B 37 -38.09 39.94 -24.33
CA PRO B 37 -37.58 39.92 -22.96
C PRO B 37 -38.61 39.36 -21.99
N SER B 38 -38.13 38.74 -20.92
CA SER B 38 -38.94 38.11 -19.89
C SER B 38 -40.11 38.99 -19.40
N SER B 39 -39.84 40.31 -19.32
CA SER B 39 -40.73 41.39 -18.87
C SER B 39 -42.06 41.45 -19.64
N LEU B 40 -42.04 41.02 -20.90
CA LEU B 40 -43.20 41.06 -21.80
C LEU B 40 -43.96 39.72 -21.89
N GLN B 41 -43.76 38.83 -20.91
CA GLN B 41 -44.42 37.53 -20.91
C GLN B 41 -45.97 37.64 -20.91
N GLN B 42 -46.56 38.59 -20.15
CA GLN B 42 -48.02 38.78 -20.09
C GLN B 42 -48.62 39.23 -21.43
N GLU B 43 -47.89 40.08 -22.15
CA GLU B 43 -48.27 40.66 -23.44
C GLU B 43 -48.24 39.61 -24.52
N ILE B 44 -47.19 38.76 -24.51
CA ILE B 44 -47.08 37.69 -25.49
C ILE B 44 -48.13 36.59 -25.17
N THR B 45 -48.46 36.40 -23.87
CA THR B 45 -49.48 35.44 -23.42
C THR B 45 -50.83 35.84 -24.01
N LEU B 46 -51.16 37.13 -23.91
CA LEU B 46 -52.41 37.63 -24.48
C LEU B 46 -52.49 37.37 -25.99
N LEU B 47 -51.38 37.68 -26.72
CA LEU B 47 -51.28 37.51 -28.17
C LEU B 47 -51.48 36.08 -28.61
N CYS B 48 -50.95 35.13 -27.82
CA CYS B 48 -51.08 33.69 -28.03
C CYS B 48 -52.56 33.29 -27.93
N GLY B 49 -53.22 33.79 -26.88
CA GLY B 49 -54.63 33.56 -26.63
C GLY B 49 -55.50 34.07 -27.74
N GLU B 50 -55.14 35.26 -28.30
CA GLU B 50 -55.83 35.90 -29.41
C GLU B 50 -55.83 35.05 -30.65
N ILE B 51 -54.72 34.32 -30.92
CA ILE B 51 -54.57 33.40 -32.06
C ILE B 51 -55.60 32.24 -31.96
N LEU B 52 -55.74 31.66 -30.75
CA LEU B 52 -56.64 30.56 -30.44
C LEU B 52 -58.11 31.00 -30.38
N TYR B 53 -58.38 32.17 -29.77
CA TYR B 53 -59.70 32.72 -29.46
C TYR B 53 -60.61 33.00 -30.65
N ALA B 54 -60.06 33.53 -31.77
CA ALA B 54 -60.84 33.88 -32.95
C ALA B 54 -60.38 33.15 -34.21
N LYS B 55 -61.28 33.06 -35.22
CA LYS B 55 -60.97 32.40 -36.49
C LYS B 55 -60.36 33.46 -37.39
N HIS B 56 -59.02 33.42 -37.51
CA HIS B 56 -58.23 34.40 -38.26
C HIS B 56 -58.06 34.08 -39.71
N ALA B 57 -57.77 35.14 -40.48
CA ALA B 57 -57.55 35.04 -41.92
C ALA B 57 -56.21 34.36 -42.21
N ASP B 58 -55.17 34.77 -41.49
CA ASP B 58 -53.86 34.19 -41.71
C ASP B 58 -53.17 33.81 -40.43
N TYR B 59 -52.59 32.59 -40.43
CA TYR B 59 -51.84 32.00 -39.33
C TYR B 59 -50.37 31.80 -39.76
N LYS B 60 -49.74 32.84 -40.34
CA LYS B 60 -48.37 32.77 -40.83
C LYS B 60 -47.34 32.80 -39.70
N TYR B 61 -47.46 33.80 -38.82
CA TYR B 61 -46.52 34.04 -37.75
C TYR B 61 -46.88 33.37 -36.42
N ALA B 62 -47.96 32.56 -36.39
CA ALA B 62 -48.45 31.85 -35.20
C ALA B 62 -47.33 31.13 -34.43
N ALA B 63 -46.45 30.43 -35.17
CA ALA B 63 -45.30 29.70 -34.61
C ALA B 63 -44.26 30.64 -34.02
N GLU B 64 -43.94 31.75 -34.72
CA GLU B 64 -42.97 32.74 -34.22
C GLU B 64 -43.43 33.31 -32.89
N ILE B 65 -44.76 33.50 -32.71
CA ILE B 65 -45.36 33.98 -31.46
C ILE B 65 -45.12 32.97 -30.33
N GLY B 66 -45.24 31.69 -30.64
CA GLY B 66 -44.98 30.60 -29.70
C GLY B 66 -43.55 30.61 -29.20
N ILE B 67 -42.59 30.80 -30.15
CA ILE B 67 -41.15 30.89 -29.90
C ILE B 67 -40.91 32.10 -29.00
N GLN B 68 -41.66 33.19 -29.21
CA GLN B 68 -41.55 34.40 -28.40
C GLN B 68 -41.95 34.17 -26.96
N TYR B 69 -42.92 33.27 -26.69
CA TYR B 69 -43.27 32.92 -25.32
C TYR B 69 -42.09 32.14 -24.71
N ILE B 70 -41.54 31.15 -25.45
CA ILE B 70 -40.38 30.35 -25.02
C ILE B 70 -39.27 31.32 -24.62
N SER B 71 -39.04 32.34 -25.44
CA SER B 71 -38.04 33.39 -25.23
C SER B 71 -38.20 34.05 -23.87
N THR B 72 -39.45 34.46 -23.53
CA THR B 72 -39.74 35.10 -22.25
C THR B 72 -39.48 34.12 -21.11
N ALA B 73 -39.92 32.85 -21.28
CA ALA B 73 -39.77 31.80 -20.30
C ALA B 73 -38.31 31.43 -20.01
N LEU B 74 -37.44 31.35 -21.04
CA LEU B 74 -36.04 30.96 -20.90
C LEU B 74 -35.10 32.08 -20.46
N GLY B 75 -35.26 33.23 -21.07
CA GLY B 75 -34.43 34.37 -20.74
C GLY B 75 -34.40 35.51 -21.72
N SER B 76 -34.53 36.75 -21.15
CA SER B 76 -34.51 38.04 -21.85
C SER B 76 -33.47 37.97 -23.03
N GLU B 77 -32.26 37.49 -22.67
CA GLU B 77 -31.03 37.39 -23.49
C GLU B 77 -30.29 36.02 -23.39
N ARG B 78 -30.82 35.08 -22.59
CA ARG B 78 -30.23 33.74 -22.43
C ARG B 78 -30.41 32.97 -23.70
N VAL B 79 -31.43 33.36 -24.47
CA VAL B 79 -31.78 32.74 -25.73
C VAL B 79 -30.66 32.86 -26.75
N GLN B 80 -30.03 34.06 -26.87
CA GLN B 80 -28.90 34.30 -27.79
C GLN B 80 -27.82 33.25 -27.56
N GLN B 81 -27.51 32.96 -26.28
CA GLN B 81 -26.51 31.97 -25.88
C GLN B 81 -26.85 30.62 -26.50
N ILE B 82 -28.10 30.14 -26.34
CA ILE B 82 -28.57 28.85 -26.87
C ILE B 82 -28.37 28.77 -28.39
N LEU B 83 -28.83 29.80 -29.12
CA LEU B 83 -28.77 29.89 -30.58
C LEU B 83 -27.33 29.89 -31.08
N ARG B 84 -26.45 30.65 -30.42
CA ARG B 84 -25.02 30.73 -30.74
C ARG B 84 -24.39 29.35 -30.54
N ASN B 85 -24.76 28.67 -29.46
CA ASN B 85 -24.26 27.35 -29.12
C ASN B 85 -24.89 26.21 -29.93
N SER B 86 -25.95 26.48 -30.69
CA SER B 86 -26.54 25.44 -31.54
C SER B 86 -25.71 25.24 -32.83
N GLY B 87 -24.79 26.16 -33.11
CA GLY B 87 -23.93 26.15 -34.28
C GLY B 87 -24.17 27.32 -35.23
N SER B 88 -25.32 27.99 -35.05
CA SER B 88 -25.77 29.12 -35.86
C SER B 88 -25.25 30.41 -35.25
N GLU B 89 -24.63 31.21 -36.09
CA GLU B 89 -24.05 32.47 -35.68
C GLU B 89 -25.07 33.63 -35.82
N VAL B 90 -26.37 33.29 -35.90
CA VAL B 90 -27.50 34.22 -36.00
C VAL B 90 -27.52 35.25 -34.84
N GLN B 91 -27.97 36.51 -35.10
CA GLN B 91 -28.10 37.57 -34.08
C GLN B 91 -29.55 37.75 -33.70
N VAL B 92 -29.79 38.13 -32.44
CA VAL B 92 -31.15 38.30 -31.93
C VAL B 92 -31.60 39.73 -31.97
N VAL B 93 -32.92 39.95 -31.97
CA VAL B 93 -33.51 41.29 -31.99
C VAL B 93 -34.62 41.38 -30.94
N LEU B 94 -34.42 42.23 -29.91
CA LEU B 94 -35.39 42.38 -28.82
C LEU B 94 -36.59 43.17 -29.22
N THR B 95 -37.74 42.49 -29.19
CA THR B 95 -39.05 42.99 -29.55
C THR B 95 -39.52 44.06 -28.58
N ARG B 96 -40.03 45.18 -29.12
CA ARG B 96 -40.48 46.36 -28.37
C ARG B 96 -42.02 46.56 -28.35
N THR B 97 -42.47 47.67 -27.74
CA THR B 97 -43.88 48.02 -27.62
C THR B 97 -44.18 49.35 -28.29
N TYR B 98 -45.42 49.49 -28.84
CA TYR B 98 -45.93 50.68 -29.51
C TYR B 98 -47.41 50.90 -29.21
N MET B 113 -49.39 47.70 -28.12
CA MET B 113 -49.08 46.54 -28.96
C MET B 113 -47.62 46.08 -28.89
N LEU B 114 -47.32 44.95 -29.56
CA LEU B 114 -45.98 44.35 -29.61
C LEU B 114 -45.38 44.41 -31.01
N ASP B 115 -44.15 44.93 -31.09
CA ASP B 115 -43.41 45.02 -32.34
C ASP B 115 -42.38 43.90 -32.39
N ILE B 116 -42.78 42.78 -32.97
CA ILE B 116 -41.93 41.60 -33.05
C ILE B 116 -41.12 41.61 -34.34
N HIS B 117 -39.79 41.41 -34.23
CA HIS B 117 -38.89 41.39 -35.37
C HIS B 117 -39.18 40.25 -36.32
N GLY B 118 -39.41 40.60 -37.58
CA GLY B 118 -39.75 39.67 -38.65
C GLY B 118 -41.23 39.50 -38.85
N VAL B 119 -42.01 39.88 -37.81
CA VAL B 119 -43.46 39.78 -37.81
C VAL B 119 -44.03 41.15 -38.19
N GLU B 120 -44.80 41.14 -39.30
CA GLU B 120 -45.46 42.32 -39.87
C GLU B 120 -46.34 42.98 -38.83
N LYS B 121 -46.19 44.30 -38.66
CA LYS B 121 -46.99 45.05 -37.70
C LYS B 121 -48.48 44.87 -38.04
N SER B 122 -48.79 44.87 -39.36
CA SER B 122 -50.13 44.65 -39.93
C SER B 122 -50.78 43.34 -39.43
N TRP B 123 -49.98 42.26 -39.36
CA TRP B 123 -50.42 40.93 -38.92
C TRP B 123 -50.80 40.94 -37.44
N VAL B 124 -49.95 41.55 -36.59
CA VAL B 124 -50.14 41.70 -35.14
C VAL B 124 -51.47 42.40 -34.88
N GLU B 125 -51.69 43.52 -35.59
CA GLU B 125 -52.90 44.33 -35.48
C GLU B 125 -54.12 43.57 -35.94
N GLU B 126 -54.01 42.78 -37.03
CA GLU B 126 -55.10 41.95 -37.59
C GLU B 126 -55.56 40.95 -36.53
N ILE B 127 -54.59 40.20 -35.94
CA ILE B 127 -54.84 39.17 -34.93
C ILE B 127 -55.56 39.79 -33.74
N ASP B 128 -55.08 40.95 -33.26
CA ASP B 128 -55.70 41.67 -32.15
C ASP B 128 -57.12 42.13 -32.50
N LYS B 129 -57.28 42.85 -33.64
CA LYS B 129 -58.54 43.38 -34.15
C LYS B 129 -59.61 42.30 -34.28
N GLU B 130 -59.27 41.21 -34.99
CA GLU B 130 -60.16 40.09 -35.22
C GLU B 130 -60.63 39.44 -33.91
N ALA B 131 -59.71 39.29 -32.93
CA ALA B 131 -60.01 38.72 -31.62
C ALA B 131 -60.97 39.58 -30.82
N ARG B 132 -60.78 40.91 -30.84
CA ARG B 132 -61.62 41.86 -30.13
C ARG B 132 -63.04 41.85 -30.70
N LYS B 133 -63.15 41.73 -32.05
CA LYS B 133 -64.40 41.64 -32.79
C LYS B 133 -65.19 40.41 -32.32
N THR B 134 -64.50 39.26 -32.22
CA THR B 134 -65.08 37.99 -31.77
C THR B 134 -65.49 38.08 -30.28
N MET B 135 -64.69 38.77 -29.44
CA MET B 135 -64.99 38.96 -28.02
C MET B 135 -66.29 39.76 -27.84
N ALA B 136 -66.47 40.82 -28.66
CA ALA B 136 -67.64 41.70 -28.65
C ALA B 136 -68.94 40.96 -29.05
N THR B 137 -68.87 40.18 -30.15
CA THR B 137 -69.96 39.36 -30.70
C THR B 137 -70.47 38.39 -29.62
N LEU B 138 -69.54 37.64 -29.02
CA LEU B 138 -69.77 36.63 -27.98
C LEU B 138 -70.24 37.19 -26.64
N LEU B 139 -69.69 38.35 -26.20
CA LEU B 139 -70.08 38.98 -24.93
C LEU B 139 -71.54 39.47 -24.97
N LYS B 140 -72.05 39.81 -26.17
CA LYS B 140 -73.44 40.21 -26.41
C LYS B 140 -74.36 38.98 -26.17
N GLU B 141 -73.96 37.79 -26.71
CA GLU B 141 -74.68 36.50 -26.62
C GLU B 141 -74.69 35.95 -25.18
N SER B 142 -73.49 35.92 -24.53
CA SER B 142 -73.17 35.47 -23.16
C SER B 142 -73.82 36.34 -22.08
N SER B 143 -74.40 37.49 -22.51
CA SER B 143 -75.04 38.52 -21.71
C SER B 143 -74.02 39.11 -20.72
N GLY B 144 -72.89 39.54 -21.30
CA GLY B 144 -71.74 40.12 -20.61
C GLY B 144 -70.91 39.14 -19.78
N ASN B 145 -71.23 37.82 -19.87
CA ASN B 145 -70.57 36.80 -19.04
C ASN B 145 -69.64 35.81 -19.80
N ILE B 146 -68.33 36.11 -19.78
CA ILE B 146 -67.28 35.26 -20.36
C ILE B 146 -66.32 34.90 -19.21
N PRO B 147 -66.26 33.61 -18.79
CA PRO B 147 -65.37 33.22 -17.68
C PRO B 147 -63.90 33.28 -18.08
N GLN B 148 -63.01 33.46 -17.08
CA GLN B 148 -61.58 33.61 -17.28
C GLN B 148 -60.93 32.59 -18.24
N ASN B 149 -61.28 31.31 -18.05
CA ASN B 149 -60.83 30.13 -18.80
C ASN B 149 -61.16 30.16 -20.32
N GLN B 150 -62.07 31.04 -20.74
CA GLN B 150 -62.44 31.14 -22.13
C GLN B 150 -61.88 32.37 -22.82
N ARG B 151 -61.25 33.26 -22.05
CA ARG B 151 -60.66 34.51 -22.54
C ARG B 151 -59.24 34.30 -23.08
N PRO B 152 -58.80 35.11 -24.08
CA PRO B 152 -57.41 35.00 -24.59
C PRO B 152 -56.33 35.33 -23.55
N SER B 153 -56.78 35.90 -22.42
CA SER B 153 -55.96 36.30 -21.26
C SER B 153 -55.50 35.12 -20.39
N ALA B 154 -56.18 33.93 -20.48
CA ALA B 154 -55.84 32.74 -19.70
C ALA B 154 -54.34 32.39 -19.84
N PRO B 155 -53.64 32.16 -18.71
CA PRO B 155 -52.18 31.95 -18.76
C PRO B 155 -51.65 30.72 -19.50
N ASP B 156 -52.50 29.71 -19.69
CA ASP B 156 -52.13 28.47 -20.35
C ASP B 156 -52.21 28.52 -21.89
N THR B 157 -52.75 29.62 -22.46
CA THR B 157 -52.91 29.82 -23.91
C THR B 157 -51.57 29.68 -24.69
N PRO B 158 -50.40 30.21 -24.20
CA PRO B 158 -49.15 29.98 -24.95
C PRO B 158 -48.74 28.51 -24.96
N ILE B 159 -48.97 27.81 -23.85
CA ILE B 159 -48.66 26.38 -23.70
C ILE B 159 -49.49 25.57 -24.70
N ILE B 160 -50.81 25.88 -24.80
CA ILE B 160 -51.75 25.25 -25.74
C ILE B 160 -51.21 25.39 -27.17
N LEU B 161 -50.81 26.63 -27.53
CA LEU B 161 -50.24 26.98 -28.83
C LEU B 161 -49.01 26.11 -29.13
N LEU B 162 -48.11 26.00 -28.14
CA LEU B 162 -46.86 25.24 -28.23
C LEU B 162 -47.09 23.73 -28.27
N CYS B 163 -48.22 23.26 -27.73
CA CYS B 163 -48.58 21.84 -27.74
C CYS B 163 -48.90 21.37 -29.15
N VAL B 164 -49.46 22.27 -29.99
CA VAL B 164 -49.74 22.01 -31.40
C VAL B 164 -48.37 21.90 -32.12
N GLY B 165 -47.43 22.76 -31.69
CA GLY B 165 -46.06 22.76 -32.18
C GLY B 165 -45.32 21.50 -31.78
N ALA B 166 -45.61 20.98 -30.57
CA ALA B 166 -45.02 19.76 -30.03
C ALA B 166 -45.44 18.55 -30.84
N LEU B 167 -46.71 18.52 -31.28
CA LEU B 167 -47.25 17.44 -32.09
C LEU B 167 -46.64 17.42 -33.47
N ILE B 168 -46.34 18.61 -34.05
CA ILE B 168 -45.69 18.69 -35.36
C ILE B 168 -44.19 18.40 -35.20
N PHE B 169 -43.67 18.65 -33.99
CA PHE B 169 -42.28 18.38 -33.65
C PHE B 169 -42.04 16.88 -33.67
N THR B 170 -42.99 16.09 -33.11
CA THR B 170 -42.90 14.62 -33.14
C THR B 170 -42.81 14.11 -34.60
N LYS B 171 -43.70 14.58 -35.49
CA LYS B 171 -43.69 14.13 -36.88
C LYS B 171 -42.85 15.03 -37.79
N LEU B 172 -41.66 15.43 -37.32
CA LEU B 172 -40.73 16.21 -38.13
C LEU B 172 -39.89 15.24 -38.97
N ALA B 173 -39.94 13.94 -38.59
CA ALA B 173 -39.24 12.83 -39.23
C ALA B 173 -39.84 12.45 -40.58
N SER B 174 -41.13 12.78 -40.81
CA SER B 174 -41.85 12.47 -42.06
C SER B 174 -42.22 13.73 -42.88
N THR B 175 -43.23 13.62 -43.78
CA THR B 175 -43.73 14.70 -44.66
C THR B 175 -44.30 15.84 -43.83
N ILE B 176 -44.42 17.03 -44.46
CA ILE B 176 -45.05 18.22 -43.89
C ILE B 176 -46.53 17.85 -43.77
N GLU B 177 -46.97 17.01 -44.70
CA GLU B 177 -48.29 16.48 -44.81
C GLU B 177 -48.60 15.47 -43.69
N VAL B 178 -47.85 14.33 -43.59
CA VAL B 178 -48.05 13.26 -42.60
C VAL B 178 -48.27 13.82 -41.21
N GLY B 179 -47.41 14.77 -40.85
CA GLY B 179 -47.42 15.47 -39.58
C GLY B 179 -48.72 16.17 -39.28
N LEU B 180 -49.32 16.81 -40.29
CA LEU B 180 -50.60 17.52 -40.13
C LEU B 180 -51.74 16.58 -39.78
N GLU B 181 -51.72 15.35 -40.34
CA GLU B 181 -52.74 14.33 -40.07
C GLU B 181 -52.69 14.00 -38.62
N THR B 182 -51.53 13.46 -38.21
CA THR B 182 -51.17 13.04 -36.87
C THR B 182 -51.47 14.15 -35.87
N THR B 183 -51.01 15.41 -36.15
CA THR B 183 -51.23 16.58 -35.31
C THR B 183 -52.73 16.78 -35.07
N VAL B 184 -53.52 16.85 -36.15
CA VAL B 184 -54.95 17.05 -36.05
C VAL B 184 -55.64 15.94 -35.21
N ARG B 185 -55.39 14.65 -35.57
CA ARG B 185 -55.96 13.46 -34.91
C ARG B 185 -55.73 13.49 -33.42
N ARG B 186 -54.45 13.57 -33.02
CA ARG B 186 -54.01 13.58 -31.62
C ARG B 186 -54.45 14.82 -30.88
N ALA B 187 -54.43 16.00 -31.54
CA ALA B 187 -54.85 17.27 -30.94
C ALA B 187 -56.27 17.20 -30.45
N ASN B 188 -57.12 16.48 -31.19
CA ASN B 188 -58.52 16.30 -30.84
C ASN B 188 -58.72 15.57 -29.54
N ARG B 189 -57.89 14.55 -29.28
CA ARG B 189 -57.96 13.74 -28.07
C ARG B 189 -57.21 14.38 -26.91
N VAL B 190 -56.01 14.87 -27.21
CA VAL B 190 -55.07 15.49 -26.29
C VAL B 190 -55.52 16.89 -25.82
N LEU B 191 -55.77 17.82 -26.75
CA LEU B 191 -56.18 19.21 -26.46
C LEU B 191 -57.70 19.35 -26.43
N SER B 192 -58.37 18.24 -26.07
CA SER B 192 -59.81 18.08 -25.94
C SER B 192 -60.46 19.28 -25.26
N ASP B 193 -60.04 19.56 -24.03
CA ASP B 193 -60.57 20.60 -23.16
C ASP B 193 -60.20 22.01 -23.58
N ALA B 194 -59.01 22.18 -24.17
CA ALA B 194 -58.53 23.48 -24.67
C ALA B 194 -59.43 23.91 -25.83
N LEU B 195 -59.76 22.94 -26.71
CA LEU B 195 -60.64 23.12 -27.85
C LEU B 195 -62.06 23.48 -27.41
N LYS B 196 -62.47 23.03 -26.20
CA LYS B 196 -63.78 23.34 -25.65
C LYS B 196 -63.86 24.83 -25.37
N ARG B 197 -62.78 25.41 -24.80
CA ARG B 197 -62.70 26.83 -24.45
C ARG B 197 -62.37 27.74 -25.62
N TYR B 198 -61.52 27.27 -26.56
CA TYR B 198 -61.13 28.05 -27.75
C TYR B 198 -61.46 27.21 -28.97
N PRO B 199 -62.76 27.13 -29.35
CA PRO B 199 -63.14 26.26 -30.48
C PRO B 199 -62.76 26.85 -31.83
N ARG B 200 -62.25 28.07 -31.79
CA ARG B 200 -61.84 28.82 -32.96
C ARG B 200 -60.38 28.58 -33.34
N MET B 201 -59.65 27.77 -32.55
CA MET B 201 -58.25 27.46 -32.86
C MET B 201 -58.17 26.54 -34.11
N ASP B 202 -57.52 27.07 -35.15
CA ASP B 202 -57.34 26.37 -36.43
C ASP B 202 -56.07 25.55 -36.32
N ILE B 203 -56.21 24.34 -35.77
CA ILE B 203 -55.11 23.40 -35.56
C ILE B 203 -54.29 23.22 -36.87
N PRO B 204 -54.91 22.96 -38.04
CA PRO B 204 -54.11 22.77 -39.27
C PRO B 204 -53.25 23.93 -39.72
N LYS B 205 -53.75 25.17 -39.56
CA LYS B 205 -52.98 26.35 -39.95
C LYS B 205 -51.88 26.65 -38.96
N ILE B 206 -52.17 26.49 -37.64
CA ILE B 206 -51.20 26.68 -36.56
C ILE B 206 -50.08 25.67 -36.74
N ALA B 207 -50.44 24.38 -36.95
CA ALA B 207 -49.48 23.30 -37.16
C ALA B 207 -48.65 23.48 -38.41
N ARG B 208 -49.22 24.12 -39.45
CA ARG B 208 -48.49 24.40 -40.67
C ARG B 208 -47.43 25.46 -40.42
N SER B 209 -47.76 26.53 -39.63
CA SER B 209 -46.85 27.62 -39.26
C SER B 209 -45.61 27.07 -38.53
N PHE B 210 -45.83 26.08 -37.64
CA PHE B 210 -44.80 25.40 -36.89
C PHE B 210 -43.93 24.56 -37.80
N TYR B 211 -44.52 23.81 -38.78
CA TYR B 211 -43.67 23.04 -39.70
C TYR B 211 -42.78 23.97 -40.51
N ASP B 212 -43.37 25.03 -41.06
CA ASP B 212 -42.64 26.01 -41.85
C ASP B 212 -41.49 26.59 -41.02
N LEU B 213 -41.76 27.00 -39.75
CA LEU B 213 -40.77 27.56 -38.83
C LEU B 213 -39.59 26.61 -38.55
N PHE B 214 -39.89 25.35 -38.17
CA PHE B 214 -38.87 24.34 -37.87
C PHE B 214 -38.01 24.00 -39.06
N GLU B 215 -38.58 24.15 -40.26
CA GLU B 215 -37.85 23.87 -41.48
C GLU B 215 -36.94 25.03 -41.89
N GLN B 216 -37.42 26.28 -41.73
CA GLN B 216 -36.67 27.51 -42.07
C GLN B 216 -35.65 27.88 -40.99
N LYS B 217 -36.12 28.15 -39.77
CA LYS B 217 -35.24 28.53 -38.67
C LYS B 217 -34.83 27.28 -37.89
N VAL B 218 -33.88 26.51 -38.45
CA VAL B 218 -33.37 25.24 -37.89
C VAL B 218 -32.90 25.37 -36.43
N TYR B 219 -32.32 26.52 -36.06
CA TYR B 219 -31.86 26.78 -34.70
C TYR B 219 -33.01 26.78 -33.68
N HIS B 220 -34.25 27.07 -34.12
CA HIS B 220 -35.42 27.04 -33.25
C HIS B 220 -35.81 25.61 -32.84
N ARG B 221 -35.26 24.59 -33.54
CA ARG B 221 -35.50 23.19 -33.19
C ARG B 221 -34.84 22.92 -31.86
N SER B 222 -33.55 23.31 -31.71
CA SER B 222 -32.83 23.12 -30.45
C SER B 222 -33.25 24.12 -29.35
N LEU B 223 -33.91 25.23 -29.74
CA LEU B 223 -34.44 26.19 -28.77
C LEU B 223 -35.68 25.55 -28.13
N PHE B 224 -36.49 24.86 -28.94
CA PHE B 224 -37.69 24.14 -28.54
C PHE B 224 -37.31 23.01 -27.60
N ILE B 225 -36.21 22.28 -27.94
CA ILE B 225 -35.64 21.20 -27.14
C ILE B 225 -35.21 21.73 -25.79
N GLU B 226 -34.54 22.91 -25.76
CA GLU B 226 -34.10 23.52 -24.51
C GLU B 226 -35.25 23.97 -23.65
N TYR B 227 -36.38 24.37 -24.26
CA TYR B 227 -37.59 24.74 -23.51
C TYR B 227 -38.15 23.49 -22.86
N GLY B 228 -38.21 22.42 -23.64
CA GLY B 228 -38.67 21.11 -23.20
C GLY B 228 -37.84 20.59 -22.05
N LYS B 229 -36.50 20.59 -22.22
CA LYS B 229 -35.53 20.17 -21.20
C LYS B 229 -35.73 20.97 -19.91
N ALA B 230 -35.83 22.32 -20.03
CA ALA B 230 -36.03 23.27 -18.91
C ALA B 230 -37.33 23.04 -18.18
N LEU B 231 -38.44 22.89 -18.95
CA LEU B 231 -39.79 22.63 -18.44
C LEU B 231 -39.84 21.29 -17.70
N GLY B 232 -39.16 20.30 -18.27
CA GLY B 232 -39.05 18.96 -17.70
C GLY B 232 -38.36 18.97 -16.37
N SER B 233 -37.52 19.94 -16.11
CA SER B 233 -36.82 20.00 -14.85
C SER B 233 -37.62 20.57 -13.68
N SER B 234 -38.41 21.65 -13.87
CA SER B 234 -39.21 22.35 -12.83
C SER B 234 -40.04 21.44 -11.86
N SER B 235 -40.13 21.90 -10.59
CA SER B 235 -40.81 21.26 -9.45
C SER B 235 -42.32 21.25 -9.68
N THR B 236 -42.92 22.41 -10.03
CA THR B 236 -44.35 22.51 -10.27
C THR B 236 -44.62 22.99 -11.68
N GLY B 237 -45.34 22.17 -12.41
CA GLY B 237 -45.74 22.48 -13.77
C GLY B 237 -47.24 22.63 -13.85
N SER B 238 -47.70 23.25 -14.93
CA SER B 238 -49.11 23.43 -15.20
C SER B 238 -49.66 22.11 -15.72
N LYS B 239 -50.99 21.99 -15.80
CA LYS B 239 -51.66 20.83 -16.36
C LYS B 239 -51.30 20.77 -17.87
N ALA B 240 -51.27 21.97 -18.53
CA ALA B 240 -50.91 22.19 -19.94
C ALA B 240 -49.42 21.92 -20.19
N GLU B 241 -48.57 22.34 -19.25
CA GLU B 241 -47.13 22.18 -19.29
C GLU B 241 -46.75 20.71 -19.21
N SER B 242 -47.36 19.98 -18.25
CA SER B 242 -47.14 18.55 -18.07
C SER B 242 -47.60 17.74 -19.31
N LEU B 243 -48.51 18.30 -20.11
CA LEU B 243 -48.92 17.67 -21.34
C LEU B 243 -47.84 17.86 -22.39
N PHE B 244 -47.34 19.11 -22.54
CA PHE B 244 -46.32 19.49 -23.52
C PHE B 244 -45.11 18.55 -23.49
N VAL B 245 -44.54 18.33 -22.30
CA VAL B 245 -43.38 17.46 -22.11
C VAL B 245 -43.71 16.03 -22.50
N ASN B 246 -44.93 15.57 -22.17
CA ASN B 246 -45.40 14.23 -22.47
C ASN B 246 -45.56 13.98 -23.98
N ILE B 247 -45.84 15.06 -24.76
CA ILE B 247 -45.90 15.00 -26.23
C ILE B 247 -44.43 14.93 -26.72
N PHE B 248 -43.56 15.77 -26.13
CA PHE B 248 -42.13 15.90 -26.39
C PHE B 248 -41.40 14.58 -26.13
N MET B 249 -41.86 13.79 -25.15
CA MET B 249 -41.25 12.50 -24.82
C MET B 249 -41.51 11.44 -25.86
N GLN B 250 -42.76 11.39 -26.36
CA GLN B 250 -43.18 10.44 -27.41
C GLN B 250 -42.42 10.73 -28.72
N ALA B 251 -41.69 11.87 -28.74
CA ALA B 251 -40.84 12.34 -29.82
C ALA B 251 -39.39 11.90 -29.65
N TYR B 252 -39.04 11.23 -28.52
CA TYR B 252 -37.65 10.85 -28.28
C TYR B 252 -37.08 9.91 -29.34
N GLY B 253 -37.73 8.78 -29.61
CA GLY B 253 -37.28 7.85 -30.63
C GLY B 253 -37.53 8.36 -32.04
N ALA B 254 -36.92 9.50 -32.38
CA ALA B 254 -37.07 10.18 -33.65
C ALA B 254 -36.13 9.59 -34.65
N GLY B 255 -36.67 9.18 -35.79
CA GLY B 255 -35.87 8.59 -36.87
C GLY B 255 -35.14 7.30 -36.56
N GLN B 256 -35.26 6.82 -35.32
CA GLN B 256 -34.60 5.61 -34.89
C GLN B 256 -35.60 4.48 -34.73
N THR B 257 -36.83 4.63 -35.30
CA THR B 257 -37.93 3.66 -35.23
C THR B 257 -37.45 2.25 -35.54
N MET B 258 -36.46 2.14 -36.42
CA MET B 258 -35.86 0.87 -36.80
C MET B 258 -35.13 0.16 -35.65
N LEU B 259 -34.35 0.91 -34.84
CA LEU B 259 -33.62 0.35 -33.70
C LEU B 259 -34.56 -0.12 -32.60
N ARG B 260 -35.64 0.64 -32.35
CA ARG B 260 -36.62 0.28 -31.34
C ARG B 260 -37.44 -0.93 -31.74
N TRP B 261 -37.71 -1.07 -33.05
CA TRP B 261 -38.42 -2.24 -33.57
C TRP B 261 -37.48 -3.45 -33.59
N GLY B 262 -36.17 -3.15 -33.56
CA GLY B 262 -35.10 -4.12 -33.51
C GLY B 262 -35.11 -4.83 -32.17
N VAL B 263 -35.28 -4.07 -31.07
CA VAL B 263 -35.37 -4.66 -29.74
C VAL B 263 -36.66 -5.48 -29.59
N ILE B 264 -37.75 -5.04 -30.28
CA ILE B 264 -39.04 -5.71 -30.32
C ILE B 264 -38.91 -7.08 -30.98
N ALA B 265 -38.11 -7.16 -32.05
CA ALA B 265 -37.84 -8.42 -32.74
C ALA B 265 -37.13 -9.43 -31.80
N ARG B 266 -36.21 -8.95 -30.95
CA ARG B 266 -35.48 -9.75 -29.95
C ARG B 266 -36.45 -10.22 -28.87
N SER B 267 -37.29 -9.29 -28.37
CA SER B 267 -38.30 -9.55 -27.33
C SER B 267 -39.33 -10.58 -27.81
N SER B 268 -39.66 -10.58 -29.11
CA SER B 268 -40.61 -11.51 -29.73
C SER B 268 -39.96 -12.88 -29.96
N ASN B 269 -38.62 -12.94 -29.88
CA ASN B 269 -37.78 -14.12 -30.10
C ASN B 269 -38.09 -14.72 -31.46
N ASN B 270 -38.09 -13.84 -32.48
CA ASN B 270 -38.35 -14.20 -33.86
C ASN B 270 -37.20 -15.06 -34.36
N ILE B 271 -37.51 -16.30 -34.70
CA ILE B 271 -36.59 -17.34 -35.17
C ILE B 271 -35.80 -16.94 -36.42
N MET B 272 -36.30 -15.92 -37.13
CA MET B 272 -35.62 -15.40 -38.30
C MET B 272 -34.36 -14.64 -37.97
N LEU B 273 -34.23 -14.16 -36.71
CA LEU B 273 -33.03 -13.49 -36.23
C LEU B 273 -31.88 -14.49 -36.11
N GLY B 274 -32.21 -15.78 -36.23
CA GLY B 274 -31.28 -16.89 -36.20
C GLY B 274 -30.82 -17.35 -37.57
N HIS B 275 -31.40 -16.75 -38.65
CA HIS B 275 -31.02 -17.09 -40.02
C HIS B 275 -29.55 -16.77 -40.24
N VAL B 276 -28.85 -17.65 -40.97
CA VAL B 276 -27.43 -17.55 -41.25
C VAL B 276 -27.01 -16.19 -41.87
N SER B 277 -27.81 -15.67 -42.82
CA SER B 277 -27.57 -14.40 -43.50
C SER B 277 -27.72 -13.21 -42.56
N VAL B 278 -28.61 -13.34 -41.56
CA VAL B 278 -28.86 -12.33 -40.54
C VAL B 278 -27.74 -12.41 -39.50
N GLN B 279 -27.34 -13.64 -39.11
CA GLN B 279 -26.25 -13.91 -38.18
C GLN B 279 -24.96 -13.25 -38.65
N ALA B 280 -24.74 -13.21 -39.96
CA ALA B 280 -23.57 -12.59 -40.59
C ALA B 280 -23.44 -11.08 -40.31
N GLU B 281 -24.59 -10.39 -40.12
CA GLU B 281 -24.66 -8.94 -39.89
C GLU B 281 -24.61 -8.54 -38.42
N LEU B 282 -24.53 -9.53 -37.52
CA LEU B 282 -24.50 -9.33 -36.08
C LEU B 282 -23.54 -8.24 -35.62
N LYS B 283 -22.27 -8.31 -36.05
CA LYS B 283 -21.27 -7.33 -35.63
C LYS B 283 -21.60 -5.89 -36.03
N GLN B 284 -22.20 -5.67 -37.22
CA GLN B 284 -22.59 -4.33 -37.65
C GLN B 284 -23.74 -3.82 -36.80
N VAL B 285 -24.77 -4.68 -36.58
CA VAL B 285 -25.94 -4.36 -35.77
C VAL B 285 -25.49 -3.95 -34.37
N THR B 286 -24.62 -4.79 -33.77
CA THR B 286 -24.06 -4.55 -32.43
C THR B 286 -23.40 -3.20 -32.38
N GLU B 287 -22.56 -2.88 -33.40
CA GLU B 287 -21.84 -1.61 -33.52
C GLU B 287 -22.76 -0.41 -33.45
N VAL B 288 -23.95 -0.50 -34.08
CA VAL B 288 -24.91 0.60 -34.08
C VAL B 288 -25.50 0.80 -32.68
N TYR B 289 -25.97 -0.28 -31.99
CA TYR B 289 -26.54 -0.19 -30.64
C TYR B 289 -25.57 0.28 -29.58
N ASP B 290 -24.26 0.00 -29.80
CA ASP B 290 -23.12 0.37 -28.95
C ASP B 290 -22.72 1.82 -29.16
N LEU B 291 -23.02 2.37 -30.35
CA LEU B 291 -22.79 3.77 -30.63
C LEU B 291 -23.84 4.58 -29.87
N VAL B 292 -25.09 4.07 -29.76
CA VAL B 292 -26.19 4.72 -29.02
C VAL B 292 -25.77 4.92 -27.56
N ARG B 293 -25.16 3.89 -26.98
CA ARG B 293 -24.66 3.89 -25.61
C ARG B 293 -23.47 4.83 -25.48
N GLU B 294 -22.62 4.91 -26.53
CA GLU B 294 -21.44 5.80 -26.58
C GLU B 294 -21.88 7.29 -26.60
N MET B 295 -23.00 7.60 -27.28
CA MET B 295 -23.54 8.95 -27.42
C MET B 295 -24.46 9.34 -26.28
N GLY B 296 -24.98 8.33 -25.57
CA GLY B 296 -25.82 8.51 -24.40
C GLY B 296 -27.22 9.05 -24.61
N PRO B 297 -27.63 10.08 -23.85
CA PRO B 297 -29.01 10.55 -23.96
C PRO B 297 -29.29 11.40 -25.17
N GLU B 298 -28.29 12.12 -25.67
CA GLU B 298 -28.50 12.99 -26.82
C GLU B 298 -28.72 12.19 -28.11
N SER B 299 -28.33 10.91 -28.11
CA SER B 299 -28.46 9.97 -29.22
C SER B 299 -29.85 9.96 -29.83
N GLY B 300 -30.88 9.90 -28.97
CA GLY B 300 -32.27 9.86 -29.40
C GLY B 300 -32.79 11.07 -30.15
N LEU B 301 -32.57 12.25 -29.59
CA LEU B 301 -33.05 13.46 -30.25
C LEU B 301 -32.13 13.99 -31.40
N LEU B 302 -31.12 13.21 -31.85
CA LEU B 302 -30.18 13.60 -32.93
C LEU B 302 -30.88 13.92 -34.24
N HIS B 303 -31.80 13.04 -34.63
CA HIS B 303 -32.57 13.16 -35.84
C HIS B 303 -33.51 14.35 -35.72
N LEU B 304 -34.10 14.55 -34.52
CA LEU B 304 -35.01 15.66 -34.24
C LEU B 304 -34.39 17.04 -34.36
N ARG B 305 -33.10 17.15 -33.99
CA ARG B 305 -32.29 18.38 -34.05
C ARG B 305 -31.84 18.69 -35.47
N GLN B 306 -32.03 17.70 -36.39
CA GLN B 306 -31.59 17.74 -37.79
C GLN B 306 -30.05 17.81 -37.84
N SER B 307 -29.43 17.19 -36.80
CA SER B 307 -27.98 17.16 -36.61
C SER B 307 -27.29 16.41 -37.74
N PRO B 308 -26.21 16.99 -38.33
CA PRO B 308 -25.49 16.30 -39.40
C PRO B 308 -24.85 14.98 -38.91
N LYS B 309 -24.47 14.93 -37.61
CA LYS B 309 -23.91 13.78 -36.89
C LYS B 309 -24.80 12.53 -37.08
N ALA B 310 -26.17 12.73 -36.98
CA ALA B 310 -27.20 11.69 -37.14
C ALA B 310 -27.08 10.99 -38.48
N GLY B 311 -27.55 9.76 -38.51
CA GLY B 311 -27.43 8.97 -39.72
C GLY B 311 -26.34 7.94 -39.55
N LEU B 312 -25.49 8.11 -38.50
CA LEU B 312 -24.47 7.11 -38.17
C LEU B 312 -25.20 5.88 -37.59
N LEU B 313 -26.43 6.15 -37.08
CA LEU B 313 -27.38 5.22 -36.50
C LEU B 313 -28.30 4.62 -37.60
N SER B 314 -27.72 4.40 -38.79
CA SER B 314 -28.44 3.81 -39.90
C SER B 314 -28.17 2.34 -39.95
N LEU B 315 -29.23 1.60 -40.25
CA LEU B 315 -29.19 0.15 -40.35
C LEU B 315 -29.14 -0.26 -41.83
N ALA B 316 -28.45 0.57 -42.64
CA ALA B 316 -28.21 0.36 -44.06
C ALA B 316 -27.22 -0.79 -44.26
N ASN B 317 -26.19 -0.86 -43.39
CA ASN B 317 -25.11 -1.85 -43.35
C ASN B 317 -25.61 -3.28 -43.12
N CYS B 318 -26.84 -3.42 -42.59
CA CYS B 318 -27.49 -4.69 -42.27
C CYS B 318 -28.92 -4.83 -42.87
N PRO B 319 -28.98 -5.00 -44.20
CA PRO B 319 -30.29 -5.13 -44.88
C PRO B 319 -31.14 -6.33 -44.51
N ASN B 320 -30.50 -7.51 -44.29
CA ASN B 320 -31.19 -8.75 -43.93
C ASN B 320 -31.82 -8.69 -42.54
N PHE B 321 -31.14 -8.01 -41.61
CA PHE B 321 -31.62 -7.79 -40.25
C PHE B 321 -32.83 -6.88 -40.30
N ALA B 322 -32.72 -5.76 -41.04
CA ALA B 322 -33.79 -4.79 -41.25
C ALA B 322 -35.05 -5.49 -41.77
N SER B 323 -34.88 -6.42 -42.73
CA SER B 323 -35.94 -7.21 -43.34
C SER B 323 -36.70 -8.02 -42.29
N VAL B 324 -35.96 -8.69 -41.38
CA VAL B 324 -36.53 -9.51 -40.33
C VAL B 324 -37.29 -8.64 -39.32
N VAL B 325 -36.67 -7.51 -38.89
CA VAL B 325 -37.23 -6.55 -37.93
C VAL B 325 -38.58 -6.03 -38.42
N LEU B 326 -38.65 -5.66 -39.71
CA LEU B 326 -39.86 -5.17 -40.37
C LEU B 326 -40.91 -6.27 -40.51
N GLY B 327 -40.47 -7.48 -40.84
CA GLY B 327 -41.34 -8.64 -40.96
C GLY B 327 -42.04 -8.93 -39.67
N ASN B 328 -41.24 -8.96 -38.58
CA ASN B 328 -41.71 -9.16 -37.21
C ASN B 328 -42.75 -8.10 -36.83
N ALA B 329 -42.49 -6.82 -37.17
CA ALA B 329 -43.38 -5.69 -36.92
C ALA B 329 -44.68 -5.85 -37.69
N SER B 330 -44.61 -6.35 -38.94
CA SER B 330 -45.77 -6.59 -39.78
C SER B 330 -46.63 -7.69 -39.20
N GLY B 331 -45.99 -8.79 -38.79
CA GLY B 331 -46.65 -9.95 -38.18
C GLY B 331 -47.36 -9.61 -36.89
N LEU B 332 -46.75 -8.76 -36.05
CA LEU B 332 -47.36 -8.34 -34.80
C LEU B 332 -48.41 -7.24 -35.01
N GLY B 333 -48.41 -6.66 -36.20
CA GLY B 333 -49.35 -5.62 -36.60
C GLY B 333 -49.02 -4.25 -36.06
N ILE B 334 -47.72 -3.88 -36.09
CA ILE B 334 -47.22 -2.59 -35.61
C ILE B 334 -46.87 -1.69 -36.79
N ILE B 335 -46.24 -2.31 -37.82
CA ILE B 335 -45.70 -1.71 -39.04
C ILE B 335 -46.50 -0.49 -39.57
N GLY B 336 -47.83 -0.54 -39.48
CA GLY B 336 -48.70 0.54 -39.91
C GLY B 336 -48.32 1.13 -41.27
N MET B 337 -48.11 2.45 -41.31
CA MET B 337 -47.78 3.17 -42.54
C MET B 337 -46.30 3.46 -42.75
N TYR B 338 -45.44 2.56 -42.30
CA TYR B 338 -44.00 2.73 -42.41
C TYR B 338 -43.52 2.40 -43.83
N ARG B 339 -42.97 3.41 -44.54
CA ARG B 339 -42.48 3.35 -45.93
C ARG B 339 -41.08 2.68 -46.06
N GLY B 340 -40.43 2.38 -44.94
CA GLY B 340 -39.12 1.73 -44.90
C GLY B 340 -38.97 0.56 -45.82
N ARG B 341 -38.05 0.69 -46.79
CA ARG B 341 -37.75 -0.29 -47.83
C ARG B 341 -37.37 -1.66 -47.27
N VAL B 342 -37.83 -2.74 -47.92
CA VAL B 342 -37.56 -4.11 -47.50
C VAL B 342 -36.60 -4.78 -48.47
N PRO B 343 -35.32 -4.90 -48.07
CA PRO B 343 -34.32 -5.50 -48.98
C PRO B 343 -34.57 -6.97 -49.27
N ASN B 344 -34.72 -7.79 -48.21
CA ASN B 344 -34.97 -9.21 -48.38
C ASN B 344 -36.43 -9.56 -48.14
N THR B 345 -37.21 -9.57 -49.22
CA THR B 345 -38.64 -9.88 -49.23
C THR B 345 -38.93 -11.28 -48.68
N GLU B 346 -38.04 -12.23 -49.00
CA GLU B 346 -38.10 -13.62 -48.56
C GLU B 346 -38.07 -13.68 -47.02
N LEU B 347 -37.02 -13.13 -46.38
CA LEU B 347 -36.83 -13.09 -44.92
C LEU B 347 -37.98 -12.39 -44.22
N PHE B 348 -38.46 -11.29 -44.82
CA PHE B 348 -39.57 -10.48 -44.29
C PHE B 348 -40.80 -11.34 -44.11
N SER B 349 -41.21 -12.04 -45.18
CA SER B 349 -42.39 -12.89 -45.20
C SER B 349 -42.33 -13.98 -44.14
N ALA B 350 -41.14 -14.59 -43.98
CA ALA B 350 -40.89 -15.64 -43.00
C ALA B 350 -41.03 -15.12 -41.57
N ALA B 351 -40.38 -13.98 -41.27
CA ALA B 351 -40.42 -13.34 -39.95
C ALA B 351 -41.86 -12.96 -39.61
N GLU B 352 -42.62 -12.50 -40.62
CA GLU B 352 -44.02 -12.10 -40.52
C GLU B 352 -44.91 -13.28 -40.13
N SER B 353 -44.68 -14.42 -40.77
CA SER B 353 -45.44 -15.66 -40.53
C SER B 353 -45.27 -16.13 -39.10
N TYR B 354 -44.00 -16.17 -38.64
CA TYR B 354 -43.68 -16.58 -37.28
C TYR B 354 -44.32 -15.67 -36.26
N ALA B 355 -44.20 -14.34 -36.47
CA ALA B 355 -44.75 -13.32 -35.58
C ALA B 355 -46.28 -13.38 -35.51
N LYS B 356 -46.94 -13.73 -36.63
CA LYS B 356 -48.40 -13.85 -36.66
C LYS B 356 -48.85 -15.06 -35.84
N SER B 357 -48.10 -16.17 -35.92
CA SER B 357 -48.36 -17.41 -35.18
C SER B 357 -48.11 -17.20 -33.70
N LEU B 358 -47.08 -16.41 -33.36
CA LEU B 358 -46.66 -16.03 -32.01
C LEU B 358 -47.80 -15.20 -31.39
N LYS B 359 -48.26 -14.16 -32.14
CA LYS B 359 -49.33 -13.20 -31.80
C LYS B 359 -50.57 -13.87 -31.24
N GLU B 360 -51.07 -14.92 -31.92
CA GLU B 360 -52.26 -15.65 -31.52
C GLU B 360 -52.03 -16.63 -30.36
N SER B 361 -50.89 -17.34 -30.38
CA SER B 361 -50.55 -18.37 -29.40
C SER B 361 -50.34 -17.87 -27.98
N ASN B 362 -50.99 -18.58 -27.03
CA ASN B 362 -50.93 -18.32 -25.58
C ASN B 362 -50.12 -19.42 -24.90
N LYS B 363 -48.99 -19.04 -24.25
CA LYS B 363 -48.09 -19.96 -23.53
C LYS B 363 -47.66 -19.32 -22.20
N ILE B 364 -47.27 -20.15 -21.23
CA ILE B 364 -46.89 -19.69 -19.90
C ILE B 364 -45.52 -20.28 -19.48
N ASN B 365 -44.60 -19.40 -19.03
CA ASN B 365 -43.28 -19.77 -18.51
C ASN B 365 -43.43 -20.00 -17.01
N PHE B 366 -43.54 -21.27 -16.58
CA PHE B 366 -43.62 -21.60 -15.14
C PHE B 366 -42.21 -21.56 -14.56
N SER B 367 -41.23 -21.44 -15.47
CA SER B 367 -39.80 -21.32 -15.23
C SER B 367 -39.52 -19.92 -14.66
N SER B 368 -40.07 -18.87 -15.32
CA SER B 368 -39.91 -17.45 -14.95
C SER B 368 -40.56 -17.11 -13.59
N LEU B 369 -41.82 -17.58 -13.38
CA LEU B 369 -42.64 -17.33 -12.18
C LEU B 369 -42.02 -17.79 -10.86
N GLY B 370 -41.36 -18.95 -10.86
CA GLY B 370 -40.73 -19.52 -9.68
C GLY B 370 -41.73 -19.86 -8.58
N LEU B 371 -42.73 -20.68 -8.92
CA LEU B 371 -43.79 -21.11 -7.99
C LEU B 371 -43.46 -22.46 -7.38
N THR B 372 -44.19 -22.80 -6.29
CA THR B 372 -44.12 -24.13 -5.65
C THR B 372 -44.84 -25.07 -6.61
N ASP B 373 -44.48 -26.36 -6.63
CA ASP B 373 -45.12 -27.30 -7.54
C ASP B 373 -46.49 -27.83 -6.98
N GLU B 374 -47.16 -26.96 -6.18
CA GLU B 374 -48.48 -27.12 -5.56
C GLU B 374 -49.35 -25.93 -5.97
N GLU B 375 -48.68 -24.86 -6.45
CA GLU B 375 -49.21 -23.61 -7.01
C GLU B 375 -49.17 -23.79 -8.55
N LYS B 376 -48.13 -24.51 -9.06
CA LYS B 376 -47.84 -24.91 -10.45
C LYS B 376 -48.78 -26.09 -10.83
N GLU B 377 -49.23 -26.82 -9.81
CA GLU B 377 -50.17 -27.94 -9.82
C GLU B 377 -51.59 -27.38 -10.13
N ALA B 378 -52.00 -26.35 -9.37
CA ALA B 378 -53.28 -25.62 -9.45
C ALA B 378 -53.41 -24.78 -10.73
N ALA B 379 -52.27 -24.26 -11.23
CA ALA B 379 -52.15 -23.44 -12.45
C ALA B 379 -52.49 -24.25 -13.71
N GLU B 380 -52.16 -25.55 -13.70
CA GLU B 380 -52.44 -26.49 -14.79
C GLU B 380 -53.94 -26.69 -14.93
N HIS B 381 -54.64 -26.68 -13.78
CA HIS B 381 -56.08 -26.84 -13.67
C HIS B 381 -56.86 -25.71 -14.40
N PHE B 382 -56.15 -24.63 -14.78
CA PHE B 382 -56.74 -23.50 -15.47
C PHE B 382 -56.97 -23.78 -16.95
N LEU B 383 -58.26 -24.05 -17.23
CA LEU B 383 -58.95 -24.33 -18.48
C LEU B 383 -58.70 -23.30 -19.59
N LEU C 3 -25.94 -12.62 -29.77
CA LEU C 3 -26.77 -11.49 -30.20
C LEU C 3 -27.49 -10.82 -29.02
N GLN C 4 -26.67 -10.27 -28.12
CA GLN C 4 -27.12 -9.57 -26.93
C GLN C 4 -27.06 -8.04 -27.01
N GLY C 5 -26.15 -7.48 -27.80
CA GLY C 5 -25.96 -6.04 -27.98
C GLY C 5 -27.13 -5.30 -28.60
N ILE C 6 -28.28 -5.98 -28.85
CA ILE C 6 -29.50 -5.39 -29.40
C ILE C 6 -30.30 -4.85 -28.21
N HIS C 7 -29.91 -3.67 -27.71
CA HIS C 7 -30.54 -3.06 -26.53
C HIS C 7 -30.36 -1.54 -26.44
N LEU C 8 -31.49 -0.85 -26.19
CA LEU C 8 -31.57 0.60 -26.04
C LEU C 8 -32.18 0.89 -24.68
N SER C 9 -31.49 1.68 -23.86
CA SER C 9 -32.00 2.01 -22.54
C SER C 9 -32.74 3.35 -22.56
N ASP C 10 -33.59 3.53 -23.59
CA ASP C 10 -34.38 4.72 -23.91
C ASP C 10 -34.95 5.49 -22.72
N LEU C 11 -35.62 4.80 -21.77
CA LEU C 11 -36.23 5.45 -20.61
C LEU C 11 -35.23 6.19 -19.75
N SER C 12 -34.05 5.62 -19.54
CA SER C 12 -32.98 6.27 -18.78
C SER C 12 -32.51 7.58 -19.47
N TYR C 13 -32.28 7.49 -20.80
CA TYR C 13 -31.88 8.60 -21.67
C TYR C 13 -32.94 9.69 -21.63
N LYS C 14 -34.24 9.26 -21.67
CA LYS C 14 -35.41 10.14 -21.60
C LYS C 14 -35.33 11.00 -20.33
N HIS C 15 -34.95 10.39 -19.20
CA HIS C 15 -34.77 11.10 -17.94
C HIS C 15 -33.52 11.95 -17.95
N ALA C 16 -32.41 11.40 -18.46
CA ALA C 16 -31.12 12.09 -18.55
C ALA C 16 -31.18 13.43 -19.26
N ILE C 17 -32.07 13.54 -20.25
CA ILE C 17 -32.30 14.75 -21.03
C ILE C 17 -32.98 15.83 -20.16
N LEU C 18 -33.75 15.43 -19.15
CA LEU C 18 -34.45 16.35 -18.25
C LEU C 18 -33.61 16.73 -17.02
N LYS C 19 -32.29 16.65 -17.16
CA LYS C 19 -31.28 17.00 -16.16
C LYS C 19 -30.27 17.94 -16.79
N GLU C 20 -29.99 17.72 -18.10
CA GLU C 20 -29.11 18.50 -18.98
C GLU C 20 -29.49 19.99 -19.08
N SER C 21 -30.76 20.34 -18.74
CA SER C 21 -31.27 21.70 -18.80
C SER C 21 -30.54 22.55 -17.80
N GLN C 22 -29.57 23.29 -18.31
CA GLN C 22 -28.82 24.22 -17.49
C GLN C 22 -29.67 25.48 -17.39
N TYR C 23 -30.53 25.70 -18.38
CA TYR C 23 -31.40 26.86 -18.43
C TYR C 23 -32.66 26.59 -17.61
N THR C 24 -33.15 27.65 -16.96
CA THR C 24 -34.30 27.63 -16.06
C THR C 24 -35.45 28.47 -16.56
N ILE C 25 -36.67 27.91 -16.51
CA ILE C 25 -37.89 28.59 -16.97
C ILE C 25 -38.37 29.57 -15.90
N LYS C 26 -38.82 30.74 -16.34
CA LYS C 26 -39.29 31.82 -15.49
C LYS C 26 -40.76 32.06 -15.76
N ARG C 27 -41.60 31.15 -15.27
CA ARG C 27 -43.07 31.24 -15.42
C ARG C 27 -43.62 32.09 -14.28
N ASP C 28 -44.91 32.53 -14.38
CA ASP C 28 -45.62 33.34 -13.36
C ASP C 28 -44.90 34.67 -13.19
N VAL C 29 -44.58 35.31 -14.32
CA VAL C 29 -43.79 36.52 -14.39
C VAL C 29 -44.33 37.68 -13.54
N GLY C 30 -45.60 38.04 -13.66
CA GLY C 30 -46.16 39.16 -12.93
C GLY C 30 -46.79 38.85 -11.59
N THR C 31 -47.17 37.57 -11.38
CA THR C 31 -47.88 37.03 -10.22
C THR C 31 -47.37 37.52 -8.85
N THR C 32 -48.30 37.64 -7.90
CA THR C 32 -48.06 38.02 -6.51
C THR C 32 -48.89 37.16 -5.58
N THR C 33 -48.28 36.69 -4.48
CA THR C 33 -48.98 35.89 -3.48
C THR C 33 -48.65 36.39 -2.10
N ALA C 34 -49.59 36.21 -1.17
CA ALA C 34 -49.42 36.64 0.20
C ALA C 34 -48.49 35.73 0.98
N VAL C 35 -47.64 36.37 1.80
CA VAL C 35 -46.77 35.74 2.80
C VAL C 35 -46.97 36.50 4.10
N THR C 36 -46.92 35.78 5.21
CA THR C 36 -47.08 36.34 6.54
C THR C 36 -45.77 36.21 7.30
N PRO C 37 -45.26 37.30 7.91
CA PRO C 37 -44.01 37.17 8.66
C PRO C 37 -44.22 36.35 9.93
N SER C 38 -43.17 35.67 10.35
CA SER C 38 -43.17 34.80 11.52
C SER C 38 -43.81 35.45 12.78
N SER C 39 -43.59 36.78 12.91
CA SER C 39 -44.05 37.66 13.99
C SER C 39 -45.56 37.64 14.20
N LEU C 40 -46.31 37.36 13.13
CA LEU C 40 -47.78 37.33 13.14
C LEU C 40 -48.38 35.93 13.27
N GLN C 41 -47.59 34.96 13.75
CA GLN C 41 -48.06 33.59 13.91
C GLN C 41 -49.28 33.47 14.85
N GLN C 42 -49.30 34.23 15.97
CA GLN C 42 -50.42 34.19 16.92
C GLN C 42 -51.74 34.71 16.31
N GLU C 43 -51.63 35.76 15.49
CA GLU C 43 -52.74 36.43 14.83
C GLU C 43 -53.35 35.55 13.77
N ILE C 44 -52.50 34.87 12.99
CA ILE C 44 -52.98 33.96 11.96
C ILE C 44 -53.57 32.70 12.62
N THR C 45 -53.02 32.28 13.80
CA THR C 45 -53.52 31.14 14.57
C THR C 45 -54.94 31.42 14.99
N LEU C 46 -55.20 32.62 15.52
CA LEU C 46 -56.54 33.01 15.92
C LEU C 46 -57.52 32.94 14.75
N LEU C 47 -57.11 33.49 13.58
CA LEU C 47 -57.93 33.53 12.35
C LEU C 47 -58.30 32.16 11.86
N CYS C 48 -57.37 31.20 11.96
CA CYS C 48 -57.55 29.80 11.60
C CYS C 48 -58.64 29.19 12.50
N GLY C 49 -58.53 29.44 13.80
CA GLY C 49 -59.48 28.98 14.80
C GLY C 49 -60.88 29.51 14.56
N GLU C 50 -60.96 30.79 14.14
CA GLU C 50 -62.21 31.47 13.83
C GLU C 50 -62.94 30.80 12.68
N ILE C 51 -62.21 30.28 11.68
CA ILE C 51 -62.77 29.57 10.54
C ILE C 51 -63.48 28.26 11.00
N LEU C 52 -62.82 27.52 11.91
CA LEU C 52 -63.32 26.26 12.47
C LEU C 52 -64.45 26.47 13.49
N TYR C 53 -64.32 27.51 14.34
CA TYR C 53 -65.19 27.81 15.48
C TYR C 53 -66.65 28.12 15.17
N ALA C 54 -66.92 28.85 14.08
CA ALA C 54 -68.27 29.26 13.68
C ALA C 54 -68.67 28.78 12.29
N LYS C 55 -69.99 28.71 12.04
CA LYS C 55 -70.53 28.27 10.74
C LYS C 55 -70.61 29.52 9.89
N HIS C 56 -69.64 29.68 8.98
CA HIS C 56 -69.51 30.86 8.11
C HIS C 56 -70.25 30.76 6.82
N ALA C 57 -70.53 31.94 6.24
CA ALA C 57 -71.23 32.07 4.98
C ALA C 57 -70.34 31.65 3.82
N ASP C 58 -69.09 32.10 3.83
CA ASP C 58 -68.18 31.74 2.75
C ASP C 58 -66.83 31.29 3.26
N TYR C 59 -66.34 30.18 2.69
CA TYR C 59 -65.06 29.57 2.99
C TYR C 59 -64.15 29.64 1.74
N LYS C 60 -64.07 30.80 1.09
CA LYS C 60 -63.27 30.99 -0.13
C LYS C 60 -61.77 31.02 0.15
N TYR C 61 -61.36 31.86 1.09
CA TYR C 61 -59.96 32.09 1.41
C TYR C 61 -59.40 31.22 2.54
N ALA C 62 -60.21 30.25 3.04
CA ALA C 62 -59.84 29.34 4.12
C ALA C 62 -58.46 28.70 3.90
N ALA C 63 -58.20 28.22 2.67
CA ALA C 63 -56.94 27.59 2.27
C ALA C 63 -55.79 28.58 2.29
N GLU C 64 -56.00 29.82 1.76
CA GLU C 64 -54.95 30.84 1.77
C GLU C 64 -54.52 31.16 3.19
N ILE C 65 -55.47 31.14 4.16
CA ILE C 65 -55.18 31.36 5.57
C ILE C 65 -54.26 30.26 6.11
N GLY C 66 -54.52 29.01 5.70
CA GLY C 66 -53.70 27.86 6.07
C GLY C 66 -52.26 28.01 5.60
N ILE C 67 -52.10 28.45 4.32
CA ILE C 67 -50.81 28.72 3.68
C ILE C 67 -50.11 29.81 4.46
N GLN C 68 -50.86 30.81 4.94
CA GLN C 68 -50.31 31.91 5.75
C GLN C 68 -49.73 31.43 7.06
N TYR C 69 -50.31 30.37 7.68
CA TYR C 69 -49.72 29.81 8.90
C TYR C 69 -48.41 29.12 8.52
N ILE C 70 -48.40 28.32 7.42
CA ILE C 70 -47.19 27.65 6.91
C ILE C 70 -46.10 28.70 6.74
N SER C 71 -46.45 29.86 6.15
CA SER C 71 -45.56 30.98 5.92
C SER C 71 -44.88 31.44 7.20
N THR C 72 -45.66 31.60 8.29
CA THR C 72 -45.11 32.02 9.58
C THR C 72 -44.20 30.95 10.12
N ALA C 73 -44.61 29.67 10.00
CA ALA C 73 -43.86 28.53 10.48
C ALA C 73 -42.52 28.33 9.75
N LEU C 74 -42.47 28.52 8.42
CA LEU C 74 -41.25 28.32 7.62
C LEU C 74 -40.30 29.49 7.61
N GLY C 75 -40.84 30.69 7.47
CA GLY C 75 -39.99 31.87 7.46
C GLY C 75 -40.60 33.12 6.89
N SER C 76 -40.40 34.24 7.66
CA SER C 76 -40.86 35.60 7.34
C SER C 76 -40.75 35.84 5.79
N GLU C 77 -39.54 35.49 5.25
CA GLU C 77 -39.05 35.66 3.87
C GLU C 77 -38.38 34.42 3.23
N ARG C 78 -38.28 33.31 3.99
CA ARG C 78 -37.68 32.06 3.52
C ARG C 78 -38.60 31.46 2.47
N VAL C 79 -39.89 31.80 2.56
CA VAL C 79 -40.92 31.31 1.68
C VAL C 79 -40.66 31.72 0.23
N GLN C 80 -40.27 33.00 0.01
CA GLN C 80 -39.95 33.51 -1.33
C GLN C 80 -38.92 32.60 -2.00
N GLN C 81 -37.89 32.18 -1.24
CA GLN C 81 -36.84 31.29 -1.71
C GLN C 81 -37.45 30.00 -2.27
N ILE C 82 -38.32 29.36 -1.48
CA ILE C 82 -38.99 28.10 -1.85
C ILE C 82 -39.75 28.24 -3.17
N LEU C 83 -40.58 29.30 -3.27
CA LEU C 83 -41.43 29.58 -4.43
C LEU C 83 -40.61 29.84 -5.67
N ARG C 84 -39.53 30.61 -5.53
CA ARG C 84 -38.59 30.93 -6.61
C ARG C 84 -37.94 29.64 -7.11
N ASN C 85 -37.54 28.77 -6.18
CA ASN C 85 -36.90 27.51 -6.47
C ASN C 85 -37.86 26.43 -6.97
N SER C 86 -39.18 26.65 -6.86
CA SER C 86 -40.13 25.67 -7.37
C SER C 86 -40.27 25.77 -8.91
N GLY C 87 -39.73 26.84 -9.48
CA GLY C 87 -39.76 27.13 -10.92
C GLY C 87 -40.57 28.36 -11.27
N SER C 88 -41.40 28.82 -10.32
CA SER C 88 -42.27 29.98 -10.47
C SER C 88 -41.53 31.25 -10.05
N GLU C 89 -41.57 32.24 -10.90
CA GLU C 89 -40.90 33.50 -10.65
C GLU C 89 -41.83 34.50 -9.94
N VAL C 90 -42.91 33.99 -9.30
CA VAL C 90 -43.90 34.75 -8.55
C VAL C 90 -43.24 35.60 -7.42
N GLN C 91 -43.78 36.81 -7.12
CA GLN C 91 -43.29 37.69 -6.05
C GLN C 91 -44.20 37.61 -4.85
N VAL C 92 -43.63 37.76 -3.66
CA VAL C 92 -44.39 37.67 -2.42
C VAL C 92 -44.80 39.03 -1.90
N VAL C 93 -45.87 39.07 -1.11
CA VAL C 93 -46.37 40.31 -0.50
C VAL C 93 -46.62 40.09 0.98
N LEU C 94 -45.85 40.82 1.83
CA LEU C 94 -45.94 40.67 3.29
C LEU C 94 -47.18 41.32 3.85
N THR C 95 -48.03 40.48 4.43
CA THR C 95 -49.30 40.85 5.03
C THR C 95 -49.11 41.70 6.26
N ARG C 96 -49.89 42.79 6.38
CA ARG C 96 -49.81 43.78 7.45
C ARG C 96 -51.01 43.76 8.42
N THR C 97 -51.02 44.69 9.39
CA THR C 97 -52.09 44.82 10.38
C THR C 97 -52.77 46.18 10.29
N TYR C 98 -54.07 46.21 10.62
CA TYR C 98 -54.93 47.40 10.64
C TYR C 98 -55.92 47.34 11.81
N GLN C 112 -55.21 45.29 15.18
CA GLN C 112 -56.55 44.73 15.49
C GLN C 112 -56.89 43.59 14.55
N MET C 113 -56.65 43.77 13.22
CA MET C 113 -56.92 42.79 12.16
C MET C 113 -55.73 42.55 11.24
N LEU C 114 -55.88 41.57 10.33
CA LEU C 114 -54.84 41.18 9.37
C LEU C 114 -55.22 41.52 7.95
N ASP C 115 -54.33 42.22 7.24
CA ASP C 115 -54.51 42.60 5.84
C ASP C 115 -53.70 41.66 4.97
N ILE C 116 -54.34 40.58 4.54
CA ILE C 116 -53.69 39.56 3.75
C ILE C 116 -53.85 39.85 2.26
N HIS C 117 -52.71 39.84 1.52
CA HIS C 117 -52.70 40.10 0.10
C HIS C 117 -53.50 39.06 -0.69
N GLY C 118 -54.45 39.55 -1.47
CA GLY C 118 -55.34 38.72 -2.29
C GLY C 118 -56.62 38.34 -1.57
N VAL C 119 -56.61 38.46 -0.23
CA VAL C 119 -57.75 38.17 0.62
C VAL C 119 -58.49 39.46 0.93
N GLU C 120 -59.77 39.50 0.52
CA GLU C 120 -60.68 40.64 0.70
C GLU C 120 -60.73 41.01 2.16
N LYS C 121 -60.56 42.32 2.46
CA LYS C 121 -60.62 42.82 3.84
C LYS C 121 -62.00 42.47 4.43
N SER C 122 -63.06 42.60 3.60
CA SER C 122 -64.45 42.27 3.92
C SER C 122 -64.60 40.82 4.44
N TRP C 123 -63.90 39.87 3.80
CA TRP C 123 -63.94 38.46 4.16
C TRP C 123 -63.33 38.21 5.53
N VAL C 124 -62.15 38.81 5.80
CA VAL C 124 -61.42 38.73 7.06
C VAL C 124 -62.33 39.21 8.20
N GLU C 125 -62.97 40.36 8.01
CA GLU C 125 -63.87 40.97 8.98
C GLU C 125 -65.10 40.13 9.21
N GLU C 126 -65.66 39.50 8.14
CA GLU C 126 -66.82 38.62 8.21
C GLU C 126 -66.51 37.43 9.10
N ILE C 127 -65.37 36.75 8.83
CA ILE C 127 -64.91 35.57 9.58
C ILE C 127 -64.78 35.91 11.05
N ASP C 128 -64.13 37.04 11.34
CA ASP C 128 -63.95 37.51 12.72
C ASP C 128 -65.29 37.81 13.39
N LYS C 129 -66.13 38.65 12.75
CA LYS C 129 -67.44 39.06 13.23
C LYS C 129 -68.33 37.87 13.56
N GLU C 130 -68.48 36.95 12.60
CA GLU C 130 -69.29 35.76 12.74
C GLU C 130 -68.82 34.88 13.91
N ALA C 131 -67.50 34.73 14.08
CA ALA C 131 -66.91 33.94 15.16
C ALA C 131 -67.18 34.54 16.53
N ARG C 132 -67.07 35.87 16.64
CA ARG C 132 -67.32 36.60 17.90
C ARG C 132 -68.78 36.46 18.31
N LYS C 133 -69.70 36.52 17.31
CA LYS C 133 -71.14 36.36 17.48
C LYS C 133 -71.44 34.98 18.07
N THR C 134 -70.81 33.93 17.52
CA THR C 134 -70.96 32.54 17.95
C THR C 134 -70.37 32.39 19.37
N MET C 135 -69.24 33.04 19.67
CA MET C 135 -68.61 32.98 20.99
C MET C 135 -69.52 33.57 22.08
N ALA C 136 -70.18 34.70 21.77
CA ALA C 136 -71.10 35.39 22.65
C ALA C 136 -72.35 34.56 22.98
N THR C 137 -72.96 33.95 21.94
CA THR C 137 -74.15 33.09 22.02
C THR C 137 -73.86 31.91 22.95
N LEU C 138 -72.76 31.20 22.70
CA LEU C 138 -72.29 30.03 23.44
C LEU C 138 -71.84 30.32 24.86
N LEU C 139 -71.15 31.45 25.11
CA LEU C 139 -70.70 31.83 26.44
C LEU C 139 -71.86 32.10 27.39
N LYS C 140 -73.00 32.57 26.85
CA LYS C 140 -74.24 32.81 27.59
C LYS C 140 -74.83 31.45 28.07
N GLU C 141 -74.83 30.43 27.16
CA GLU C 141 -75.34 29.06 27.38
C GLU C 141 -74.46 28.28 28.39
N SER C 142 -73.11 28.30 28.16
CA SER C 142 -72.02 27.68 28.94
C SER C 142 -71.87 28.29 30.35
N SER C 143 -72.60 29.40 30.60
CA SER C 143 -72.64 30.19 31.83
C SER C 143 -71.24 30.75 32.10
N GLY C 144 -70.69 31.40 31.07
CA GLY C 144 -69.38 32.02 31.04
C GLY C 144 -68.21 31.04 30.99
N ASN C 145 -68.49 29.73 30.84
CA ASN C 145 -67.46 28.69 30.87
C ASN C 145 -67.18 27.99 29.52
N ILE C 146 -66.13 28.48 28.81
CA ILE C 146 -65.62 27.90 27.57
C ILE C 146 -64.14 27.54 27.82
N PRO C 147 -63.81 26.23 27.86
CA PRO C 147 -62.40 25.84 28.10
C PRO C 147 -61.50 26.18 26.93
N GLN C 148 -60.20 26.33 27.21
CA GLN C 148 -59.18 26.72 26.22
C GLN C 148 -59.25 25.95 24.89
N ASN C 149 -59.37 24.62 25.00
CA ASN C 149 -59.42 23.64 23.90
C ASN C 149 -60.62 23.83 22.94
N GLN C 150 -61.61 24.62 23.33
CA GLN C 150 -62.79 24.85 22.49
C GLN C 150 -62.80 26.23 21.87
N ARG C 151 -61.84 27.09 22.27
CA ARG C 151 -61.74 28.46 21.77
C ARG C 151 -60.94 28.54 20.46
N PRO C 152 -61.24 29.54 19.59
CA PRO C 152 -60.45 29.70 18.33
C PRO C 152 -58.98 30.04 18.57
N SER C 153 -58.65 30.39 19.81
CA SER C 153 -57.30 30.74 20.28
C SER C 153 -56.37 29.53 20.46
N ALA C 154 -56.93 28.29 20.57
CA ALA C 154 -56.16 27.06 20.75
C ALA C 154 -55.06 26.94 19.67
N PRO C 155 -53.80 26.69 20.09
CA PRO C 155 -52.67 26.70 19.13
C PRO C 155 -52.67 25.66 18.01
N ASP C 156 -53.42 24.58 18.16
CA ASP C 156 -53.51 23.51 17.18
C ASP C 156 -54.53 23.74 16.06
N THR C 157 -55.33 24.84 16.15
CA THR C 157 -56.36 25.19 15.16
C THR C 157 -55.77 25.35 13.72
N PRO C 158 -54.57 25.97 13.51
CA PRO C 158 -54.04 26.03 12.15
C PRO C 158 -53.69 24.65 11.60
N ILE C 159 -53.15 23.77 12.47
CA ILE C 159 -52.78 22.41 12.11
C ILE C 159 -54.03 21.63 11.69
N ILE C 160 -55.13 21.76 12.46
CA ILE C 160 -56.43 21.12 12.16
C ILE C 160 -56.90 21.54 10.77
N LEU C 161 -56.83 22.85 10.49
CA LEU C 161 -57.20 23.45 9.20
C LEU C 161 -56.39 22.81 8.07
N LEU C 162 -55.06 22.69 8.28
CA LEU C 162 -54.13 22.13 7.31
C LEU C 162 -54.29 20.64 7.13
N CYS C 163 -54.82 19.94 8.13
CA CYS C 163 -55.08 18.50 8.07
C CYS C 163 -56.20 18.20 7.07
N VAL C 164 -57.18 19.11 6.94
CA VAL C 164 -58.26 19.00 5.95
C VAL C 164 -57.61 19.19 4.56
N GLY C 165 -56.64 20.11 4.49
CA GLY C 165 -55.86 20.36 3.29
C GLY C 165 -55.00 19.18 2.91
N ALA C 166 -54.47 18.47 3.93
CA ALA C 166 -53.63 17.28 3.76
C ALA C 166 -54.44 16.13 3.14
N LEU C 167 -55.70 16.00 3.55
CA LEU C 167 -56.60 14.96 3.03
C LEU C 167 -56.97 15.23 1.59
N ILE C 168 -57.12 16.51 1.20
CA ILE C 168 -57.41 16.86 -0.19
C ILE C 168 -56.13 16.77 -1.02
N PHE C 169 -54.98 16.92 -0.35
CA PHE C 169 -53.67 16.82 -0.97
C PHE C 169 -53.46 15.38 -1.41
N THR C 170 -53.84 14.38 -0.57
CA THR C 170 -53.74 12.97 -0.93
C THR C 170 -54.56 12.68 -2.21
N LYS C 171 -55.82 13.15 -2.29
CA LYS C 171 -56.66 12.89 -3.46
C LYS C 171 -56.58 14.01 -4.50
N LEU C 172 -55.37 14.52 -4.75
CA LEU C 172 -55.15 15.52 -5.79
C LEU C 172 -54.99 14.80 -7.13
N ALA C 173 -54.75 13.48 -7.07
CA ALA C 173 -54.57 12.57 -8.21
C ALA C 173 -55.86 12.32 -8.97
N SER C 174 -57.02 12.49 -8.31
CA SER C 174 -58.34 12.25 -8.92
C SER C 174 -59.17 13.55 -9.10
N THR C 175 -60.53 13.42 -9.22
CA THR C 175 -61.50 14.53 -9.39
C THR C 175 -61.47 15.46 -8.18
N ILE C 176 -61.98 16.69 -8.35
CA ILE C 176 -62.16 17.69 -7.30
C ILE C 176 -63.24 17.10 -6.39
N GLU C 177 -64.14 16.34 -7.02
CA GLU C 177 -65.24 15.64 -6.42
C GLU C 177 -64.76 14.46 -5.56
N VAL C 178 -64.09 13.43 -6.17
CA VAL C 178 -63.61 12.21 -5.48
C VAL C 178 -62.93 12.53 -4.17
N GLY C 179 -62.06 13.54 -4.21
CA GLY C 179 -61.29 14.05 -3.08
C GLY C 179 -62.16 14.50 -1.92
N LEU C 180 -63.26 15.18 -2.22
CA LEU C 180 -64.19 15.67 -1.20
C LEU C 180 -64.85 14.54 -0.42
N GLU C 181 -65.16 13.43 -1.11
CA GLU C 181 -65.76 12.25 -0.49
C GLU C 181 -64.82 11.72 0.54
N THR C 182 -63.64 11.32 0.05
CA THR C 182 -62.53 10.75 0.80
C THR C 182 -62.18 11.66 1.98
N THR C 183 -62.02 12.99 1.73
CA THR C 183 -61.70 14.00 2.74
C THR C 183 -62.74 13.94 3.85
N VAL C 184 -64.02 14.04 3.52
CA VAL C 184 -65.10 14.02 4.49
C VAL C 184 -65.10 12.72 5.33
N ARG C 185 -65.08 11.56 4.66
CA ARG C 185 -65.10 10.23 5.27
C ARG C 185 -64.00 10.08 6.31
N ARG C 186 -62.75 10.28 5.87
CA ARG C 186 -61.56 10.15 6.68
C ARG C 186 -61.48 11.21 7.76
N ALA C 187 -61.90 12.45 7.46
CA ALA C 187 -61.87 13.55 8.43
C ALA C 187 -62.69 13.22 9.64
N ASN C 188 -63.80 12.50 9.44
CA ASN C 188 -64.69 12.08 10.52
C ASN C 188 -64.01 11.16 11.51
N ARG C 189 -63.18 10.25 11.01
CA ARG C 189 -62.48 9.27 11.83
C ARG C 189 -61.19 9.85 12.41
N VAL C 190 -60.44 10.53 11.55
CA VAL C 190 -59.14 11.14 11.82
C VAL C 190 -59.24 12.38 12.73
N LEU C 191 -60.04 13.39 12.34
CA LEU C 191 -60.20 14.63 13.08
C LEU C 191 -61.38 14.56 14.05
N SER C 192 -61.68 13.34 14.51
CA SER C 192 -62.73 12.96 15.44
C SER C 192 -62.84 13.96 16.59
N ASP C 193 -61.75 14.12 17.34
CA ASP C 193 -61.65 14.95 18.54
C ASP C 193 -61.66 16.43 18.26
N ALA C 194 -61.09 16.85 17.12
CA ALA C 194 -61.07 18.24 16.69
C ALA C 194 -62.50 18.70 16.42
N LEU C 195 -63.28 17.84 15.77
CA LEU C 195 -64.67 18.04 15.44
C LEU C 195 -65.53 18.13 16.71
N LYS C 196 -65.11 17.46 17.79
CA LYS C 196 -65.81 17.51 19.08
C LYS C 196 -65.73 18.92 19.64
N ARG C 197 -64.54 19.55 19.54
CA ARG C 197 -64.30 20.90 20.03
C ARG C 197 -64.79 22.01 19.09
N TYR C 198 -64.69 21.79 17.78
CA TYR C 198 -65.14 22.78 16.77
C TYR C 198 -66.13 22.07 15.86
N PRO C 199 -67.38 21.87 16.32
CA PRO C 199 -68.35 21.12 15.51
C PRO C 199 -68.89 21.92 14.34
N ARG C 200 -68.51 23.19 14.30
CA ARG C 200 -68.92 24.15 13.30
C ARG C 200 -68.01 24.18 12.08
N MET C 201 -66.92 23.38 12.10
CA MET C 201 -66.01 23.32 10.97
C MET C 201 -66.67 22.61 9.78
N ASP C 202 -66.81 23.35 8.67
CA ASP C 202 -67.43 22.87 7.44
C ASP C 202 -66.35 22.24 6.60
N ILE C 203 -66.08 20.96 6.87
CA ILE C 203 -65.07 20.17 6.18
C ILE C 203 -65.21 20.28 4.64
N PRO C 204 -66.42 20.08 4.06
CA PRO C 204 -66.55 20.17 2.59
C PRO C 204 -66.18 21.50 1.95
N LYS C 205 -66.51 22.62 2.62
CA LYS C 205 -66.19 23.95 2.09
C LYS C 205 -64.71 24.26 2.26
N ILE C 206 -64.13 23.89 3.43
CA ILE C 206 -62.71 24.07 3.71
C ILE C 206 -61.92 23.25 2.71
N ALA C 207 -62.29 21.97 2.52
CA ALA C 207 -61.63 21.08 1.57
C ALA C 207 -61.75 21.56 0.13
N ARG C 208 -62.86 22.24 -0.22
CA ARG C 208 -63.03 22.79 -1.56
C ARG C 208 -62.08 23.94 -1.79
N SER C 209 -61.89 24.82 -0.76
CA SER C 209 -60.96 25.97 -0.79
C SER C 209 -59.53 25.51 -1.08
N PHE C 210 -59.12 24.38 -0.45
CA PHE C 210 -57.83 23.76 -0.62
C PHE C 210 -57.69 23.18 -2.01
N TYR C 211 -58.73 22.52 -2.55
CA TYR C 211 -58.62 22.01 -3.93
C TYR C 211 -58.43 23.16 -4.91
N ASP C 212 -59.25 24.19 -4.77
CA ASP C 212 -59.18 25.37 -5.63
C ASP C 212 -57.78 25.98 -5.57
N LEU C 213 -57.24 26.17 -4.35
CA LEU C 213 -55.89 26.73 -4.12
C LEU C 213 -54.78 25.93 -4.79
N PHE C 214 -54.75 24.60 -4.57
CA PHE C 214 -53.74 23.71 -5.14
C PHE C 214 -53.78 23.66 -6.63
N GLU C 215 -54.97 23.89 -7.21
CA GLU C 215 -55.14 23.88 -8.65
C GLU C 215 -54.69 25.20 -9.27
N GLN C 216 -55.02 26.35 -8.62
CA GLN C 216 -54.66 27.68 -9.11
C GLN C 216 -53.20 28.06 -8.81
N LYS C 217 -52.81 28.06 -7.52
CA LYS C 217 -51.46 28.41 -7.12
C LYS C 217 -50.62 27.14 -7.00
N VAL C 218 -50.19 26.58 -8.16
CA VAL C 218 -49.42 25.34 -8.25
C VAL C 218 -48.16 25.33 -7.38
N TYR C 219 -47.51 26.50 -7.22
CA TYR C 219 -46.30 26.64 -6.39
C TYR C 219 -46.59 26.34 -4.92
N HIS C 220 -47.84 26.52 -4.47
CA HIS C 220 -48.22 26.20 -3.09
C HIS C 220 -48.25 24.69 -2.81
N ARG C 221 -48.22 23.86 -3.86
CA ARG C 221 -48.17 22.41 -3.73
C ARG C 221 -46.82 22.05 -3.13
N SER C 222 -45.72 22.61 -3.71
CA SER C 222 -44.36 22.34 -3.21
C SER C 222 -44.06 23.11 -1.92
N LEU C 223 -44.83 24.17 -1.61
CA LEU C 223 -44.68 24.89 -0.34
C LEU C 223 -45.25 24.00 0.77
N PHE C 224 -46.39 23.32 0.49
CA PHE C 224 -47.06 22.38 1.39
C PHE C 224 -46.14 21.21 1.66
N ILE C 225 -45.47 20.70 0.61
CA ILE C 225 -44.49 19.62 0.67
C ILE C 225 -43.32 20.02 1.56
N GLU C 226 -42.81 21.26 1.41
CA GLU C 226 -41.72 21.76 2.23
C GLU C 226 -42.11 21.92 3.69
N TYR C 227 -43.39 22.24 3.97
CA TYR C 227 -43.89 22.33 5.33
C TYR C 227 -43.90 20.94 5.94
N GLY C 228 -44.38 19.98 5.16
CA GLY C 228 -44.45 18.57 5.53
C GLY C 228 -43.08 18.02 5.82
N LYS C 229 -42.12 18.24 4.89
CA LYS C 229 -40.71 17.83 5.03
C LYS C 229 -40.10 18.41 6.31
N ALA C 230 -40.30 19.75 6.53
CA ALA C 230 -39.81 20.48 7.70
C ALA C 230 -40.39 19.95 9.01
N LEU C 231 -41.72 19.76 9.04
CA LEU C 231 -42.47 19.22 10.20
C LEU C 231 -42.03 17.80 10.52
N GLY C 232 -41.80 17.01 9.48
CA GLY C 232 -41.33 15.65 9.62
C GLY C 232 -39.98 15.57 10.27
N SER C 233 -39.19 16.62 10.16
CA SER C 233 -37.87 16.62 10.75
C SER C 233 -37.84 16.89 12.25
N SER C 234 -38.64 17.86 12.76
CA SER C 234 -38.63 18.29 14.17
C SER C 234 -38.63 17.21 15.26
N SER C 235 -37.93 17.56 16.38
CA SER C 235 -37.75 16.70 17.56
C SER C 235 -39.06 16.48 18.32
N THR C 236 -39.78 17.59 18.62
CA THR C 236 -41.06 17.53 19.32
C THR C 236 -42.16 18.12 18.47
N GLY C 237 -43.15 17.29 18.19
CA GLY C 237 -44.30 17.70 17.41
C GLY C 237 -45.54 17.67 18.25
N SER C 238 -46.58 18.34 17.77
CA SER C 238 -47.87 18.37 18.43
C SER C 238 -48.56 17.04 18.10
N LYS C 239 -49.66 16.74 18.81
CA LYS C 239 -50.49 15.57 18.55
C LYS C 239 -51.13 15.77 17.14
N ALA C 240 -51.55 17.02 16.84
CA ALA C 240 -52.13 17.48 15.57
C ALA C 240 -51.10 17.46 14.45
N GLU C 241 -49.87 17.87 14.76
CA GLU C 241 -48.74 17.90 13.82
C GLU C 241 -48.36 16.51 13.38
N SER C 242 -48.25 15.60 14.35
CA SER C 242 -47.93 14.19 14.09
C SER C 242 -49.01 13.51 13.24
N LEU C 243 -50.23 14.03 13.27
CA LEU C 243 -51.31 13.52 12.44
C LEU C 243 -51.10 14.01 11.01
N PHE C 244 -50.83 15.32 10.84
CA PHE C 244 -50.64 15.95 9.54
C PHE C 244 -49.65 15.19 8.67
N VAL C 245 -48.47 14.89 9.21
CA VAL C 245 -47.42 14.17 8.49
C VAL C 245 -47.88 12.77 8.11
N ASN C 246 -48.63 12.11 9.02
CA ASN C 246 -49.14 10.77 8.79
C ASN C 246 -50.19 10.73 7.67
N ILE C 247 -50.90 11.85 7.44
CA ILE C 247 -51.85 11.98 6.31
C ILE C 247 -50.99 12.17 5.05
N PHE C 248 -49.98 13.05 5.14
CA PHE C 248 -49.00 13.40 4.10
C PHE C 248 -48.24 12.18 3.61
N MET C 249 -47.98 11.21 4.50
CA MET C 249 -47.25 9.98 4.15
C MET C 249 -48.07 9.04 3.30
N GLN C 250 -49.37 8.88 3.65
CA GLN C 250 -50.33 8.04 2.92
C GLN C 250 -50.55 8.59 1.49
N ALA C 251 -50.02 9.82 1.25
CA ALA C 251 -50.03 10.53 -0.02
C ALA C 251 -48.77 10.26 -0.84
N TYR C 252 -47.79 9.49 -0.30
CA TYR C 252 -46.55 9.28 -1.02
C TYR C 252 -46.72 8.57 -2.36
N GLY C 253 -47.38 7.42 -2.40
CA GLY C 253 -47.61 6.71 -3.65
C GLY C 253 -48.69 7.36 -4.50
N ALA C 254 -48.45 8.61 -4.90
CA ALA C 254 -49.37 9.44 -5.66
C ALA C 254 -49.23 9.12 -7.12
N GLY C 255 -50.34 8.80 -7.77
CA GLY C 255 -50.36 8.51 -9.19
C GLY C 255 -49.56 7.31 -9.65
N GLN C 256 -48.87 6.65 -8.70
CA GLN C 256 -48.05 5.49 -9.01
C GLN C 256 -48.71 4.21 -8.50
N THR C 257 -50.03 4.27 -8.18
CA THR C 257 -50.83 3.15 -7.68
C THR C 257 -50.61 1.88 -8.50
N MET C 258 -50.36 2.04 -9.79
CA MET C 258 -50.10 0.96 -10.71
C MET C 258 -48.82 0.20 -10.40
N LEU C 259 -47.73 0.92 -10.08
CA LEU C 259 -46.43 0.31 -9.74
C LEU C 259 -46.50 -0.46 -8.43
N ARG C 260 -47.22 0.10 -7.44
CA ARG C 260 -47.36 -0.56 -6.14
C ARG C 260 -48.23 -1.82 -6.25
N TRP C 261 -49.24 -1.78 -7.12
CA TRP C 261 -50.09 -2.95 -7.37
C TRP C 261 -49.33 -4.00 -8.20
N GLY C 262 -48.30 -3.52 -8.88
CA GLY C 262 -47.39 -4.32 -9.68
C GLY C 262 -46.58 -5.23 -8.78
N VAL C 263 -46.05 -4.68 -7.66
CA VAL C 263 -45.30 -5.48 -6.70
C VAL C 263 -46.21 -6.49 -6.02
N ILE C 264 -47.49 -6.09 -5.79
CA ILE C 264 -48.52 -6.94 -5.21
C ILE C 264 -48.79 -8.16 -6.08
N ALA C 265 -48.82 -7.96 -7.41
CA ALA C 265 -49.00 -9.04 -8.37
C ALA C 265 -47.85 -10.07 -8.28
N ARG C 266 -46.61 -9.60 -8.07
CA ARG C 266 -45.40 -10.45 -7.90
C ARG C 266 -45.50 -11.20 -6.57
N SER C 267 -45.87 -10.49 -5.49
CA SER C 267 -46.02 -11.05 -4.14
C SER C 267 -47.10 -12.13 -4.11
N SER C 268 -48.15 -11.96 -4.94
CA SER C 268 -49.27 -12.91 -5.06
C SER C 268 -48.87 -14.12 -5.90
N ASN C 269 -47.74 -14.00 -6.64
CA ASN C 269 -47.20 -15.02 -7.55
C ASN C 269 -48.27 -15.43 -8.56
N ASN C 270 -48.92 -14.41 -9.16
CA ASN C 270 -49.95 -14.59 -10.16
C ASN C 270 -49.31 -15.18 -11.41
N ILE C 271 -49.74 -16.39 -11.77
CA ILE C 271 -49.27 -17.19 -12.90
C ILE C 271 -49.42 -16.48 -14.24
N MET C 272 -50.28 -15.46 -14.30
CA MET C 272 -50.47 -14.69 -15.51
C MET C 272 -49.28 -13.80 -15.82
N LEU C 273 -48.42 -13.52 -14.80
CA LEU C 273 -47.20 -12.75 -14.99
C LEU C 273 -46.20 -13.57 -15.79
N GLY C 274 -46.50 -14.86 -15.98
CA GLY C 274 -45.70 -15.81 -16.75
C GLY C 274 -46.17 -15.97 -18.18
N HIS C 275 -47.30 -15.32 -18.55
CA HIS C 275 -47.83 -15.37 -19.91
C HIS C 275 -46.80 -14.82 -20.89
N VAL C 276 -46.67 -15.47 -22.04
CA VAL C 276 -45.71 -15.12 -23.09
C VAL C 276 -45.79 -13.63 -23.53
N SER C 277 -47.02 -13.09 -23.68
CA SER C 277 -47.27 -11.71 -24.09
C SER C 277 -46.85 -10.71 -23.02
N VAL C 278 -46.94 -11.13 -21.75
CA VAL C 278 -46.54 -10.34 -20.59
C VAL C 278 -45.02 -10.40 -20.46
N GLN C 279 -44.43 -11.61 -20.66
CA GLN C 279 -42.99 -11.85 -20.61
C GLN C 279 -42.28 -10.94 -21.61
N ALA C 280 -42.92 -10.66 -22.77
CA ALA C 280 -42.38 -9.79 -23.82
C ALA C 280 -42.15 -8.34 -23.34
N GLU C 281 -42.94 -7.87 -22.36
CA GLU C 281 -42.88 -6.51 -21.83
C GLU C 281 -41.96 -6.33 -20.64
N LEU C 282 -41.34 -7.42 -20.20
CA LEU C 282 -40.45 -7.44 -19.04
C LEU C 282 -39.43 -6.32 -19.00
N LYS C 283 -38.68 -6.13 -20.11
CA LYS C 283 -37.65 -5.09 -20.15
C LYS C 283 -38.19 -3.69 -19.96
N GLN C 284 -39.40 -3.38 -20.50
CA GLN C 284 -40.01 -2.05 -20.32
C GLN C 284 -40.40 -1.86 -18.87
N VAL C 285 -41.06 -2.88 -18.28
CA VAL C 285 -41.51 -2.86 -16.89
C VAL C 285 -40.31 -2.61 -15.98
N THR C 286 -39.24 -3.39 -16.20
CA THR C 286 -38.01 -3.29 -15.44
C THR C 286 -37.46 -1.87 -15.50
N GLU C 287 -37.43 -1.30 -16.71
CA GLU C 287 -36.95 0.06 -16.96
C GLU C 287 -37.68 1.09 -16.11
N VAL C 288 -39.00 0.93 -15.93
CA VAL C 288 -39.78 1.87 -15.13
C VAL C 288 -39.39 1.78 -13.65
N TYR C 289 -39.32 0.55 -13.07
CA TYR C 289 -38.96 0.36 -11.65
C TYR C 289 -37.54 0.81 -11.31
N ASP C 290 -36.64 0.74 -12.32
CA ASP C 290 -35.24 1.14 -12.24
C ASP C 290 -35.07 2.65 -12.34
N LEU C 291 -36.04 3.31 -12.98
CA LEU C 291 -36.07 4.77 -13.04
C LEU C 291 -36.47 5.30 -11.67
N VAL C 292 -37.37 4.60 -10.94
CA VAL C 292 -37.80 4.97 -9.58
C VAL C 292 -36.59 5.01 -8.65
N ARG C 293 -35.73 4.00 -8.78
CA ARG C 293 -34.49 3.86 -8.01
C ARG C 293 -33.49 4.94 -8.40
N GLU C 294 -33.46 5.30 -9.71
CA GLU C 294 -32.58 6.34 -10.27
C GLU C 294 -32.97 7.74 -9.71
N MET C 295 -34.28 7.98 -9.54
CA MET C 295 -34.83 9.24 -9.06
C MET C 295 -34.87 9.35 -7.56
N GLY C 296 -34.84 8.18 -6.89
CA GLY C 296 -34.80 8.08 -5.44
C GLY C 296 -36.05 8.48 -4.69
N PRO C 297 -35.91 9.35 -3.65
CA PRO C 297 -37.07 9.65 -2.83
C PRO C 297 -38.08 10.60 -3.45
N GLU C 298 -37.61 11.50 -4.32
CA GLU C 298 -38.50 12.47 -4.93
C GLU C 298 -39.44 11.83 -5.93
N SER C 299 -39.10 10.62 -6.40
CA SER C 299 -39.86 9.84 -7.37
C SER C 299 -41.33 9.73 -7.02
N GLY C 300 -41.62 9.40 -5.77
CA GLY C 300 -42.97 9.22 -5.27
C GLY C 300 -43.87 10.44 -5.31
N LEU C 301 -43.39 11.57 -4.78
CA LEU C 301 -44.20 12.78 -4.77
C LEU C 301 -44.19 13.58 -6.10
N LEU C 302 -43.65 13.03 -7.20
CA LEU C 302 -43.58 13.69 -8.52
C LEU C 302 -44.95 14.08 -9.07
N HIS C 303 -45.90 13.14 -8.98
CA HIS C 303 -47.26 13.31 -9.45
C HIS C 303 -47.97 14.33 -8.58
N LEU C 304 -47.71 14.28 -7.26
CA LEU C 304 -48.28 15.20 -6.28
C LEU C 304 -47.89 16.66 -6.49
N ARG C 305 -46.65 16.90 -6.93
CA ARG C 305 -46.09 18.22 -7.22
C ARG C 305 -46.62 18.77 -8.55
N GLN C 306 -47.31 17.90 -9.35
CA GLN C 306 -47.83 18.17 -10.70
C GLN C 306 -46.62 18.46 -11.63
N SER C 307 -45.46 17.83 -11.31
CA SER C 307 -44.20 18.00 -12.01
C SER C 307 -44.29 17.53 -13.45
N PRO C 308 -43.79 18.33 -14.42
CA PRO C 308 -43.84 17.90 -15.83
C PRO C 308 -42.98 16.64 -16.06
N LYS C 309 -41.90 16.47 -15.25
CA LYS C 309 -40.99 15.32 -15.24
C LYS C 309 -41.78 13.99 -15.10
N ALA C 310 -42.83 13.98 -14.21
CA ALA C 310 -43.72 12.84 -13.94
C ALA C 310 -44.40 12.36 -15.18
N GLY C 311 -44.78 11.11 -15.18
CA GLY C 311 -45.39 10.54 -16.36
C GLY C 311 -44.39 9.67 -17.08
N LEU C 312 -43.09 9.79 -16.72
CA LEU C 312 -42.05 8.91 -17.26
C LEU C 312 -42.26 7.52 -16.62
N LEU C 313 -42.91 7.53 -15.44
CA LEU C 313 -43.29 6.39 -14.62
C LEU C 313 -44.67 5.84 -15.05
N SER C 314 -44.94 5.90 -16.37
CA SER C 314 -46.17 5.38 -16.91
C SER C 314 -45.97 3.98 -17.42
N LEU C 315 -46.98 3.15 -17.18
CA LEU C 315 -46.97 1.76 -17.59
C LEU C 315 -47.83 1.59 -18.85
N ALA C 316 -47.81 2.63 -19.71
CA ALA C 316 -48.50 2.69 -21.00
C ALA C 316 -47.81 1.74 -21.99
N ASN C 317 -46.46 1.69 -21.94
CA ASN C 317 -45.55 0.88 -22.76
C ASN C 317 -45.77 -0.63 -22.59
N CYS C 318 -46.42 -1.03 -21.48
CA CYS C 318 -46.70 -2.42 -21.12
C CYS C 318 -48.19 -2.67 -20.78
N PRO C 319 -49.06 -2.65 -21.80
CA PRO C 319 -50.49 -2.85 -21.58
C PRO C 319 -50.92 -4.23 -21.07
N ASN C 320 -50.24 -5.31 -21.51
CA ASN C 320 -50.54 -6.68 -21.09
C ASN C 320 -50.20 -6.91 -19.63
N PHE C 321 -49.10 -6.31 -19.16
CA PHE C 321 -48.66 -6.36 -17.77
C PHE C 321 -49.68 -5.64 -16.91
N ALA C 322 -50.08 -4.43 -17.32
CA ALA C 322 -51.07 -3.61 -16.64
C ALA C 322 -52.37 -4.39 -16.44
N SER C 323 -52.79 -5.13 -17.49
CA SER C 323 -54.00 -5.96 -17.50
C SER C 323 -53.93 -7.03 -16.41
N VAL C 324 -52.79 -7.70 -16.28
CA VAL C 324 -52.55 -8.74 -15.28
C VAL C 324 -52.56 -8.16 -13.87
N VAL C 325 -51.83 -7.03 -13.67
CA VAL C 325 -51.72 -6.31 -12.39
C VAL C 325 -53.10 -5.94 -11.87
N LEU C 326 -53.95 -5.39 -12.75
CA LEU C 326 -55.32 -4.97 -12.44
C LEU C 326 -56.21 -6.19 -12.15
N GLY C 327 -56.05 -7.25 -12.93
CA GLY C 327 -56.79 -8.49 -12.75
C GLY C 327 -56.54 -9.07 -11.38
N ASN C 328 -55.24 -9.16 -11.02
CA ASN C 328 -54.77 -9.63 -9.72
C ASN C 328 -55.39 -8.81 -8.59
N ALA C 329 -55.40 -7.46 -8.75
CA ALA C 329 -55.98 -6.53 -7.78
C ALA C 329 -57.48 -6.75 -7.63
N SER C 330 -58.16 -7.03 -8.76
CA SER C 330 -59.59 -7.31 -8.78
C SER C 330 -59.89 -8.60 -8.03
N GLY C 331 -59.13 -9.64 -8.33
CA GLY C 331 -59.25 -10.95 -7.71
C GLY C 331 -59.04 -10.93 -6.21
N LEU C 332 -58.05 -10.13 -5.75
CA LEU C 332 -57.78 -10.01 -4.32
C LEU C 332 -58.77 -9.06 -3.63
N GLY C 333 -59.52 -8.29 -4.43
CA GLY C 333 -60.53 -7.35 -3.97
C GLY C 333 -59.96 -6.05 -3.47
N ILE C 334 -58.97 -5.50 -4.17
CA ILE C 334 -58.30 -4.24 -3.83
C ILE C 334 -58.74 -3.14 -4.79
N ILE C 335 -58.87 -3.48 -6.08
CA ILE C 335 -59.21 -2.64 -7.23
C ILE C 335 -60.19 -1.49 -6.92
N GLY C 336 -61.19 -1.72 -6.07
CA GLY C 336 -62.18 -0.74 -5.68
C GLY C 336 -62.70 0.10 -6.82
N MET C 337 -62.59 1.44 -6.69
CA MET C 337 -63.07 2.39 -7.69
C MET C 337 -62.03 2.91 -8.66
N TYR C 338 -61.06 2.07 -9.03
CA TYR C 338 -59.99 2.47 -9.93
C TYR C 338 -60.46 2.45 -11.38
N ARG C 339 -60.44 3.63 -12.03
CA ARG C 339 -60.88 3.90 -13.41
C ARG C 339 -59.86 3.43 -14.49
N GLY C 340 -58.67 2.99 -14.07
CA GLY C 340 -57.60 2.56 -14.96
C GLY C 340 -58.06 1.58 -16.02
N ARG C 341 -57.94 1.98 -17.30
CA ARG C 341 -58.35 1.23 -18.48
C ARG C 341 -57.67 -0.14 -18.57
N VAL C 342 -58.41 -1.15 -19.02
CA VAL C 342 -57.91 -2.52 -19.14
C VAL C 342 -57.72 -2.88 -20.61
N PRO C 343 -56.46 -2.88 -21.08
CA PRO C 343 -56.18 -3.17 -22.50
C PRO C 343 -56.54 -4.60 -22.89
N ASN C 344 -56.01 -5.59 -22.15
CA ASN C 344 -56.27 -7.00 -22.43
C ASN C 344 -57.26 -7.58 -21.44
N THR C 345 -58.54 -7.56 -21.82
CA THR C 345 -59.66 -8.06 -21.04
C THR C 345 -59.52 -9.55 -20.73
N GLU C 346 -58.97 -10.32 -21.70
CA GLU C 346 -58.73 -11.75 -21.60
C GLU C 346 -57.76 -12.03 -20.43
N LEU C 347 -56.55 -11.43 -20.45
CA LEU C 347 -55.52 -11.59 -19.42
C LEU C 347 -56.01 -11.16 -18.06
N PHE C 348 -56.79 -10.07 -18.01
CA PHE C 348 -57.36 -9.53 -16.78
C PHE C 348 -58.21 -10.57 -16.08
N SER C 349 -59.16 -11.17 -16.82
CA SER C 349 -60.09 -12.16 -16.30
C SER C 349 -59.37 -13.37 -15.75
N ALA C 350 -58.32 -13.82 -16.45
CA ALA C 350 -57.50 -14.96 -16.06
C ALA C 350 -56.75 -14.69 -14.76
N ALA C 351 -56.08 -13.52 -14.67
CA ALA C 351 -55.32 -13.11 -13.50
C ALA C 351 -56.27 -12.99 -12.29
N GLU C 352 -57.49 -12.50 -12.53
CA GLU C 352 -58.54 -12.32 -11.55
C GLU C 352 -58.99 -13.66 -10.96
N SER C 353 -59.18 -14.66 -11.83
CA SER C 353 -59.60 -16.00 -11.45
C SER C 353 -58.58 -16.65 -10.54
N TYR C 354 -57.29 -16.58 -10.94
CA TYR C 354 -56.19 -17.14 -10.17
C TYR C 354 -56.10 -16.49 -8.80
N ALA C 355 -56.15 -15.15 -8.75
CA ALA C 355 -56.07 -14.38 -7.52
C ALA C 355 -57.22 -14.67 -6.58
N LYS C 356 -58.43 -14.93 -7.12
CA LYS C 356 -59.60 -15.26 -6.30
C LYS C 356 -59.42 -16.63 -5.65
N SER C 357 -58.84 -17.59 -6.40
CA SER C 357 -58.56 -18.96 -5.93
C SER C 357 -57.47 -18.94 -4.87
N LEU C 358 -56.47 -18.06 -5.07
CA LEU C 358 -55.34 -17.83 -4.18
C LEU C 358 -55.87 -17.27 -2.85
N LYS C 359 -56.73 -16.24 -2.94
CA LYS C 359 -57.39 -15.50 -1.84
C LYS C 359 -58.01 -16.44 -0.82
N GLU C 360 -58.77 -17.42 -1.28
CA GLU C 360 -59.44 -18.39 -0.41
C GLU C 360 -58.52 -19.47 0.16
N SER C 361 -57.60 -19.99 -0.68
CA SER C 361 -56.67 -21.07 -0.32
C SER C 361 -55.66 -20.74 0.77
N SER D 2 -36.85 -14.51 -13.77
CA SER D 2 -36.80 -13.46 -14.79
C SER D 2 -37.47 -12.18 -14.27
N LEU D 3 -38.57 -12.36 -13.51
CA LEU D 3 -39.43 -11.34 -12.90
C LEU D 3 -38.80 -10.64 -11.66
N GLN D 4 -37.57 -10.13 -11.80
CA GLN D 4 -36.81 -9.47 -10.73
C GLN D 4 -36.82 -7.97 -11.10
N GLY D 5 -36.45 -7.10 -10.26
CA GLY D 5 -36.61 -5.71 -10.67
C GLY D 5 -37.93 -5.12 -10.26
N ILE D 6 -38.91 -5.96 -9.84
CA ILE D 6 -40.19 -5.45 -9.36
C ILE D 6 -40.09 -5.15 -7.85
N HIS D 7 -39.48 -4.02 -7.49
CA HIS D 7 -39.21 -3.68 -6.09
C HIS D 7 -39.04 -2.17 -5.85
N LEU D 8 -39.70 -1.68 -4.79
CA LEU D 8 -39.69 -0.28 -4.37
C LEU D 8 -39.26 -0.24 -2.90
N SER D 9 -38.22 0.54 -2.58
CA SER D 9 -37.77 0.63 -1.18
C SER D 9 -38.41 1.84 -0.45
N ASP D 10 -39.73 2.00 -0.68
CA ASP D 10 -40.60 3.08 -0.23
C ASP D 10 -40.32 3.60 1.16
N LEU D 11 -40.22 2.73 2.18
CA LEU D 11 -40.02 3.17 3.56
C LEU D 11 -38.74 3.95 3.77
N SER D 12 -37.64 3.55 3.10
CA SER D 12 -36.36 4.26 3.20
C SER D 12 -36.50 5.66 2.61
N TYR D 13 -37.13 5.76 1.40
CA TYR D 13 -37.40 7.00 0.69
C TYR D 13 -38.27 7.91 1.53
N LYS D 14 -39.30 7.33 2.19
CA LYS D 14 -40.23 8.01 3.08
C LYS D 14 -39.45 8.73 4.17
N HIS D 15 -38.43 8.07 4.74
CA HIS D 15 -37.57 8.65 5.76
C HIS D 15 -36.63 9.67 5.17
N ALA D 16 -36.01 9.33 4.03
CA ALA D 16 -35.06 10.18 3.31
C ALA D 16 -35.62 11.59 2.99
N ILE D 17 -36.93 11.68 2.75
CA ILE D 17 -37.64 12.91 2.46
C ILE D 17 -37.72 13.79 3.70
N LEU D 18 -37.70 13.20 4.90
CA LEU D 18 -37.77 13.92 6.18
C LEU D 18 -36.39 14.28 6.72
N LYS D 19 -35.42 14.41 5.81
CA LYS D 19 -34.03 14.79 6.08
C LYS D 19 -33.66 15.91 5.14
N GLU D 20 -34.20 15.86 3.90
CA GLU D 20 -34.06 16.82 2.79
C GLU D 20 -34.53 18.25 3.15
N SER D 21 -35.35 18.39 4.23
CA SER D 21 -35.86 19.68 4.66
C SER D 21 -34.72 20.51 5.16
N GLN D 22 -34.29 21.41 4.30
CA GLN D 22 -33.20 22.31 4.64
C GLN D 22 -33.81 23.43 5.48
N TYR D 23 -35.12 23.66 5.27
CA TYR D 23 -35.84 24.70 5.99
C TYR D 23 -36.31 24.17 7.33
N THR D 24 -36.27 25.05 8.33
CA THR D 24 -36.59 24.74 9.73
C THR D 24 -37.82 25.47 10.20
N ILE D 25 -38.73 24.75 10.88
CA ILE D 25 -39.98 25.30 11.37
C ILE D 25 -39.78 26.11 12.66
N LYS D 26 -40.43 27.27 12.73
CA LYS D 26 -40.37 28.21 13.85
C LYS D 26 -41.75 28.31 14.47
N ARG D 27 -42.14 27.26 15.20
CA ARG D 27 -43.43 27.20 15.89
C ARG D 27 -43.28 27.87 17.25
N ASP D 28 -44.41 28.18 17.94
CA ASP D 28 -44.46 28.78 19.29
C ASP D 28 -43.80 30.16 19.24
N VAL D 29 -44.18 30.94 18.24
CA VAL D 29 -43.61 32.23 17.94
C VAL D 29 -43.59 33.21 19.13
N GLY D 30 -44.72 33.43 19.79
CA GLY D 30 -44.79 34.39 20.89
C GLY D 30 -44.57 33.86 22.28
N THR D 31 -44.73 32.54 22.44
CA THR D 31 -44.65 31.78 23.71
C THR D 31 -43.48 32.15 24.62
N THR D 32 -43.74 32.06 25.94
CA THR D 32 -42.77 32.31 27.01
C THR D 32 -42.92 31.26 28.10
N THR D 33 -41.79 30.72 28.58
CA THR D 33 -41.78 29.72 29.66
C THR D 33 -40.76 30.10 30.69
N ALA D 34 -41.02 29.70 31.94
CA ALA D 34 -40.12 29.99 33.03
C ALA D 34 -38.89 29.11 33.04
N VAL D 35 -37.74 29.74 33.34
CA VAL D 35 -36.45 29.11 33.58
C VAL D 35 -35.91 29.68 34.89
N THR D 36 -35.24 28.82 35.66
CA THR D 36 -34.65 29.20 36.94
C THR D 36 -33.13 29.14 36.82
N PRO D 37 -32.39 30.19 37.23
CA PRO D 37 -30.93 30.12 37.13
C PRO D 37 -30.39 29.14 38.16
N SER D 38 -29.24 28.53 37.84
CA SER D 38 -28.57 27.53 38.65
C SER D 38 -28.43 27.94 40.14
N SER D 39 -28.20 29.25 40.36
CA SER D 39 -28.02 29.92 41.63
C SER D 39 -29.15 29.72 42.63
N LEU D 40 -30.37 29.52 42.11
CA LEU D 40 -31.57 29.33 42.91
C LEU D 40 -31.99 27.86 43.12
N GLN D 41 -31.05 26.93 42.92
CA GLN D 41 -31.32 25.50 43.08
C GLN D 41 -31.80 25.15 44.51
N GLN D 42 -31.23 25.76 45.57
CA GLN D 42 -31.62 25.48 46.96
C GLN D 42 -33.06 25.92 47.25
N GLU D 43 -33.47 27.07 46.68
CA GLU D 43 -34.77 27.69 46.85
C GLU D 43 -35.85 26.88 46.16
N ILE D 44 -35.55 26.39 44.95
CA ILE D 44 -36.48 25.56 44.21
C ILE D 44 -36.58 24.17 44.87
N THR D 45 -35.46 23.68 45.48
CA THR D 45 -35.41 22.40 46.20
C THR D 45 -36.37 22.46 47.38
N LEU D 46 -36.33 23.56 48.15
CA LEU D 46 -37.22 23.75 49.27
C LEU D 46 -38.69 23.73 48.82
N LEU D 47 -39.02 24.45 47.72
CA LEU D 47 -40.37 24.55 47.16
C LEU D 47 -40.92 23.20 46.73
N CYS D 48 -40.06 22.35 46.16
CA CYS D 48 -40.37 20.99 45.75
C CYS D 48 -40.77 20.16 46.97
N GLY D 49 -39.96 20.26 48.03
CA GLY D 49 -40.18 19.58 49.30
C GLY D 49 -41.48 19.98 49.94
N GLU D 50 -41.83 21.28 49.84
CA GLU D 50 -43.06 21.86 50.37
C GLU D 50 -44.29 21.24 49.72
N ILE D 51 -44.22 20.94 48.41
CA ILE D 51 -45.30 20.30 47.64
C ILE D 51 -45.60 18.87 48.21
N LEU D 52 -44.53 18.11 48.48
CA LEU D 52 -44.59 16.75 49.02
C LEU D 52 -44.97 16.70 50.50
N TYR D 53 -44.40 17.64 51.30
CA TYR D 53 -44.50 17.71 52.76
C TYR D 53 -45.90 17.88 53.34
N ALA D 54 -46.75 18.70 52.71
CA ALA D 54 -48.12 18.99 53.18
C ALA D 54 -49.20 18.63 52.17
N LYS D 55 -50.44 18.43 52.65
CA LYS D 55 -51.58 18.10 51.80
C LYS D 55 -52.17 19.41 51.35
N HIS D 56 -51.86 19.80 50.10
CA HIS D 56 -52.27 21.08 49.51
C HIS D 56 -53.60 21.06 48.83
N ALA D 57 -54.17 22.27 48.70
CA ALA D 57 -55.46 22.46 48.06
C ALA D 57 -55.33 22.29 46.56
N ASP D 58 -54.31 22.87 45.96
CA ASP D 58 -54.16 22.74 44.52
C ASP D 58 -52.74 22.39 44.13
N TYR D 59 -52.63 21.40 43.21
CA TYR D 59 -51.38 20.92 42.65
C TYR D 59 -51.33 21.23 41.14
N LYS D 60 -51.64 22.48 40.76
CA LYS D 60 -51.66 22.90 39.35
C LYS D 60 -50.26 23.07 38.76
N TYR D 61 -49.43 23.84 39.45
CA TYR D 61 -48.08 24.18 38.99
C TYR D 61 -46.98 23.25 39.47
N ALA D 62 -47.34 22.16 40.18
CA ALA D 62 -46.41 21.15 40.73
C ALA D 62 -45.37 20.69 39.70
N ALA D 63 -45.82 20.41 38.44
CA ALA D 63 -44.96 19.98 37.34
C ALA D 63 -44.02 21.08 36.90
N GLU D 64 -44.52 22.34 36.78
CA GLU D 64 -43.69 23.47 36.38
C GLU D 64 -42.54 23.67 37.38
N ILE D 65 -42.80 23.43 38.68
CA ILE D 65 -41.78 23.51 39.73
C ILE D 65 -40.68 22.45 39.50
N GLY D 66 -41.09 21.25 39.09
CA GLY D 66 -40.17 20.16 38.76
C GLY D 66 -39.25 20.52 37.62
N ILE D 67 -39.82 21.13 36.56
CA ILE D 67 -39.12 21.61 35.37
C ILE D 67 -38.13 22.68 35.80
N GLN D 68 -38.52 23.52 36.79
CA GLN D 68 -37.65 24.57 37.33
C GLN D 68 -36.43 24.01 38.02
N TYR D 69 -36.53 22.82 38.67
CA TYR D 69 -35.37 22.19 39.26
C TYR D 69 -34.45 21.70 38.11
N ILE D 70 -35.03 21.04 37.08
CA ILE D 70 -34.29 20.57 35.90
C ILE D 70 -33.51 21.76 35.33
N SER D 71 -34.16 22.93 35.22
CA SER D 71 -33.58 24.17 34.73
C SER D 71 -32.32 24.55 35.50
N THR D 72 -32.37 24.50 36.83
CA THR D 72 -31.21 24.82 37.68
C THR D 72 -30.11 23.80 37.45
N ALA D 73 -30.48 22.50 37.38
CA ALA D 73 -29.57 21.39 37.17
C ALA D 73 -28.85 21.43 35.82
N LEU D 74 -29.56 21.79 34.72
CA LEU D 74 -29.00 21.81 33.37
C LEU D 74 -28.21 23.08 33.03
N GLY D 75 -28.78 24.23 33.38
CA GLY D 75 -28.11 25.49 33.10
C GLY D 75 -28.98 26.73 33.18
N SER D 76 -28.43 27.76 33.88
CA SER D 76 -29.01 29.09 34.08
C SER D 76 -29.79 29.52 32.79
N GLU D 77 -29.08 29.37 31.63
CA GLU D 77 -29.43 29.77 30.26
C GLU D 77 -29.18 28.69 29.17
N ARG D 78 -28.64 27.52 29.56
CA ARG D 78 -28.38 26.42 28.63
C ARG D 78 -29.70 25.84 28.18
N VAL D 79 -30.74 26.04 29.01
CA VAL D 79 -32.08 25.55 28.76
C VAL D 79 -32.68 26.16 27.51
N GLN D 80 -32.52 27.48 27.30
CA GLN D 80 -33.01 28.19 26.11
C GLN D 80 -32.51 27.48 24.85
N GLN D 81 -31.22 27.10 24.84
CA GLN D 81 -30.57 26.41 23.73
C GLN D 81 -31.34 25.13 23.40
N ILE D 82 -31.62 24.29 24.41
CA ILE D 82 -32.34 23.03 24.26
C ILE D 82 -33.72 23.24 23.62
N LEU D 83 -34.49 24.19 24.16
CA LEU D 83 -35.85 24.51 23.72
C LEU D 83 -35.88 25.02 22.30
N ARG D 84 -34.92 25.90 21.95
CA ARG D 84 -34.77 26.45 20.61
C ARG D 84 -34.46 25.32 19.62
N ASN D 85 -33.59 24.40 20.03
CA ASN D 85 -33.18 23.27 19.24
C ASN D 85 -34.21 22.13 19.17
N SER D 86 -35.25 22.18 20.02
CA SER D 86 -36.28 21.15 19.97
C SER D 86 -37.28 21.40 18.80
N GLY D 87 -37.19 22.59 18.20
CA GLY D 87 -38.05 23.02 17.09
C GLY D 87 -38.96 24.17 17.44
N SER D 88 -39.12 24.43 18.75
CA SER D 88 -39.96 25.49 19.29
C SER D 88 -39.14 26.78 19.43
N GLU D 89 -39.68 27.86 18.90
CA GLU D 89 -39.02 29.15 18.93
C GLU D 89 -39.42 29.94 20.19
N VAL D 90 -39.95 29.24 21.22
CA VAL D 90 -40.37 29.79 22.53
C VAL D 90 -39.21 30.57 23.22
N GLN D 91 -39.54 31.66 23.97
CA GLN D 91 -38.56 32.47 24.71
C GLN D 91 -38.64 32.14 26.18
N VAL D 92 -37.51 32.24 26.87
CA VAL D 92 -37.44 31.92 28.29
C VAL D 92 -37.56 33.14 29.17
N VAL D 93 -37.98 32.95 30.43
CA VAL D 93 -38.11 34.04 31.41
C VAL D 93 -37.47 33.62 32.73
N LEU D 94 -36.39 34.33 33.12
CA LEU D 94 -35.64 34.01 34.34
C LEU D 94 -36.37 34.45 35.57
N THR D 95 -36.74 33.45 36.37
CA THR D 95 -37.48 33.58 37.62
C THR D 95 -36.66 34.29 38.69
N ARG D 96 -37.27 35.26 39.37
CA ARG D 96 -36.64 36.13 40.38
C ARG D 96 -37.10 35.85 41.82
N THR D 97 -36.60 36.66 42.78
CA THR D 97 -36.92 36.55 44.19
C THR D 97 -37.58 37.82 44.72
N TYR D 98 -38.49 37.67 45.70
CA TYR D 98 -39.23 38.76 46.36
C TYR D 98 -39.40 38.48 47.86
N GLN D 112 -38.61 35.81 52.25
CA GLN D 112 -38.07 35.54 50.91
C GLN D 112 -38.78 34.41 50.16
N MET D 113 -39.20 34.71 48.91
CA MET D 113 -39.96 33.84 47.99
C MET D 113 -39.45 33.81 46.56
N LEU D 114 -40.05 32.95 45.72
CA LEU D 114 -39.70 32.79 44.31
C LEU D 114 -40.81 33.24 43.38
N ASP D 115 -40.47 34.10 42.42
CA ASP D 115 -41.41 34.60 41.43
C ASP D 115 -41.18 33.87 40.12
N ILE D 116 -41.91 32.78 39.93
CA ILE D 116 -41.78 31.95 38.75
C ILE D 116 -42.74 32.39 37.66
N HIS D 117 -42.22 32.58 36.44
CA HIS D 117 -43.01 33.01 35.30
C HIS D 117 -44.07 31.99 34.91
N GLY D 118 -45.31 32.46 34.86
CA GLY D 118 -46.47 31.64 34.55
C GLY D 118 -47.15 31.07 35.77
N VAL D 119 -46.40 31.03 36.89
CA VAL D 119 -46.86 30.51 38.17
C VAL D 119 -47.34 31.67 39.03
N GLU D 120 -48.63 31.62 39.39
CA GLU D 120 -49.31 32.62 40.22
C GLU D 120 -48.56 32.81 41.52
N LYS D 121 -48.30 34.08 41.87
CA LYS D 121 -47.62 34.40 43.12
C LYS D 121 -48.42 33.84 44.30
N SER D 122 -49.77 33.94 44.21
CA SER D 122 -50.74 33.42 45.17
C SER D 122 -50.54 31.92 45.45
N TRP D 123 -50.28 31.13 44.39
CA TRP D 123 -50.07 29.68 44.47
C TRP D 123 -48.79 29.34 45.25
N VAL D 124 -47.69 30.04 44.93
CA VAL D 124 -46.36 29.91 45.55
C VAL D 124 -46.51 30.14 47.06
N GLU D 125 -47.20 31.22 47.44
CA GLU D 125 -47.44 31.60 48.83
C GLU D 125 -48.30 30.59 49.54
N GLU D 126 -49.33 30.04 48.86
CA GLU D 126 -50.24 29.02 49.40
C GLU D 126 -49.45 27.77 49.78
N ILE D 127 -48.61 27.27 48.81
CA ILE D 127 -47.79 26.08 49.00
C ILE D 127 -46.86 26.26 50.20
N ASP D 128 -46.20 27.42 50.28
CA ASP D 128 -45.31 27.74 51.38
C ASP D 128 -46.08 27.80 52.72
N LYS D 129 -47.17 28.60 52.78
CA LYS D 129 -48.02 28.79 53.95
C LYS D 129 -48.53 27.47 54.52
N GLU D 130 -49.16 26.65 53.65
CA GLU D 130 -49.71 25.37 54.01
C GLU D 130 -48.64 24.43 54.59
N ALA D 131 -47.44 24.42 53.99
CA ALA D 131 -46.33 23.59 54.43
C ALA D 131 -45.82 23.99 55.81
N ARG D 132 -45.72 25.30 56.07
CA ARG D 132 -45.26 25.85 57.35
C ARG D 132 -46.23 25.48 58.46
N LYS D 133 -47.55 25.54 58.14
CA LYS D 133 -48.66 25.18 59.04
C LYS D 133 -48.51 23.71 59.47
N THR D 134 -48.26 22.82 58.48
CA THR D 134 -48.08 21.39 58.70
C THR D 134 -46.79 21.13 59.52
N MET D 135 -45.72 21.89 59.27
CA MET D 135 -44.45 21.77 60.00
C MET D 135 -44.63 22.09 61.48
N ALA D 136 -45.41 23.15 61.77
CA ALA D 136 -45.72 23.62 63.12
C ALA D 136 -46.54 22.59 63.93
N THR D 137 -47.60 22.05 63.29
CA THR D 137 -48.50 21.03 63.86
C THR D 137 -47.69 19.80 64.28
N LEU D 138 -46.87 19.29 63.36
CA LEU D 138 -46.01 18.12 63.52
C LEU D 138 -44.85 18.29 64.50
N LEU D 139 -44.21 19.46 64.52
CA LEU D 139 -43.10 19.74 65.45
C LEU D 139 -43.56 19.76 66.91
N LYS D 140 -44.84 20.12 67.15
CA LYS D 140 -45.48 20.11 68.46
C LYS D 140 -45.62 18.62 68.95
N GLU D 141 -46.07 17.72 68.03
CA GLU D 141 -46.29 16.28 68.26
C GLU D 141 -44.97 15.53 68.49
N SER D 142 -43.98 15.76 67.58
CA SER D 142 -42.60 15.21 67.53
C SER D 142 -41.74 15.66 68.72
N SER D 143 -42.27 16.63 69.50
CA SER D 143 -41.66 17.27 70.66
C SER D 143 -40.36 17.98 70.23
N GLY D 144 -40.53 18.82 69.20
CA GLY D 144 -39.48 19.60 68.56
C GLY D 144 -38.48 18.82 67.73
N ASN D 145 -38.73 17.49 67.54
CA ASN D 145 -37.81 16.60 66.82
C ASN D 145 -38.28 16.10 65.44
N ILE D 146 -37.81 16.80 64.37
CA ILE D 146 -38.08 16.42 62.98
C ILE D 146 -36.71 16.19 62.32
N PRO D 147 -36.39 14.91 61.95
CA PRO D 147 -35.08 14.63 61.33
C PRO D 147 -35.00 15.20 59.92
N GLN D 148 -33.78 15.47 59.46
CA GLN D 148 -33.49 16.07 58.16
C GLN D 148 -34.26 15.46 56.98
N ASN D 149 -34.27 14.12 56.92
CA ASN D 149 -34.91 13.26 55.91
C ASN D 149 -36.45 13.44 55.79
N GLN D 150 -37.08 14.06 56.79
CA GLN D 150 -38.52 14.27 56.78
C GLN D 150 -38.91 15.69 56.49
N ARG D 151 -37.93 16.60 56.43
CA ARG D 151 -38.15 18.03 56.17
C ARG D 151 -38.22 18.34 54.68
N PRO D 152 -38.99 19.39 54.27
CA PRO D 152 -39.04 19.79 52.84
C PRO D 152 -37.70 20.25 52.29
N SER D 153 -36.73 20.48 53.19
CA SER D 153 -35.37 20.92 52.90
C SER D 153 -34.46 19.82 52.35
N ALA D 154 -34.82 18.52 52.55
CA ALA D 154 -34.04 17.38 52.06
C ALA D 154 -33.72 17.52 50.56
N PRO D 155 -32.44 17.35 50.15
CA PRO D 155 -32.04 17.59 48.75
C PRO D 155 -32.64 16.70 47.68
N ASP D 156 -33.15 15.53 48.05
CA ASP D 156 -33.73 14.57 47.12
C ASP D 156 -35.21 14.82 46.78
N THR D 157 -35.86 15.80 47.47
CA THR D 157 -37.27 16.16 47.27
C THR D 157 -37.59 16.55 45.80
N PRO D 158 -36.74 17.31 45.07
CA PRO D 158 -37.06 17.59 43.67
C PRO D 158 -37.03 16.33 42.80
N ILE D 159 -36.07 15.42 43.09
CA ILE D 159 -35.91 14.16 42.37
C ILE D 159 -37.18 13.31 42.56
N ILE D 160 -37.68 13.22 43.83
CA ILE D 160 -38.89 12.48 44.20
C ILE D 160 -40.06 13.00 43.35
N LEU D 161 -40.20 14.33 43.28
CA LEU D 161 -41.23 15.04 42.52
C LEU D 161 -41.17 14.63 41.04
N LEU D 162 -39.95 14.64 40.48
CA LEU D 162 -39.67 14.31 39.09
C LEU D 162 -39.88 12.83 38.78
N CYS D 163 -39.77 11.97 39.80
CA CYS D 163 -39.97 10.52 39.65
C CYS D 163 -41.42 10.20 39.37
N VAL D 164 -42.33 11.02 39.92
CA VAL D 164 -43.78 10.90 39.69
C VAL D 164 -44.01 11.33 38.23
N GLY D 165 -43.27 12.35 37.78
CA GLY D 165 -43.28 12.83 36.41
C GLY D 165 -42.74 11.79 35.45
N ALA D 166 -41.71 11.03 35.88
CA ALA D 166 -41.08 9.98 35.11
C ALA D 166 -42.05 8.83 34.84
N LEU D 167 -42.88 8.51 35.85
CA LEU D 167 -43.88 7.45 35.74
C LEU D 167 -45.00 7.83 34.79
N ILE D 168 -45.38 9.12 34.74
CA ILE D 168 -46.39 9.61 33.81
C ILE D 168 -45.78 9.76 32.42
N PHE D 169 -44.44 9.95 32.38
CA PHE D 169 -43.68 10.06 31.15
C PHE D 169 -43.72 8.72 30.43
N THR D 170 -43.53 7.61 31.17
CA THR D 170 -43.60 6.26 30.60
C THR D 170 -44.99 6.03 29.92
N LYS D 171 -46.10 6.35 30.63
CA LYS D 171 -47.43 6.14 30.07
C LYS D 171 -47.98 7.39 29.34
N LEU D 172 -47.11 8.05 28.55
CA LEU D 172 -47.54 9.19 27.74
C LEU D 172 -48.12 8.66 26.43
N ALA D 173 -47.85 7.37 26.14
CA ALA D 173 -48.29 6.62 24.96
C ALA D 173 -49.79 6.29 24.99
N SER D 174 -50.39 6.27 26.19
CA SER D 174 -51.81 5.96 26.37
C SER D 174 -52.64 7.17 26.88
N THR D 175 -53.84 6.90 27.49
CA THR D 175 -54.78 7.90 28.06
C THR D 175 -54.11 8.67 29.18
N ILE D 176 -54.69 9.85 29.51
CA ILE D 176 -54.29 10.71 30.63
C ILE D 176 -54.67 9.89 31.88
N GLU D 177 -55.74 9.10 31.72
CA GLU D 177 -56.30 8.22 32.70
C GLU D 177 -55.38 7.01 32.96
N VAL D 178 -55.13 6.15 31.93
CA VAL D 178 -54.32 4.92 32.05
C VAL D 178 -53.04 5.16 32.83
N GLY D 179 -52.36 6.26 32.48
CA GLY D 179 -51.13 6.72 33.08
C GLY D 179 -51.22 6.92 34.57
N LEU D 180 -52.34 7.52 35.04
CA LEU D 180 -52.56 7.77 36.45
C LEU D 180 -52.66 6.49 37.27
N GLU D 181 -53.24 5.43 36.69
CA GLU D 181 -53.37 4.12 37.34
C GLU D 181 -52.01 3.60 37.60
N THR D 182 -51.27 3.38 36.50
CA THR D 182 -49.92 2.87 36.43
C THR D 182 -49.01 3.67 37.37
N THR D 183 -49.07 5.03 37.28
CA THR D 183 -48.27 5.94 38.10
C THR D 183 -48.52 5.65 39.58
N VAL D 184 -49.78 5.65 40.01
CA VAL D 184 -50.15 5.39 41.40
C VAL D 184 -49.65 4.02 41.88
N ARG D 185 -49.97 2.94 41.14
CA ARG D 185 -49.61 1.55 41.44
C ARG D 185 -48.12 1.42 41.69
N ARG D 186 -47.32 1.79 40.67
CA ARG D 186 -45.87 1.71 40.68
C ARG D 186 -45.23 2.64 41.70
N ALA D 187 -45.77 3.87 41.87
CA ALA D 187 -45.26 4.84 42.84
C ALA D 187 -45.28 4.29 44.24
N ASN D 188 -46.30 3.47 44.56
CA ASN D 188 -46.43 2.84 45.87
C ASN D 188 -45.30 1.88 46.19
N ARG D 189 -44.85 1.13 45.17
CA ARG D 189 -43.78 0.14 45.33
C ARG D 189 -42.40 0.79 45.18
N VAL D 190 -42.27 1.65 44.18
CA VAL D 190 -41.06 2.36 43.80
C VAL D 190 -40.68 3.47 44.80
N LEU D 191 -41.59 4.43 45.07
CA LEU D 191 -41.36 5.56 45.97
C LEU D 191 -41.80 5.24 47.40
N SER D 192 -41.75 3.95 47.74
CA SER D 192 -42.09 3.34 49.01
C SER D 192 -41.58 4.16 50.19
N ASP D 193 -40.26 4.37 50.24
CA ASP D 193 -39.53 5.05 51.31
C ASP D 193 -39.72 6.55 51.33
N ALA D 194 -39.90 7.16 50.14
CA ALA D 194 -40.14 8.60 50.00
C ALA D 194 -41.50 8.93 50.63
N LEU D 195 -42.48 8.05 50.37
CA LEU D 195 -43.84 8.13 50.89
C LEU D 195 -43.84 7.99 52.41
N LYS D 196 -42.86 7.25 52.97
CA LYS D 196 -42.73 7.06 54.41
C LYS D 196 -42.40 8.41 55.06
N ARG D 197 -41.47 9.18 54.43
CA ARG D 197 -41.04 10.48 54.94
C ARG D 197 -42.00 11.63 54.60
N TYR D 198 -42.65 11.59 53.42
CA TYR D 198 -43.60 12.61 52.99
C TYR D 198 -44.91 11.91 52.66
N PRO D 199 -45.68 11.52 53.70
CA PRO D 199 -46.93 10.76 53.43
C PRO D 199 -48.04 11.62 52.87
N ARG D 200 -47.78 12.92 52.83
CA ARG D 200 -48.70 13.93 52.39
C ARG D 200 -48.63 14.20 50.89
N MET D 201 -47.67 13.54 50.19
CA MET D 201 -47.55 13.71 48.74
C MET D 201 -48.74 13.08 48.00
N ASP D 202 -49.48 13.92 47.28
CA ASP D 202 -50.66 13.53 46.52
C ASP D 202 -50.20 13.13 45.13
N ILE D 203 -49.80 11.86 45.01
CA ILE D 203 -49.32 11.27 43.78
C ILE D 203 -50.29 11.55 42.61
N PRO D 204 -51.61 11.30 42.72
CA PRO D 204 -52.52 11.55 41.60
C PRO D 204 -52.62 12.97 41.10
N LYS D 205 -52.57 13.96 42.00
CA LYS D 205 -52.64 15.36 41.61
C LYS D 205 -51.32 15.83 40.99
N ILE D 206 -50.18 15.38 41.57
CA ILE D 206 -48.84 15.69 41.07
C ILE D 206 -48.71 15.10 39.68
N ALA D 207 -49.09 13.80 39.51
CA ALA D 207 -49.04 13.10 38.23
C ALA D 207 -49.96 13.72 37.20
N ARG D 208 -51.08 14.32 37.63
CA ARG D 208 -52.00 14.98 36.70
C ARG D 208 -51.36 16.26 36.18
N SER D 209 -50.66 17.03 37.05
CA SER D 209 -49.95 18.28 36.70
C SER D 209 -48.90 18.03 35.61
N PHE D 210 -48.19 16.89 35.74
CA PHE D 210 -47.19 16.44 34.81
C PHE D 210 -47.81 16.04 33.48
N TYR D 211 -48.97 15.32 33.49
CA TYR D 211 -49.62 14.98 32.20
C TYR D 211 -50.04 16.25 31.49
N ASP D 212 -50.69 17.16 32.21
CA ASP D 212 -51.15 18.43 31.66
C ASP D 212 -49.96 19.19 31.05
N LEU D 213 -48.85 19.30 31.79
CA LEU D 213 -47.62 19.97 31.35
C LEU D 213 -47.03 19.38 30.08
N PHE D 214 -46.84 18.04 30.02
CA PHE D 214 -46.27 17.35 28.86
C PHE D 214 -47.14 17.47 27.63
N GLU D 215 -48.45 17.63 27.84
CA GLU D 215 -49.37 17.77 26.75
C GLU D 215 -49.40 19.20 26.19
N GLN D 216 -49.36 20.21 27.09
CA GLN D 216 -49.37 21.63 26.72
C GLN D 216 -47.99 22.13 26.23
N LYS D 217 -46.97 22.06 27.10
CA LYS D 217 -45.64 22.50 26.77
C LYS D 217 -44.83 21.32 26.20
N VAL D 218 -45.10 20.96 24.92
CA VAL D 218 -44.46 19.84 24.23
C VAL D 218 -42.93 19.88 24.26
N TYR D 219 -42.34 21.08 24.23
CA TYR D 219 -40.89 21.26 24.30
C TYR D 219 -40.29 20.76 25.61
N HIS D 220 -41.09 20.73 26.69
CA HIS D 220 -40.64 20.22 27.98
C HIS D 220 -40.45 18.69 27.98
N ARG D 221 -40.98 17.99 26.94
CA ARG D 221 -40.82 16.56 26.78
C ARG D 221 -39.36 16.28 26.49
N SER D 222 -38.78 17.03 25.51
CA SER D 222 -37.35 16.86 25.16
C SER D 222 -36.40 17.50 26.18
N LEU D 223 -36.93 18.42 27.03
CA LEU D 223 -36.14 19.01 28.11
C LEU D 223 -35.96 17.94 29.19
N PHE D 224 -37.03 17.17 29.46
CA PHE D 224 -37.07 16.06 30.41
C PHE D 224 -36.11 14.97 29.96
N ILE D 225 -36.12 14.67 28.64
CA ILE D 225 -35.24 13.70 28.00
C ILE D 225 -33.79 14.11 28.18
N GLU D 226 -33.49 15.42 27.98
CA GLU D 226 -32.14 15.94 28.15
C GLU D 226 -31.67 15.88 29.59
N TYR D 227 -32.62 16.01 30.56
CA TYR D 227 -32.27 15.89 31.98
C TYR D 227 -31.90 14.45 32.25
N GLY D 228 -32.72 13.52 31.71
CA GLY D 228 -32.52 12.08 31.82
C GLY D 228 -31.19 11.67 31.24
N LYS D 229 -30.90 12.10 30.00
CA LYS D 229 -29.64 11.85 29.28
C LYS D 229 -28.45 12.32 30.12
N ALA D 230 -28.53 13.60 30.62
CA ALA D 230 -27.52 14.27 31.46
C ALA D 230 -27.28 13.56 32.78
N LEU D 231 -28.37 13.19 33.49
CA LEU D 231 -28.34 12.46 34.76
C LEU D 231 -27.72 11.08 34.58
N GLY D 232 -28.07 10.43 33.47
CA GLY D 232 -27.55 9.12 33.12
C GLY D 232 -26.05 9.13 32.91
N SER D 233 -25.50 10.29 32.55
CA SER D 233 -24.07 10.40 32.33
C SER D 233 -23.22 10.52 33.59
N SER D 234 -23.62 11.32 34.61
CA SER D 234 -22.87 11.59 35.87
C SER D 234 -22.23 10.37 36.57
N SER D 235 -21.05 10.61 37.21
CA SER D 235 -20.21 9.64 37.92
C SER D 235 -20.93 9.11 39.16
N THR D 236 -21.42 10.01 40.01
CA THR D 236 -22.14 9.64 41.23
C THR D 236 -23.52 10.25 41.24
N GLY D 237 -24.49 9.37 41.34
CA GLY D 237 -25.88 9.76 41.43
C GLY D 237 -26.44 9.48 42.80
N SER D 238 -27.58 10.09 43.08
CA SER D 238 -28.29 9.91 44.33
C SER D 238 -29.02 8.58 44.21
N LYS D 239 -29.56 8.10 45.36
CA LYS D 239 -30.36 6.88 45.40
C LYS D 239 -31.67 7.16 44.62
N ALA D 240 -32.20 8.39 44.78
CA ALA D 240 -33.39 8.93 44.11
C ALA D 240 -33.15 9.16 42.61
N GLU D 241 -31.96 9.66 42.27
CA GLU D 241 -31.53 9.93 40.91
C GLU D 241 -31.40 8.65 40.12
N SER D 242 -30.77 7.63 40.71
CA SER D 242 -30.60 6.31 40.10
C SER D 242 -31.94 5.62 39.86
N LEU D 243 -32.97 6.01 40.62
CA LEU D 243 -34.30 5.50 40.42
C LEU D 243 -34.92 6.16 39.21
N PHE D 244 -34.82 7.50 39.13
CA PHE D 244 -35.39 8.31 38.05
C PHE D 244 -35.03 7.78 36.67
N VAL D 245 -33.74 7.56 36.44
CA VAL D 245 -33.22 7.05 35.17
C VAL D 245 -33.77 5.66 34.88
N ASN D 246 -33.88 4.82 35.91
CA ASN D 246 -34.39 3.47 35.78
C ASN D 246 -35.88 3.44 35.39
N ILE D 247 -36.65 4.48 35.77
CA ILE D 247 -38.06 4.62 35.38
C ILE D 247 -38.04 5.06 33.91
N PHE D 248 -37.15 6.03 33.58
CA PHE D 248 -36.91 6.62 32.27
C PHE D 248 -36.50 5.57 31.24
N MET D 249 -35.78 4.53 31.69
CA MET D 249 -35.33 3.45 30.81
C MET D 249 -36.44 2.52 30.38
N GLN D 250 -37.33 2.18 31.33
CA GLN D 250 -38.51 1.34 31.10
C GLN D 250 -39.46 2.03 30.10
N ALA D 251 -39.18 3.33 29.83
CA ALA D 251 -39.91 4.17 28.90
C ALA D 251 -39.27 4.16 27.50
N TYR D 252 -38.13 3.46 27.30
CA TYR D 252 -37.46 3.49 25.99
C TYR D 252 -38.32 2.92 24.85
N GLY D 253 -38.84 1.72 24.99
CA GLY D 253 -39.67 1.13 23.95
C GLY D 253 -41.07 1.72 23.95
N ALA D 254 -41.15 3.03 23.69
CA ALA D 254 -42.39 3.80 23.71
C ALA D 254 -43.07 3.67 22.38
N GLY D 255 -44.35 3.27 22.39
CA GLY D 255 -45.13 3.12 21.17
C GLY D 255 -44.64 2.10 20.15
N GLN D 256 -43.51 1.44 20.46
CA GLN D 256 -42.94 0.45 19.56
C GLN D 256 -43.14 -0.95 20.11
N THR D 257 -44.06 -1.12 21.10
CA THR D 257 -44.38 -2.39 21.77
C THR D 257 -44.56 -3.52 20.77
N MET D 258 -45.09 -3.19 19.58
CA MET D 258 -45.29 -4.14 18.51
C MET D 258 -43.99 -4.73 17.94
N LEU D 259 -42.96 -3.90 17.73
CA LEU D 259 -41.65 -4.34 17.22
C LEU D 259 -40.92 -5.22 18.22
N ARG D 260 -41.01 -4.89 19.51
CA ARG D 260 -40.36 -5.67 20.56
C ARG D 260 -41.05 -7.01 20.76
N TRP D 261 -42.39 -7.06 20.59
CA TRP D 261 -43.13 -8.31 20.66
C TRP D 261 -42.88 -9.14 19.41
N GLY D 262 -42.44 -8.45 18.34
CA GLY D 262 -42.07 -9.03 17.06
C GLY D 262 -40.83 -9.88 17.22
N VAL D 263 -39.82 -9.37 17.94
CA VAL D 263 -38.59 -10.13 18.21
C VAL D 263 -38.90 -11.31 19.12
N ILE D 264 -39.87 -11.15 20.05
CA ILE D 264 -40.34 -12.18 20.97
C ILE D 264 -40.95 -13.33 20.19
N ALA D 265 -41.72 -13.03 19.14
CA ALA D 265 -42.33 -14.03 18.26
C ALA D 265 -41.24 -14.87 17.55
N ARG D 266 -40.12 -14.24 17.13
CA ARG D 266 -38.98 -14.90 16.50
C ARG D 266 -38.25 -15.78 17.51
N SER D 267 -38.02 -15.23 18.73
CA SER D 267 -37.36 -15.94 19.84
C SER D 267 -38.16 -17.18 20.27
N SER D 268 -39.51 -17.10 20.20
CA SER D 268 -40.43 -18.19 20.55
C SER D 268 -40.47 -19.24 19.44
N ASN D 269 -39.95 -18.89 18.24
CA ASN D 269 -39.94 -19.70 17.02
C ASN D 269 -41.35 -20.18 16.70
N ASN D 270 -42.29 -19.23 16.71
CA ASN D 270 -43.69 -19.47 16.42
C ASN D 270 -43.81 -19.86 14.96
N ILE D 271 -44.28 -21.08 14.72
CA ILE D 271 -44.45 -21.70 13.40
C ILE D 271 -45.39 -20.91 12.48
N MET D 272 -46.19 -20.02 13.06
CA MET D 272 -47.09 -19.17 12.30
C MET D 272 -46.34 -18.10 11.51
N LEU D 273 -45.09 -17.78 11.93
CA LEU D 273 -44.24 -16.83 11.23
C LEU D 273 -43.80 -17.42 9.88
N GLY D 274 -44.06 -18.72 9.71
CA GLY D 274 -43.75 -19.47 8.50
C GLY D 274 -44.93 -19.58 7.55
N HIS D 275 -46.11 -19.07 7.95
CA HIS D 275 -47.31 -19.08 7.12
C HIS D 275 -47.06 -18.30 5.84
N VAL D 276 -47.56 -18.82 4.72
CA VAL D 276 -47.37 -18.26 3.38
C VAL D 276 -47.80 -16.76 3.30
N SER D 277 -48.94 -16.39 3.90
CA SER D 277 -49.48 -15.03 3.93
C SER D 277 -48.61 -14.08 4.75
N VAL D 278 -47.94 -14.61 5.77
CA VAL D 278 -47.02 -13.88 6.64
C VAL D 278 -45.69 -13.73 5.90
N GLN D 279 -45.22 -14.82 5.24
CA GLN D 279 -44.00 -14.85 4.43
C GLN D 279 -44.03 -13.76 3.36
N ALA D 280 -45.22 -13.47 2.81
CA ALA D 280 -45.44 -12.44 1.79
C ALA D 280 -45.09 -11.02 2.28
N GLU D 281 -45.25 -10.77 3.59
CA GLU D 281 -45.01 -9.47 4.21
C GLU D 281 -43.59 -9.28 4.73
N LEU D 282 -42.75 -10.30 4.58
CA LEU D 282 -41.36 -10.29 5.04
C LEU D 282 -40.60 -9.03 4.67
N LYS D 283 -40.62 -8.63 3.39
CA LYS D 283 -39.89 -7.45 2.92
C LYS D 283 -40.32 -6.16 3.62
N GLN D 284 -41.64 -5.99 3.91
CA GLN D 284 -42.14 -4.79 4.60
C GLN D 284 -41.66 -4.79 6.04
N VAL D 285 -41.78 -5.95 6.73
CA VAL D 285 -41.37 -6.13 8.12
C VAL D 285 -39.88 -5.78 8.24
N THR D 286 -39.07 -6.36 7.35
CA THR D 286 -37.62 -6.14 7.30
C THR D 286 -37.35 -4.66 7.17
N GLU D 287 -38.04 -3.97 6.24
CA GLU D 287 -37.90 -2.53 5.99
C GLU D 287 -38.09 -1.72 7.26
N VAL D 288 -39.06 -2.10 8.12
CA VAL D 288 -39.32 -1.37 9.37
C VAL D 288 -38.16 -1.55 10.34
N TYR D 289 -37.68 -2.80 10.59
CA TYR D 289 -36.56 -3.07 11.52
C TYR D 289 -35.24 -2.47 11.08
N ASP D 290 -35.07 -2.28 9.75
CA ASP D 290 -33.89 -1.68 9.09
C ASP D 290 -33.94 -0.17 9.16
N LEU D 291 -35.15 0.40 9.31
CA LEU D 291 -35.32 1.82 9.50
C LEU D 291 -34.89 2.16 10.93
N VAL D 292 -35.17 1.27 11.90
CA VAL D 292 -34.77 1.43 13.32
C VAL D 292 -33.24 1.56 13.41
N ARG D 293 -32.54 0.72 12.66
CA ARG D 293 -31.08 0.70 12.59
C ARG D 293 -30.58 1.95 11.87
N GLU D 294 -31.32 2.43 10.84
CA GLU D 294 -31.01 3.65 10.06
C GLU D 294 -31.12 4.91 10.96
N MET D 295 -32.08 4.91 11.91
CA MET D 295 -32.34 6.03 12.85
C MET D 295 -31.51 5.93 14.13
N GLY D 296 -31.04 4.74 14.43
CA GLY D 296 -30.17 4.48 15.57
C GLY D 296 -30.78 4.53 16.96
N PRO D 297 -30.14 5.24 17.91
CA PRO D 297 -30.65 5.24 19.29
C PRO D 297 -31.84 6.13 19.52
N GLU D 298 -32.00 7.20 18.74
CA GLU D 298 -33.11 8.11 18.91
C GLU D 298 -34.43 7.48 18.47
N SER D 299 -34.36 6.40 17.66
CA SER D 299 -35.50 5.66 17.14
C SER D 299 -36.50 5.28 18.23
N GLY D 300 -36.01 4.79 19.37
CA GLY D 300 -36.85 4.38 20.50
C GLY D 300 -37.67 5.47 21.16
N LEU D 301 -37.03 6.56 21.52
CA LEU D 301 -37.76 7.65 22.19
C LEU D 301 -38.52 8.58 21.22
N LEU D 302 -38.66 8.24 19.92
CA LEU D 302 -39.38 9.06 18.91
C LEU D 302 -40.82 9.34 19.26
N HIS D 303 -41.53 8.27 19.70
CA HIS D 303 -42.92 8.32 20.09
C HIS D 303 -43.05 9.13 21.37
N LEU D 304 -42.09 8.97 22.29
CA LEU D 304 -42.06 9.69 23.57
C LEU D 304 -41.91 11.22 23.43
N ARG D 305 -41.13 11.66 22.42
CA ARG D 305 -40.87 13.06 22.09
C ARG D 305 -42.07 13.70 21.38
N GLN D 306 -43.05 12.85 20.96
CA GLN D 306 -44.26 13.20 20.19
C GLN D 306 -43.80 13.74 18.80
N SER D 307 -42.65 13.22 18.33
CA SER D 307 -42.03 13.60 17.07
C SER D 307 -42.93 13.27 15.90
N PRO D 308 -43.13 14.22 14.95
CA PRO D 308 -43.97 13.94 13.77
C PRO D 308 -43.36 12.83 12.91
N LYS D 309 -42.00 12.73 12.91
CA LYS D 309 -41.17 11.71 12.22
C LYS D 309 -41.68 10.28 12.57
N ALA D 310 -42.01 10.03 13.86
CA ALA D 310 -42.52 8.76 14.39
C ALA D 310 -43.79 8.34 13.68
N GLY D 311 -44.03 7.04 13.66
CA GLY D 311 -45.18 6.50 12.96
C GLY D 311 -44.72 5.86 11.69
N LEU D 312 -43.47 6.13 11.27
CA LEU D 312 -42.89 5.47 10.10
C LEU D 312 -42.59 4.02 10.50
N LEU D 313 -42.46 3.81 11.82
CA LEU D 313 -42.24 2.54 12.52
C LEU D 313 -43.59 1.83 12.81
N SER D 314 -44.54 1.97 11.87
CA SER D 314 -45.84 1.34 11.98
C SER D 314 -45.83 0.05 11.22
N LEU D 315 -46.46 -0.95 11.81
CA LEU D 315 -46.58 -2.27 11.25
C LEU D 315 -47.98 -2.46 10.64
N ALA D 316 -48.52 -1.35 10.08
CA ALA D 316 -49.82 -1.29 9.41
C ALA D 316 -49.73 -2.02 8.08
N ASN D 317 -48.58 -1.87 7.37
CA ASN D 317 -48.24 -2.45 6.07
C ASN D 317 -48.21 -3.98 6.09
N CYS D 318 -48.09 -4.59 7.30
CA CYS D 318 -48.02 -6.03 7.52
C CYS D 318 -49.05 -6.53 8.58
N PRO D 319 -50.34 -6.55 8.20
CA PRO D 319 -51.38 -6.97 9.13
C PRO D 319 -51.33 -8.44 9.56
N ASN D 320 -50.95 -9.36 8.66
CA ASN D 320 -50.87 -10.81 8.96
C ASN D 320 -49.75 -11.12 9.94
N PHE D 321 -48.62 -10.38 9.84
CA PHE D 321 -47.47 -10.51 10.73
C PHE D 321 -47.88 -10.02 12.12
N ALA D 322 -48.53 -8.85 12.18
CA ALA D 322 -49.02 -8.25 13.41
C ALA D 322 -49.94 -9.23 14.16
N SER D 323 -50.82 -9.93 13.41
CA SER D 323 -51.75 -10.92 13.91
C SER D 323 -51.01 -12.06 14.61
N VAL D 324 -49.95 -12.57 14.00
CA VAL D 324 -49.13 -13.66 14.53
C VAL D 324 -48.38 -13.21 15.79
N VAL D 325 -47.76 -12.02 15.74
CA VAL D 325 -47.00 -11.41 16.85
C VAL D 325 -47.88 -11.29 18.09
N LEU D 326 -49.11 -10.79 17.91
CA LEU D 326 -50.10 -10.62 18.97
C LEU D 326 -50.60 -11.97 19.50
N GLY D 327 -50.81 -12.92 18.59
CA GLY D 327 -51.23 -14.28 18.93
C GLY D 327 -50.23 -14.93 19.84
N ASN D 328 -48.95 -14.85 19.44
CA ASN D 328 -47.80 -15.37 20.18
C ASN D 328 -47.75 -14.76 21.58
N ALA D 329 -47.95 -13.42 21.68
CA ALA D 329 -47.97 -12.66 22.94
C ALA D 329 -49.11 -13.13 23.83
N SER D 330 -50.28 -13.41 23.23
CA SER D 330 -51.46 -13.90 23.93
C SER D 330 -51.20 -15.28 24.51
N GLY D 331 -50.65 -16.17 23.68
CA GLY D 331 -50.30 -17.53 24.04
C GLY D 331 -49.30 -17.61 25.18
N LEU D 332 -48.30 -16.73 25.16
CA LEU D 332 -47.28 -16.68 26.22
C LEU D 332 -47.80 -15.97 27.47
N GLY D 333 -48.91 -15.26 27.33
CA GLY D 333 -49.57 -14.53 28.41
C GLY D 333 -48.91 -13.20 28.73
N ILE D 334 -48.52 -12.44 27.68
CA ILE D 334 -47.87 -11.12 27.80
C ILE D 334 -48.85 -10.02 27.45
N ILE D 335 -49.64 -10.26 26.38
CA ILE D 335 -50.62 -9.38 25.75
C ILE D 335 -51.34 -8.42 26.72
N GLY D 336 -51.68 -8.88 27.93
CA GLY D 336 -52.36 -8.08 28.95
C GLY D 336 -53.50 -7.24 28.41
N MET D 337 -53.45 -5.92 28.65
CA MET D 337 -54.49 -4.99 28.22
C MET D 337 -54.18 -4.23 26.95
N TYR D 338 -53.51 -4.87 26.00
CA TYR D 338 -53.16 -4.23 24.75
C TYR D 338 -54.34 -4.21 23.78
N ARG D 339 -54.81 -2.99 23.43
CA ARG D 339 -55.97 -2.71 22.57
C ARG D 339 -55.68 -2.93 21.06
N GLY D 340 -54.40 -3.16 20.69
CA GLY D 340 -53.97 -3.34 19.31
C GLY D 340 -54.85 -4.26 18.51
N ARG D 341 -55.48 -3.72 17.47
CA ARG D 341 -56.39 -4.42 16.57
C ARG D 341 -55.76 -5.67 15.93
N VAL D 342 -56.55 -6.75 15.80
CA VAL D 342 -56.12 -8.00 15.20
C VAL D 342 -56.79 -8.17 13.83
N PRO D 343 -56.00 -7.95 12.75
CA PRO D 343 -56.56 -8.07 11.40
C PRO D 343 -56.94 -9.49 11.03
N ASN D 344 -56.01 -10.45 11.20
CA ASN D 344 -56.29 -11.85 10.88
C ASN D 344 -56.53 -12.65 12.16
N THR D 345 -57.80 -12.78 12.54
CA THR D 345 -58.26 -13.51 13.72
C THR D 345 -57.86 -14.98 13.67
N GLU D 346 -57.90 -15.55 12.47
CA GLU D 346 -57.55 -16.94 12.17
C GLU D 346 -56.09 -17.20 12.57
N LEU D 347 -55.14 -16.43 11.98
CA LEU D 347 -53.69 -16.53 12.24
C LEU D 347 -53.36 -16.32 13.72
N PHE D 348 -54.05 -15.35 14.35
CA PHE D 348 -53.88 -15.01 15.77
C PHE D 348 -54.11 -16.24 16.63
N SER D 349 -55.27 -16.89 16.44
CA SER D 349 -55.68 -18.06 17.22
C SER D 349 -54.68 -19.20 17.10
N ALA D 350 -54.17 -19.41 15.88
CA ALA D 350 -53.19 -20.44 15.57
C ALA D 350 -51.87 -20.19 16.28
N ALA D 351 -51.34 -18.95 16.17
CA ALA D 351 -50.11 -18.53 16.81
C ALA D 351 -50.21 -18.67 18.33
N GLU D 352 -51.40 -18.35 18.87
CA GLU D 352 -51.74 -18.43 20.29
C GLU D 352 -51.69 -19.86 20.80
N SER D 353 -52.25 -20.80 20.03
CA SER D 353 -52.29 -22.21 20.36
C SER D 353 -50.88 -22.78 20.45
N TYR D 354 -50.04 -22.49 19.44
CA TYR D 354 -48.67 -22.95 19.40
C TYR D 354 -47.89 -22.41 20.58
N ALA D 355 -48.01 -21.10 20.86
CA ALA D 355 -47.32 -20.43 21.96
C ALA D 355 -47.73 -20.98 23.32
N LYS D 356 -49.01 -21.38 23.48
CA LYS D 356 -49.50 -21.95 24.73
C LYS D 356 -48.89 -23.34 24.96
N SER D 357 -48.75 -24.13 23.88
CA SER D 357 -48.15 -25.47 23.89
C SER D 357 -46.66 -25.38 24.19
N LEU D 358 -46.00 -24.35 23.63
CA LEU D 358 -44.59 -24.03 23.78
C LEU D 358 -44.33 -23.68 25.26
N LYS D 359 -45.18 -22.77 25.82
CA LYS D 359 -45.18 -22.25 27.19
C LYS D 359 -45.05 -23.36 28.24
N GLU D 360 -45.88 -24.41 28.12
CA GLU D 360 -45.88 -25.53 29.05
C GLU D 360 -44.72 -26.51 28.84
N SER D 361 -44.38 -26.82 27.57
CA SER D 361 -43.35 -27.78 27.20
C SER D 361 -41.93 -27.43 27.63
N ASN D 362 -41.27 -28.42 28.24
CA ASN D 362 -39.90 -28.40 28.76
C ASN D 362 -38.99 -29.24 27.87
N LYS D 363 -37.90 -28.64 27.35
CA LYS D 363 -36.93 -29.34 26.49
C LYS D 363 -35.49 -28.92 26.84
N ILE D 364 -34.50 -29.75 26.46
CA ILE D 364 -33.07 -29.43 26.70
C ILE D 364 -32.25 -29.53 25.41
N ASN D 365 -31.56 -28.42 25.06
CA ASN D 365 -30.70 -28.35 23.89
C ASN D 365 -29.29 -28.78 24.32
N PHE D 366 -28.92 -30.05 24.06
CA PHE D 366 -27.57 -30.53 24.37
C PHE D 366 -26.62 -30.06 23.26
N SER D 367 -27.23 -29.52 22.19
CA SER D 367 -26.61 -28.92 21.01
C SER D 367 -25.96 -27.58 21.41
N SER D 368 -26.73 -26.73 22.13
CA SER D 368 -26.32 -25.42 22.59
C SER D 368 -25.21 -25.46 23.65
N LEU D 369 -25.37 -26.34 24.67
CA LEU D 369 -24.44 -26.53 25.80
C LEU D 369 -23.00 -26.85 25.40
N GLY D 370 -22.83 -27.69 24.38
CA GLY D 370 -21.53 -28.14 23.88
C GLY D 370 -20.73 -28.92 24.90
N LEU D 371 -21.34 -29.99 25.43
CA LEU D 371 -20.72 -30.85 26.45
C LEU D 371 -20.03 -32.04 25.81
N THR D 372 -19.17 -32.73 26.60
CA THR D 372 -18.54 -33.98 26.19
C THR D 372 -19.66 -35.03 26.24
N ASP D 373 -19.59 -36.09 25.43
CA ASP D 373 -20.64 -37.10 25.42
C ASP D 373 -20.46 -38.14 26.57
N GLU D 374 -19.86 -37.67 27.69
CA GLU D 374 -19.59 -38.36 28.96
C GLU D 374 -20.22 -37.52 30.10
N GLU D 375 -20.51 -36.24 29.78
CA GLU D 375 -21.19 -35.22 30.60
C GLU D 375 -22.68 -35.22 30.14
N LYS D 376 -22.89 -35.45 28.81
CA LYS D 376 -24.15 -35.58 28.07
C LYS D 376 -24.74 -36.96 28.37
N GLU D 377 -23.88 -37.91 28.75
CA GLU D 377 -24.13 -39.30 29.16
C GLU D 377 -24.81 -39.27 30.55
N ALA D 378 -24.19 -38.52 31.51
CA ALA D 378 -24.62 -38.31 32.90
C ALA D 378 -25.91 -37.47 33.01
N ALA D 379 -26.10 -36.53 32.07
CA ALA D 379 -27.25 -35.62 31.99
C ALA D 379 -28.54 -36.38 31.66
N GLU D 380 -28.42 -37.48 30.87
CA GLU D 380 -29.52 -38.35 30.47
C GLU D 380 -30.03 -39.11 31.68
N HIS D 381 -29.11 -39.45 32.61
CA HIS D 381 -29.37 -40.15 33.85
C HIS D 381 -30.33 -39.35 34.76
N PHE D 382 -30.55 -38.06 34.46
CA PHE D 382 -31.47 -37.24 35.24
C PHE D 382 -32.92 -37.47 34.88
N LEU D 383 -33.58 -38.29 35.72
CA LEU D 383 -35.00 -38.65 35.59
C LEU D 383 -35.87 -37.76 36.48
N SER E 2 -35.73 -13.79 3.99
CA SER E 2 -35.68 -14.61 5.19
C SER E 2 -35.90 -13.81 6.48
N LEU E 3 -36.40 -14.53 7.51
CA LEU E 3 -36.79 -14.05 8.82
C LEU E 3 -35.65 -13.65 9.77
N GLN E 4 -34.66 -12.92 9.25
CA GLN E 4 -33.49 -12.53 10.02
C GLN E 4 -33.43 -11.09 10.47
N GLY E 5 -34.02 -10.17 9.72
CA GLY E 5 -33.96 -8.73 10.03
C GLY E 5 -34.76 -8.31 11.25
N ILE E 6 -35.33 -9.28 12.00
CA ILE E 6 -36.11 -9.04 13.20
C ILE E 6 -35.11 -8.99 14.36
N HIS E 7 -34.45 -7.84 14.52
CA HIS E 7 -33.48 -7.64 15.59
C HIS E 7 -33.30 -6.16 16.01
N LEU E 8 -33.39 -5.91 17.33
CA LEU E 8 -33.24 -4.59 17.95
C LEU E 8 -32.15 -4.70 18.99
N SER E 9 -31.13 -3.86 18.90
CA SER E 9 -30.04 -3.89 19.88
C SER E 9 -30.27 -2.87 21.00
N ASP E 10 -31.52 -2.81 21.49
CA ASP E 10 -32.06 -1.90 22.49
C ASP E 10 -31.11 -1.53 23.64
N LEU E 11 -30.49 -2.52 24.29
CA LEU E 11 -29.60 -2.26 25.43
C LEU E 11 -28.42 -1.38 25.09
N SER E 12 -27.82 -1.58 23.90
CA SER E 12 -26.69 -0.77 23.45
C SER E 12 -27.14 0.68 23.25
N TYR E 13 -28.31 0.88 22.57
CA TYR E 13 -28.94 2.18 22.30
C TYR E 13 -29.25 2.87 23.62
N LYS E 14 -29.77 2.10 24.61
CA LYS E 14 -30.09 2.56 25.96
C LYS E 14 -28.87 3.21 26.60
N HIS E 15 -27.69 2.57 26.44
CA HIS E 15 -26.43 3.09 26.94
C HIS E 15 -25.95 4.28 26.11
N ALA E 16 -26.02 4.15 24.78
CA ALA E 16 -25.61 5.18 23.82
C ALA E 16 -26.26 6.54 24.07
N ILE E 17 -27.50 6.53 24.56
CA ILE E 17 -28.27 7.72 24.90
C ILE E 17 -27.68 8.43 26.13
N LEU E 18 -27.02 7.68 27.02
CA LEU E 18 -26.42 8.22 28.23
C LEU E 18 -24.95 8.64 28.02
N LYS E 19 -24.61 8.98 26.77
CA LYS E 19 -23.30 9.44 26.32
C LYS E 19 -23.51 10.71 25.50
N GLU E 20 -24.62 10.75 24.75
CA GLU E 20 -25.10 11.85 23.90
C GLU E 20 -25.33 13.18 24.67
N SER E 21 -25.46 13.10 26.02
CA SER E 21 -25.69 14.26 26.86
C SER E 21 -24.49 15.16 26.80
N GLN E 22 -24.64 16.20 26.01
CA GLN E 22 -23.59 17.18 25.86
C GLN E 22 -23.72 18.13 27.06
N TYR E 23 -24.94 18.22 27.62
CA TYR E 23 -25.22 19.07 28.76
C TYR E 23 -24.87 18.34 30.04
N THR E 24 -24.35 19.08 31.02
CA THR E 24 -23.84 18.54 32.29
C THR E 24 -24.63 19.03 33.47
N ILE E 25 -24.95 18.08 34.40
CA ILE E 25 -25.73 18.40 35.59
C ILE E 25 -24.89 19.06 36.69
N LYS E 26 -25.44 20.12 37.29
CA LYS E 26 -24.81 20.88 38.36
C LYS E 26 -25.64 20.76 39.61
N ARG E 27 -25.58 19.59 40.26
CA ARG E 27 -26.33 19.32 41.49
C ARG E 27 -25.50 19.80 42.69
N ASP E 28 -26.11 19.90 43.89
CA ASP E 28 -25.45 20.32 45.15
C ASP E 28 -24.93 21.75 44.99
N VAL E 29 -25.79 22.62 44.47
CA VAL E 29 -25.45 23.98 44.12
C VAL E 29 -24.84 24.79 45.28
N GLY E 30 -25.46 24.83 46.45
CA GLY E 30 -24.95 25.64 47.55
C GLY E 30 -24.04 24.94 48.53
N THR E 31 -24.08 23.60 48.55
CA THR E 31 -23.35 22.69 49.47
C THR E 31 -21.88 23.05 49.71
N THR E 32 -21.40 22.76 50.94
CA THR E 32 -20.02 22.96 51.38
C THR E 32 -19.55 21.76 52.20
N THR E 33 -18.33 21.28 51.94
CA THR E 33 -17.73 20.18 52.68
C THR E 33 -16.31 20.52 53.08
N ALA E 34 -15.85 19.94 54.19
CA ALA E 34 -14.50 20.17 54.68
C ALA E 34 -13.44 19.43 53.89
N VAL E 35 -12.32 20.14 53.64
CA VAL E 35 -11.08 19.62 53.05
C VAL E 35 -9.95 20.07 53.95
N THR E 36 -8.93 19.22 54.10
CA THR E 36 -7.77 19.49 54.93
C THR E 36 -6.55 19.60 54.01
N PRO E 37 -5.74 20.66 54.15
CA PRO E 37 -4.54 20.76 53.29
C PRO E 37 -3.51 19.73 53.68
N SER E 38 -2.71 19.30 52.71
CA SER E 38 -1.68 18.28 52.87
C SER E 38 -0.77 18.51 54.09
N SER E 39 -0.49 19.79 54.36
CA SER E 39 0.35 20.32 55.46
C SER E 39 -0.09 19.86 56.86
N LEU E 40 -1.38 19.59 57.03
CA LEU E 40 -1.95 19.17 58.30
C LEU E 40 -2.15 17.67 58.44
N GLN E 41 -1.44 16.86 57.62
CA GLN E 41 -1.56 15.40 57.65
C GLN E 41 -1.19 14.82 59.05
N GLN E 42 -0.14 15.35 59.72
CA GLN E 42 0.28 14.86 61.05
C GLN E 42 -0.77 15.10 62.13
N GLU E 43 -1.44 16.25 62.07
CA GLU E 43 -2.47 16.70 63.00
C GLU E 43 -3.73 15.89 62.86
N ILE E 44 -4.12 15.59 61.61
CA ILE E 44 -5.29 14.78 61.35
C ILE E 44 -4.98 13.30 61.72
N THR E 45 -3.70 12.86 61.56
CA THR E 45 -3.24 11.51 61.92
C THR E 45 -3.41 11.32 63.41
N LEU E 46 -2.98 12.31 64.21
CA LEU E 46 -3.13 12.25 65.65
C LEU E 46 -4.62 12.12 66.05
N LEU E 47 -5.50 12.94 65.44
CA LEU E 47 -6.93 12.97 65.71
C LEU E 47 -7.60 11.64 65.42
N CYS E 48 -7.17 10.96 64.34
CA CYS E 48 -7.63 9.63 63.92
C CYS E 48 -7.27 8.62 65.01
N GLY E 49 -6.02 8.67 65.49
CA GLY E 49 -5.51 7.82 66.55
C GLY E 49 -6.27 7.99 67.83
N GLU E 50 -6.64 9.24 68.16
CA GLU E 50 -7.41 9.60 69.35
C GLU E 50 -8.78 8.95 69.35
N ILE E 51 -9.42 8.82 68.17
CA ILE E 51 -10.73 8.17 68.00
C ILE E 51 -10.65 6.66 68.38
N LEU E 52 -9.57 6.00 67.92
CA LEU E 52 -9.31 4.57 68.16
C LEU E 52 -8.82 4.30 69.60
N TYR E 53 -7.94 5.19 70.13
CA TYR E 53 -7.23 5.07 71.41
C TYR E 53 -8.11 5.00 72.66
N ALA E 54 -9.19 5.81 72.73
CA ALA E 54 -10.08 5.88 73.88
C ALA E 54 -11.53 5.53 73.55
N LYS E 55 -12.30 5.13 74.58
CA LYS E 55 -13.72 4.79 74.42
C LYS E 55 -14.50 6.07 74.58
N HIS E 56 -14.92 6.65 73.44
CA HIS E 56 -15.62 7.93 73.37
C HIS E 56 -17.11 7.84 73.51
N ALA E 57 -17.69 8.97 73.91
CA ALA E 57 -19.13 9.10 74.09
C ALA E 57 -19.83 9.12 72.75
N ASP E 58 -19.31 9.90 71.79
CA ASP E 58 -19.93 9.98 70.49
C ASP E 58 -18.94 9.85 69.36
N TYR E 59 -19.31 9.02 68.37
CA TYR E 59 -18.55 8.74 67.17
C TYR E 59 -19.34 9.26 65.92
N LYS E 60 -19.83 10.51 65.98
CA LYS E 60 -20.63 11.10 64.89
C LYS E 60 -19.76 11.50 63.70
N TYR E 61 -18.70 12.26 63.96
CA TYR E 61 -17.84 12.80 62.93
C TYR E 61 -16.63 11.95 62.58
N ALA E 62 -16.53 10.73 63.17
CA ALA E 62 -15.42 9.79 62.97
C ALA E 62 -15.10 9.58 61.47
N ALA E 63 -16.14 9.41 60.63
CA ALA E 63 -16.02 9.23 59.18
C ALA E 63 -15.51 10.48 58.49
N GLU E 64 -16.01 11.68 58.87
CA GLU E 64 -15.56 12.94 58.29
C GLU E 64 -14.05 13.12 58.55
N ILE E 65 -13.56 12.69 59.71
CA ILE E 65 -12.13 12.75 60.07
C ILE E 65 -11.32 11.86 59.13
N GLY E 66 -11.85 10.69 58.80
CA GLY E 66 -11.23 9.75 57.86
C GLY E 66 -11.07 10.35 56.46
N ILE E 67 -12.14 11.03 55.99
CA ILE E 67 -12.21 11.73 54.71
C ILE E 67 -11.16 12.84 54.73
N GLN E 68 -10.98 13.50 55.88
CA GLN E 68 -9.98 14.55 56.06
C GLN E 68 -8.55 14.04 55.89
N TYR E 69 -8.28 12.78 56.29
CA TYR E 69 -6.95 12.20 56.06
C TYR E 69 -6.79 11.97 54.55
N ILE E 70 -7.83 11.39 53.88
CA ILE E 70 -7.84 11.17 52.42
C ILE E 70 -7.50 12.49 51.73
N SER E 71 -8.13 13.59 52.19
CA SER E 71 -7.94 14.93 51.69
C SER E 71 -6.48 15.34 51.71
N THR E 72 -5.79 15.11 52.86
CA THR E 72 -4.36 15.44 53.00
C THR E 72 -3.55 14.58 52.04
N ALA E 73 -3.88 13.28 51.97
CA ALA E 73 -3.19 12.32 51.12
C ALA E 73 -3.32 12.62 49.61
N LEU E 74 -4.52 13.04 49.14
CA LEU E 74 -4.77 13.31 47.71
C LEU E 74 -4.34 14.67 47.25
N GLY E 75 -4.63 15.69 48.03
CA GLY E 75 -4.24 17.05 47.67
C GLY E 75 -4.94 18.16 48.40
N SER E 76 -4.10 19.15 48.85
CA SER E 76 -4.53 20.36 49.56
C SER E 76 -5.90 20.88 48.97
N GLU E 77 -5.93 20.97 47.63
CA GLU E 77 -6.99 21.50 46.76
C GLU E 77 -7.32 20.60 45.51
N ARG E 78 -6.62 19.47 45.35
CA ARG E 78 -6.86 18.54 44.25
C ARG E 78 -8.20 17.86 44.47
N VAL E 79 -8.63 17.82 45.73
CA VAL E 79 -9.88 17.21 46.14
C VAL E 79 -11.07 17.91 45.50
N GLN E 80 -11.08 19.26 45.47
CA GLN E 80 -12.16 20.05 44.85
C GLN E 80 -12.39 19.58 43.42
N GLN E 81 -11.29 19.35 42.67
CA GLN E 81 -11.32 18.88 41.29
C GLN E 81 -12.10 17.58 41.20
N ILE E 82 -11.77 16.59 42.05
CA ILE E 82 -12.43 15.28 42.09
C ILE E 82 -13.94 15.41 42.30
N LEU E 83 -14.33 16.20 43.34
CA LEU E 83 -15.73 16.42 43.72
C LEU E 83 -16.51 17.10 42.62
N ARG E 84 -15.91 18.12 41.97
CA ARG E 84 -16.50 18.84 40.85
C ARG E 84 -16.73 17.88 39.68
N ASN E 85 -15.75 17.01 39.42
CA ASN E 85 -15.79 16.03 38.36
C ASN E 85 -16.68 14.82 38.66
N SER E 86 -17.12 14.66 39.92
CA SER E 86 -18.01 13.55 40.25
C SER E 86 -19.46 13.85 39.82
N GLY E 87 -19.73 15.11 39.46
CA GLY E 87 -21.04 15.59 39.04
C GLY E 87 -21.65 16.59 40.00
N SER E 88 -21.11 16.65 41.23
CA SER E 88 -21.55 17.53 42.30
C SER E 88 -20.82 18.86 42.21
N GLU E 89 -21.56 19.93 42.22
CA GLU E 89 -21.01 21.26 42.12
C GLU E 89 -20.70 21.85 43.52
N VAL E 90 -20.59 20.97 44.54
CA VAL E 90 -20.28 21.30 45.94
C VAL E 90 -18.96 22.11 46.06
N GLN E 91 -18.87 23.06 47.04
CA GLN E 91 -17.65 23.85 47.30
C GLN E 91 -16.95 23.33 48.52
N VAL E 92 -15.63 23.45 48.52
CA VAL E 92 -14.81 22.95 49.62
C VAL E 92 -14.47 24.04 50.62
N VAL E 93 -14.15 23.64 51.86
CA VAL E 93 -13.77 24.57 52.92
C VAL E 93 -12.51 24.06 53.62
N LEU E 94 -11.40 24.82 53.49
CA LEU E 94 -10.12 24.44 54.07
C LEU E 94 -10.07 24.64 55.56
N THR E 95 -9.93 23.51 56.26
CA THR E 95 -9.89 23.41 57.70
C THR E 95 -8.64 24.06 58.28
N ARG E 96 -8.82 24.88 59.33
CA ARG E 96 -7.77 25.67 59.98
C ARG E 96 -7.38 25.16 61.38
N THR E 97 -6.47 25.90 62.06
CA THR E 97 -5.98 25.58 63.40
C THR E 97 -6.31 26.71 64.38
N LEU E 114 -7.68 21.48 65.69
CA LEU E 114 -8.14 21.54 64.30
C LEU E 114 -9.59 21.97 64.19
N ASP E 115 -9.84 22.99 63.35
CA ASP E 115 -11.18 23.51 63.09
C ASP E 115 -11.69 22.98 61.78
N ILE E 116 -12.37 21.85 61.84
CA ILE E 116 -12.87 21.18 60.65
C ILE E 116 -14.28 21.66 60.33
N HIS E 117 -14.51 22.07 59.05
CA HIS E 117 -15.81 22.54 58.59
C HIS E 117 -16.88 21.47 58.66
N GLY E 118 -17.96 21.80 59.37
CA GLY E 118 -19.09 20.91 59.59
C GLY E 118 -18.97 20.11 60.87
N VAL E 119 -17.74 20.01 61.39
CA VAL E 119 -17.42 19.29 62.62
C VAL E 119 -17.38 20.27 63.77
N GLU E 120 -18.26 20.02 64.77
CA GLU E 120 -18.43 20.82 65.98
C GLU E 120 -17.10 20.94 66.70
N LYS E 121 -16.71 22.16 67.07
CA LYS E 121 -15.47 22.40 67.79
C LYS E 121 -15.49 21.61 69.11
N SER E 122 -16.67 21.56 69.76
CA SER E 122 -16.96 20.83 70.99
C SER E 122 -16.61 19.34 70.88
N TRP E 123 -16.94 18.72 69.72
CA TRP E 123 -16.69 17.31 69.45
C TRP E 123 -15.19 17.02 69.35
N VAL E 124 -14.44 17.86 68.61
CA VAL E 124 -12.99 17.80 68.41
C VAL E 124 -12.30 17.81 69.79
N GLU E 125 -12.70 18.76 70.65
CA GLU E 125 -12.17 18.93 71.99
C GLU E 125 -12.48 17.75 72.87
N GLU E 126 -13.71 17.19 72.77
CA GLU E 126 -14.17 16.00 73.52
C GLU E 126 -13.26 14.82 73.21
N ILE E 127 -13.06 14.54 71.90
CA ILE E 127 -12.24 13.43 71.41
C ILE E 127 -10.82 13.56 71.94
N ASP E 128 -10.25 14.76 71.86
CA ASP E 128 -8.91 15.03 72.36
C ASP E 128 -8.83 14.85 73.88
N LYS E 129 -9.74 15.51 74.64
CA LYS E 129 -9.83 15.46 76.10
C LYS E 129 -9.93 14.03 76.62
N GLU E 130 -10.91 13.27 76.10
CA GLU E 130 -11.14 11.90 76.48
C GLU E 130 -9.92 11.00 76.24
N ALA E 131 -9.23 11.20 75.10
CA ALA E 131 -8.03 10.44 74.74
C ALA E 131 -6.86 10.72 75.68
N ARG E 132 -6.67 12.00 76.06
CA ARG E 132 -5.60 12.41 76.97
C ARG E 132 -5.81 11.81 78.35
N LYS E 133 -7.09 11.77 78.79
CA LYS E 133 -7.53 11.18 80.07
C LYS E 133 -7.16 9.70 80.11
N THR E 134 -7.45 8.96 79.00
CA THR E 134 -7.15 7.55 78.86
C THR E 134 -5.61 7.34 78.82
N MET E 135 -4.86 8.24 78.15
CA MET E 135 -3.39 8.17 78.07
C MET E 135 -2.75 8.28 79.46
N ALA E 136 -3.27 9.21 80.29
CA ALA E 136 -2.82 9.47 81.65
C ALA E 136 -3.05 8.28 82.59
N THR E 137 -4.27 7.70 82.55
CA THR E 137 -4.70 6.54 83.33
C THR E 137 -3.75 5.36 83.07
N LEU E 138 -3.56 5.06 81.78
CA LEU E 138 -2.71 3.97 81.27
C LEU E 138 -1.22 4.15 81.50
N LEU E 139 -0.69 5.38 81.36
CA LEU E 139 0.72 5.66 81.59
C LEU E 139 1.12 5.45 83.07
N LYS E 140 0.17 5.65 84.00
CA LYS E 140 0.34 5.42 85.44
C LYS E 140 0.52 3.88 85.69
N GLU E 141 -0.33 3.04 85.02
CA GLU E 141 -0.35 1.58 85.09
C GLU E 141 0.91 0.94 84.47
N SER E 142 1.25 1.39 83.22
CA SER E 142 2.39 1.00 82.36
C SER E 142 3.75 1.39 82.96
N SER E 143 3.70 2.20 84.04
CA SER E 143 4.83 2.76 84.78
C SER E 143 5.66 3.66 83.85
N GLY E 144 4.95 4.59 83.21
CA GLY E 144 5.46 5.55 82.24
C GLY E 144 5.86 4.97 80.90
N ASN E 145 5.58 3.66 80.66
CA ASN E 145 6.00 2.96 79.44
C ASN E 145 4.87 2.57 78.46
N ILE E 146 4.65 3.42 77.44
CA ILE E 146 3.71 3.18 76.36
C ILE E 146 4.51 3.17 75.04
N PRO E 147 4.61 2.01 74.36
CA PRO E 147 5.39 1.96 73.10
C PRO E 147 4.68 2.70 71.97
N GLN E 148 5.47 3.16 71.00
CA GLN E 148 4.99 3.94 69.85
C GLN E 148 3.73 3.41 69.17
N ASN E 149 3.72 2.10 68.89
CA ASN E 149 2.66 1.33 68.25
C ASN E 149 1.29 1.35 68.98
N GLN E 150 1.27 1.76 70.25
CA GLN E 150 0.05 1.81 71.03
C GLN E 150 -0.48 3.21 71.23
N ARG E 151 0.30 4.21 70.81
CA ARG E 151 -0.05 5.63 70.95
C ARG E 151 -0.92 6.12 69.80
N PRO E 152 -1.82 7.13 70.03
CA PRO E 152 -2.64 7.70 68.93
C PRO E 152 -1.82 8.37 67.83
N SER E 153 -0.52 8.59 68.11
CA SER E 153 0.47 9.20 67.23
C SER E 153 0.96 8.28 66.09
N ALA E 154 0.80 6.93 66.24
CA ALA E 154 1.21 5.94 65.23
C ALA E 154 0.66 6.30 63.84
N PRO E 155 1.53 6.32 62.80
CA PRO E 155 1.10 6.80 61.46
C PRO E 155 0.03 6.00 60.73
N ASP E 156 -0.17 4.75 61.11
CA ASP E 156 -1.14 3.85 60.48
C ASP E 156 -2.58 3.99 61.02
N THR E 157 -2.77 4.79 62.11
CA THR E 157 -4.08 5.01 62.74
C THR E 157 -5.15 5.56 61.76
N PRO E 158 -4.84 6.50 60.83
CA PRO E 158 -5.88 6.93 59.87
C PRO E 158 -6.28 5.80 58.92
N ILE E 159 -5.30 4.97 58.50
CA ILE E 159 -5.54 3.84 57.61
C ILE E 159 -6.47 2.84 58.30
N ILE E 160 -6.21 2.53 59.59
CA ILE E 160 -7.03 1.63 60.42
C ILE E 160 -8.47 2.11 60.42
N LEU E 161 -8.65 3.43 60.67
CA LEU E 161 -9.96 4.11 60.70
C LEU E 161 -10.69 3.92 59.36
N LEU E 162 -9.96 4.14 58.24
CA LEU E 162 -10.48 4.02 56.88
C LEU E 162 -10.78 2.59 56.48
N CYS E 163 -10.11 1.60 57.12
CA CYS E 163 -10.32 0.18 56.85
C CYS E 163 -11.70 -0.26 57.34
N VAL E 164 -12.18 0.37 58.43
CA VAL E 164 -13.53 0.13 58.97
C VAL E 164 -14.53 0.71 57.96
N GLY E 165 -14.16 1.85 57.37
CA GLY E 165 -14.93 2.49 56.32
C GLY E 165 -14.98 1.67 55.05
N ALA E 166 -13.86 0.98 54.75
CA ALA E 166 -13.71 0.11 53.58
C ALA E 166 -14.64 -1.10 53.68
N LEU E 167 -14.79 -1.64 54.90
CA LEU E 167 -15.66 -2.78 55.16
C LEU E 167 -17.11 -2.41 55.02
N ILE E 168 -17.50 -1.17 55.41
CA ILE E 168 -18.86 -0.70 55.24
C ILE E 168 -19.10 -0.30 53.78
N PHE E 169 -18.02 0.06 53.08
CA PHE E 169 -18.05 0.41 51.67
C PHE E 169 -18.43 -0.82 50.86
N THR E 170 -17.83 -2.00 51.19
CA THR E 170 -18.18 -3.25 50.52
C THR E 170 -19.68 -3.56 50.65
N LYS E 171 -20.24 -3.45 51.87
CA LYS E 171 -21.67 -3.75 52.08
C LYS E 171 -22.55 -2.48 51.98
N LEU E 172 -22.27 -1.63 50.96
CA LEU E 172 -23.10 -0.46 50.70
C LEU E 172 -24.27 -0.88 49.82
N ALA E 173 -24.17 -2.09 49.23
CA ALA E 173 -25.15 -2.73 48.36
C ALA E 173 -26.38 -3.22 49.13
N SER E 174 -26.25 -3.46 50.45
CA SER E 174 -27.34 -3.95 51.31
C SER E 174 -27.79 -2.92 52.38
N THR E 175 -28.45 -3.39 53.48
CA THR E 175 -28.96 -2.58 54.61
C THR E 175 -27.82 -1.89 55.33
N ILE E 176 -28.15 -0.83 56.10
CA ILE E 176 -27.22 -0.08 56.96
C ILE E 176 -26.84 -1.08 58.06
N GLU E 177 -27.81 -1.95 58.37
CA GLU E 177 -27.73 -3.00 59.33
C GLU E 177 -26.79 -4.12 58.87
N VAL E 178 -27.10 -4.82 57.74
CA VAL E 178 -26.33 -5.96 57.19
C VAL E 178 -24.84 -5.68 57.21
N GLY E 179 -24.50 -4.48 56.73
CA GLY E 179 -23.14 -3.97 56.66
C GLY E 179 -22.42 -3.95 57.99
N LEU E 180 -23.12 -3.56 59.07
CA LEU E 180 -22.54 -3.52 60.41
C LEU E 180 -22.15 -4.89 60.93
N GLU E 181 -22.93 -5.93 60.58
CA GLU E 181 -22.65 -7.30 60.98
C GLU E 181 -21.35 -7.71 60.37
N THR E 182 -21.33 -7.70 59.02
CA THR E 182 -20.21 -8.05 58.16
C THR E 182 -18.96 -7.28 58.59
N THR E 183 -19.09 -5.93 58.78
CA THR E 183 -18.00 -5.04 59.20
C THR E 183 -17.40 -5.56 60.51
N VAL E 184 -18.23 -5.76 61.53
CA VAL E 184 -17.78 -6.24 62.84
C VAL E 184 -17.06 -7.59 62.74
N ARG E 185 -17.71 -8.60 62.11
CA ARG E 185 -17.20 -9.96 61.93
C ARG E 185 -15.81 -9.96 61.33
N ARG E 186 -15.70 -9.37 60.12
CA ARG E 186 -14.47 -9.27 59.34
C ARG E 186 -13.41 -8.42 60.02
N ALA E 187 -13.80 -7.30 60.66
CA ALA E 187 -12.88 -6.41 61.36
C ALA E 187 -12.12 -7.14 62.43
N ASN E 188 -12.77 -8.10 63.09
CA ASN E 188 -12.16 -8.90 64.15
C ASN E 188 -11.02 -9.77 63.65
N ARG E 189 -11.17 -10.31 62.44
CA ARG E 189 -10.16 -11.19 61.83
C ARG E 189 -9.09 -10.37 61.09
N VAL E 190 -9.55 -9.38 60.33
CA VAL E 190 -8.75 -8.50 59.50
C VAL E 190 -7.92 -7.48 60.32
N LEU E 191 -8.58 -6.68 61.19
CA LEU E 191 -7.93 -5.65 62.01
C LEU E 191 -7.51 -6.21 63.38
N SER E 192 -7.25 -7.52 63.41
CA SER E 192 -6.84 -8.33 64.56
C SER E 192 -5.79 -7.61 65.41
N ASP E 193 -4.66 -7.26 64.78
CA ASP E 193 -3.49 -6.64 65.41
C ASP E 193 -3.70 -5.19 65.79
N ALA E 194 -4.50 -4.45 65.00
CA ALA E 194 -4.82 -3.06 65.26
C ALA E 194 -5.64 -2.97 66.56
N LEU E 195 -6.58 -3.91 66.71
CA LEU E 195 -7.43 -4.07 67.88
C LEU E 195 -6.62 -4.40 69.12
N LYS E 196 -5.46 -5.09 68.94
CA LYS E 196 -4.57 -5.44 70.03
C LYS E 196 -3.99 -4.17 70.64
N ARG E 197 -3.57 -3.22 69.77
CA ARG E 197 -2.97 -1.96 70.18
C ARG E 197 -3.99 -0.88 70.60
N TYR E 198 -5.17 -0.85 69.95
CA TYR E 198 -6.23 0.11 70.27
C TYR E 198 -7.49 -0.69 70.57
N PRO E 199 -7.58 -1.29 71.78
CA PRO E 199 -8.74 -2.15 72.07
C PRO E 199 -10.01 -1.35 72.37
N ARG E 200 -9.84 -0.04 72.41
CA ARG E 200 -10.89 0.92 72.70
C ARG E 200 -11.64 1.37 71.45
N MET E 201 -11.20 0.92 70.25
CA MET E 201 -11.89 1.29 69.01
C MET E 201 -13.27 0.62 68.92
N ASP E 202 -14.30 1.46 68.86
CA ASP E 202 -15.70 1.04 68.78
C ASP E 202 -16.04 0.87 67.31
N ILE E 203 -15.74 -0.30 66.77
CA ILE E 203 -15.98 -0.67 65.39
C ILE E 203 -17.44 -0.36 64.97
N PRO E 204 -18.47 -0.77 65.73
CA PRO E 204 -19.86 -0.49 65.30
C PRO E 204 -20.25 0.98 65.18
N LYS E 205 -19.74 1.83 66.08
CA LYS E 205 -20.05 3.27 66.02
C LYS E 205 -19.28 3.95 64.89
N ILE E 206 -17.99 3.57 64.70
CA ILE E 206 -17.15 4.10 63.63
C ILE E 206 -17.79 3.70 62.29
N ALA E 207 -18.15 2.42 62.14
CA ALA E 207 -18.79 1.89 60.92
C ALA E 207 -20.14 2.54 60.64
N ARG E 208 -20.86 2.94 61.69
CA ARG E 208 -22.14 3.60 61.52
C ARG E 208 -21.93 5.00 60.96
N SER E 209 -20.89 5.73 61.46
CA SER E 209 -20.52 7.09 61.01
C SER E 209 -20.22 7.10 59.49
N PHE E 210 -19.52 6.04 59.02
CA PHE E 210 -19.17 5.82 57.63
C PHE E 210 -20.40 5.54 56.80
N TYR E 211 -21.35 4.70 57.30
CA TYR E 211 -22.57 4.46 56.52
C TYR E 211 -23.36 5.75 56.35
N ASP E 212 -23.53 6.48 57.45
CA ASP E 212 -24.25 7.74 57.44
C ASP E 212 -23.60 8.71 56.43
N LEU E 213 -22.26 8.85 56.48
CA LEU E 213 -21.48 9.71 55.57
C LEU E 213 -21.66 9.35 54.08
N PHE E 214 -21.50 8.06 53.72
CA PHE E 214 -21.65 7.59 52.34
C PHE E 214 -23.03 7.77 51.80
N GLU E 215 -24.02 7.75 52.70
CA GLU E 215 -25.41 7.94 52.31
C GLU E 215 -25.75 9.41 52.11
N GLN E 216 -25.25 10.31 53.00
CA GLN E 216 -25.49 11.75 52.93
C GLN E 216 -24.62 12.45 51.88
N LYS E 217 -23.29 12.37 52.04
CA LYS E 217 -22.36 13.02 51.11
C LYS E 217 -21.96 12.02 50.02
N VAL E 218 -22.87 11.80 49.03
CA VAL E 218 -22.69 10.85 47.93
C VAL E 218 -21.38 11.05 47.15
N TYR E 219 -20.91 12.31 47.01
CA TYR E 219 -19.66 12.63 46.33
C TYR E 219 -18.44 12.03 47.04
N HIS E 220 -18.54 11.78 48.36
CA HIS E 220 -17.46 11.15 49.11
C HIS E 220 -17.26 9.66 48.76
N ARG E 221 -18.25 9.06 48.05
CA ARG E 221 -18.16 7.68 47.60
C ARG E 221 -17.08 7.62 46.54
N SER E 222 -17.13 8.54 45.54
CA SER E 222 -16.13 8.58 44.47
C SER E 222 -14.80 9.18 44.93
N LEU E 223 -14.79 9.92 46.07
CA LEU E 223 -13.56 10.44 46.64
C LEU E 223 -12.81 9.27 47.27
N PHE E 224 -13.55 8.36 47.94
CA PHE E 224 -13.04 7.14 48.57
C PHE E 224 -12.46 6.22 47.50
N ILE E 225 -13.17 6.10 46.35
CA ILE E 225 -12.76 5.32 45.19
C ILE E 225 -11.45 5.87 44.64
N GLU E 226 -11.33 7.22 44.54
CA GLU E 226 -10.11 7.86 44.05
C GLU E 226 -8.95 7.66 44.98
N TYR E 227 -9.21 7.55 46.31
CA TYR E 227 -8.16 7.29 47.28
C TYR E 227 -7.66 5.87 47.07
N GLY E 228 -8.60 4.95 46.90
CA GLY E 228 -8.35 3.54 46.64
C GLY E 228 -7.55 3.35 45.37
N LYS E 229 -8.01 3.96 44.26
CA LYS E 229 -7.34 3.95 42.95
C LYS E 229 -5.90 4.43 43.09
N ALA E 230 -5.71 5.62 43.74
CA ALA E 230 -4.42 6.29 43.99
C ALA E 230 -3.48 5.41 44.82
N LEU E 231 -3.99 4.86 45.94
CA LEU E 231 -3.27 3.98 46.87
C LEU E 231 -2.82 2.70 46.16
N GLY E 232 -3.72 2.17 45.33
CA GLY E 232 -3.47 0.98 44.53
C GLY E 232 -2.35 1.16 43.55
N SER E 233 -2.09 2.40 43.14
CA SER E 233 -1.03 2.64 42.19
C SER E 233 0.38 2.67 42.79
N SER E 234 0.59 3.31 43.97
CA SER E 234 1.91 3.50 44.65
C SER E 234 2.84 2.25 44.70
N SER E 235 4.16 2.50 44.62
CA SER E 235 5.23 1.52 44.63
C SER E 235 5.34 0.81 46.00
N THR E 236 5.38 1.60 47.08
CA THR E 236 5.46 1.07 48.44
C THR E 236 4.29 1.52 49.27
N GLY E 237 3.54 0.55 49.75
CA GLY E 237 2.41 0.79 50.63
C GLY E 237 2.72 0.28 52.02
N SER E 238 1.92 0.72 52.98
CA SER E 238 2.02 0.28 54.36
C SER E 238 1.38 -1.10 54.45
N LYS E 239 1.58 -1.79 55.59
CA LYS E 239 0.96 -3.08 55.85
C LYS E 239 -0.57 -2.84 55.95
N ALA E 240 -0.97 -1.71 56.59
CA ALA E 240 -2.34 -1.23 56.77
C ALA E 240 -2.96 -0.79 55.45
N GLU E 241 -2.16 -0.11 54.61
CA GLU E 241 -2.56 0.39 53.30
C GLU E 241 -2.85 -0.75 52.34
N SER E 242 -1.97 -1.76 52.31
CA SER E 242 -2.12 -2.95 51.49
C SER E 242 -3.36 -3.76 51.91
N LEU E 243 -3.82 -3.59 53.15
CA LEU E 243 -5.02 -4.24 53.61
C LEU E 243 -6.23 -3.49 53.04
N PHE E 244 -6.22 -2.15 53.16
CA PHE E 244 -7.30 -1.27 52.70
C PHE E 244 -7.74 -1.58 51.27
N VAL E 245 -6.77 -1.62 50.34
CA VAL E 245 -7.01 -1.89 48.93
C VAL E 245 -7.60 -3.28 48.74
N ASN E 246 -7.11 -4.27 49.52
CA ASN E 246 -7.59 -5.64 49.45
C ASN E 246 -9.03 -5.79 49.92
N ILE E 247 -9.50 -4.88 50.82
CA ILE E 247 -10.89 -4.84 51.26
C ILE E 247 -11.70 -4.22 50.11
N PHE E 248 -11.15 -3.13 49.54
CA PHE E 248 -11.68 -2.36 48.43
C PHE E 248 -11.88 -3.22 47.18
N MET E 249 -11.00 -4.22 46.98
CA MET E 249 -11.06 -5.12 45.82
C MET E 249 -12.21 -6.10 45.91
N GLN E 250 -12.43 -6.66 47.10
CA GLN E 250 -13.52 -7.60 47.39
C GLN E 250 -14.88 -6.88 47.18
N ALA E 251 -14.84 -5.54 47.03
CA ALA E 251 -15.97 -4.66 46.79
C ALA E 251 -16.19 -4.45 45.29
N TYR E 252 -15.32 -4.98 44.40
CA TYR E 252 -15.47 -4.70 42.96
C TYR E 252 -16.78 -5.19 42.36
N GLY E 253 -17.12 -6.45 42.53
CA GLY E 253 -18.37 -6.98 42.00
C GLY E 253 -19.57 -6.56 42.84
N ALA E 254 -19.80 -5.25 42.89
CA ALA E 254 -20.85 -4.61 43.69
C ALA E 254 -22.15 -4.64 42.91
N GLY E 255 -23.20 -5.18 43.53
CA GLY E 255 -24.51 -5.24 42.90
C GLY E 255 -24.63 -6.08 41.62
N GLN E 256 -23.50 -6.63 41.16
CA GLN E 256 -23.47 -7.43 39.95
C GLN E 256 -23.31 -8.90 40.26
N THR E 257 -23.54 -9.29 41.55
CA THR E 257 -23.42 -10.67 42.05
C THR E 257 -24.08 -11.67 41.11
N MET E 258 -25.17 -11.24 40.47
CA MET E 258 -25.91 -12.05 39.53
C MET E 258 -25.12 -12.42 38.27
N LEU E 259 -24.38 -11.45 37.68
CA LEU E 259 -23.56 -11.68 36.49
C LEU E 259 -22.40 -12.60 36.77
N ARG E 260 -21.77 -12.47 37.95
CA ARG E 260 -20.64 -13.31 38.34
C ARG E 260 -21.09 -14.73 38.64
N TRP E 261 -22.29 -14.90 39.19
CA TRP E 261 -22.86 -16.22 39.44
C TRP E 261 -23.33 -16.84 38.12
N GLY E 262 -23.54 -15.97 37.14
CA GLY E 262 -23.92 -16.34 35.77
C GLY E 262 -22.78 -17.06 35.09
N VAL E 263 -21.53 -16.54 35.24
CA VAL E 263 -20.36 -17.19 34.67
C VAL E 263 -20.09 -18.52 35.38
N ILE E 264 -20.41 -18.58 36.69
CA ILE E 264 -20.28 -19.78 37.52
C ILE E 264 -21.20 -20.88 37.01
N ALA E 265 -22.43 -20.51 36.60
CA ALA E 265 -23.40 -21.44 36.03
C ALA E 265 -22.86 -22.06 34.72
N ARG E 266 -22.17 -21.27 33.89
CA ARG E 266 -21.54 -21.70 32.63
C ARG E 266 -20.36 -22.63 32.94
N SER E 267 -19.51 -22.25 33.92
CA SER E 267 -18.35 -23.03 34.35
C SER E 267 -18.77 -24.39 34.90
N SER E 268 -19.94 -24.45 35.59
CA SER E 268 -20.50 -25.67 36.18
C SER E 268 -21.13 -26.55 35.10
N ASN E 269 -21.37 -25.97 33.90
CA ASN E 269 -22.02 -26.62 32.75
C ASN E 269 -23.36 -27.20 33.16
N ASN E 270 -24.15 -26.35 33.85
CA ASN E 270 -25.47 -26.69 34.32
C ASN E 270 -26.38 -26.88 33.12
N ILE E 271 -26.88 -28.11 32.95
CA ILE E 271 -27.75 -28.55 31.85
C ILE E 271 -29.04 -27.75 31.74
N MET E 272 -29.40 -27.04 32.81
CA MET E 272 -30.58 -26.19 32.80
C MET E 272 -30.41 -24.95 31.94
N LEU E 273 -29.14 -24.57 31.66
CA LEU E 273 -28.83 -23.44 30.78
C LEU E 273 -29.18 -23.80 29.33
N GLY E 274 -29.48 -25.09 29.11
CA GLY E 274 -29.87 -25.64 27.82
C GLY E 274 -31.39 -25.73 27.66
N HIS E 275 -32.16 -25.41 28.71
CA HIS E 275 -33.62 -25.41 28.67
C HIS E 275 -34.12 -24.45 27.61
N VAL E 276 -35.14 -24.87 26.84
CA VAL E 276 -35.73 -24.10 25.74
C VAL E 276 -36.15 -22.65 26.15
N SER E 277 -36.78 -22.50 27.35
CA SER E 277 -37.22 -21.21 27.88
C SER E 277 -36.05 -20.30 28.24
N VAL E 278 -34.93 -20.90 28.64
CA VAL E 278 -33.69 -20.20 28.99
C VAL E 278 -32.98 -19.82 27.69
N GLN E 279 -32.94 -20.75 26.71
CA GLN E 279 -32.36 -20.54 25.38
C GLN E 279 -32.98 -19.34 24.70
N ALA E 280 -34.28 -19.09 24.93
CA ALA E 280 -35.03 -17.96 24.37
C ALA E 280 -34.49 -16.59 24.83
N GLU E 281 -33.91 -16.54 26.04
CA GLU E 281 -33.38 -15.31 26.65
C GLU E 281 -31.91 -15.05 26.35
N LEU E 282 -31.27 -15.95 25.60
CA LEU E 282 -29.86 -15.87 25.23
C LEU E 282 -29.43 -14.50 24.73
N LYS E 283 -30.15 -13.94 23.74
CA LYS E 283 -29.79 -12.64 23.17
C LYS E 283 -29.80 -11.51 24.19
N GLN E 284 -30.75 -11.51 25.17
CA GLN E 284 -30.81 -10.47 26.20
C GLN E 284 -29.62 -10.61 27.14
N VAL E 285 -29.34 -11.87 27.58
CA VAL E 285 -28.23 -12.20 28.48
C VAL E 285 -26.93 -11.72 27.84
N THR E 286 -26.72 -12.09 26.57
CA THR E 286 -25.54 -11.71 25.81
C THR E 286 -25.38 -10.21 25.80
N GLU E 287 -26.47 -9.47 25.52
CA GLU E 287 -26.51 -8.01 25.48
C GLU E 287 -25.99 -7.40 26.77
N VAL E 288 -26.33 -7.98 27.93
CA VAL E 288 -25.89 -7.47 29.22
C VAL E 288 -24.38 -7.66 29.39
N TYR E 289 -23.84 -8.87 29.13
CA TYR E 289 -22.39 -9.15 29.25
C TYR E 289 -21.52 -8.36 28.30
N ASP E 290 -22.09 -7.98 27.14
CA ASP E 290 -21.47 -7.19 26.07
C ASP E 290 -21.48 -5.72 26.42
N LEU E 291 -22.43 -5.30 27.26
CA LEU E 291 -22.49 -3.93 27.75
C LEU E 291 -21.36 -3.76 28.78
N VAL E 292 -21.06 -4.80 29.59
CA VAL E 292 -19.97 -4.79 30.59
C VAL E 292 -18.63 -4.53 29.89
N ARG E 293 -18.42 -5.19 28.74
CA ARG E 293 -17.24 -5.04 27.91
C ARG E 293 -17.21 -3.67 27.26
N GLU E 294 -18.39 -3.12 26.88
CA GLU E 294 -18.56 -1.78 26.28
C GLU E 294 -18.20 -0.68 27.30
N MET E 295 -18.50 -0.90 28.59
CA MET E 295 -18.23 0.04 29.69
C MET E 295 -16.86 -0.13 30.31
N GLY E 296 -16.27 -1.30 30.12
CA GLY E 296 -14.93 -1.63 30.56
C GLY E 296 -14.69 -1.78 32.05
N PRO E 297 -13.66 -1.13 32.62
CA PRO E 297 -13.35 -1.35 34.03
C PRO E 297 -14.26 -0.63 35.00
N GLU E 298 -14.83 0.50 34.59
CA GLU E 298 -15.69 1.25 35.49
C GLU E 298 -17.01 0.54 35.72
N SER E 299 -17.37 -0.41 34.83
CA SER E 299 -18.59 -1.22 34.88
C SER E 299 -18.85 -1.82 36.25
N GLY E 300 -17.81 -2.40 36.86
CA GLY E 300 -17.91 -3.04 38.17
C GLY E 300 -18.26 -2.14 39.35
N LEU E 301 -17.56 -1.03 39.50
CA LEU E 301 -17.83 -0.13 40.61
C LEU E 301 -19.02 0.83 40.37
N LEU E 302 -19.83 0.65 39.29
CA LEU E 302 -20.99 1.50 38.97
C LEU E 302 -22.02 1.58 40.08
N HIS E 303 -22.36 0.40 40.63
CA HIS E 303 -23.33 0.25 41.69
C HIS E 303 -22.77 0.86 42.97
N LEU E 304 -21.46 0.68 43.21
CA LEU E 304 -20.76 1.22 44.37
C LEU E 304 -20.74 2.77 44.46
N ARG E 305 -20.64 3.42 43.28
CA ARG E 305 -20.62 4.86 43.10
C ARG E 305 -22.04 5.45 43.25
N GLN E 306 -23.07 4.57 43.26
CA GLN E 306 -24.52 4.89 43.31
C GLN E 306 -24.87 5.66 42.00
N SER E 307 -24.13 5.32 40.91
CA SER E 307 -24.27 5.94 39.60
C SER E 307 -25.64 5.70 39.01
N PRO E 308 -26.30 6.75 38.48
CA PRO E 308 -27.62 6.56 37.86
C PRO E 308 -27.56 5.64 36.65
N LYS E 309 -26.41 5.67 35.93
CA LYS E 309 -26.08 4.84 34.76
C LYS E 309 -26.31 3.34 35.05
N ALA E 310 -25.90 2.88 36.27
CA ALA E 310 -26.04 1.50 36.78
C ALA E 310 -27.46 1.06 36.77
N GLY E 311 -27.65 -0.24 36.67
CA GLY E 311 -28.99 -0.78 36.60
C GLY E 311 -29.29 -1.20 35.18
N LEU E 312 -28.46 -0.75 34.22
CA LEU E 312 -28.58 -1.18 32.83
C LEU E 312 -28.10 -2.65 32.76
N LEU E 313 -27.28 -3.02 33.77
CA LEU E 313 -26.70 -4.34 34.03
C LEU E 313 -27.67 -5.20 34.88
N SER E 314 -28.98 -5.03 34.63
CA SER E 314 -30.00 -5.80 35.32
C SER E 314 -30.39 -6.97 34.47
N LEU E 315 -30.58 -8.09 35.14
CA LEU E 315 -30.98 -9.35 34.52
C LEU E 315 -32.48 -9.58 34.74
N ALA E 316 -33.25 -8.47 34.76
CA ALA E 316 -34.70 -8.45 34.90
C ALA E 316 -35.35 -8.99 33.62
N ASN E 317 -34.77 -8.63 32.45
CA ASN E 317 -35.17 -9.00 31.09
C ASN E 317 -35.13 -10.52 30.84
N CYS E 318 -34.35 -11.25 31.67
CA CYS E 318 -34.14 -12.70 31.58
C CYS E 318 -34.42 -13.45 32.93
N PRO E 319 -35.71 -13.53 33.32
CA PRO E 319 -36.07 -14.20 34.57
C PRO E 319 -35.76 -15.70 34.66
N ASN E 320 -35.92 -16.45 33.56
CA ASN E 320 -35.68 -17.89 33.51
C ASN E 320 -34.21 -18.22 33.68
N PHE E 321 -33.33 -17.37 33.10
CA PHE E 321 -31.88 -17.49 33.20
C PHE E 321 -31.47 -17.24 34.65
N ALA E 322 -32.00 -16.15 35.24
CA ALA E 322 -31.75 -15.78 36.63
C ALA E 322 -32.09 -16.95 37.58
N SER E 323 -33.22 -17.62 37.31
CA SER E 323 -33.71 -18.77 38.06
C SER E 323 -32.69 -19.91 38.05
N VAL E 324 -32.13 -20.22 36.87
CA VAL E 324 -31.14 -21.28 36.68
C VAL E 324 -29.84 -20.93 37.40
N VAL E 325 -29.35 -19.69 37.24
CA VAL E 325 -28.12 -19.15 37.85
C VAL E 325 -28.17 -19.29 39.37
N LEU E 326 -29.31 -18.90 39.97
CA LEU E 326 -29.56 -19.00 41.41
C LEU E 326 -29.67 -20.45 41.88
N GLY E 327 -30.33 -21.29 41.08
CA GLY E 327 -30.47 -22.71 41.36
C GLY E 327 -29.12 -23.37 41.46
N ASN E 328 -28.27 -23.10 40.45
CA ASN E 328 -26.90 -23.59 40.35
C ASN E 328 -26.10 -23.16 41.58
N ALA E 329 -26.23 -21.89 42.00
CA ALA E 329 -25.57 -21.31 43.18
C ALA E 329 -26.03 -22.02 44.45
N SER E 330 -27.33 -22.33 44.53
CA SER E 330 -27.92 -23.04 45.67
C SER E 330 -27.37 -24.45 45.78
N GLY E 331 -27.35 -25.15 44.64
CA GLY E 331 -26.84 -26.51 44.52
C GLY E 331 -25.38 -26.64 44.90
N LEU E 332 -24.56 -25.66 44.48
CA LEU E 332 -23.13 -25.66 44.82
C LEU E 332 -22.88 -25.17 46.25
N GLY E 333 -23.90 -24.56 46.86
CA GLY E 333 -23.87 -24.06 48.23
C GLY E 333 -23.16 -22.73 48.36
N ILE E 334 -23.42 -21.80 47.43
CA ILE E 334 -22.83 -20.46 47.40
C ILE E 334 -23.86 -19.43 47.82
N ILE E 335 -25.11 -19.60 47.33
CA ILE E 335 -26.28 -18.74 47.50
C ILE E 335 -26.36 -18.01 48.86
N GLY E 336 -25.97 -18.68 49.95
CA GLY E 336 -25.98 -18.11 51.29
C GLY E 336 -27.23 -17.31 51.61
N MET E 337 -27.05 -16.04 52.00
CA MET E 337 -28.16 -15.15 52.39
C MET E 337 -28.65 -14.20 51.30
N TYR E 338 -28.59 -14.63 50.04
CA TYR E 338 -29.02 -13.81 48.93
C TYR E 338 -30.55 -13.81 48.79
N ARG E 339 -31.17 -12.63 48.97
CA ARG E 339 -32.64 -12.44 48.94
C ARG E 339 -33.22 -12.34 47.50
N GLY E 340 -32.35 -12.34 46.49
CA GLY E 340 -32.73 -12.30 45.08
C GLY E 340 -33.88 -13.21 44.72
N ARG E 341 -34.99 -12.60 44.29
CA ARG E 341 -36.26 -13.22 43.90
C ARG E 341 -36.07 -14.28 42.82
N VAL E 342 -36.80 -15.40 42.95
CA VAL E 342 -36.72 -16.51 42.00
C VAL E 342 -38.01 -16.59 41.18
N PRO E 343 -37.94 -16.13 39.91
CA PRO E 343 -39.15 -16.13 39.06
C PRO E 343 -39.65 -17.53 38.73
N ASN E 344 -38.77 -18.40 38.21
CA ASN E 344 -39.14 -19.76 37.86
C ASN E 344 -38.63 -20.75 38.90
N THR E 345 -39.48 -21.06 39.87
CA THR E 345 -39.21 -22.00 40.97
C THR E 345 -38.89 -23.39 40.46
N GLU E 346 -39.57 -23.81 39.38
CA GLU E 346 -39.41 -25.09 38.71
C GLU E 346 -37.96 -25.23 38.21
N LEU E 347 -37.50 -24.30 37.35
CA LEU E 347 -36.15 -24.29 36.77
C LEU E 347 -35.07 -24.23 37.84
N PHE E 348 -35.31 -23.45 38.91
CA PHE E 348 -34.41 -23.28 40.04
C PHE E 348 -34.12 -24.63 40.68
N SER E 349 -35.18 -25.38 41.04
CA SER E 349 -35.08 -26.67 41.70
C SER E 349 -34.29 -27.67 40.86
N ALA E 350 -34.53 -27.67 39.55
CA ALA E 350 -33.86 -28.54 38.58
C ALA E 350 -32.38 -28.24 38.51
N ALA E 351 -32.02 -26.96 38.34
CA ALA E 351 -30.63 -26.49 38.27
C ALA E 351 -29.88 -26.85 39.56
N GLU E 352 -30.58 -26.73 40.70
CA GLU E 352 -30.09 -27.02 42.04
C GLU E 352 -29.74 -28.50 42.18
N SER E 353 -30.62 -29.38 41.70
CA SER E 353 -30.45 -30.83 41.75
C SER E 353 -29.22 -31.25 40.97
N TYR E 354 -29.08 -30.74 39.73
CA TYR E 354 -27.94 -31.04 38.87
C TYR E 354 -26.66 -30.60 39.52
N ALA E 355 -26.62 -29.36 40.03
CA ALA E 355 -25.45 -28.78 40.69
C ALA E 355 -25.03 -29.54 41.94
N LYS E 356 -26.02 -30.09 42.69
CA LYS E 356 -25.73 -30.87 43.89
C LYS E 356 -25.07 -32.20 43.51
N SER E 357 -25.54 -32.82 42.42
CA SER E 357 -25.01 -34.09 41.88
C SER E 357 -23.62 -33.88 41.32
N LEU E 358 -23.39 -32.72 40.69
CA LEU E 358 -22.13 -32.28 40.10
C LEU E 358 -21.10 -32.11 41.24
N LYS E 359 -21.51 -31.38 42.31
CA LYS E 359 -20.76 -31.05 43.52
C LYS E 359 -20.05 -32.27 44.12
N GLU E 360 -20.79 -33.36 44.29
CA GLU E 360 -20.27 -34.60 44.87
C GLU E 360 -19.40 -35.41 43.90
N SER E 361 -19.82 -35.52 42.63
CA SER E 361 -19.18 -36.32 41.60
C SER E 361 -17.77 -35.89 41.23
N ASN E 362 -16.86 -36.88 41.20
CA ASN E 362 -15.45 -36.78 40.85
C ASN E 362 -15.21 -37.45 39.50
N LYS E 363 -14.71 -36.70 38.50
CA LYS E 363 -14.38 -37.23 37.18
C LYS E 363 -13.05 -36.68 36.68
N ILE E 364 -12.37 -37.38 35.75
CA ILE E 364 -11.06 -36.95 35.25
C ILE E 364 -11.03 -36.85 33.71
N ASN E 365 -10.65 -35.65 33.20
CA ASN E 365 -10.49 -35.38 31.78
C ASN E 365 -9.03 -35.67 31.43
N PHE E 366 -8.76 -36.86 30.85
CA PHE E 366 -7.41 -37.21 30.41
C PHE E 366 -7.11 -36.51 29.08
N SER E 367 -8.17 -35.92 28.52
CA SER E 367 -8.21 -35.14 27.29
C SER E 367 -7.53 -33.78 27.56
N SER E 368 -7.91 -33.10 28.66
CA SER E 368 -7.40 -31.80 29.08
C SER E 368 -5.92 -31.83 29.49
N LEU E 369 -5.52 -32.83 30.31
CA LEU E 369 -4.17 -33.03 30.83
C LEU E 369 -3.06 -33.15 29.78
N GLY E 370 -3.35 -33.86 28.68
CA GLY E 370 -2.41 -34.10 27.59
C GLY E 370 -1.19 -34.89 28.01
N LEU E 371 -1.41 -36.08 28.58
CA LEU E 371 -0.34 -36.97 29.06
C LEU E 371 0.04 -37.99 28.01
N THR E 372 1.19 -38.66 28.21
CA THR E 372 1.64 -39.78 27.38
C THR E 372 0.72 -40.95 27.77
N ASP E 373 0.47 -41.89 26.86
CA ASP E 373 -0.41 -43.02 27.17
C ASP E 373 0.34 -44.15 27.95
N GLU E 374 1.37 -43.74 28.74
CA GLU E 374 2.22 -44.53 29.63
C GLU E 374 2.14 -43.90 31.04
N GLU E 375 1.67 -42.64 31.09
CA GLU E 375 1.38 -41.81 32.26
C GLU E 375 -0.15 -41.94 32.52
N LYS E 376 -0.94 -42.04 31.40
CA LYS E 376 -2.39 -42.24 31.31
C LYS E 376 -2.71 -43.72 31.62
N GLU E 377 -1.72 -44.60 31.42
CA GLU E 377 -1.67 -46.03 31.69
C GLU E 377 -1.62 -46.23 33.22
N ALA E 378 -0.67 -45.53 33.89
CA ALA E 378 -0.40 -45.53 35.33
C ALA E 378 -1.51 -44.84 36.14
N ALA E 379 -2.18 -43.85 35.54
CA ALA E 379 -3.26 -43.07 36.14
C ALA E 379 -4.52 -43.93 36.34
N GLU E 380 -4.74 -44.91 35.44
CA GLU E 380 -5.86 -45.86 35.49
C GLU E 380 -5.70 -46.78 36.69
N HIS E 381 -4.43 -47.11 37.02
CA HIS E 381 -4.03 -47.96 38.12
C HIS E 381 -4.36 -47.31 39.48
N GLN F 4 -22.58 -18.84 25.18
CA GLN F 4 -21.13 -18.59 25.26
C GLN F 4 -20.70 -17.16 25.65
N GLY F 5 -21.53 -16.17 25.33
CA GLY F 5 -21.28 -14.75 25.64
C GLY F 5 -21.31 -14.39 27.13
N ILE F 6 -21.43 -15.40 28.01
CA ILE F 6 -21.43 -15.25 29.47
C ILE F 6 -19.97 -15.27 29.90
N HIS F 7 -19.31 -14.10 29.76
CA HIS F 7 -17.93 -13.92 30.17
C HIS F 7 -17.57 -12.47 30.59
N LEU F 8 -16.95 -12.35 31.77
CA LEU F 8 -16.51 -11.12 32.40
C LEU F 8 -15.03 -11.26 32.69
N SER F 9 -14.22 -10.33 32.21
CA SER F 9 -12.78 -10.38 32.47
C SER F 9 -12.40 -9.53 33.69
N ASP F 10 -13.18 -9.66 34.76
CA ASP F 10 -13.11 -8.93 36.03
C ASP F 10 -11.71 -8.64 36.56
N LEU F 11 -10.82 -9.63 36.61
CA LEU F 11 -9.47 -9.43 37.15
C LEU F 11 -8.67 -8.41 36.37
N SER F 12 -8.79 -8.40 35.03
CA SER F 12 -8.11 -7.41 34.18
C SER F 12 -8.61 -5.99 34.50
N TYR F 13 -9.96 -5.83 34.59
CA TYR F 13 -10.64 -4.58 34.91
C TYR F 13 -10.22 -4.12 36.29
N LYS F 14 -10.11 -5.06 37.25
CA LYS F 14 -9.66 -4.81 38.63
C LYS F 14 -8.30 -4.12 38.61
N HIS F 15 -7.38 -4.61 37.75
CA HIS F 15 -6.07 -4.01 37.59
C HIS F 15 -6.13 -2.69 36.86
N ALA F 16 -6.92 -2.64 35.76
CA ALA F 16 -7.10 -1.45 34.93
C ALA F 16 -7.54 -0.21 35.71
N ILE F 17 -8.32 -0.42 36.77
CA ILE F 17 -8.81 0.63 37.66
C ILE F 17 -7.66 1.23 38.50
N LEU F 18 -6.62 0.43 38.77
CA LEU F 18 -5.46 0.87 39.55
C LEU F 18 -4.35 1.48 38.67
N LYS F 19 -4.74 2.01 37.50
CA LYS F 19 -3.88 2.65 36.51
C LYS F 19 -4.50 3.99 36.17
N GLU F 20 -5.84 4.03 36.13
CA GLU F 20 -6.72 5.19 35.86
C GLU F 20 -6.50 6.36 36.84
N SER F 21 -5.87 6.10 38.00
CA SER F 21 -5.60 7.10 39.03
C SER F 21 -4.67 8.13 38.49
N GLN F 22 -5.25 9.25 38.10
CA GLN F 22 -4.49 10.37 37.60
C GLN F 22 -3.98 11.11 38.83
N TYR F 23 -4.67 10.97 39.96
CA TYR F 23 -4.31 11.61 41.21
C TYR F 23 -3.27 10.78 41.94
N THR F 24 -2.35 11.49 42.60
CA THR F 24 -1.20 10.90 43.29
C THR F 24 -1.25 11.11 44.79
N ILE F 25 -0.98 10.01 45.56
CA ILE F 25 -1.00 10.05 47.02
C ILE F 25 0.29 10.63 47.58
N LYS F 26 0.14 11.51 48.56
CA LYS F 26 1.23 12.20 49.24
C LYS F 26 1.26 11.77 50.70
N ARG F 27 1.71 10.54 50.95
CA ARG F 27 1.81 10.01 52.32
C ARG F 27 3.16 10.44 52.89
N ASP F 28 3.35 10.32 54.24
CA ASP F 28 4.60 10.64 54.97
C ASP F 28 4.89 12.13 54.81
N VAL F 29 3.87 12.95 55.02
CA VAL F 29 3.89 14.37 54.80
C VAL F 29 5.05 15.11 55.54
N GLY F 30 5.20 14.91 56.84
CA GLY F 30 6.23 15.61 57.60
C GLY F 30 7.56 14.91 57.75
N THR F 31 7.57 13.59 57.55
CA THR F 31 8.72 12.68 57.71
C THR F 31 10.05 13.19 57.15
N THR F 32 11.15 12.81 57.82
CA THR F 32 12.53 13.10 57.44
C THR F 32 13.40 11.87 57.64
N THR F 33 14.27 11.57 56.66
CA THR F 33 15.21 10.44 56.76
C THR F 33 16.58 10.89 56.33
N ALA F 34 17.60 10.24 56.88
CA ALA F 34 18.98 10.54 56.57
C ALA F 34 19.42 10.03 55.22
N VAL F 35 20.20 10.88 54.53
CA VAL F 35 20.89 10.59 53.26
C VAL F 35 22.33 11.06 53.44
N THR F 36 23.27 10.31 52.87
CA THR F 36 24.70 10.61 52.94
C THR F 36 25.19 10.98 51.55
N PRO F 37 25.91 12.10 51.38
CA PRO F 37 26.41 12.45 50.05
C PRO F 37 27.51 11.49 49.63
N SER F 38 27.64 11.29 48.32
CA SER F 38 28.60 10.37 47.71
C SER F 38 30.04 10.55 48.25
N SER F 39 30.40 11.82 48.54
CA SER F 39 31.68 12.29 49.06
C SER F 39 32.13 11.61 50.36
N LEU F 40 31.16 11.18 51.17
CA LEU F 40 31.40 10.54 52.46
C LEU F 40 31.34 9.01 52.42
N GLN F 41 31.49 8.41 51.23
CA GLN F 41 31.44 6.95 51.07
C GLN F 41 32.53 6.24 51.91
N GLN F 42 33.77 6.78 51.99
CA GLN F 42 34.86 6.17 52.75
C GLN F 42 34.59 6.15 54.25
N GLU F 43 33.97 7.22 54.76
CA GLU F 43 33.63 7.43 56.16
C GLU F 43 32.52 6.50 56.60
N ILE F 44 31.51 6.32 55.74
CA ILE F 44 30.41 5.41 56.03
C ILE F 44 30.90 3.96 55.91
N THR F 45 31.87 3.69 55.01
CA THR F 45 32.49 2.37 54.82
C THR F 45 33.18 1.96 56.10
N LEU F 46 33.95 2.88 56.68
CA LEU F 46 34.64 2.64 57.94
C LEU F 46 33.65 2.28 59.06
N LEU F 47 32.55 3.07 59.18
CA LEU F 47 31.51 2.89 60.19
C LEU F 47 30.83 1.54 60.10
N CYS F 48 30.61 1.06 58.85
CA CYS F 48 30.02 -0.24 58.55
C CYS F 48 30.94 -1.35 59.07
N GLY F 49 32.24 -1.21 58.79
CA GLY F 49 33.27 -2.13 59.22
C GLY F 49 33.37 -2.22 60.71
N GLU F 50 33.22 -1.06 61.40
CA GLU F 50 33.23 -0.94 62.86
C GLU F 50 32.13 -1.74 63.50
N ILE F 51 30.93 -1.79 62.88
CA ILE F 51 29.78 -2.56 63.35
C ILE F 51 30.10 -4.09 63.35
N LEU F 52 30.74 -4.57 62.27
CA LEU F 52 31.13 -5.97 62.08
C LEU F 52 32.33 -6.37 62.93
N TYR F 53 33.34 -5.47 63.03
CA TYR F 53 34.65 -5.67 63.67
C TYR F 53 34.64 -5.99 65.16
N ALA F 54 33.76 -5.33 65.94
CA ALA F 54 33.68 -5.50 67.39
C ALA F 54 32.31 -5.98 67.86
N LYS F 55 32.26 -6.58 69.07
CA LYS F 55 31.00 -7.07 69.65
C LYS F 55 30.42 -5.90 70.42
N HIS F 56 29.42 -5.25 69.83
CA HIS F 56 28.77 -4.05 70.38
C HIS F 56 27.62 -4.32 71.29
N ALA F 57 27.34 -3.33 72.14
CA ALA F 57 26.26 -3.38 73.09
C ALA F 57 24.91 -3.27 72.38
N ASP F 58 24.81 -2.32 71.45
CA ASP F 58 23.55 -2.13 70.75
C ASP F 58 23.73 -2.00 69.27
N TYR F 59 22.89 -2.74 68.52
CA TYR F 59 22.85 -2.77 67.06
C TYR F 59 21.49 -2.20 66.58
N LYS F 60 21.08 -1.02 67.11
CA LYS F 60 19.81 -0.39 66.75
C LYS F 60 19.83 0.25 65.36
N TYR F 61 20.84 1.08 65.12
CA TYR F 61 20.97 1.86 63.89
C TYR F 61 21.79 1.19 62.80
N ALA F 62 22.24 -0.07 63.02
CA ALA F 62 23.05 -0.85 62.09
C ALA F 62 22.49 -0.83 60.65
N ALA F 63 21.16 -1.01 60.51
CA ALA F 63 20.46 -0.98 59.22
C ALA F 63 20.48 0.40 58.58
N GLU F 64 20.24 1.46 59.37
CA GLU F 64 20.27 2.83 58.86
C GLU F 64 21.64 3.16 58.28
N ILE F 65 22.72 2.63 58.90
CA ILE F 65 24.10 2.80 58.41
C ILE F 65 24.26 2.15 57.03
N GLY F 66 23.66 0.97 56.86
CA GLY F 66 23.67 0.24 55.59
C GLY F 66 23.01 1.03 54.47
N ILE F 67 21.84 1.64 54.78
CA ILE F 67 21.06 2.48 53.89
C ILE F 67 21.90 3.69 53.52
N GLN F 68 22.70 4.20 54.48
CA GLN F 68 23.59 5.35 54.26
C GLN F 68 24.69 5.03 53.24
N TYR F 69 25.17 3.77 53.20
CA TYR F 69 26.14 3.38 52.18
C TYR F 69 25.43 3.37 50.82
N ILE F 70 24.21 2.76 50.74
CA ILE F 70 23.40 2.73 49.52
C ILE F 70 23.26 4.16 49.00
N SER F 71 22.98 5.11 49.90
CA SER F 71 22.83 6.53 49.61
C SER F 71 24.05 7.09 48.90
N THR F 72 25.26 6.80 49.42
CA THR F 72 26.51 7.27 48.81
C THR F 72 26.67 6.64 47.44
N ALA F 73 26.38 5.31 47.31
CA ALA F 73 26.50 4.54 46.09
C ALA F 73 25.55 5.00 45.00
N LEU F 74 24.27 5.34 45.33
CA LEU F 74 23.27 5.76 44.34
C LEU F 74 23.33 7.22 43.95
N GLY F 75 23.51 8.10 44.93
CA GLY F 75 23.59 9.52 44.64
C GLY F 75 23.39 10.45 45.81
N SER F 76 24.30 11.47 45.90
CA SER F 76 24.33 12.52 46.92
C SER F 76 22.86 12.94 47.26
N GLU F 77 22.08 13.21 46.18
CA GLU F 77 20.71 13.71 46.13
C GLU F 77 19.75 12.96 45.16
N ARG F 78 20.25 11.94 44.46
CA ARG F 78 19.46 11.13 43.53
C ARG F 78 18.48 10.30 44.36
N VAL F 79 18.83 10.04 45.62
CA VAL F 79 18.05 9.26 46.54
C VAL F 79 16.70 9.89 46.81
N GLN F 80 16.65 11.23 47.03
CA GLN F 80 15.39 11.97 47.25
C GLN F 80 14.41 11.67 46.14
N GLN F 81 14.90 11.67 44.89
CA GLN F 81 14.10 11.38 43.69
C GLN F 81 13.42 10.02 43.84
N ILE F 82 14.20 8.96 44.17
CA ILE F 82 13.70 7.59 44.35
C ILE F 82 12.57 7.53 45.39
N LEU F 83 12.82 8.12 46.58
CA LEU F 83 11.88 8.13 47.70
C LEU F 83 10.60 8.86 47.36
N ARG F 84 10.71 10.01 46.68
CA ARG F 84 9.56 10.80 46.22
C ARG F 84 8.74 9.98 45.23
N ASN F 85 9.42 9.26 44.33
CA ASN F 85 8.81 8.43 43.31
C ASN F 85 8.29 7.09 43.85
N SER F 86 8.62 6.73 45.10
CA SER F 86 8.09 5.48 45.65
C SER F 86 6.64 5.68 46.16
N GLY F 87 6.19 6.93 46.23
CA GLY F 87 4.86 7.32 46.69
C GLY F 87 4.86 8.12 47.99
N SER F 88 6.01 8.07 48.70
CA SER F 88 6.24 8.75 49.98
C SER F 88 6.76 10.16 49.72
N GLU F 89 6.11 11.12 50.35
CA GLU F 89 6.48 12.51 50.20
C GLU F 89 7.51 12.94 51.27
N VAL F 90 8.20 11.96 51.87
CA VAL F 90 9.24 12.14 52.89
C VAL F 90 10.39 13.07 52.39
N GLN F 91 11.00 13.88 53.29
CA GLN F 91 12.13 14.77 52.96
C GLN F 91 13.43 14.17 53.46
N VAL F 92 14.51 14.44 52.75
CA VAL F 92 15.81 13.89 53.11
C VAL F 92 16.64 14.87 53.90
N VAL F 93 17.61 14.37 54.67
CA VAL F 93 18.52 15.19 55.48
C VAL F 93 19.95 14.74 55.27
N LEU F 94 20.77 15.63 54.68
CA LEU F 94 22.17 15.32 54.37
C LEU F 94 23.03 15.34 55.60
N THR F 95 23.56 14.15 55.91
CA THR F 95 24.42 13.87 57.05
C THR F 95 25.75 14.58 56.94
N ARG F 96 26.17 15.24 58.04
CA ARG F 96 27.39 16.06 58.13
C ARG F 96 28.51 15.42 58.97
N THR F 97 29.61 16.17 59.13
CA THR F 97 30.78 15.75 59.90
C THR F 97 31.04 16.68 61.07
N TYR F 98 31.56 16.11 62.17
CA TYR F 98 31.94 16.82 63.40
C TYR F 98 33.23 16.25 64.01
N SER F 99 33.80 16.96 65.01
CA SER F 99 35.05 16.56 65.64
C SER F 99 34.97 16.51 67.19
N LEU F 114 30.76 11.22 62.04
CA LEU F 114 29.60 11.40 61.16
C LEU F 114 28.33 11.68 61.96
N ASP F 115 27.63 12.75 61.58
CA ASP F 115 26.37 13.15 62.20
C ASP F 115 25.23 12.73 61.29
N ILE F 116 24.72 11.53 61.53
CA ILE F 116 23.65 10.96 60.72
C ILE F 116 22.30 11.31 61.31
N HIS F 117 21.40 11.86 60.47
CA HIS F 117 20.07 12.25 60.89
C HIS F 117 19.22 11.06 61.36
N GLY F 118 18.71 11.17 62.58
CA GLY F 118 17.91 10.12 63.20
C GLY F 118 18.73 9.19 64.06
N VAL F 119 20.05 9.15 63.80
CA VAL F 119 21.01 8.33 64.50
C VAL F 119 21.67 9.15 65.60
N GLU F 120 21.49 8.68 66.86
CA GLU F 120 22.02 9.30 68.08
C GLU F 120 23.51 9.46 67.96
N LYS F 121 24.01 10.67 68.25
CA LYS F 121 25.44 10.96 68.21
C LYS F 121 26.17 10.00 69.17
N SER F 122 25.55 9.74 70.34
CA SER F 122 26.02 8.82 71.37
C SER F 122 26.29 7.41 70.83
N TRP F 123 25.38 6.91 69.96
CA TRP F 123 25.48 5.59 69.36
C TRP F 123 26.67 5.48 68.41
N VAL F 124 26.85 6.49 67.54
CA VAL F 124 27.94 6.63 66.57
C VAL F 124 29.28 6.54 67.32
N GLU F 125 29.41 7.32 68.40
CA GLU F 125 30.60 7.37 69.23
C GLU F 125 30.87 6.06 69.92
N GLU F 126 29.81 5.38 70.41
CA GLU F 126 29.89 4.07 71.08
C GLU F 126 30.49 3.04 70.12
N ILE F 127 29.92 2.95 68.90
CA ILE F 127 30.34 2.02 67.86
C ILE F 127 31.81 2.23 67.53
N ASP F 128 32.21 3.51 67.35
CA ASP F 128 33.60 3.86 67.06
C ASP F 128 34.52 3.48 68.23
N LYS F 129 34.19 3.94 69.46
CA LYS F 129 34.94 3.68 70.69
C LYS F 129 35.18 2.20 70.92
N GLU F 130 34.09 1.40 70.90
CA GLU F 130 34.14 -0.04 71.12
C GLU F 130 35.04 -0.73 70.08
N ALA F 131 34.96 -0.32 68.81
CA ALA F 131 35.77 -0.89 67.73
C ALA F 131 37.26 -0.59 67.89
N ARG F 132 37.60 0.64 68.31
CA ARG F 132 38.99 1.06 68.54
C ARG F 132 39.60 0.26 69.68
N LYS F 133 38.80 0.01 70.74
CA LYS F 133 39.17 -0.78 71.92
C LYS F 133 39.54 -2.20 71.49
N THR F 134 38.69 -2.81 70.63
CA THR F 134 38.89 -4.16 70.11
C THR F 134 40.13 -4.18 69.19
N MET F 135 40.36 -3.13 68.38
CA MET F 135 41.53 -3.03 67.48
C MET F 135 42.83 -3.00 68.27
N ALA F 136 42.85 -2.25 69.40
CA ALA F 136 44.00 -2.11 70.30
C ALA F 136 44.37 -3.44 71.00
N THR F 137 43.35 -4.14 71.54
CA THR F 137 43.46 -5.44 72.23
C THR F 137 44.11 -6.46 71.28
N LEU F 138 43.55 -6.58 70.06
CA LEU F 138 43.97 -7.49 69.00
C LEU F 138 45.33 -7.18 68.39
N LEU F 139 45.67 -5.89 68.18
CA LEU F 139 46.96 -5.48 67.62
C LEU F 139 48.13 -5.83 68.56
N LYS F 140 47.87 -5.87 69.88
CA LYS F 140 48.84 -6.28 70.91
C LYS F 140 49.15 -7.79 70.75
N GLU F 141 48.08 -8.62 70.54
CA GLU F 141 48.12 -10.09 70.37
C GLU F 141 48.80 -10.50 69.05
N SER F 142 48.36 -9.86 67.92
CA SER F 142 48.81 -10.01 66.52
C SER F 142 50.27 -9.56 66.31
N SER F 143 50.83 -8.91 67.35
CA SER F 143 52.18 -8.36 67.42
C SER F 143 52.32 -7.26 66.35
N GLY F 144 51.36 -6.32 66.38
CA GLY F 144 51.21 -5.20 65.48
C GLY F 144 50.80 -5.53 64.07
N ASN F 145 50.45 -6.82 63.81
CA ASN F 145 50.12 -7.29 62.46
C ASN F 145 48.62 -7.67 62.23
N ILE F 146 47.86 -6.71 61.67
CA ILE F 146 46.46 -6.89 61.27
C ILE F 146 46.39 -6.61 59.76
N PRO F 147 46.12 -7.66 58.93
CA PRO F 147 46.05 -7.46 57.47
C PRO F 147 44.82 -6.67 57.08
N GLN F 148 44.88 -5.98 55.92
CA GLN F 148 43.82 -5.11 55.40
C GLN F 148 42.42 -5.72 55.47
N ASN F 149 42.29 -6.97 55.01
CA ASN F 149 41.07 -7.78 54.94
C ASN F 149 40.37 -8.02 56.31
N GLN F 150 41.07 -7.78 57.43
CA GLN F 150 40.50 -7.98 58.75
C GLN F 150 40.16 -6.69 59.45
N ARG F 151 40.53 -5.55 58.86
CA ARG F 151 40.29 -4.23 59.41
C ARG F 151 38.91 -3.68 59.05
N PRO F 152 38.30 -2.83 59.90
CA PRO F 152 36.98 -2.22 59.56
C PRO F 152 37.03 -1.31 58.33
N SER F 153 38.25 -0.97 57.88
CA SER F 153 38.55 -0.14 56.72
C SER F 153 38.35 -0.85 55.36
N ALA F 154 38.31 -2.20 55.34
CA ALA F 154 38.12 -3.00 54.11
C ALA F 154 36.88 -2.54 53.34
N PRO F 155 37.03 -2.27 52.03
CA PRO F 155 35.92 -1.70 51.25
C PRO F 155 34.63 -2.52 51.10
N ASP F 156 34.71 -3.82 51.30
CA ASP F 156 33.58 -4.74 51.17
C ASP F 156 32.69 -4.85 52.42
N THR F 157 33.11 -4.22 53.55
CA THR F 157 32.39 -4.23 54.84
C THR F 157 30.94 -3.69 54.71
N PRO F 158 30.64 -2.60 53.94
CA PRO F 158 29.25 -2.18 53.80
C PRO F 158 28.41 -3.21 53.06
N ILE F 159 28.99 -3.86 52.03
CA ILE F 159 28.33 -4.89 51.23
C ILE F 159 27.97 -6.08 52.13
N ILE F 160 28.92 -6.53 53.00
CA ILE F 160 28.73 -7.61 53.96
C ILE F 160 27.53 -7.30 54.85
N LEU F 161 27.48 -6.06 55.38
CA LEU F 161 26.42 -5.54 56.25
C LEU F 161 25.06 -5.65 55.52
N LEU F 162 25.03 -5.20 54.25
CA LEU F 162 23.84 -5.21 53.40
C LEU F 162 23.40 -6.60 53.00
N CYS F 163 24.33 -7.57 52.97
CA CYS F 163 24.04 -8.95 52.64
C CYS F 163 23.19 -9.62 53.73
N VAL F 164 23.38 -9.19 54.99
CA VAL F 164 22.59 -9.65 56.13
C VAL F 164 21.17 -9.06 55.95
N GLY F 165 21.12 -7.82 55.46
CA GLY F 165 19.88 -7.12 55.13
C GLY F 165 19.15 -7.78 53.99
N ALA F 166 19.92 -8.29 53.00
CA ALA F 166 19.40 -8.98 51.82
C ALA F 166 18.71 -10.29 52.22
N LEU F 167 19.29 -11.01 53.19
CA LEU F 167 18.74 -12.26 53.70
C LEU F 167 17.44 -12.05 54.45
N ILE F 168 17.32 -10.91 55.19
CA ILE F 168 16.10 -10.58 55.90
C ILE F 168 15.07 -10.02 54.90
N PHE F 169 15.56 -9.46 53.79
CA PHE F 169 14.73 -8.93 52.72
C PHE F 169 13.99 -10.09 52.06
N THR F 170 14.69 -11.22 51.80
CA THR F 170 14.06 -12.42 51.23
C THR F 170 12.90 -12.91 52.13
N LYS F 171 13.11 -13.02 53.45
CA LYS F 171 12.06 -13.48 54.35
C LYS F 171 11.26 -12.33 54.97
N LEU F 172 10.89 -11.34 54.14
CA LEU F 172 10.04 -10.24 54.58
C LEU F 172 8.58 -10.67 54.44
N ALA F 173 8.36 -11.78 53.68
CA ALA F 173 7.08 -12.42 53.41
C ALA F 173 6.50 -13.14 54.62
N SER F 174 7.35 -13.53 55.59
CA SER F 174 6.94 -14.24 56.81
C SER F 174 7.15 -13.40 58.11
N THR F 175 7.22 -14.08 59.29
CA THR F 175 7.41 -13.48 60.63
C THR F 175 8.76 -12.75 60.69
N ILE F 176 8.89 -11.85 61.69
CA ILE F 176 10.13 -11.13 62.01
C ILE F 176 11.07 -12.22 62.53
N GLU F 177 10.47 -13.22 63.17
CA GLU F 177 11.10 -14.37 63.74
C GLU F 177 11.64 -15.32 62.65
N VAL F 178 10.75 -15.89 61.79
CA VAL F 178 11.11 -16.86 60.73
C VAL F 178 12.34 -16.42 59.96
N GLY F 179 12.34 -15.14 59.58
CA GLY F 179 13.41 -14.47 58.86
C GLY F 179 14.75 -14.56 59.55
N LEU F 180 14.77 -14.38 60.88
CA LEU F 180 16.00 -14.45 61.66
C LEU F 180 16.63 -15.83 61.63
N GLU F 181 15.82 -16.89 61.59
CA GLU F 181 16.30 -18.27 61.54
C GLU F 181 17.04 -18.45 60.26
N THR F 182 16.30 -18.26 59.16
CA THR F 182 16.75 -18.36 57.77
C THR F 182 18.01 -17.51 57.56
N THR F 183 17.98 -16.22 58.02
CA THR F 183 19.10 -15.29 57.90
C THR F 183 20.35 -15.89 58.56
N VAL F 184 20.24 -16.31 59.82
CA VAL F 184 21.35 -16.91 60.56
C VAL F 184 21.91 -18.15 59.85
N ARG F 185 21.05 -19.13 59.52
CA ARG F 185 21.39 -20.40 58.85
C ARG F 185 22.20 -20.16 57.59
N ARG F 186 21.60 -19.40 56.66
CA ARG F 186 22.18 -19.08 55.36
C ARG F 186 23.42 -18.21 55.47
N ALA F 187 23.43 -17.23 56.40
CA ALA F 187 24.57 -16.33 56.61
C ALA F 187 25.82 -17.11 56.95
N ASN F 188 25.66 -18.22 57.69
CA ASN F 188 26.77 -19.09 58.07
C ASN F 188 27.45 -19.73 56.88
N ARG F 189 26.66 -20.14 55.88
CA ARG F 189 27.17 -20.80 54.68
C ARG F 189 27.63 -19.78 53.63
N VAL F 190 26.80 -18.75 53.43
CA VAL F 190 26.98 -17.68 52.47
C VAL F 190 28.11 -16.70 52.85
N LEU F 191 28.04 -16.10 54.06
CA LEU F 191 29.01 -15.12 54.56
C LEU F 191 30.13 -15.80 55.36
N SER F 192 30.39 -17.07 55.03
CA SER F 192 31.39 -17.96 55.60
C SER F 192 32.72 -17.24 55.84
N ASP F 193 33.30 -16.71 54.76
CA ASP F 193 34.61 -16.04 54.72
C ASP F 193 34.62 -14.67 55.38
N ALA F 194 33.50 -13.94 55.29
CA ALA F 194 33.35 -12.63 55.92
C ALA F 194 33.40 -12.79 57.45
N LEU F 195 32.73 -13.84 57.94
CA LEU F 195 32.69 -14.23 59.34
C LEU F 195 34.06 -14.63 59.84
N LYS F 196 34.93 -15.16 58.95
CA LYS F 196 36.30 -15.55 59.28
C LYS F 196 37.09 -14.29 59.66
N ARG F 197 36.92 -13.20 58.88
CA ARG F 197 37.61 -11.94 59.10
C ARG F 197 36.99 -11.05 60.18
N TYR F 198 35.65 -11.07 60.30
CA TYR F 198 34.94 -10.28 61.32
C TYR F 198 34.09 -11.26 62.14
N PRO F 199 34.70 -12.02 63.07
CA PRO F 199 33.94 -13.03 63.81
C PRO F 199 33.03 -12.43 64.88
N ARG F 200 33.18 -11.12 65.04
CA ARG F 200 32.45 -10.34 66.02
C ARG F 200 31.12 -9.81 65.50
N MET F 201 30.81 -10.05 64.21
CA MET F 201 29.54 -9.60 63.63
C MET F 201 28.37 -10.42 64.20
N ASP F 202 27.45 -9.69 64.87
CA ASP F 202 26.27 -10.25 65.50
C ASP F 202 25.16 -10.27 64.46
N ILE F 203 25.14 -11.33 63.66
CA ILE F 203 24.16 -11.54 62.60
C ILE F 203 22.71 -11.35 63.13
N PRO F 204 22.30 -11.97 64.25
CA PRO F 204 20.91 -11.79 64.72
C PRO F 204 20.49 -10.37 65.07
N LYS F 205 21.40 -9.58 65.67
CA LYS F 205 21.09 -8.20 66.03
C LYS F 205 21.07 -7.30 64.80
N ILE F 206 22.03 -7.50 63.87
CA ILE F 206 22.11 -6.75 62.62
C ILE F 206 20.86 -7.05 61.81
N ALA F 207 20.49 -8.34 61.67
CA ALA F 207 19.29 -8.78 60.94
C ALA F 207 18.01 -8.25 61.56
N ARG F 208 18.00 -8.07 62.89
CA ARG F 208 16.82 -7.52 63.57
C ARG F 208 16.65 -6.05 63.23
N SER F 209 17.78 -5.28 63.19
CA SER F 209 17.81 -3.85 62.84
C SER F 209 17.21 -3.62 61.44
N PHE F 210 17.54 -4.52 60.48
CA PHE F 210 17.05 -4.51 59.13
C PHE F 210 15.58 -4.82 59.08
N TYR F 211 15.09 -5.81 59.86
CA TYR F 211 13.64 -6.08 59.85
C TYR F 211 12.88 -4.89 60.37
N ASP F 212 13.33 -4.33 61.50
CA ASP F 212 12.71 -3.16 62.10
C ASP F 212 12.67 -2.00 61.08
N LEU F 213 13.80 -1.72 60.40
CA LEU F 213 13.92 -0.67 59.38
C LEU F 213 12.95 -0.85 58.21
N PHE F 214 12.90 -2.04 57.60
CA PHE F 214 12.02 -2.34 56.46
C PHE F 214 10.57 -2.25 56.83
N GLU F 215 10.25 -2.49 58.09
CA GLU F 215 8.88 -2.42 58.57
C GLU F 215 8.45 -0.98 58.85
N GLN F 216 9.34 -0.16 59.45
CA GLN F 216 9.08 1.25 59.77
C GLN F 216 9.20 2.17 58.55
N LYS F 217 10.40 2.22 57.95
CA LYS F 217 10.64 3.07 56.79
C LYS F 217 10.38 2.28 55.51
N VAL F 218 9.08 2.09 55.16
CA VAL F 218 8.62 1.32 53.99
C VAL F 218 9.27 1.77 52.68
N TYR F 219 9.55 3.07 52.53
CA TYR F 219 10.20 3.62 51.34
C TYR F 219 11.61 3.08 51.13
N HIS F 220 12.27 2.66 52.21
CA HIS F 220 13.61 2.06 52.11
C HIS F 220 13.59 0.66 51.46
N ARG F 221 12.40 0.05 51.34
CA ARG F 221 12.23 -1.25 50.69
C ARG F 221 12.53 -1.05 49.22
N SER F 222 11.90 -0.03 48.59
CA SER F 222 12.12 0.27 47.17
C SER F 222 13.48 0.95 46.90
N LEU F 223 14.10 1.52 47.95
CA LEU F 223 15.43 2.12 47.82
C LEU F 223 16.43 0.96 47.72
N PHE F 224 16.21 -0.10 48.52
CA PHE F 224 17.01 -1.33 48.56
C PHE F 224 16.90 -2.03 47.20
N ILE F 225 15.68 -2.08 46.63
CA ILE F 225 15.37 -2.65 45.33
C ILE F 225 16.13 -1.89 44.25
N GLU F 226 16.14 -0.55 44.32
CA GLU F 226 16.86 0.28 43.36
C GLU F 226 18.35 0.11 43.45
N TYR F 227 18.90 -0.20 44.65
CA TYR F 227 20.32 -0.47 44.83
C TYR F 227 20.64 -1.78 44.14
N GLY F 228 19.78 -2.77 44.38
CA GLY F 228 19.87 -4.10 43.78
C GLY F 228 19.83 -4.03 42.27
N LYS F 229 18.82 -3.34 41.73
CA LYS F 229 18.64 -3.12 40.29
C LYS F 229 19.89 -2.49 39.68
N ALA F 230 20.39 -1.38 40.32
CA ALA F 230 21.58 -0.62 39.92
C ALA F 230 22.84 -1.46 39.94
N LEU F 231 23.06 -2.21 41.04
CA LEU F 231 24.20 -3.11 41.25
C LEU F 231 24.20 -4.22 40.21
N GLY F 232 23.01 -4.75 39.93
CA GLY F 232 22.80 -5.80 38.94
C GLY F 232 23.19 -5.36 37.56
N SER F 233 23.13 -4.07 37.29
CA SER F 233 23.48 -3.56 35.98
C SER F 233 24.97 -3.43 35.70
N SER F 234 25.78 -2.94 36.66
CA SER F 234 27.24 -2.68 36.52
C SER F 234 28.08 -3.79 35.85
N SER F 235 29.12 -3.34 35.10
CA SER F 235 30.08 -4.13 34.31
C SER F 235 30.95 -4.97 35.24
N THR F 236 31.56 -4.36 36.27
CA THR F 236 32.40 -5.06 37.23
C THR F 236 31.87 -4.91 38.63
N GLY F 237 31.57 -6.04 39.24
CA GLY F 237 31.12 -6.09 40.61
C GLY F 237 32.15 -6.74 41.50
N SER F 238 32.00 -6.54 42.80
CA SER F 238 32.86 -7.15 43.80
C SER F 238 32.39 -8.58 43.99
N LYS F 239 33.20 -9.40 44.68
CA LYS F 239 32.86 -10.77 45.03
C LYS F 239 31.65 -10.72 45.99
N ALA F 240 31.67 -9.73 46.93
CA ALA F 240 30.63 -9.43 47.91
C ALA F 240 29.36 -8.89 47.26
N GLU F 241 29.55 -8.03 46.25
CA GLU F 241 28.47 -7.40 45.48
C GLU F 241 27.70 -8.43 44.67
N SER F 242 28.45 -9.33 43.98
CA SER F 242 27.86 -10.41 43.20
C SER F 242 27.09 -11.41 44.08
N LEU F 243 27.41 -11.46 45.38
CA LEU F 243 26.69 -12.29 46.31
C LEU F 243 25.37 -11.61 46.64
N PHE F 244 25.41 -10.30 46.96
CA PHE F 244 24.25 -9.51 47.33
C PHE F 244 23.07 -9.67 46.36
N VAL F 245 23.35 -9.48 45.05
CA VAL F 245 22.36 -9.59 43.99
C VAL F 245 21.80 -11.01 43.93
N ASN F 246 22.66 -12.03 44.13
CA ASN F 246 22.27 -13.44 44.10
C ASN F 246 21.35 -13.80 45.26
N ILE F 247 21.44 -13.07 46.41
CA ILE F 247 20.53 -13.24 47.55
C ILE F 247 19.21 -12.58 47.15
N PHE F 248 19.31 -11.37 46.57
CA PHE F 248 18.23 -10.52 46.08
C PHE F 248 17.38 -11.25 45.01
N MET F 249 18.02 -12.11 44.20
CA MET F 249 17.34 -12.86 43.15
C MET F 249 16.45 -13.96 43.69
N GLN F 250 16.97 -14.69 44.69
CA GLN F 250 16.24 -15.77 45.38
C GLN F 250 14.99 -15.20 46.09
N ALA F 251 14.91 -13.84 46.16
CA ALA F 251 13.82 -13.08 46.74
C ALA F 251 12.78 -12.69 45.68
N TYR F 252 13.02 -12.99 44.37
CA TYR F 252 12.08 -12.55 43.33
C TYR F 252 10.67 -13.11 43.49
N GLY F 253 10.51 -14.42 43.61
CA GLY F 253 9.18 -15.02 43.79
C GLY F 253 8.66 -14.84 45.21
N ALA F 254 8.48 -13.57 45.60
CA ALA F 254 8.04 -13.17 46.92
C ALA F 254 6.54 -13.24 47.01
N GLY F 255 6.02 -13.96 48.01
CA GLY F 255 4.59 -14.10 48.21
C GLY F 255 3.79 -14.75 47.09
N GLN F 256 4.47 -15.13 46.00
CA GLN F 256 3.82 -15.75 44.86
C GLN F 256 4.15 -17.23 44.78
N THR F 257 4.69 -17.81 45.89
CA THR F 257 5.11 -19.22 46.00
C THR F 257 4.03 -20.16 45.45
N MET F 258 2.77 -19.77 45.59
CA MET F 258 1.64 -20.54 45.09
C MET F 258 1.60 -20.65 43.56
N LEU F 259 1.86 -19.54 42.83
CA LEU F 259 1.88 -19.53 41.36
C LEU F 259 3.04 -20.34 40.80
N ARG F 260 4.21 -20.29 41.45
CA ARG F 260 5.38 -21.04 41.00
C ARG F 260 5.20 -22.54 41.27
N TRP F 261 4.51 -22.90 42.35
CA TRP F 261 4.20 -24.30 42.64
C TRP F 261 3.09 -24.79 41.71
N GLY F 262 2.34 -23.83 41.16
CA GLY F 262 1.28 -24.06 40.20
C GLY F 262 1.86 -24.55 38.89
N VAL F 263 2.97 -23.93 38.43
CA VAL F 263 3.64 -24.38 37.21
C VAL F 263 4.29 -25.75 37.43
N ILE F 264 4.75 -26.00 38.66
CA ILE F 264 5.34 -27.28 39.07
C ILE F 264 4.32 -28.40 38.98
N ALA F 265 3.06 -28.12 39.37
CA ALA F 265 1.97 -29.07 39.27
C ALA F 265 1.69 -29.46 37.80
N ARG F 266 1.80 -28.48 36.86
CA ARG F 266 1.64 -28.69 35.41
C ARG F 266 2.81 -29.53 34.88
N SER F 267 4.05 -29.18 35.29
CA SER F 267 5.28 -29.86 34.89
C SER F 267 5.27 -31.32 35.36
N SER F 268 4.67 -31.59 36.54
CA SER F 268 4.55 -32.93 37.13
C SER F 268 3.45 -33.74 36.45
N ASN F 269 2.58 -33.05 35.68
CA ASN F 269 1.42 -33.60 34.97
C ASN F 269 0.54 -34.38 35.94
N ASN F 270 0.23 -33.72 37.07
CA ASN F 270 -0.60 -34.27 38.12
C ASN F 270 -2.02 -34.40 37.58
N ILE F 271 -2.51 -35.63 37.52
CA ILE F 271 -3.83 -36.03 37.01
C ILE F 271 -4.99 -35.37 37.75
N MET F 272 -4.72 -34.84 38.95
CA MET F 272 -5.72 -34.14 39.72
C MET F 272 -6.06 -32.78 39.13
N LEU F 273 -5.17 -32.22 38.29
CA LEU F 273 -5.42 -30.96 37.58
C LEU F 273 -6.51 -31.18 36.52
N GLY F 274 -6.85 -32.45 36.27
CA GLY F 274 -7.89 -32.87 35.34
C GLY F 274 -9.24 -33.11 36.01
N HIS F 275 -9.30 -33.00 37.35
CA HIS F 275 -10.54 -33.18 38.10
C HIS F 275 -11.56 -32.14 37.67
N VAL F 276 -12.82 -32.56 37.52
CA VAL F 276 -13.94 -31.74 37.08
C VAL F 276 -14.10 -30.42 37.89
N SER F 277 -13.96 -30.48 39.22
CA SER F 277 -14.06 -29.34 40.13
C SER F 277 -12.91 -28.36 39.95
N VAL F 278 -11.73 -28.87 39.57
CA VAL F 278 -10.53 -28.09 39.30
C VAL F 278 -10.67 -27.46 37.91
N GLN F 279 -11.16 -28.25 36.93
CA GLN F 279 -11.40 -27.82 35.55
C GLN F 279 -12.32 -26.59 35.53
N ALA F 280 -13.29 -26.54 36.46
CA ALA F 280 -14.25 -25.44 36.61
C ALA F 280 -13.58 -24.08 36.93
N GLU F 281 -12.42 -24.11 37.62
CA GLU F 281 -11.68 -22.93 38.04
C GLU F 281 -10.63 -22.46 37.04
N LEU F 282 -10.48 -23.18 35.92
CA LEU F 282 -9.51 -22.90 34.87
C LEU F 282 -9.46 -21.44 34.46
N LYS F 283 -10.62 -20.84 34.13
CA LYS F 283 -10.68 -19.45 33.70
C LYS F 283 -10.15 -18.46 34.72
N GLN F 284 -10.40 -18.68 36.04
CA GLN F 284 -9.90 -17.79 37.09
C GLN F 284 -8.39 -17.92 37.20
N VAL F 285 -7.87 -19.19 37.20
CA VAL F 285 -6.45 -19.50 37.28
C VAL F 285 -5.73 -18.80 36.12
N THR F 286 -6.25 -18.98 34.90
CA THR F 286 -5.71 -18.38 33.69
C THR F 286 -5.60 -16.89 33.85
N GLU F 287 -6.69 -16.25 34.35
CA GLU F 287 -6.77 -14.81 34.58
C GLU F 287 -5.64 -14.30 35.46
N VAL F 288 -5.27 -15.06 36.50
CA VAL F 288 -4.19 -14.66 37.40
C VAL F 288 -2.83 -14.72 36.68
N TYR F 289 -2.51 -15.82 35.97
CA TYR F 289 -1.23 -15.95 35.24
C TYR F 289 -1.05 -14.96 34.12
N ASP F 290 -2.17 -14.51 33.54
CA ASP F 290 -2.25 -13.53 32.46
C ASP F 290 -2.11 -12.11 32.99
N LEU F 291 -2.43 -11.90 34.28
CA LEU F 291 -2.23 -10.63 34.93
C LEU F 291 -0.73 -10.46 35.18
N VAL F 292 -0.02 -11.55 35.52
CA VAL F 292 1.44 -11.55 35.73
C VAL F 292 2.16 -11.06 34.47
N ARG F 293 1.71 -11.56 33.31
CA ARG F 293 2.23 -11.19 32.01
C ARG F 293 1.86 -9.75 31.67
N GLU F 294 0.66 -9.29 32.10
CA GLU F 294 0.18 -7.91 31.90
C GLU F 294 1.02 -6.91 32.70
N MET F 295 1.48 -7.31 33.89
CA MET F 295 2.29 -6.48 34.80
C MET F 295 3.79 -6.58 34.52
N GLY F 296 4.19 -7.66 33.85
CA GLY F 296 5.56 -7.89 33.43
C GLY F 296 6.58 -8.21 34.50
N PRO F 297 7.74 -7.52 34.51
CA PRO F 297 8.80 -7.86 35.46
C PRO F 297 8.57 -7.39 36.88
N GLU F 298 7.85 -6.28 37.04
CA GLU F 298 7.59 -5.75 38.36
C GLU F 298 6.63 -6.63 39.17
N SER F 299 5.86 -7.49 38.48
CA SER F 299 4.90 -8.41 39.07
C SER F 299 5.47 -9.21 40.22
N GLY F 300 6.67 -9.76 40.05
CA GLY F 300 7.36 -10.57 41.06
C GLY F 300 7.69 -9.87 42.37
N LEU F 301 8.34 -8.72 42.28
CA LEU F 301 8.72 -8.01 43.50
C LEU F 301 7.59 -7.16 44.13
N LEU F 302 6.32 -7.29 43.67
CA LEU F 302 5.15 -6.54 44.19
C LEU F 302 4.92 -6.73 45.66
N HIS F 303 4.98 -8.00 46.10
CA HIS F 303 4.77 -8.39 47.48
C HIS F 303 5.95 -7.89 48.32
N LEU F 304 7.16 -7.95 47.75
CA LEU F 304 8.38 -7.49 48.42
C LEU F 304 8.41 -5.98 48.73
N ARG F 305 7.81 -5.18 47.83
CA ARG F 305 7.70 -3.72 47.94
C ARG F 305 6.60 -3.33 48.93
N GLN F 306 5.78 -4.32 49.38
CA GLN F 306 4.61 -4.18 50.27
C GLN F 306 3.56 -3.32 49.54
N SER F 307 3.56 -3.40 48.19
CA SER F 307 2.68 -2.64 47.31
C SER F 307 1.22 -2.98 47.56
N PRO F 308 0.33 -1.96 47.69
CA PRO F 308 -1.09 -2.24 47.89
C PRO F 308 -1.71 -2.96 46.69
N LYS F 309 -1.17 -2.69 45.47
CA LYS F 309 -1.53 -3.30 44.17
C LYS F 309 -1.51 -4.85 44.27
N ALA F 310 -0.47 -5.40 44.96
CA ALA F 310 -0.26 -6.84 45.20
C ALA F 310 -1.45 -7.46 45.91
N GLY F 311 -1.63 -8.74 45.72
CA GLY F 311 -2.77 -9.43 46.28
C GLY F 311 -3.81 -9.67 45.21
N LEU F 312 -3.66 -9.00 44.05
CA LEU F 312 -4.54 -9.26 42.91
C LEU F 312 -4.13 -10.65 42.33
N LEU F 313 -2.88 -11.05 42.65
CA LEU F 313 -2.23 -12.31 42.32
C LEU F 313 -2.54 -13.38 43.38
N SER F 314 -3.77 -13.33 43.93
CA SER F 314 -4.21 -14.30 44.92
C SER F 314 -5.00 -15.38 44.24
N LEU F 315 -4.76 -16.60 44.70
CA LEU F 315 -5.41 -17.79 44.19
C LEU F 315 -6.53 -18.23 45.14
N ALA F 316 -7.18 -17.22 45.77
CA ALA F 316 -8.31 -17.37 46.68
C ALA F 316 -9.55 -17.80 45.88
N ASN F 317 -9.73 -17.23 44.66
CA ASN F 317 -10.82 -17.47 43.70
C ASN F 317 -10.89 -18.93 43.22
N CYS F 318 -9.78 -19.68 43.37
CA CYS F 318 -9.63 -21.07 42.95
C CYS F 318 -9.10 -22.00 44.07
N PRO F 319 -9.96 -22.29 45.07
CA PRO F 319 -9.55 -23.14 46.19
C PRO F 319 -9.22 -24.60 45.85
N ASN F 320 -9.95 -25.21 44.91
CA ASN F 320 -9.74 -26.60 44.49
C ASN F 320 -8.42 -26.78 43.76
N PHE F 321 -8.03 -25.77 42.96
CA PHE F 321 -6.76 -25.74 42.22
C PHE F 321 -5.62 -25.64 43.23
N ALA F 322 -5.75 -24.71 44.19
CA ALA F 322 -4.77 -24.49 45.26
C ALA F 322 -4.51 -25.79 46.02
N SER F 323 -5.59 -26.55 46.31
CA SER F 323 -5.56 -27.83 47.00
C SER F 323 -4.69 -28.85 46.24
N VAL F 324 -4.87 -28.93 44.92
CA VAL F 324 -4.14 -29.85 44.06
C VAL F 324 -2.66 -29.45 43.99
N VAL F 325 -2.37 -28.14 43.80
CA VAL F 325 -1.03 -27.57 43.72
C VAL F 325 -0.22 -27.90 44.97
N LEU F 326 -0.84 -27.73 46.15
CA LEU F 326 -0.26 -28.02 47.45
C LEU F 326 -0.05 -29.53 47.66
N GLY F 327 -1.03 -30.33 47.22
CA GLY F 327 -0.97 -31.78 47.28
C GLY F 327 0.23 -32.29 46.51
N ASN F 328 0.37 -31.81 45.28
CA ASN F 328 1.46 -32.13 44.37
C ASN F 328 2.80 -31.79 45.02
N ALA F 329 2.90 -30.59 45.65
CA ALA F 329 4.09 -30.11 46.35
C ALA F 329 4.43 -31.01 47.53
N SER F 330 3.39 -31.47 48.26
CA SER F 330 3.54 -32.37 49.39
C SER F 330 4.08 -33.72 48.95
N GLY F 331 3.48 -34.26 47.87
CA GLY F 331 3.87 -35.53 47.28
C GLY F 331 5.30 -35.55 46.78
N LEU F 332 5.74 -34.44 46.16
CA LEU F 332 7.10 -34.33 45.67
C LEU F 332 8.10 -34.00 46.79
N GLY F 333 7.56 -33.61 47.95
CA GLY F 333 8.34 -33.28 49.13
C GLY F 333 8.99 -31.91 49.09
N ILE F 334 8.23 -30.89 48.60
CA ILE F 334 8.69 -29.50 48.49
C ILE F 334 8.04 -28.66 49.56
N ILE F 335 6.74 -28.90 49.81
CA ILE F 335 5.83 -28.20 50.73
C ILE F 335 6.51 -27.65 52.00
N GLY F 336 7.45 -28.40 52.58
CA GLY F 336 8.18 -28.00 53.78
C GLY F 336 7.30 -27.38 54.85
N MET F 337 7.64 -26.16 55.28
CA MET F 337 6.93 -25.45 56.35
C MET F 337 5.89 -24.44 55.89
N TYR F 338 5.25 -24.70 54.75
CA TYR F 338 4.26 -23.79 54.19
C TYR F 338 2.92 -23.92 54.92
N ARG F 339 2.49 -22.82 55.58
CA ARG F 339 1.26 -22.70 56.37
C ARG F 339 -0.03 -22.54 55.53
N GLY F 340 0.13 -22.38 54.20
CA GLY F 340 -0.98 -22.19 53.27
C GLY F 340 -2.12 -23.16 53.47
N ARG F 341 -3.29 -22.63 53.82
CA ARG F 341 -4.52 -23.38 54.10
C ARG F 341 -4.96 -24.26 52.93
N VAL F 342 -5.46 -25.47 53.23
CA VAL F 342 -5.90 -26.43 52.23
C VAL F 342 -7.43 -26.53 52.26
N PRO F 343 -8.10 -25.91 51.26
CA PRO F 343 -9.57 -25.93 51.23
C PRO F 343 -10.15 -27.32 50.99
N ASN F 344 -9.69 -28.02 49.93
CA ASN F 344 -10.17 -29.35 49.63
C ASN F 344 -9.16 -30.41 50.04
N THR F 345 -9.31 -30.93 51.25
CA THR F 345 -8.46 -31.95 51.84
C THR F 345 -8.46 -33.24 51.02
N GLU F 346 -9.62 -33.58 50.44
CA GLU F 346 -9.84 -34.74 49.59
C GLU F 346 -8.91 -34.68 48.37
N LEU F 347 -9.03 -33.59 47.57
CA LEU F 347 -8.21 -33.35 46.36
C LEU F 347 -6.72 -33.33 46.66
N PHE F 348 -6.34 -32.71 47.80
CA PHE F 348 -4.96 -32.60 48.25
C PHE F 348 -4.35 -33.98 48.38
N SER F 349 -5.01 -34.87 49.14
CA SER F 349 -4.55 -36.23 49.41
C SER F 349 -4.34 -37.02 48.13
N ALA F 350 -5.27 -36.87 47.18
CA ALA F 350 -5.23 -37.53 45.87
C ALA F 350 -4.03 -37.07 45.05
N ALA F 351 -3.85 -35.74 44.94
CA ALA F 351 -2.74 -35.13 44.21
C ALA F 351 -1.40 -35.58 44.80
N GLU F 352 -1.36 -35.68 46.13
CA GLU F 352 -0.19 -36.09 46.92
C GLU F 352 0.20 -37.52 46.60
N SER F 353 -0.79 -38.41 46.53
CA SER F 353 -0.60 -39.83 46.23
C SER F 353 0.00 -40.01 44.85
N TYR F 354 -0.57 -39.33 43.85
CA TYR F 354 -0.09 -39.40 42.48
C TYR F 354 1.34 -38.91 42.39
N ALA F 355 1.63 -37.74 43.00
CA ALA F 355 2.96 -37.13 43.00
C ALA F 355 4.00 -38.00 43.68
N LYS F 356 3.61 -38.74 44.74
CA LYS F 356 4.52 -39.64 45.44
C LYS F 356 4.89 -40.83 44.55
N SER F 357 3.90 -41.35 43.80
CA SER F 357 4.08 -42.47 42.85
C SER F 357 4.94 -42.05 41.68
N LEU F 358 4.75 -40.80 41.22
CA LEU F 358 5.48 -40.14 40.14
C LEU F 358 6.95 -40.02 40.56
N LYS F 359 7.18 -39.48 41.78
CA LYS F 359 8.47 -39.21 42.44
C LYS F 359 9.41 -40.41 42.36
N GLU F 360 8.91 -41.60 42.72
CA GLU F 360 9.68 -42.83 42.72
C GLU F 360 9.91 -43.43 41.33
N SER F 361 8.87 -43.40 40.47
CA SER F 361 8.89 -44.00 39.14
C SER F 361 9.86 -43.35 38.16
N ASN F 362 10.66 -44.23 37.51
CA ASN F 362 11.65 -43.90 36.50
C ASN F 362 11.15 -44.39 35.14
N LYS F 363 11.02 -43.48 34.15
CA LYS F 363 10.58 -43.80 32.79
C LYS F 363 11.41 -43.03 31.76
N ILE F 364 11.42 -43.49 30.50
CA ILE F 364 12.19 -42.85 29.43
C ILE F 364 11.32 -42.46 28.22
N ASN F 365 11.36 -41.17 27.84
CA ASN F 365 10.66 -40.62 26.68
C ASN F 365 11.63 -40.69 25.51
N PHE F 366 11.49 -41.71 24.65
CA PHE F 366 12.33 -41.83 23.45
C PHE F 366 11.84 -40.87 22.38
N SER F 367 10.64 -40.30 22.65
CA SER F 367 9.92 -39.32 21.86
C SER F 367 10.67 -37.97 21.97
N SER F 368 11.01 -37.57 23.22
CA SER F 368 11.70 -36.31 23.54
C SER F 368 13.16 -36.27 23.03
N LEU F 369 13.92 -37.36 23.24
CA LEU F 369 15.32 -37.52 22.86
C LEU F 369 15.63 -37.31 21.37
N GLY F 370 14.75 -37.82 20.51
CA GLY F 370 14.90 -37.73 19.05
C GLY F 370 16.12 -38.47 18.53
N LEU F 371 16.21 -39.76 18.84
CA LEU F 371 17.34 -40.62 18.43
C LEU F 371 17.00 -41.37 17.15
N THR F 372 18.04 -41.96 16.52
CA THR F 372 17.87 -42.84 15.36
C THR F 372 17.30 -44.14 15.94
N ASP F 373 16.52 -44.91 15.16
CA ASP F 373 15.94 -46.15 15.66
C ASP F 373 16.94 -47.34 15.61
N GLU F 374 18.25 -47.01 15.74
CA GLU F 374 19.43 -47.88 15.79
C GLU F 374 20.21 -47.57 17.07
N GLU F 375 19.91 -46.38 17.65
CA GLU F 375 20.38 -45.82 18.93
C GLU F 375 19.29 -46.13 19.97
N LYS F 376 18.00 -46.09 19.52
CA LYS F 376 16.74 -46.39 20.23
C LYS F 376 16.60 -47.94 20.35
N GLU F 377 17.26 -48.66 19.43
CA GLU F 377 17.38 -50.11 19.32
C GLU F 377 18.31 -50.62 20.46
N ALA F 378 19.50 -49.97 20.59
CA ALA F 378 20.56 -50.23 21.59
C ALA F 378 20.14 -49.82 23.00
N ALA F 379 19.29 -48.78 23.13
CA ALA F 379 18.77 -48.24 24.38
C ALA F 379 17.83 -49.23 25.07
N GLU F 380 17.11 -50.04 24.27
CA GLU F 380 16.18 -51.08 24.74
C GLU F 380 16.98 -52.20 25.41
N HIS F 381 18.18 -52.46 24.88
CA HIS F 381 19.13 -53.45 25.38
C HIS F 381 19.61 -53.14 26.82
N PHE F 382 19.33 -51.92 27.32
CA PHE F 382 19.68 -51.49 28.68
C PHE F 382 18.77 -52.09 29.73
N LEU F 383 19.35 -53.13 30.37
CA LEU F 383 18.87 -53.96 31.48
C LEU F 383 19.13 -53.29 32.85
N SER G 2 -6.03 -28.14 27.83
CA SER G 2 -6.74 -26.88 28.09
C SER G 2 -5.96 -25.98 29.10
N LEU G 3 -5.36 -26.66 30.08
CA LEU G 3 -4.60 -26.06 31.17
C LEU G 3 -3.17 -25.71 30.76
N GLN G 4 -3.08 -24.79 29.80
CA GLN G 4 -1.81 -24.31 29.28
C GLN G 4 -1.36 -22.94 29.75
N GLY G 5 -2.30 -22.06 30.09
CA GLY G 5 -2.00 -20.70 30.54
C GLY G 5 -1.29 -20.59 31.88
N ILE G 6 -0.91 -21.73 32.49
CA ILE G 6 -0.17 -21.81 33.77
C ILE G 6 1.32 -21.71 33.41
N HIS G 7 1.77 -20.46 33.17
CA HIS G 7 3.15 -20.21 32.81
C HIS G 7 3.66 -18.82 33.23
N LEU G 8 4.84 -18.82 33.89
CA LEU G 8 5.55 -17.63 34.38
C LEU G 8 6.94 -17.67 33.79
N SER G 9 7.33 -16.58 33.10
CA SER G 9 8.66 -16.51 32.50
C SER G 9 9.64 -15.80 33.43
N ASP G 10 9.59 -16.15 34.72
CA ASP G 10 10.36 -15.61 35.86
C ASP G 10 11.81 -15.20 35.55
N LEU G 11 12.60 -16.09 34.92
CA LEU G 11 14.01 -15.80 34.63
C LEU G 11 14.20 -14.60 33.73
N SER G 12 13.34 -14.43 32.73
CA SER G 12 13.39 -13.26 31.84
C SER G 12 13.13 -11.96 32.63
N TYR G 13 12.08 -11.97 33.48
CA TYR G 13 11.66 -10.88 34.34
C TYR G 13 12.79 -10.55 35.29
N LYS G 14 13.45 -11.59 35.85
CA LYS G 14 14.60 -11.48 36.76
C LYS G 14 15.70 -10.63 36.10
N HIS G 15 15.96 -10.89 34.81
CA HIS G 15 16.94 -10.14 34.03
C HIS G 15 16.44 -8.75 33.70
N ALA G 16 15.16 -8.64 33.27
CA ALA G 16 14.51 -7.39 32.91
C ALA G 16 14.58 -6.32 34.00
N ILE G 17 14.57 -6.75 35.26
CA ILE G 17 14.65 -5.89 36.43
C ILE G 17 16.06 -5.28 36.55
N LEU G 18 17.08 -5.97 36.04
CA LEU G 18 18.47 -5.51 36.08
C LEU G 18 18.86 -4.68 34.86
N LYS G 19 17.86 -4.06 34.22
CA LYS G 19 17.98 -3.18 33.05
C LYS G 19 17.24 -1.90 33.34
N GLU G 20 16.11 -2.01 34.09
CA GLU G 20 15.22 -0.93 34.58
C GLU G 20 15.95 0.14 35.44
N SER G 21 17.14 -0.21 35.96
CA SER G 21 17.93 0.68 36.80
C SER G 21 18.37 1.86 36.00
N GLN G 22 17.65 2.96 36.19
CA GLN G 22 18.00 4.20 35.54
C GLN G 22 19.10 4.82 36.38
N TYR G 23 19.16 4.48 37.67
CA TYR G 23 20.16 4.98 38.59
C TYR G 23 21.44 4.16 38.50
N THR G 24 22.57 4.84 38.63
CA THR G 24 23.90 4.27 38.48
C THR G 24 24.71 4.32 39.75
N ILE G 25 25.38 3.19 40.07
CA ILE G 25 26.22 3.07 41.26
C ILE G 25 27.59 3.72 41.08
N LYS G 26 28.03 4.46 42.11
CA LYS G 26 29.30 5.17 42.15
C LYS G 26 30.17 4.58 43.25
N ARG G 27 30.72 3.40 42.99
CA ARG G 27 31.60 2.71 43.93
C ARG G 27 33.03 3.19 43.73
N ASP G 28 33.96 2.89 44.68
CA ASP G 28 35.40 3.24 44.62
C ASP G 28 35.53 4.76 44.60
N VAL G 29 34.81 5.40 45.50
CA VAL G 29 34.67 6.86 45.59
C VAL G 29 36.04 7.59 45.65
N GLY G 30 36.91 7.22 46.57
CA GLY G 30 38.18 7.93 46.72
C GLY G 30 39.37 7.40 45.95
N THR G 31 39.28 6.12 45.53
CA THR G 31 40.32 5.33 44.85
C THR G 31 41.08 6.07 43.73
N THR G 32 42.37 5.73 43.58
CA THR G 32 43.28 6.25 42.55
C THR G 32 44.13 5.12 41.99
N THR G 33 44.28 5.06 40.67
CA THR G 33 45.11 4.06 40.00
C THR G 33 46.01 4.72 38.97
N ALA G 34 47.16 4.11 38.73
CA ALA G 34 48.11 4.63 37.77
C ALA G 34 47.70 4.37 36.33
N VAL G 35 47.93 5.38 35.48
CA VAL G 35 47.79 5.35 34.03
C VAL G 35 49.06 5.93 33.44
N THR G 36 49.51 5.37 32.33
CA THR G 36 50.71 5.80 31.63
C THR G 36 50.31 6.41 30.29
N PRO G 37 50.81 7.61 29.95
CA PRO G 37 50.43 8.19 28.65
C PRO G 37 51.11 7.43 27.52
N SER G 38 50.46 7.42 26.36
CA SER G 38 50.90 6.72 25.16
C SER G 38 52.38 6.98 24.81
N SER G 39 52.84 8.21 25.07
CA SER G 39 54.18 8.75 24.85
C SER G 39 55.29 7.94 25.53
N LEU G 40 54.97 7.31 26.65
CA LEU G 40 55.92 6.52 27.43
C LEU G 40 55.87 5.02 27.16
N GLN G 41 55.31 4.61 26.01
CA GLN G 41 55.20 3.19 25.65
C GLN G 41 56.58 2.50 25.58
N GLN G 42 57.62 3.16 25.04
CA GLN G 42 58.97 2.58 24.93
C GLN G 42 59.62 2.31 26.31
N GLU G 43 59.39 3.24 27.25
CA GLU G 43 59.92 3.20 28.61
C GLU G 43 59.27 2.11 29.42
N ILE G 44 57.95 1.94 29.27
CA ILE G 44 57.22 0.88 29.96
C ILE G 44 57.57 -0.48 29.32
N THR G 45 57.86 -0.51 28.00
CA THR G 45 58.28 -1.71 27.27
C THR G 45 59.59 -2.21 27.85
N LEU G 46 60.55 -1.31 28.04
CA LEU G 46 61.82 -1.66 28.62
C LEU G 46 61.66 -2.26 30.02
N LEU G 47 60.81 -1.63 30.87
CA LEU G 47 60.55 -2.05 32.25
C LEU G 47 59.95 -3.44 32.32
N CYS G 48 59.06 -3.76 31.35
CA CYS G 48 58.42 -5.07 31.20
C CYS G 48 59.49 -6.12 30.91
N GLY G 49 60.39 -5.80 29.98
CA GLY G 49 61.50 -6.66 29.58
C GLY G 49 62.43 -6.94 30.74
N GLU G 50 62.69 -5.91 31.58
CA GLU G 50 63.53 -5.99 32.77
C GLU G 50 63.00 -6.99 33.77
N ILE G 51 61.65 -7.09 33.91
CA ILE G 51 60.99 -8.04 34.81
C ILE G 51 61.28 -9.50 34.37
N LEU G 52 61.19 -9.76 33.05
CA LEU G 52 61.42 -11.07 32.44
C LEU G 52 62.91 -11.44 32.38
N TYR G 53 63.78 -10.46 32.06
CA TYR G 53 65.21 -10.61 31.81
C TYR G 53 66.06 -11.12 32.97
N ALA G 54 65.78 -10.67 34.21
CA ALA G 54 66.54 -11.07 35.39
C ALA G 54 65.69 -11.73 36.47
N LYS G 55 66.33 -12.51 37.37
CA LYS G 55 65.65 -13.20 38.45
C LYS G 55 65.60 -12.22 39.60
N HIS G 56 64.43 -11.59 39.81
CA HIS G 56 64.20 -10.56 40.82
C HIS G 56 63.79 -11.08 42.16
N ALA G 57 64.04 -10.24 43.18
CA ALA G 57 63.71 -10.55 44.56
C ALA G 57 62.20 -10.49 44.77
N ASP G 58 61.56 -9.45 44.24
CA ASP G 58 60.12 -9.31 44.41
C ASP G 58 59.42 -8.97 43.12
N TYR G 59 58.32 -9.67 42.86
CA TYR G 59 57.45 -9.51 41.69
C TYR G 59 56.05 -9.04 42.17
N LYS G 60 56.00 -8.01 43.03
CA LYS G 60 54.75 -7.47 43.58
C LYS G 60 53.98 -6.66 42.55
N TYR G 61 54.64 -5.68 41.93
CA TYR G 61 54.03 -4.75 41.00
C TYR G 61 54.10 -5.15 39.54
N ALA G 62 54.61 -6.39 39.24
CA ALA G 62 54.74 -6.94 37.89
C ALA G 62 53.47 -6.77 37.05
N ALA G 63 52.30 -7.07 37.66
CA ALA G 63 50.99 -6.95 37.02
C ALA G 63 50.62 -5.50 36.73
N GLU G 64 50.87 -4.58 37.69
CA GLU G 64 50.57 -3.17 37.50
C GLU G 64 51.36 -2.61 36.32
N ILE G 65 52.60 -3.09 36.11
CA ILE G 65 53.45 -2.70 34.98
C ILE G 65 52.80 -3.14 33.65
N GLY G 66 52.23 -4.34 33.64
CA GLY G 66 51.51 -4.88 32.48
C GLY G 66 50.32 -4.03 32.10
N ILE G 67 49.53 -3.60 33.13
CA ILE G 67 48.37 -2.73 33.00
C ILE G 67 48.84 -1.39 32.43
N GLN G 68 50.03 -0.93 32.85
CA GLN G 68 50.62 0.32 32.35
C GLN G 68 50.93 0.26 30.87
N TYR G 69 51.32 -0.92 30.34
CA TYR G 69 51.53 -1.06 28.90
C TYR G 69 50.17 -0.96 28.19
N ILE G 70 49.14 -1.68 28.72
CA ILE G 70 47.77 -1.63 28.19
C ILE G 70 47.34 -0.16 28.10
N SER G 71 47.61 0.61 29.16
CA SER G 71 47.31 2.03 29.26
C SER G 71 47.89 2.83 28.10
N THR G 72 49.18 2.60 27.78
CA THR G 72 49.84 3.27 26.66
C THR G 72 49.20 2.87 25.36
N ALA G 73 48.91 1.56 25.19
CA ALA G 73 48.30 1.00 23.99
C ALA G 73 46.88 1.51 23.73
N LEU G 74 46.04 1.65 24.77
CA LEU G 74 44.64 2.07 24.63
C LEU G 74 44.45 3.57 24.54
N GLY G 75 45.15 4.32 25.38
CA GLY G 75 45.04 5.77 25.37
C GLY G 75 45.54 6.49 26.59
N SER G 76 46.34 7.58 26.34
CA SER G 76 46.94 8.47 27.32
C SER G 76 45.92 8.68 28.50
N GLU G 77 44.65 9.00 28.12
CA GLU G 77 43.50 9.36 28.96
C GLU G 77 42.18 8.64 28.60
N ARG G 78 42.19 7.79 27.56
CA ARG G 78 41.02 7.03 27.12
C ARG G 78 40.69 6.00 28.18
N VAL G 79 41.71 5.61 28.95
CA VAL G 79 41.61 4.61 30.00
C VAL G 79 40.63 5.05 31.09
N GLN G 80 40.71 6.32 31.52
CA GLN G 80 39.80 6.87 32.55
C GLN G 80 38.35 6.63 32.15
N GLN G 81 38.03 6.86 30.85
CA GLN G 81 36.70 6.66 30.30
C GLN G 81 36.24 5.21 30.55
N ILE G 82 37.07 4.22 30.20
CA ILE G 82 36.78 2.79 30.37
C ILE G 82 36.45 2.46 31.84
N LEU G 83 37.33 2.91 32.76
CA LEU G 83 37.22 2.66 34.20
C LEU G 83 35.96 3.27 34.78
N ARG G 84 35.65 4.51 34.38
CA ARG G 84 34.45 5.24 34.80
C ARG G 84 33.21 4.48 34.32
N ASN G 85 33.25 3.98 33.08
CA ASN G 85 32.18 3.24 32.47
C ASN G 85 32.05 1.79 32.95
N SER G 86 33.06 1.28 33.69
CA SER G 86 32.97 -0.08 34.21
C SER G 86 32.07 -0.13 35.47
N GLY G 87 31.74 1.04 36.01
CA GLY G 87 30.90 1.19 37.20
C GLY G 87 31.65 1.79 38.39
N SER G 88 32.99 1.79 38.30
CA SER G 88 33.90 2.29 39.33
C SER G 88 34.15 3.77 39.09
N GLU G 89 33.98 4.56 40.13
CA GLU G 89 34.17 5.99 40.06
C GLU G 89 35.62 6.38 40.41
N VAL G 90 36.55 5.41 40.33
CA VAL G 90 37.99 5.56 40.59
C VAL G 90 38.62 6.67 39.70
N GLN G 91 39.63 7.42 40.23
CA GLN G 91 40.35 8.47 39.48
C GLN G 91 41.72 7.97 39.04
N VAL G 92 42.19 8.46 37.91
CA VAL G 92 43.48 8.04 37.35
C VAL G 92 44.60 9.00 37.71
N VAL G 93 45.85 8.49 37.70
CA VAL G 93 47.04 9.30 37.98
C VAL G 93 48.11 9.05 36.92
N LEU G 94 48.45 10.10 36.14
CA LEU G 94 49.41 9.98 35.05
C LEU G 94 50.82 9.93 35.54
N THR G 95 51.46 8.78 35.28
CA THR G 95 52.81 8.43 35.67
C THR G 95 53.83 9.30 34.96
N ARG G 96 54.80 9.83 35.72
CA ARG G 96 55.85 10.75 35.24
C ARG G 96 57.26 10.13 35.18
N THR G 97 58.25 10.96 34.83
CA THR G 97 59.66 10.56 34.71
C THR G 97 60.55 11.34 35.66
N TYR G 98 61.62 10.69 36.16
CA TYR G 98 62.63 11.25 37.06
C TYR G 98 64.04 10.71 36.73
N SER G 99 65.11 11.26 37.34
CA SER G 99 66.48 10.81 37.04
C SER G 99 67.31 10.48 38.28
N GLN G 112 67.52 8.13 33.84
CA GLN G 112 66.07 8.31 33.62
C GLN G 112 65.22 7.09 33.99
N MET G 113 64.17 7.33 34.80
CA MET G 113 63.25 6.35 35.34
C MET G 113 61.76 6.73 35.25
N LEU G 114 60.88 5.80 35.64
CA LEU G 114 59.43 5.98 35.62
C LEU G 114 58.84 6.01 37.03
N ASP G 115 58.05 7.05 37.32
CA ASP G 115 57.37 7.20 38.59
C ASP G 115 55.92 6.80 38.44
N ILE G 116 55.65 5.52 38.70
CA ILE G 116 54.32 4.96 38.55
C ILE G 116 53.54 5.08 39.86
N HIS G 117 52.31 5.64 39.78
CA HIS G 117 51.45 5.81 40.94
C HIS G 117 51.04 4.49 41.58
N GLY G 118 51.32 4.36 42.86
CA GLY G 118 51.03 3.15 43.63
C GLY G 118 52.20 2.19 43.68
N VAL G 119 53.13 2.35 42.73
CA VAL G 119 54.34 1.55 42.61
C VAL G 119 55.49 2.28 43.28
N GLU G 120 56.07 1.64 44.31
CA GLU G 120 57.19 2.13 45.11
C GLU G 120 58.34 2.47 44.20
N LYS G 121 58.91 3.68 44.36
CA LYS G 121 60.06 4.13 43.57
C LYS G 121 61.22 3.13 43.77
N SER G 122 61.39 2.65 45.01
CA SER G 122 62.37 1.64 45.43
C SER G 122 62.29 0.36 44.59
N TRP G 123 61.06 -0.11 44.32
CA TRP G 123 60.79 -1.31 43.55
C TRP G 123 61.23 -1.16 42.09
N VAL G 124 60.87 -0.03 41.46
CA VAL G 124 61.21 0.35 40.08
C VAL G 124 62.73 0.31 39.92
N GLU G 125 63.45 0.95 40.86
CA GLU G 125 64.91 1.02 40.86
C GLU G 125 65.53 -0.34 41.04
N GLU G 126 64.95 -1.20 41.92
CA GLU G 126 65.41 -2.56 42.19
C GLU G 126 65.37 -3.38 40.89
N ILE G 127 64.20 -3.36 40.21
CA ILE G 127 63.97 -4.10 38.96
C ILE G 127 64.99 -3.68 37.92
N ASP G 128 65.19 -2.36 37.77
CA ASP G 128 66.16 -1.82 36.82
C ASP G 128 67.60 -2.24 37.18
N LYS G 129 68.02 -2.01 38.44
CA LYS G 129 69.35 -2.33 38.98
C LYS G 129 69.69 -3.80 38.78
N GLU G 130 68.80 -4.70 39.23
CA GLU G 130 68.97 -6.14 39.13
C GLU G 130 69.13 -6.59 37.68
N ALA G 131 68.34 -6.01 36.76
CA ALA G 131 68.39 -6.34 35.32
C ALA G 131 69.71 -5.91 34.69
N ARG G 132 70.23 -4.72 35.05
CA ARG G 132 71.49 -4.19 34.53
C ARG G 132 72.65 -5.07 34.98
N LYS G 133 72.59 -5.54 36.25
CA LYS G 133 73.56 -6.44 36.87
C LYS G 133 73.64 -7.76 36.08
N THR G 134 72.47 -8.33 35.74
CA THR G 134 72.34 -9.55 34.97
C THR G 134 72.85 -9.33 33.52
N MET G 135 72.57 -8.15 32.93
CA MET G 135 73.03 -7.80 31.57
C MET G 135 74.56 -7.77 31.50
N ALA G 136 75.19 -7.18 32.52
CA ALA G 136 76.65 -7.07 32.65
C ALA G 136 77.35 -8.43 32.78
N THR G 137 76.82 -9.31 33.67
CA THR G 137 77.30 -10.67 33.93
C THR G 137 77.31 -11.47 32.62
N LEU G 138 76.17 -11.47 31.92
CA LEU G 138 75.93 -12.16 30.66
C LEU G 138 76.71 -11.63 29.46
N LEU G 139 76.86 -10.29 29.35
CA LEU G 139 77.62 -9.67 28.25
C LEU G 139 79.12 -10.03 28.32
N LYS G 140 79.64 -10.29 29.53
CA LYS G 140 81.01 -10.74 29.77
C LYS G 140 81.19 -12.17 29.18
N GLU G 141 80.19 -13.08 29.45
CA GLU G 141 80.14 -14.49 29.01
C GLU G 141 79.98 -14.61 27.47
N SER G 142 78.99 -13.87 26.92
CA SER G 142 78.58 -13.76 25.51
C SER G 142 79.66 -13.12 24.63
N SER G 143 80.72 -12.56 25.28
CA SER G 143 81.86 -11.86 24.71
C SER G 143 81.36 -10.61 23.95
N GLY G 144 80.57 -9.82 24.69
CA GLY G 144 79.93 -8.59 24.22
C GLY G 144 78.78 -8.76 23.25
N ASN G 145 78.37 -10.03 23.00
CA ASN G 145 77.33 -10.34 22.00
C ASN G 145 75.97 -10.84 22.57
N ILE G 146 75.01 -9.91 22.71
CA ILE G 146 73.64 -10.20 23.13
C ILE G 146 72.72 -9.74 21.99
N PRO G 147 72.03 -10.70 21.29
CA PRO G 147 71.15 -10.30 20.17
C PRO G 147 69.90 -9.59 20.67
N GLN G 148 69.31 -8.76 19.80
CA GLN G 148 68.12 -7.94 20.10
C GLN G 148 67.00 -8.68 20.83
N ASN G 149 66.65 -9.88 20.31
CA ASN G 149 65.60 -10.79 20.80
C ASN G 149 65.79 -11.29 22.24
N GLN G 150 66.99 -11.12 22.80
CA GLN G 150 67.27 -11.57 24.17
C GLN G 150 67.37 -10.43 25.15
N ARG G 151 67.33 -9.19 24.66
CA ARG G 151 67.43 -7.98 25.47
C ARG G 151 66.07 -7.55 26.04
N PRO G 152 66.04 -6.90 27.23
CA PRO G 152 64.76 -6.40 27.78
C PRO G 152 64.08 -5.33 26.92
N SER G 153 64.82 -4.81 25.93
CA SER G 153 64.40 -3.80 24.97
C SER G 153 63.47 -4.33 23.85
N ALA G 154 63.45 -5.67 23.62
CA ALA G 154 62.60 -6.30 22.60
C ALA G 154 61.12 -5.86 22.75
N PRO G 155 60.48 -5.41 21.65
CA PRO G 155 59.12 -4.85 21.74
C PRO G 155 57.98 -5.78 22.19
N ASP G 156 58.17 -7.08 22.07
CA ASP G 156 57.18 -8.09 22.44
C ASP G 156 57.17 -8.46 23.94
N THR G 157 58.15 -7.96 24.73
CA THR G 157 58.29 -8.22 26.17
C THR G 157 57.03 -7.83 26.98
N PRO G 158 56.33 -6.70 26.70
CA PRO G 158 55.09 -6.41 27.45
C PRO G 158 53.99 -7.41 27.14
N ILE G 159 53.89 -7.85 25.87
CA ILE G 159 52.91 -8.83 25.41
C ILE G 159 53.13 -10.16 26.14
N ILE G 160 54.42 -10.61 26.22
CA ILE G 160 54.83 -11.83 26.92
C ILE G 160 54.36 -11.77 28.38
N LEU G 161 54.61 -10.63 29.05
CA LEU G 161 54.22 -10.36 30.43
C LEU G 161 52.69 -10.51 30.60
N LEU G 162 51.92 -9.91 29.67
CA LEU G 162 50.47 -9.92 29.65
C LEU G 162 49.89 -11.29 29.33
N CYS G 163 50.65 -12.13 28.62
CA CYS G 163 50.24 -13.48 28.27
C CYS G 163 50.18 -14.37 29.51
N VAL G 164 51.06 -14.11 30.49
CA VAL G 164 51.07 -14.81 31.78
C VAL G 164 49.79 -14.36 32.54
N GLY G 165 49.46 -13.08 32.38
CA GLY G 165 48.25 -12.49 32.95
C GLY G 165 47.00 -13.06 32.32
N ALA G 166 47.07 -13.34 31.00
CA ALA G 166 45.98 -13.92 30.22
C ALA G 166 45.66 -15.34 30.69
N LEU G 167 46.70 -16.11 31.04
CA LEU G 167 46.55 -17.48 31.53
C LEU G 167 45.93 -17.51 32.90
N ILE G 168 46.24 -16.52 33.76
CA ILE G 168 45.64 -16.42 35.10
C ILE G 168 44.22 -15.85 34.97
N PHE G 169 43.97 -15.09 33.89
CA PHE G 169 42.68 -14.52 33.59
C PHE G 169 41.70 -15.64 33.26
N THR G 170 42.14 -16.65 32.47
CA THR G 170 41.32 -17.82 32.16
C THR G 170 40.88 -18.54 33.46
N LYS G 171 41.82 -18.82 34.38
CA LYS G 171 41.49 -19.52 35.62
C LYS G 171 41.17 -18.57 36.77
N LEU G 172 40.39 -17.51 36.48
CA LEU G 172 39.93 -16.58 37.51
C LEU G 172 38.67 -17.15 38.16
N ALA G 173 38.07 -18.16 37.48
CA ALA G 173 36.86 -18.88 37.89
C ALA G 173 37.09 -19.81 39.07
N SER G 174 38.35 -20.25 39.27
CA SER G 174 38.72 -21.17 40.36
C SER G 174 39.63 -20.50 41.44
N THR G 175 40.38 -21.33 42.23
CA THR G 175 41.30 -20.91 43.29
C THR G 175 42.42 -20.06 42.72
N ILE G 176 43.10 -19.30 43.61
CA ILE G 176 44.29 -18.50 43.29
C ILE G 176 45.38 -19.53 42.98
N GLU G 177 45.25 -20.66 43.66
CA GLU G 177 46.11 -21.81 43.56
C GLU G 177 45.94 -22.53 42.21
N VAL G 178 44.72 -23.07 41.91
CA VAL G 178 44.42 -23.82 40.68
C VAL G 178 44.98 -23.16 39.44
N GLY G 179 44.75 -21.85 39.38
CA GLY G 179 45.19 -20.96 38.31
C GLY G 179 46.69 -20.98 38.09
N LEU G 180 47.46 -21.00 39.19
CA LEU G 180 48.93 -21.03 39.11
C LEU G 180 49.45 -22.31 38.48
N GLU G 181 48.78 -23.44 38.72
CA GLU G 181 49.14 -24.74 38.15
C GLU G 181 49.03 -24.64 36.68
N THR G 182 47.78 -24.40 36.23
CA THR G 182 47.36 -24.26 34.85
C THR G 182 48.25 -23.25 34.13
N THR G 183 48.47 -22.06 34.73
CA THR G 183 49.31 -20.99 34.18
C THR G 183 50.71 -21.53 33.90
N VAL G 184 51.36 -22.13 34.90
CA VAL G 184 52.70 -22.67 34.76
C VAL G 184 52.77 -23.74 33.64
N ARG G 185 51.88 -24.76 33.71
CA ARG G 185 51.81 -25.88 32.74
C ARG G 185 51.73 -25.39 31.31
N ARG G 186 50.70 -24.58 31.03
CA ARG G 186 50.41 -24.01 29.71
C ARG G 186 51.47 -23.03 29.26
N ALA G 187 52.01 -22.20 30.18
CA ALA G 187 53.05 -21.22 29.86
C ALA G 187 54.28 -21.89 29.29
N ASN G 188 54.59 -23.10 29.77
CA ASN G 188 55.73 -23.88 29.30
C ASN G 188 55.61 -24.27 27.85
N ARG G 189 54.40 -24.63 27.42
CA ARG G 189 54.12 -25.05 26.05
C ARG G 189 53.89 -23.85 25.13
N VAL G 190 53.08 -22.91 25.61
CA VAL G 190 52.65 -21.70 24.93
C VAL G 190 53.78 -20.66 24.77
N LEU G 191 54.42 -20.25 25.88
CA LEU G 191 55.49 -19.24 25.90
C LEU G 191 56.88 -19.90 25.80
N SER G 192 56.91 -21.07 25.16
CA SER G 192 58.06 -21.91 24.89
C SER G 192 59.29 -21.10 24.48
N ASP G 193 59.16 -20.37 23.38
CA ASP G 193 60.21 -19.56 22.75
C ASP G 193 60.59 -18.31 23.52
N ALA G 194 59.61 -17.70 24.22
CA ALA G 194 59.83 -16.51 25.03
C ALA G 194 60.74 -16.88 26.21
N LEU G 195 60.47 -18.06 26.79
CA LEU G 195 61.23 -18.65 27.89
C LEU G 195 62.66 -18.97 27.46
N LYS G 196 62.87 -19.26 26.16
CA LYS G 196 64.19 -19.54 25.61
C LYS G 196 65.05 -18.28 25.68
N ARG G 197 64.45 -17.12 25.34
CA ARG G 197 65.13 -15.82 25.35
C ARG G 197 65.23 -15.18 26.73
N TYR G 198 64.20 -15.35 27.57
CA TYR G 198 64.18 -14.79 28.94
C TYR G 198 63.95 -15.96 29.90
N PRO G 199 65.00 -16.77 30.17
CA PRO G 199 64.79 -17.95 31.03
C PRO G 199 64.66 -17.59 32.50
N ARG G 200 64.86 -16.32 32.79
CA ARG G 200 64.81 -15.76 34.13
C ARG G 200 63.41 -15.31 34.54
N MET G 201 62.42 -15.41 33.62
CA MET G 201 61.05 -15.03 33.93
C MET G 201 60.42 -16.02 34.92
N ASP G 202 60.05 -15.50 36.10
CA ASP G 202 59.45 -16.27 37.18
C ASP G 202 57.97 -16.28 36.96
N ILE G 203 57.50 -17.22 36.14
CA ILE G 203 56.09 -17.39 35.79
C ILE G 203 55.21 -17.42 37.06
N PRO G 204 55.52 -18.24 38.10
CA PRO G 204 54.66 -18.29 39.28
C PRO G 204 54.49 -16.99 40.05
N LYS G 205 55.56 -16.18 40.16
CA LYS G 205 55.49 -14.91 40.88
C LYS G 205 54.75 -13.86 40.05
N ILE G 206 55.02 -13.83 38.72
CA ILE G 206 54.37 -12.91 37.79
C ILE G 206 52.87 -13.23 37.80
N ALA G 207 52.51 -14.52 37.65
CA ALA G 207 51.12 -14.99 37.67
C ALA G 207 50.41 -14.70 38.98
N ARG G 208 51.16 -14.71 40.10
CA ARG G 208 50.59 -14.40 41.41
C ARG G 208 50.25 -12.92 41.50
N SER G 209 51.13 -12.03 40.97
CA SER G 209 50.93 -10.57 40.92
C SER G 209 49.65 -10.21 40.17
N PHE G 210 49.38 -10.93 39.05
CA PHE G 210 48.20 -10.79 38.23
C PHE G 210 46.97 -11.25 38.96
N TYR G 211 47.02 -12.39 39.71
CA TYR G 211 45.84 -12.82 40.47
C TYR G 211 45.51 -11.79 41.53
N ASP G 212 46.51 -11.35 42.28
CA ASP G 212 46.35 -10.35 43.32
C ASP G 212 45.71 -9.08 42.74
N LEU G 213 46.25 -8.58 41.60
CA LEU G 213 45.74 -7.39 40.91
C LEU G 213 44.27 -7.52 40.48
N PHE G 214 43.90 -8.62 39.79
CA PHE G 214 42.54 -8.86 39.33
C PHE G 214 41.54 -8.98 40.46
N GLU G 215 42.03 -9.43 41.62
CA GLU G 215 41.17 -9.57 42.78
C GLU G 215 40.97 -8.24 43.51
N GLN G 216 42.04 -7.42 43.63
CA GLN G 216 41.98 -6.11 44.29
C GLN G 216 41.38 -5.01 43.40
N LYS G 217 42.00 -4.75 42.25
CA LYS G 217 41.51 -3.73 41.32
C LYS G 217 40.56 -4.36 40.30
N VAL G 218 39.32 -4.66 40.72
CA VAL G 218 38.28 -5.31 39.91
C VAL G 218 38.04 -4.61 38.56
N TYR G 219 38.16 -3.27 38.50
CA TYR G 219 37.99 -2.50 37.28
C TYR G 219 39.03 -2.84 36.22
N HIS G 220 40.21 -3.33 36.63
CA HIS G 220 41.25 -3.76 35.70
C HIS G 220 40.89 -5.04 34.94
N ARG G 221 39.85 -5.77 35.41
CA ARG G 221 39.36 -6.98 34.74
C ARG G 221 38.75 -6.55 33.43
N SER G 222 37.86 -5.51 33.45
CA SER G 222 37.22 -5.00 32.24
C SER G 222 38.16 -4.14 31.38
N LEU G 223 39.27 -3.64 31.97
CA LEU G 223 40.28 -2.90 31.23
C LEU G 223 41.06 -3.91 30.38
N PHE G 224 41.35 -5.09 30.95
CA PHE G 224 42.03 -6.21 30.30
C PHE G 224 41.17 -6.72 29.16
N ILE G 225 39.85 -6.83 29.39
CA ILE G 225 38.85 -7.25 28.40
C ILE G 225 38.84 -6.27 27.24
N GLU G 226 38.87 -4.95 27.54
CA GLU G 226 38.89 -3.92 26.50
C GLU G 226 40.18 -3.93 25.69
N TYR G 227 41.31 -4.34 26.31
CA TYR G 227 42.58 -4.46 25.60
C TYR G 227 42.46 -5.62 24.63
N GLY G 228 41.91 -6.73 25.12
CA GLY G 228 41.65 -7.94 24.37
C GLY G 228 40.74 -7.68 23.19
N LYS G 229 39.58 -7.03 23.44
CA LYS G 229 38.60 -6.64 22.43
C LYS G 229 39.26 -5.79 21.35
N ALA G 230 40.04 -4.74 21.78
CA ALA G 230 40.77 -3.79 20.91
C ALA G 230 41.81 -4.49 20.05
N LEU G 231 42.65 -5.37 20.68
CA LEU G 231 43.69 -6.16 20.04
C LEU G 231 43.08 -7.11 19.02
N GLY G 232 41.97 -7.72 19.38
CA GLY G 232 41.24 -8.63 18.51
C GLY G 232 40.74 -7.96 17.25
N SER G 233 40.54 -6.64 17.32
CA SER G 233 40.05 -5.93 16.15
C SER G 233 41.13 -5.60 15.11
N SER G 234 42.35 -5.17 15.51
CA SER G 234 43.43 -4.74 14.59
C SER G 234 43.74 -5.64 13.38
N SER G 235 44.15 -4.97 12.27
CA SER G 235 44.48 -5.62 10.98
C SER G 235 45.75 -6.48 11.07
N THR G 236 46.83 -5.91 11.63
CA THR G 236 48.09 -6.61 11.80
C THR G 236 48.47 -6.70 13.25
N GLY G 237 48.62 -7.93 13.72
CA GLY G 237 49.03 -8.19 15.09
C GLY G 237 50.40 -8.83 15.09
N SER G 238 51.03 -8.82 16.26
CA SER G 238 52.31 -9.45 16.47
C SER G 238 52.07 -10.95 16.63
N LYS G 239 53.13 -11.76 16.57
CA LYS G 239 53.07 -13.20 16.78
C LYS G 239 52.63 -13.41 18.26
N ALA G 240 53.18 -12.57 19.18
CA ALA G 240 52.91 -12.54 20.63
C ALA G 240 51.48 -12.07 20.91
N GLU G 241 51.04 -11.05 20.16
CA GLU G 241 49.71 -10.46 20.26
C GLU G 241 48.63 -11.46 19.85
N SER G 242 48.85 -12.15 18.72
CA SER G 242 47.94 -13.17 18.21
C SER G 242 47.83 -14.36 19.19
N LEU G 243 48.85 -14.56 20.04
CA LEU G 243 48.81 -15.58 21.06
C LEU G 243 47.90 -15.12 22.20
N PHE G 244 48.10 -13.87 22.66
CA PHE G 244 47.35 -13.27 23.77
C PHE G 244 45.84 -13.43 23.61
N VAL G 245 45.32 -13.03 22.43
CA VAL G 245 43.89 -13.12 22.11
C VAL G 245 43.42 -14.56 22.13
N ASN G 246 44.26 -15.49 21.62
CA ASN G 246 43.94 -16.91 21.57
C ASN G 246 43.84 -17.53 22.96
N ILE G 247 44.58 -16.97 23.96
CA ILE G 247 44.50 -17.40 25.37
C ILE G 247 43.18 -16.85 25.92
N PHE G 248 42.90 -15.57 25.61
CA PHE G 248 41.73 -14.79 25.98
C PHE G 248 40.45 -15.45 25.47
N MET G 249 40.50 -16.11 24.30
CA MET G 249 39.34 -16.79 23.71
C MET G 249 38.96 -18.05 24.44
N GLN G 250 39.97 -18.85 24.83
CA GLN G 250 39.79 -20.09 25.59
C GLN G 250 39.19 -19.78 26.98
N ALA G 251 39.14 -18.47 27.33
CA ALA G 251 38.58 -17.92 28.55
C ALA G 251 37.13 -17.51 28.38
N TYR G 252 36.55 -17.61 27.15
CA TYR G 252 35.18 -17.16 26.94
C TYR G 252 34.14 -17.90 27.79
N GLY G 253 34.10 -19.22 27.74
CA GLY G 253 33.16 -19.99 28.54
C GLY G 253 33.55 -20.04 30.01
N ALA G 254 33.60 -18.87 30.64
CA ALA G 254 34.00 -18.67 32.03
C ALA G 254 32.82 -18.93 32.94
N GLY G 255 33.00 -19.82 33.91
CA GLY G 255 31.97 -20.16 34.87
C GLY G 255 30.69 -20.77 34.31
N GLN G 256 30.62 -20.92 32.99
CA GLN G 256 29.45 -21.48 32.34
C GLN G 256 29.72 -22.90 31.84
N THR G 257 30.80 -23.54 32.34
CA THR G 257 31.22 -24.90 31.97
C THR G 257 30.06 -25.88 31.97
N MET G 258 29.09 -25.66 32.86
CA MET G 258 27.91 -26.48 32.97
C MET G 258 26.99 -26.40 31.74
N LEU G 259 26.78 -25.20 31.18
CA LEU G 259 25.93 -25.00 29.99
C LEU G 259 26.56 -25.61 28.75
N ARG G 260 27.89 -25.49 28.62
CA ARG G 260 28.61 -26.05 27.47
C ARG G 260 28.63 -27.59 27.54
N TRP G 261 28.70 -28.15 28.75
CA TRP G 261 28.65 -29.61 28.92
C TRP G 261 27.23 -30.10 28.72
N GLY G 262 26.28 -29.17 28.87
CA GLY G 262 24.87 -29.40 28.65
C GLY G 262 24.58 -29.66 27.19
N VAL G 263 25.20 -28.87 26.29
CA VAL G 263 25.05 -29.09 24.85
C VAL G 263 25.72 -30.39 24.44
N ILE G 264 26.83 -30.75 25.13
CA ILE G 264 27.58 -31.99 24.91
C ILE G 264 26.72 -33.20 25.23
N ALA G 265 25.91 -33.11 26.31
CA ALA G 265 24.98 -34.15 26.69
C ALA G 265 23.91 -34.39 25.60
N ARG G 266 23.43 -33.30 24.95
CA ARG G 266 22.46 -33.35 23.84
C ARG G 266 23.11 -33.96 22.62
N SER G 267 24.35 -33.53 22.29
CA SER G 267 25.14 -34.01 21.16
C SER G 267 25.43 -35.52 21.29
N SER G 268 25.63 -36.00 22.54
CA SER G 268 25.90 -37.40 22.85
C SER G 268 24.63 -38.24 22.79
N ASN G 269 23.46 -37.57 22.79
CA ASN G 269 22.12 -38.15 22.78
C ASN G 269 21.98 -39.14 23.94
N ASN G 270 22.39 -38.67 25.13
CA ASN G 270 22.32 -39.43 26.36
C ASN G 270 20.86 -39.66 26.71
N ILE G 271 20.45 -40.93 26.73
CA ILE G 271 19.09 -41.41 27.00
C ILE G 271 18.56 -40.97 28.36
N MET G 272 19.46 -40.56 29.26
CA MET G 272 19.08 -40.07 30.57
C MET G 272 18.42 -38.71 30.51
N LEU G 273 18.64 -37.96 29.42
CA LEU G 273 18.01 -36.66 29.19
C LEU G 273 16.52 -36.86 28.92
N GLY G 274 16.13 -38.12 28.70
CA GLY G 274 14.75 -38.53 28.46
C GLY G 274 14.04 -39.00 29.72
N HIS G 275 14.76 -39.07 30.86
CA HIS G 275 14.18 -39.48 32.14
C HIS G 275 13.08 -38.50 32.54
N VAL G 276 11.98 -39.05 33.07
CA VAL G 276 10.80 -38.31 33.48
C VAL G 276 11.10 -37.12 34.44
N SER G 277 11.99 -37.34 35.43
CA SER G 277 12.39 -36.32 36.40
C SER G 277 13.21 -35.20 35.77
N VAL G 278 13.96 -35.53 34.71
CA VAL G 278 14.78 -34.59 33.94
C VAL G 278 13.85 -33.82 33.00
N GLN G 279 12.89 -34.53 32.35
CA GLN G 279 11.88 -33.95 31.46
C GLN G 279 11.10 -32.85 32.16
N ALA G 280 10.84 -33.02 33.47
CA ALA G 280 10.13 -32.06 34.30
C ALA G 280 10.84 -30.68 34.40
N GLU G 281 12.18 -30.67 34.29
CA GLU G 281 13.01 -29.47 34.41
C GLU G 281 13.29 -28.76 33.09
N LEU G 282 12.77 -29.32 31.98
CA LEU G 282 12.95 -28.80 30.64
C LEU G 282 12.73 -27.30 30.51
N LYS G 283 11.58 -26.79 31.00
CA LYS G 283 11.26 -25.37 30.89
C LYS G 283 12.27 -24.47 31.59
N GLN G 284 12.82 -24.89 32.75
CA GLN G 284 13.82 -24.08 33.48
C GLN G 284 15.12 -24.06 32.69
N VAL G 285 15.57 -25.25 32.20
CA VAL G 285 16.79 -25.40 31.41
C VAL G 285 16.71 -24.50 30.19
N THR G 286 15.58 -24.58 29.46
CA THR G 286 15.32 -23.79 28.26
C THR G 286 15.46 -22.32 28.58
N GLU G 287 14.84 -21.87 29.70
CA GLU G 287 14.87 -20.49 30.17
C GLU G 287 16.30 -19.97 30.33
N VAL G 288 17.22 -20.81 30.83
CA VAL G 288 18.60 -20.39 31.02
C VAL G 288 19.30 -20.20 29.67
N TYR G 289 19.19 -21.17 28.72
CA TYR G 289 19.81 -21.06 27.39
C TYR G 289 19.28 -19.92 26.54
N ASP G 290 18.02 -19.52 26.79
CA ASP G 290 17.29 -18.43 26.13
C ASP G 290 17.69 -17.08 26.72
N LEU G 291 18.16 -17.07 27.97
CA LEU G 291 18.68 -15.88 28.60
C LEU G 291 20.05 -15.58 27.99
N VAL G 292 20.85 -16.62 27.65
CA VAL G 292 22.16 -16.47 27.01
C VAL G 292 22.01 -15.74 25.68
N ARG G 293 20.97 -16.13 24.91
CA ARG G 293 20.63 -15.54 23.63
C ARG G 293 20.12 -14.11 23.82
N GLU G 294 19.38 -13.85 24.92
CA GLU G 294 18.84 -12.53 25.28
C GLU G 294 19.98 -11.55 25.61
N MET G 295 21.04 -12.04 26.25
CA MET G 295 22.21 -11.25 26.66
C MET G 295 23.26 -11.13 25.59
N GLY G 296 23.23 -12.06 24.63
CA GLY G 296 24.12 -12.07 23.47
C GLY G 296 25.57 -12.39 23.71
N PRO G 297 26.51 -11.56 23.18
CA PRO G 297 27.93 -11.90 23.30
C PRO G 297 28.53 -11.64 24.66
N GLU G 298 28.01 -10.66 25.41
CA GLU G 298 28.54 -10.33 26.71
C GLU G 298 28.25 -11.41 27.74
N SER G 299 27.25 -12.28 27.45
CA SER G 299 26.81 -13.38 28.30
C SER G 299 27.96 -14.25 28.79
N GLY G 300 28.85 -14.62 27.87
CA GLY G 300 30.00 -15.46 28.18
C GLY G 300 31.02 -14.91 29.16
N LEU G 301 31.48 -13.69 28.91
CA LEU G 301 32.47 -13.09 29.78
C LEU G 301 31.89 -12.46 31.08
N LEU G 302 30.59 -12.69 31.41
CA LEU G 302 29.92 -12.16 32.62
C LEU G 302 30.60 -12.56 33.91
N HIS G 303 30.92 -13.86 34.02
CA HIS G 303 31.56 -14.44 35.17
C HIS G 303 32.98 -13.92 35.26
N LEU G 304 33.66 -13.76 34.11
CA LEU G 304 35.03 -13.24 34.02
C LEU G 304 35.19 -11.80 34.52
N ARG G 305 34.17 -10.97 34.28
CA ARG G 305 34.10 -9.57 34.69
C ARG G 305 33.78 -9.43 36.17
N GLN G 306 33.38 -10.56 36.82
CA GLN G 306 32.94 -10.67 38.23
C GLN G 306 31.63 -9.84 38.39
N SER G 307 30.86 -9.75 37.28
CA SER G 307 29.62 -8.99 37.20
C SER G 307 28.57 -9.52 38.17
N PRO G 308 27.91 -8.64 38.94
CA PRO G 308 26.85 -9.10 39.86
C PRO G 308 25.67 -9.73 39.12
N LYS G 309 25.41 -9.25 37.86
CA LYS G 309 24.39 -9.73 36.91
C LYS G 309 24.50 -11.27 36.73
N ALA G 310 25.75 -11.79 36.60
CA ALA G 310 26.10 -13.21 36.44
C ALA G 310 25.54 -14.04 37.59
N GLY G 311 25.32 -15.30 37.32
CA GLY G 311 24.73 -16.19 38.31
C GLY G 311 23.27 -16.42 37.98
N LEU G 312 22.70 -15.60 37.09
CA LEU G 312 21.33 -15.81 36.60
C LEU G 312 21.37 -17.05 35.67
N LEU G 313 22.58 -17.34 35.15
CA LEU G 313 22.96 -18.47 34.30
C LEU G 313 23.35 -19.69 35.15
N SER G 314 22.65 -19.86 36.30
CA SER G 314 22.89 -20.99 37.18
C SER G 314 21.89 -22.06 36.89
N LEU G 315 22.38 -23.29 36.94
CA LEU G 315 21.58 -24.48 36.69
C LEU G 315 21.23 -25.15 38.03
N ALA G 316 21.04 -24.31 39.06
CA ALA G 316 20.64 -24.71 40.41
C ALA G 316 19.18 -25.18 40.40
N ASN G 317 18.33 -24.48 39.62
CA ASN G 317 16.88 -24.72 39.42
C ASN G 317 16.57 -26.10 38.83
N CYS G 318 17.58 -26.72 38.18
CA CYS G 318 17.49 -28.03 37.53
C CYS G 318 18.59 -29.03 37.97
N PRO G 319 18.47 -29.53 39.22
CA PRO G 319 19.47 -30.47 39.75
C PRO G 319 19.58 -31.82 39.04
N ASN G 320 18.45 -32.39 38.59
CA ASN G 320 18.40 -33.68 37.91
C ASN G 320 19.06 -33.63 36.54
N PHE G 321 18.91 -32.48 35.84
CA PHE G 321 19.51 -32.23 34.54
C PHE G 321 21.01 -32.12 34.72
N ALA G 322 21.45 -31.33 35.72
CA ALA G 322 22.86 -31.14 36.07
C ALA G 322 23.54 -32.49 36.33
N SER G 323 22.84 -33.39 37.04
CA SER G 323 23.29 -34.74 37.38
C SER G 323 23.59 -35.54 36.12
N VAL G 324 22.68 -35.49 35.13
CA VAL G 324 22.80 -36.20 33.87
C VAL G 324 23.96 -35.64 33.04
N VAL G 325 24.05 -34.30 32.93
CA VAL G 325 25.09 -33.56 32.20
C VAL G 325 26.47 -33.97 32.69
N LEU G 326 26.65 -34.00 34.03
CA LEU G 326 27.89 -34.38 34.70
C LEU G 326 28.21 -35.87 34.50
N GLY G 327 27.17 -36.71 34.57
CA GLY G 327 27.29 -38.15 34.35
C GLY G 327 27.83 -38.43 32.97
N ASN G 328 27.21 -37.79 31.97
CA ASN G 328 27.59 -37.87 30.57
C ASN G 328 29.05 -37.45 30.38
N ALA G 329 29.47 -36.34 31.03
CA ALA G 329 30.84 -35.81 30.99
C ALA G 329 31.82 -36.82 31.60
N SER G 330 31.41 -37.48 32.70
CA SER G 330 32.20 -38.48 33.37
C SER G 330 32.41 -39.69 32.48
N GLY G 331 31.32 -40.17 31.87
CA GLY G 331 31.31 -41.31 30.96
C GLY G 331 32.18 -41.10 29.74
N LEU G 332 32.15 -39.87 29.17
CA LEU G 332 32.98 -39.54 28.02
C LEU G 332 34.43 -39.25 28.40
N GLY G 333 34.67 -39.05 29.70
CA GLY G 333 35.98 -38.80 30.27
C GLY G 333 36.45 -37.37 30.11
N ILE G 334 35.54 -36.40 30.31
CA ILE G 334 35.81 -34.96 30.19
C ILE G 334 35.89 -34.34 31.57
N ILE G 335 34.97 -34.75 32.47
CA ILE G 335 34.75 -34.28 33.84
C ILE G 335 36.02 -33.82 34.58
N GLY G 336 37.13 -34.53 34.39
CA GLY G 336 38.42 -34.22 34.99
C GLY G 336 38.32 -33.81 36.45
N MET G 337 38.81 -32.59 36.78
CA MET G 337 38.85 -32.08 38.14
C MET G 337 37.72 -31.15 38.54
N TYR G 338 36.54 -31.37 37.97
CA TYR G 338 35.39 -30.53 38.25
C TYR G 338 34.72 -30.90 39.58
N ARG G 339 34.74 -29.95 40.55
CA ARG G 339 34.19 -30.10 41.91
C ARG G 339 32.65 -29.97 41.99
N GLY G 340 32.01 -29.61 40.87
CA GLY G 340 30.56 -29.44 40.77
C GLY G 340 29.76 -30.55 41.40
N ARG G 341 28.99 -30.19 42.42
CA ARG G 341 28.15 -31.08 43.22
C ARG G 341 27.15 -31.86 42.38
N VAL G 342 26.93 -33.15 42.73
CA VAL G 342 26.02 -34.03 42.02
C VAL G 342 24.79 -34.30 42.89
N PRO G 343 23.66 -33.64 42.57
CA PRO G 343 22.44 -33.83 43.37
C PRO G 343 21.87 -35.24 43.28
N ASN G 344 21.63 -35.74 42.06
CA ASN G 344 21.10 -37.08 41.87
C ASN G 344 22.19 -38.05 41.44
N THR G 345 22.77 -38.73 42.42
CA THR G 345 23.84 -39.72 42.25
C THR G 345 23.39 -40.89 41.38
N GLU G 346 22.12 -41.28 41.52
CA GLU G 346 21.48 -42.35 40.77
C GLU G 346 21.52 -42.03 39.26
N LEU G 347 20.93 -40.88 38.85
CA LEU G 347 20.88 -40.40 37.46
C LEU G 347 22.27 -40.25 36.86
N PHE G 348 23.23 -39.74 37.66
CA PHE G 348 24.62 -39.52 37.27
C PHE G 348 25.23 -40.83 36.79
N SER G 349 25.14 -41.88 37.62
CA SER G 349 25.71 -43.20 37.36
C SER G 349 25.16 -43.81 36.08
N ALA G 350 23.84 -43.65 35.87
CA ALA G 350 23.14 -44.13 34.69
C ALA G 350 23.62 -43.44 33.42
N ALA G 351 23.67 -42.09 33.44
CA ALA G 351 24.13 -41.27 32.32
C ALA G 351 25.58 -41.63 31.97
N GLU G 352 26.41 -41.89 33.00
CA GLU G 352 27.81 -42.26 32.90
C GLU G 352 27.98 -43.59 32.18
N SER G 353 27.15 -44.58 32.54
CA SER G 353 27.17 -45.92 31.96
C SER G 353 26.86 -45.86 30.47
N TYR G 354 25.79 -45.14 30.10
CA TYR G 354 25.38 -44.98 28.71
C TYR G 354 26.48 -44.31 27.91
N ALA G 355 27.05 -43.20 28.43
CA ALA G 355 28.12 -42.45 27.77
C ALA G 355 29.37 -43.28 27.57
N LYS G 356 29.69 -44.18 28.52
CA LYS G 356 30.87 -45.04 28.40
C LYS G 356 30.66 -46.06 27.28
N SER G 357 29.43 -46.60 27.16
CA SER G 357 29.04 -47.56 26.12
C SER G 357 29.04 -46.90 24.75
N LEU G 358 28.60 -45.63 24.70
CA LEU G 358 28.53 -44.78 23.52
C LEU G 358 29.97 -44.53 23.02
N LYS G 359 30.86 -44.13 23.96
CA LYS G 359 32.29 -43.81 23.78
C LYS G 359 33.02 -44.88 22.97
N GLU G 360 32.85 -46.16 23.34
CA GLU G 360 33.49 -47.29 22.68
C GLU G 360 32.84 -47.67 21.33
N SER G 361 31.49 -47.65 21.27
CA SER G 361 30.70 -48.07 20.12
C SER G 361 30.89 -47.19 18.87
N ASN G 362 31.12 -47.88 17.73
CA ASN G 362 31.30 -47.32 16.39
C ASN G 362 30.07 -47.70 15.54
N LYS G 363 29.34 -46.70 15.01
CA LYS G 363 28.15 -46.91 14.17
C LYS G 363 28.14 -45.91 13.00
N ILE G 364 27.40 -46.21 11.91
CA ILE G 364 27.36 -45.31 10.75
C ILE G 364 25.92 -44.96 10.33
N ASN G 365 25.62 -43.65 10.25
CA ASN G 365 24.33 -43.12 9.79
C ASN G 365 24.42 -42.91 8.29
N PHE G 366 23.89 -43.85 7.50
CA PHE G 366 23.87 -43.71 6.04
C PHE G 366 22.73 -42.78 5.65
N SER G 367 21.89 -42.46 6.65
CA SER G 367 20.76 -41.55 6.62
C SER G 367 21.28 -40.10 6.52
N SER G 368 22.26 -39.75 7.39
CA SER G 368 22.89 -38.43 7.48
C SER G 368 23.72 -38.07 6.22
N LEU G 369 24.55 -39.02 5.75
CA LEU G 369 25.45 -38.87 4.59
C LEU G 369 24.75 -38.49 3.28
N GLY G 370 23.60 -39.09 3.00
CA GLY G 370 22.83 -38.85 1.79
C GLY G 370 23.55 -39.30 0.53
N LEU G 371 23.97 -40.57 0.49
CA LEU G 371 24.71 -41.14 -0.64
C LEU G 371 23.78 -41.86 -1.61
N THR G 372 24.29 -42.16 -2.82
CA THR G 372 23.59 -42.98 -3.82
C THR G 372 23.66 -44.41 -3.28
N ASP G 373 22.69 -45.26 -3.60
CA ASP G 373 22.70 -46.64 -3.09
C ASP G 373 23.63 -47.58 -3.93
N GLU G 374 24.70 -46.97 -4.50
CA GLU G 374 25.78 -47.56 -5.30
C GLU G 374 27.12 -47.17 -4.64
N GLU G 375 27.06 -46.15 -3.79
CA GLU G 375 28.12 -45.60 -2.92
C GLU G 375 27.90 -46.22 -1.51
N LYS G 376 26.59 -46.42 -1.14
CA LYS G 376 26.05 -47.03 0.08
C LYS G 376 26.21 -48.57 -0.04
N GLU G 377 26.29 -49.06 -1.28
CA GLU G 377 26.51 -50.44 -1.72
C GLU G 377 27.99 -50.82 -1.40
N ALA G 378 28.94 -49.95 -1.84
CA ALA G 378 30.40 -50.07 -1.67
C ALA G 378 30.84 -49.87 -0.22
N ALA G 379 30.09 -49.03 0.55
CA ALA G 379 30.34 -48.71 1.95
C ALA G 379 30.11 -49.92 2.86
N GLU G 380 29.15 -50.81 2.47
CA GLU G 380 28.82 -52.04 3.19
C GLU G 380 29.99 -53.00 3.10
N HIS G 381 30.68 -52.97 1.96
CA HIS G 381 31.86 -53.78 1.67
C HIS G 381 33.04 -53.42 2.61
N SER H 2 10.79 -32.15 22.28
CA SER H 2 10.66 -31.45 23.56
C SER H 2 12.01 -30.84 24.00
N LEU H 3 13.12 -31.61 23.86
CA LEU H 3 14.50 -31.27 24.21
C LEU H 3 15.18 -30.28 23.22
N GLN H 4 14.52 -29.17 22.85
CA GLN H 4 15.00 -28.19 21.89
C GLN H 4 15.33 -26.94 22.70
N GLY H 5 16.05 -26.02 22.21
CA GLY H 5 16.34 -24.94 23.13
C GLY H 5 17.63 -25.11 23.89
N ILE H 6 18.21 -26.33 23.87
CA ILE H 6 19.50 -26.56 24.52
C ILE H 6 20.64 -26.22 23.53
N HIS H 7 20.93 -24.92 23.36
CA HIS H 7 21.89 -24.47 22.36
C HIS H 7 22.52 -23.10 22.67
N LEU H 8 23.85 -23.02 22.49
CA LEU H 8 24.66 -21.83 22.70
C LEU H 8 25.41 -21.55 21.44
N SER H 9 25.27 -20.34 20.89
CA SER H 9 25.98 -20.01 19.66
C SER H 9 27.30 -19.29 19.95
N ASP H 10 28.05 -19.82 20.94
CA ASP H 10 29.32 -19.33 21.48
C ASP H 10 30.28 -18.70 20.47
N LEU H 11 30.56 -19.39 19.34
CA LEU H 11 31.51 -18.89 18.33
C LEU H 11 31.09 -17.56 17.74
N SER H 12 29.79 -17.37 17.49
CA SER H 12 29.28 -16.09 16.99
C SER H 12 29.51 -14.95 18.00
N TYR H 13 29.18 -15.22 19.28
CA TYR H 13 29.34 -14.30 20.40
C TYR H 13 30.81 -13.95 20.56
N LYS H 14 31.70 -14.98 20.43
CA LYS H 14 33.16 -14.85 20.49
C LYS H 14 33.63 -13.81 19.48
N HIS H 15 33.07 -13.84 18.26
CA HIS H 15 33.39 -12.89 17.21
C HIS H 15 32.76 -11.53 17.50
N ALA H 16 31.49 -11.52 17.92
CA ALA H 16 30.74 -10.31 18.25
C ALA H 16 31.43 -9.39 19.27
N ILE H 17 32.17 -9.99 20.18
CA ILE H 17 32.93 -9.30 21.20
C ILE H 17 34.14 -8.56 20.60
N LEU H 18 34.66 -9.06 19.47
CA LEU H 18 35.80 -8.47 18.77
C LEU H 18 35.38 -7.43 17.71
N LYS H 19 34.20 -6.83 17.91
CA LYS H 19 33.60 -5.80 17.07
C LYS H 19 33.21 -4.64 17.96
N GLU H 20 32.75 -4.98 19.19
CA GLU H 20 32.33 -4.08 20.29
C GLU H 20 33.44 -3.09 20.74
N SER H 21 34.72 -3.38 20.36
CA SER H 21 35.86 -2.53 20.71
C SER H 21 35.73 -1.22 20.01
N GLN H 22 35.26 -0.24 20.77
CA GLN H 22 35.13 1.12 20.27
C GLN H 22 36.52 1.76 20.37
N TYR H 23 37.33 1.24 21.31
CA TYR H 23 38.67 1.73 21.55
C TYR H 23 39.65 1.09 20.58
N THR H 24 40.64 1.90 20.19
CA THR H 24 41.66 1.57 19.20
C THR H 24 43.06 1.46 19.78
N ILE H 25 43.78 0.41 19.39
CA ILE H 25 45.14 0.13 19.84
C ILE H 25 46.17 1.03 19.21
N LYS H 26 47.13 1.59 19.96
CA LYS H 26 48.19 2.45 19.42
C LYS H 26 49.55 1.81 19.67
N ARG H 27 49.84 0.75 18.92
CA ARG H 27 51.11 0.03 19.02
C ARG H 27 52.13 0.72 18.11
N ASP H 28 53.44 0.38 18.26
CA ASP H 28 54.56 0.92 17.44
C ASP H 28 54.64 2.43 17.64
N VAL H 29 54.60 2.85 18.90
CA VAL H 29 54.52 4.26 19.31
C VAL H 29 55.66 5.13 18.71
N GLY H 30 56.92 4.74 18.85
CA GLY H 30 58.02 5.55 18.36
C GLY H 30 58.52 5.26 16.96
N THR H 31 58.21 4.07 16.45
CA THR H 31 58.63 3.52 15.15
C THR H 31 58.56 4.50 13.95
N THR H 32 59.50 4.34 13.02
CA THR H 32 59.61 5.09 11.76
C THR H 32 59.95 4.17 10.61
N THR H 33 59.28 4.34 9.47
CA THR H 33 59.53 3.54 8.26
C THR H 33 59.62 4.45 7.06
N ALA H 34 60.39 4.04 6.06
CA ALA H 34 60.56 4.79 4.85
C ALA H 34 59.38 4.72 3.92
N VAL H 35 59.04 5.88 3.32
CA VAL H 35 58.05 6.05 2.26
C VAL H 35 58.70 6.87 1.17
N THR H 36 58.37 6.55 -0.08
CA THR H 36 58.92 7.24 -1.25
C THR H 36 57.80 8.00 -1.93
N PRO H 37 57.98 9.29 -2.26
CA PRO H 37 56.91 10.02 -2.93
C PRO H 37 56.77 9.54 -4.36
N SER H 38 55.54 9.63 -4.89
CA SER H 38 55.17 9.18 -6.24
C SER H 38 56.16 9.66 -7.33
N SER H 39 56.67 10.90 -7.15
CA SER H 39 57.61 11.61 -8.02
C SER H 39 58.90 10.85 -8.31
N LEU H 40 59.32 10.00 -7.36
CA LEU H 40 60.55 9.23 -7.46
C LEU H 40 60.36 7.79 -7.94
N GLN H 41 59.22 7.51 -8.59
CA GLN H 41 58.92 6.16 -9.08
C GLN H 41 59.98 5.66 -10.09
N GLN H 42 60.48 6.52 -11.00
CA GLN H 42 61.50 6.12 -12.00
C GLN H 42 62.84 5.73 -11.36
N GLU H 43 63.22 6.46 -10.30
CA GLU H 43 64.47 6.28 -9.55
C GLU H 43 64.44 4.99 -8.76
N ILE H 44 63.29 4.70 -8.11
CA ILE H 44 63.15 3.47 -7.37
C ILE H 44 63.04 2.27 -8.33
N THR H 45 62.47 2.49 -9.54
CA THR H 45 62.36 1.46 -10.60
C THR H 45 63.75 1.04 -11.03
N LEU H 46 64.63 2.02 -11.26
CA LEU H 46 66.01 1.74 -11.63
C LEU H 46 66.73 0.90 -10.55
N LEU H 47 66.56 1.29 -9.27
CA LEU H 47 67.18 0.63 -8.12
C LEU H 47 66.75 -0.82 -7.99
N CYS H 48 65.47 -1.09 -8.27
CA CYS H 48 64.86 -2.43 -8.27
C CYS H 48 65.54 -3.29 -9.33
N GLY H 49 65.69 -2.73 -10.53
CA GLY H 49 66.33 -3.36 -11.67
C GLY H 49 67.78 -3.71 -11.38
N GLU H 50 68.48 -2.81 -10.67
CA GLU H 50 69.87 -2.97 -10.25
C GLU H 50 70.06 -4.18 -9.36
N ILE H 51 69.08 -4.45 -8.47
CA ILE H 51 69.09 -5.61 -7.55
C ILE H 51 69.06 -6.94 -8.36
N LEU H 52 68.19 -6.99 -9.39
CA LEU H 52 68.01 -8.15 -10.26
C LEU H 52 69.16 -8.34 -11.26
N TYR H 53 69.65 -7.21 -11.84
CA TYR H 53 70.65 -7.15 -12.91
C TYR H 53 72.02 -7.74 -12.61
N ALA H 54 72.54 -7.52 -11.39
CA ALA H 54 73.87 -8.00 -10.98
C ALA H 54 73.84 -8.93 -9.77
N LYS H 55 74.91 -9.75 -9.61
CA LYS H 55 75.02 -10.68 -8.49
C LYS H 55 75.67 -9.91 -7.37
N HIS H 56 74.86 -9.47 -6.39
CA HIS H 56 75.29 -8.64 -5.27
C HIS H 56 75.77 -9.39 -4.08
N ALA H 57 76.57 -8.71 -3.25
CA ALA H 57 77.15 -9.25 -2.04
C ALA H 57 76.07 -9.42 -0.98
N ASP H 58 75.23 -8.39 -0.79
CA ASP H 58 74.19 -8.46 0.20
C ASP H 58 72.85 -8.00 -0.33
N TYR H 59 71.81 -8.80 -0.01
CA TYR H 59 70.42 -8.56 -0.38
C TYR H 59 69.59 -8.33 0.91
N LYS H 60 70.06 -7.45 1.81
CA LYS H 60 69.39 -7.16 3.08
C LYS H 60 68.15 -6.30 2.90
N TYR H 61 68.31 -5.17 2.22
CA TYR H 61 67.26 -4.18 2.03
C TYR H 61 66.43 -4.34 0.76
N ALA H 62 66.66 -5.44 0.00
CA ALA H 62 65.96 -5.74 -1.26
C ALA H 62 64.44 -5.61 -1.13
N ALA H 63 63.86 -6.14 -0.03
CA ALA H 63 62.43 -6.08 0.28
C ALA H 63 61.96 -4.66 0.55
N GLU H 64 62.73 -3.88 1.33
CA GLU H 64 62.38 -2.50 1.64
C GLU H 64 62.29 -1.67 0.36
N ILE H 65 63.16 -1.97 -0.63
CA ILE H 65 63.15 -1.31 -1.93
C ILE H 65 61.85 -1.60 -2.67
N GLY H 66 61.37 -2.85 -2.58
CA GLY H 66 60.12 -3.28 -3.18
C GLY H 66 58.92 -2.52 -2.60
N ILE H 67 58.91 -2.36 -1.25
CA ILE H 67 57.89 -1.62 -0.49
C ILE H 67 57.92 -0.17 -0.94
N GLN H 68 59.14 0.37 -1.22
CA GLN H 68 59.31 1.74 -1.71
C GLN H 68 58.67 1.96 -3.07
N TYR H 69 58.65 0.93 -3.95
CA TYR H 69 57.96 1.05 -5.23
C TYR H 69 56.45 1.09 -4.95
N ILE H 70 55.93 0.18 -4.08
CA ILE H 70 54.52 0.14 -3.68
C ILE H 70 54.12 1.54 -3.21
N SER H 71 54.98 2.17 -2.39
CA SER H 71 54.80 3.51 -1.84
C SER H 71 54.55 4.53 -2.94
N THR H 72 55.39 4.51 -4.00
CA THR H 72 55.26 5.44 -5.12
C THR H 72 53.95 5.18 -5.85
N ALA H 73 53.63 3.88 -6.06
CA ALA H 73 52.41 3.44 -6.76
C ALA H 73 51.11 3.81 -6.03
N LEU H 74 51.07 3.67 -4.68
CA LEU H 74 49.86 3.95 -3.88
C LEU H 74 49.65 5.41 -3.55
N GLY H 75 50.72 6.09 -3.16
CA GLY H 75 50.63 7.50 -2.82
C GLY H 75 51.76 8.08 -2.02
N SER H 76 52.23 9.29 -2.46
CA SER H 76 53.31 10.09 -1.86
C SER H 76 53.22 9.97 -0.30
N GLU H 77 51.98 10.18 0.21
CA GLU H 77 51.56 10.27 1.62
C GLU H 77 50.28 9.46 1.98
N ARG H 78 49.68 8.79 0.99
CA ARG H 78 48.48 7.97 1.19
C ARG H 78 48.85 6.74 1.99
N VAL H 79 50.13 6.38 1.92
CA VAL H 79 50.69 5.22 2.60
C VAL H 79 50.56 5.36 4.11
N GLN H 80 50.87 6.56 4.66
CA GLN H 80 50.76 6.82 6.10
C GLN H 80 49.36 6.46 6.59
N GLN H 81 48.33 6.84 5.82
CA GLN H 81 46.93 6.55 6.12
C GLN H 81 46.74 5.04 6.31
N ILE H 82 47.20 4.24 5.34
CA ILE H 82 47.08 2.77 5.36
C ILE H 82 47.71 2.18 6.64
N LEU H 83 48.97 2.58 6.93
CA LEU H 83 49.74 2.10 8.08
C LEU H 83 49.08 2.47 9.39
N ARG H 84 48.58 3.70 9.51
CA ARG H 84 47.86 4.19 10.69
C ARG H 84 46.60 3.36 10.90
N ASN H 85 45.89 3.07 9.81
CA ASN H 85 44.66 2.29 9.81
C ASN H 85 44.88 0.79 9.97
N SER H 86 46.12 0.30 9.85
CA SER H 86 46.38 -1.12 10.04
C SER H 86 46.43 -1.47 11.56
N GLY H 87 46.48 -0.44 12.41
CA GLY H 87 46.55 -0.58 13.86
C GLY H 87 47.86 -0.08 14.45
N SER H 88 48.88 0.10 13.60
CA SER H 88 50.20 0.57 13.97
C SER H 88 50.24 2.09 13.92
N GLU H 89 50.73 2.69 14.98
CA GLU H 89 50.82 4.13 15.09
C GLU H 89 52.19 4.63 14.60
N VAL H 90 52.90 3.81 13.80
CA VAL H 90 54.20 4.09 13.19
C VAL H 90 54.17 5.40 12.34
N GLN H 91 55.28 6.17 12.31
CA GLN H 91 55.41 7.41 11.51
C GLN H 91 56.23 7.14 10.28
N VAL H 92 55.91 7.85 9.20
CA VAL H 92 56.62 7.67 7.94
C VAL H 92 57.73 8.68 7.74
N VAL H 93 58.71 8.34 6.89
CA VAL H 93 59.83 9.23 6.58
C VAL H 93 60.04 9.27 5.06
N LEU H 94 59.83 10.46 4.46
CA LEU H 94 59.94 10.63 3.02
C LEU H 94 61.38 10.66 2.57
N THR H 95 61.71 9.66 1.76
CA THR H 95 63.03 9.42 1.20
C THR H 95 63.42 10.51 0.21
N ARG H 96 64.64 11.03 0.35
CA ARG H 96 65.19 12.14 -0.44
C ARG H 96 66.27 11.73 -1.45
N THR H 97 66.85 12.73 -2.14
CA THR H 97 67.90 12.53 -3.13
C THR H 97 69.18 13.26 -2.75
N TYR H 98 70.34 12.67 -3.12
CA TYR H 98 71.68 13.20 -2.87
C TYR H 98 72.60 12.93 -4.06
N SER H 99 73.81 13.54 -4.07
CA SER H 99 74.75 13.36 -5.18
C SER H 99 76.18 12.99 -4.73
N GLN H 112 73.75 11.34 -8.84
CA GLN H 112 72.45 11.35 -8.17
C GLN H 112 71.97 9.98 -7.65
N MET H 113 71.60 9.95 -6.36
CA MET H 113 71.17 8.77 -5.62
C MET H 113 69.94 8.96 -4.75
N LEU H 114 69.46 7.86 -4.11
CA LEU H 114 68.29 7.86 -3.22
C LEU H 114 68.67 7.58 -1.78
N ASP H 115 68.21 8.45 -0.87
CA ASP H 115 68.44 8.32 0.56
C ASP H 115 67.19 7.78 1.21
N ILE H 116 67.14 6.45 1.32
CA ILE H 116 65.99 5.77 1.87
C ILE H 116 66.15 5.57 3.37
N HIS H 117 65.12 5.98 4.14
CA HIS H 117 65.13 5.86 5.59
C HIS H 117 65.19 4.42 6.07
N GLY H 118 66.19 4.12 6.89
CA GLY H 118 66.42 2.78 7.42
C GLY H 118 67.41 1.99 6.58
N VAL H 119 67.58 2.41 5.32
CA VAL H 119 68.47 1.79 4.36
C VAL H 119 69.80 2.54 4.34
N GLU H 120 70.89 1.80 4.68
CA GLU H 120 72.26 2.30 4.72
C GLU H 120 72.63 2.92 3.40
N LYS H 121 73.18 4.14 3.43
CA LYS H 121 73.61 4.84 2.23
C LYS H 121 74.64 3.97 1.50
N SER H 122 75.55 3.32 2.27
CA SER H 122 76.58 2.40 1.81
C SER H 122 76.01 1.26 0.95
N TRP H 123 74.87 0.69 1.37
CA TRP H 123 74.19 -0.40 0.69
C TRP H 123 73.66 0.04 -0.68
N VAL H 124 72.98 1.20 -0.73
CA VAL H 124 72.41 1.83 -1.93
C VAL H 124 73.53 1.99 -2.97
N GLU H 125 74.67 2.56 -2.54
CA GLU H 125 75.83 2.81 -3.37
C GLU H 125 76.45 1.53 -3.87
N GLU H 126 76.52 0.49 -3.00
CA GLU H 126 77.05 -0.85 -3.35
C GLU H 126 76.24 -1.46 -4.49
N ILE H 127 74.90 -1.47 -4.33
CA ILE H 127 73.95 -2.03 -5.31
C ILE H 127 74.14 -1.33 -6.65
N ASP H 128 74.21 0.01 -6.63
CA ASP H 128 74.40 0.81 -7.83
C ASP H 128 75.77 0.51 -8.49
N LYS H 129 76.86 0.60 -7.70
CA LYS H 129 78.24 0.34 -8.14
C LYS H 129 78.40 -1.02 -8.78
N GLU H 130 77.97 -2.08 -8.07
CA GLU H 130 78.05 -3.45 -8.55
C GLU H 130 77.29 -3.65 -9.86
N ALA H 131 76.10 -3.04 -10.00
CA ALA H 131 75.27 -3.13 -11.21
C ALA H 131 75.94 -2.47 -12.41
N ARG H 132 76.56 -1.28 -12.19
CA ARG H 132 77.25 -0.54 -13.24
C ARG H 132 78.46 -1.33 -13.76
N LYS H 133 79.18 -2.00 -12.83
CA LYS H 133 80.34 -2.86 -13.10
C LYS H 133 79.92 -4.01 -14.03
N THR H 134 78.78 -4.66 -13.70
CA THR H 134 78.21 -5.77 -14.46
C THR H 134 77.74 -5.25 -15.85
N MET H 135 77.16 -4.04 -15.92
CA MET H 135 76.71 -3.43 -17.18
C MET H 135 77.88 -3.20 -18.13
N ALA H 136 79.00 -2.72 -17.60
CA ALA H 136 80.24 -2.44 -18.35
C ALA H 136 80.87 -3.72 -18.92
N THR H 137 80.98 -4.79 -18.09
CA THR H 137 81.52 -6.10 -18.44
C THR H 137 80.74 -6.68 -19.62
N LEU H 138 79.41 -6.70 -19.49
CA LEU H 138 78.45 -7.21 -20.47
C LEU H 138 78.34 -6.40 -21.76
N LEU H 139 78.41 -5.06 -21.67
CA LEU H 139 78.34 -4.19 -22.85
C LEU H 139 79.57 -4.37 -23.75
N LYS H 140 80.72 -4.76 -23.18
CA LYS H 140 81.96 -5.07 -23.90
C LYS H 140 81.76 -6.36 -24.75
N GLU H 141 81.12 -7.40 -24.13
CA GLU H 141 80.81 -8.72 -24.72
C GLU H 141 79.75 -8.62 -25.84
N SER H 142 78.62 -7.92 -25.53
CA SER H 142 77.44 -7.64 -26.38
C SER H 142 77.78 -6.75 -27.58
N SER H 143 79.01 -6.18 -27.58
CA SER H 143 79.57 -5.26 -28.56
C SER H 143 78.72 -3.98 -28.59
N GLY H 144 78.55 -3.41 -27.40
CA GLY H 144 77.77 -2.20 -27.14
C GLY H 144 76.26 -2.36 -27.24
N ASN H 145 75.77 -3.61 -27.46
CA ASN H 145 74.35 -3.87 -27.68
C ASN H 145 73.61 -4.63 -26.55
N ILE H 146 72.92 -3.86 -25.67
CA ILE H 146 72.08 -4.39 -24.60
C ILE H 146 70.66 -3.87 -24.86
N PRO H 147 69.70 -4.78 -25.19
CA PRO H 147 68.32 -4.33 -25.47
C PRO H 147 67.62 -3.86 -24.20
N GLN H 148 66.62 -2.98 -24.36
CA GLN H 148 65.86 -2.38 -23.26
C GLN H 148 65.40 -3.35 -22.17
N ASN H 149 64.84 -4.48 -22.60
CA ASN H 149 64.31 -5.59 -21.79
C ASN H 149 65.33 -6.26 -20.86
N GLN H 150 66.62 -6.05 -21.10
CA GLN H 150 67.67 -6.66 -20.29
C GLN H 150 68.34 -5.68 -19.35
N ARG H 151 68.00 -4.39 -19.47
CA ARG H 151 68.56 -3.31 -18.66
C ARG H 151 67.83 -3.14 -17.33
N PRO H 152 68.53 -2.69 -16.25
CA PRO H 152 67.85 -2.44 -14.96
C PRO H 152 66.78 -1.33 -15.02
N SER H 153 66.77 -0.59 -16.13
CA SER H 153 65.85 0.51 -16.43
C SER H 153 64.44 0.06 -16.85
N ALA H 154 64.28 -1.23 -17.29
CA ALA H 154 62.99 -1.79 -17.71
C ALA H 154 61.91 -1.55 -16.64
N PRO H 155 60.73 -1.02 -17.03
CA PRO H 155 59.70 -0.65 -16.03
C PRO H 155 59.08 -1.76 -15.20
N ASP H 156 59.16 -3.01 -15.66
CA ASP H 156 58.60 -4.17 -14.99
C ASP H 156 59.49 -4.77 -13.89
N THR H 157 60.75 -4.28 -13.75
CA THR H 157 61.72 -4.75 -12.76
C THR H 157 61.21 -4.64 -11.30
N PRO H 158 60.48 -3.57 -10.87
CA PRO H 158 59.95 -3.56 -9.50
C PRO H 158 58.88 -4.63 -9.30
N ILE H 159 58.04 -4.87 -10.33
CA ILE H 159 56.98 -5.87 -10.29
C ILE H 159 57.61 -7.26 -10.13
N ILE H 160 58.69 -7.56 -10.90
CA ILE H 160 59.43 -8.83 -10.85
C ILE H 160 59.93 -9.06 -9.42
N LEU H 161 60.53 -8.02 -8.81
CA LEU H 161 61.06 -8.02 -7.44
C LEU H 161 59.94 -8.38 -6.45
N LEU H 162 58.77 -7.73 -6.61
CA LEU H 162 57.60 -7.92 -5.76
C LEU H 162 56.95 -9.28 -5.94
N CYS H 163 57.13 -9.90 -7.13
CA CYS H 163 56.59 -11.23 -7.42
C CYS H 163 57.28 -12.30 -6.59
N VAL H 164 58.58 -12.09 -6.28
CA VAL H 164 59.37 -12.97 -5.42
C VAL H 164 58.81 -12.80 -4.00
N GLY H 165 58.45 -11.56 -3.66
CA GLY H 165 57.82 -11.23 -2.39
C GLY H 165 56.45 -11.84 -2.26
N ALA H 166 55.71 -11.91 -3.38
CA ALA H 166 54.37 -12.49 -3.46
C ALA H 166 54.41 -13.99 -3.18
N LEU H 167 55.45 -14.67 -3.69
CA LEU H 167 55.65 -16.10 -3.49
C LEU H 167 55.97 -16.43 -2.04
N ILE H 168 56.74 -15.55 -1.37
CA ILE H 168 57.06 -15.74 0.05
C ILE H 168 55.84 -15.33 0.91
N PHE H 169 54.99 -14.45 0.35
CA PHE H 169 53.76 -13.99 0.99
C PHE H 169 52.82 -15.18 1.09
N THR H 170 52.69 -15.98 0.03
CA THR H 170 51.85 -17.19 0.03
C THR H 170 52.29 -18.14 1.17
N LYS H 171 53.59 -18.44 1.28
CA LYS H 171 54.06 -19.37 2.31
C LYS H 171 54.50 -18.64 3.59
N LEU H 172 53.70 -17.64 4.04
CA LEU H 172 53.96 -16.95 5.29
C LEU H 172 53.35 -17.75 6.43
N ALA H 173 52.46 -18.71 6.06
CA ALA H 173 51.76 -19.61 6.96
C ALA H 173 52.67 -20.69 7.58
N SER H 174 53.80 -21.00 6.91
CA SER H 174 54.75 -22.03 7.35
C SER H 174 56.12 -21.44 7.77
N THR H 175 57.19 -22.28 7.78
CA THR H 175 58.58 -21.92 8.16
C THR H 175 59.13 -20.87 7.21
N ILE H 176 60.20 -20.17 7.66
CA ILE H 176 60.95 -19.18 6.87
C ILE H 176 61.62 -20.02 5.78
N GLU H 177 61.95 -21.26 6.16
CA GLU H 177 62.57 -22.26 5.34
C GLU H 177 61.62 -22.78 4.25
N VAL H 178 60.47 -23.41 4.62
CA VAL H 178 59.48 -24.01 3.70
C VAL H 178 59.17 -23.08 2.54
N GLY H 179 58.94 -21.82 2.87
CA GLY H 179 58.66 -20.73 1.95
C GLY H 179 59.71 -20.55 0.89
N LEU H 180 61.00 -20.63 1.28
CA LEU H 180 62.11 -20.47 0.35
C LEU H 180 62.15 -21.56 -0.71
N GLU H 181 61.77 -22.80 -0.33
CA GLU H 181 61.73 -23.93 -1.25
C GLU H 181 60.73 -23.63 -2.32
N THR H 182 59.48 -23.47 -1.89
CA THR H 182 58.30 -23.17 -2.67
C THR H 182 58.57 -21.96 -3.58
N THR H 183 59.11 -20.85 -3.00
CA THR H 183 59.45 -19.62 -3.72
C THR H 183 60.39 -19.94 -4.87
N VAL H 184 61.51 -20.61 -4.60
CA VAL H 184 62.49 -20.97 -5.61
C VAL H 184 61.88 -21.83 -6.72
N ARG H 185 61.20 -22.94 -6.35
CA ARG H 185 60.57 -23.89 -7.28
C ARG H 185 59.64 -23.20 -8.25
N ARG H 186 58.64 -22.49 -7.70
CA ARG H 186 57.62 -21.77 -8.46
C ARG H 186 58.19 -20.62 -9.25
N ALA H 187 59.17 -19.88 -8.69
CA ALA H 187 59.81 -18.74 -9.35
C ALA H 187 60.43 -19.16 -10.65
N ASN H 188 60.98 -20.39 -10.70
CA ASN H 188 61.61 -20.93 -11.90
C ASN H 188 60.63 -21.11 -13.04
N ARG H 189 59.40 -21.53 -12.73
CA ARG H 189 58.36 -21.77 -13.72
C ARG H 189 57.60 -20.47 -14.07
N VAL H 190 57.26 -19.72 -13.02
CA VAL H 190 56.50 -18.49 -13.07
C VAL H 190 57.30 -17.31 -13.65
N LEU H 191 58.48 -17.00 -13.07
CA LEU H 191 59.36 -15.88 -13.49
C LEU H 191 60.40 -16.34 -14.51
N SER H 192 60.04 -17.38 -15.27
CA SER H 192 60.80 -18.03 -16.32
C SER H 192 61.52 -17.00 -17.21
N ASP H 193 60.74 -16.11 -17.84
CA ASP H 193 61.18 -15.09 -18.79
C ASP H 193 61.96 -13.96 -18.17
N ALA H 194 61.61 -13.59 -16.92
CA ALA H 194 62.27 -12.53 -16.17
C ALA H 194 63.71 -12.97 -15.87
N LEU H 195 63.85 -14.24 -15.49
CA LEU H 195 65.11 -14.90 -15.20
C LEU H 195 65.99 -14.97 -16.45
N LYS H 196 65.37 -15.04 -17.66
CA LYS H 196 66.09 -15.06 -18.93
C LYS H 196 66.82 -13.74 -19.12
N ARG H 197 66.14 -12.62 -18.80
CA ARG H 197 66.69 -11.27 -18.94
C ARG H 197 67.60 -10.83 -17.79
N TYR H 198 67.28 -11.26 -16.56
CA TYR H 198 68.09 -10.93 -15.37
C TYR H 198 68.49 -12.24 -14.71
N PRO H 199 69.48 -12.97 -15.27
CA PRO H 199 69.84 -14.28 -14.72
C PRO H 199 70.63 -14.18 -13.42
N ARG H 200 70.95 -12.94 -13.06
CA ARG H 200 71.73 -12.61 -11.88
C ARG H 200 70.87 -12.40 -10.65
N MET H 201 69.51 -12.47 -10.79
CA MET H 201 68.62 -12.30 -9.66
C MET H 201 68.71 -13.52 -8.72
N ASP H 202 69.13 -13.24 -7.47
CA ASP H 202 69.32 -14.24 -6.44
C ASP H 202 68.00 -14.39 -5.73
N ILE H 203 67.12 -15.25 -6.29
CA ILE H 203 65.79 -15.52 -5.76
C ILE H 203 65.86 -15.87 -4.25
N PRO H 204 66.73 -16.79 -3.78
CA PRO H 204 66.77 -17.12 -2.35
C PRO H 204 67.10 -15.98 -1.40
N LYS H 205 68.01 -15.10 -1.79
CA LYS H 205 68.38 -13.96 -0.94
C LYS H 205 67.30 -12.88 -0.94
N ILE H 206 66.69 -12.61 -2.13
CA ILE H 206 65.61 -11.65 -2.28
C ILE H 206 64.43 -12.14 -1.46
N ALA H 207 64.07 -13.43 -1.61
CA ALA H 207 62.96 -14.05 -0.87
C ALA H 207 63.20 -14.06 0.63
N ARG H 208 64.46 -14.14 1.06
CA ARG H 208 64.79 -14.12 2.47
C ARG H 208 64.56 -12.72 3.04
N SER H 209 64.94 -11.65 2.27
CA SER H 209 64.75 -10.24 2.64
C SER H 209 63.27 -9.93 2.88
N PHE H 210 62.40 -10.50 2.02
CA PHE H 210 60.96 -10.37 2.11
C PHE H 210 60.43 -11.10 3.32
N TYR H 211 60.92 -12.33 3.64
CA TYR H 211 60.43 -13.00 4.85
C TYR H 211 60.81 -12.19 6.09
N ASP H 212 62.06 -11.74 6.16
CA ASP H 212 62.54 -10.94 7.28
C ASP H 212 61.67 -9.69 7.44
N LEU H 213 61.41 -8.96 6.33
CA LEU H 213 60.57 -7.76 6.32
C LEU H 213 59.15 -7.98 6.82
N PHE H 214 58.45 -9.01 6.30
CA PHE H 214 57.08 -9.34 6.70
C PHE H 214 56.98 -9.75 8.13
N GLU H 215 58.06 -10.31 8.67
CA GLU H 215 58.09 -10.74 10.06
C GLU H 215 58.36 -9.57 11.00
N GLN H 216 59.27 -8.65 10.64
CA GLN H 216 59.63 -7.47 11.44
C GLN H 216 58.60 -6.35 11.32
N LYS H 217 58.40 -5.82 10.10
CA LYS H 217 57.47 -4.73 9.87
C LYS H 217 56.10 -5.31 9.50
N VAL H 218 55.35 -5.81 10.51
CA VAL H 218 54.04 -6.45 10.35
C VAL H 218 53.04 -5.59 9.59
N TYR H 219 53.10 -4.26 9.74
CA TYR H 219 52.22 -3.34 9.02
C TYR H 219 52.42 -3.38 7.51
N HIS H 220 53.61 -3.79 7.04
CA HIS H 220 53.87 -3.94 5.61
C HIS H 220 53.13 -5.11 4.99
N ARG H 221 52.59 -6.03 5.81
CA ARG H 221 51.81 -7.17 5.34
C ARG H 221 50.51 -6.62 4.77
N SER H 222 49.81 -5.72 5.51
CA SER H 222 48.56 -5.12 5.05
C SER H 222 48.80 -4.02 3.99
N LEU H 223 50.04 -3.48 3.90
CA LEU H 223 50.39 -2.52 2.86
C LEU H 223 50.50 -3.28 1.53
N PHE H 224 51.09 -4.49 1.58
CA PHE H 224 51.25 -5.41 0.45
C PHE H 224 49.87 -5.84 -0.04
N ILE H 225 48.96 -6.14 0.89
CA ILE H 225 47.57 -6.51 0.63
C ILE H 225 46.85 -5.38 -0.08
N GLU H 226 47.06 -4.14 0.40
CA GLU H 226 46.45 -2.96 -0.22
C GLU H 226 46.98 -2.68 -1.61
N TYR H 227 48.26 -3.03 -1.88
CA TYR H 227 48.84 -2.89 -3.22
C TYR H 227 48.17 -3.88 -4.12
N GLY H 228 48.03 -5.11 -3.63
CA GLY H 228 47.38 -6.22 -4.33
C GLY H 228 45.95 -5.89 -4.66
N LYS H 229 45.17 -5.43 -3.65
CA LYS H 229 43.78 -5.01 -3.79
C LYS H 229 43.65 -3.92 -4.85
N ALA H 230 44.52 -2.86 -4.76
CA ALA H 230 44.58 -1.71 -5.68
C ALA H 230 44.92 -2.13 -7.11
N LEU H 231 45.96 -2.98 -7.28
CA LEU H 231 46.42 -3.52 -8.56
C LEU H 231 45.33 -4.37 -9.21
N GLY H 232 44.65 -5.17 -8.39
CA GLY H 232 43.56 -6.02 -8.81
C GLY H 232 42.41 -5.22 -9.36
N SER H 233 42.25 -3.97 -8.93
CA SER H 233 41.16 -3.16 -9.42
C SER H 233 41.37 -2.52 -10.80
N SER H 234 42.58 -1.99 -11.11
CA SER H 234 42.91 -1.29 -12.39
C SER H 234 42.43 -1.98 -13.70
N SER H 235 42.10 -1.14 -14.70
CA SER H 235 41.60 -1.51 -16.02
C SER H 235 42.69 -2.19 -16.83
N THR H 236 43.88 -1.58 -16.90
CA THR H 236 45.00 -2.14 -17.65
C THR H 236 46.17 -2.41 -16.75
N GLY H 237 46.55 -3.67 -16.71
CA GLY H 237 47.70 -4.13 -15.96
C GLY H 237 48.78 -4.61 -16.89
N SER H 238 49.99 -4.70 -16.36
CA SER H 238 51.15 -5.20 -17.09
C SER H 238 51.06 -6.71 -17.11
N LYS H 239 51.91 -7.36 -17.93
CA LYS H 239 51.99 -8.81 -18.00
C LYS H 239 52.51 -9.31 -16.64
N ALA H 240 53.50 -8.57 -16.07
CA ALA H 240 54.13 -8.78 -14.77
C ALA H 240 53.16 -8.54 -13.61
N GLU H 241 52.35 -7.48 -13.74
CA GLU H 241 51.35 -7.08 -12.76
C GLU H 241 50.25 -8.12 -12.65
N SER H 242 49.75 -8.59 -13.81
CA SER H 242 48.72 -9.63 -13.87
C SER H 242 49.22 -10.96 -13.28
N LEU H 243 50.55 -11.16 -13.25
CA LEU H 243 51.12 -12.34 -12.63
C LEU H 243 51.09 -12.17 -11.11
N PHE H 244 51.53 -10.99 -10.62
CA PHE H 244 51.59 -10.67 -9.19
C PHE H 244 50.28 -10.98 -8.46
N VAL H 245 49.17 -10.47 -8.99
CA VAL H 245 47.84 -10.68 -8.41
C VAL H 245 47.48 -12.17 -8.41
N ASN H 246 47.83 -12.89 -9.48
CA ASN H 246 47.55 -14.30 -9.62
C ASN H 246 48.32 -15.14 -8.61
N ILE H 247 49.50 -14.66 -8.15
CA ILE H 247 50.29 -15.33 -7.10
C ILE H 247 49.57 -15.02 -5.78
N PHE H 248 49.16 -13.75 -5.60
CA PHE H 248 48.45 -13.18 -4.45
C PHE H 248 47.12 -13.91 -4.22
N MET H 249 46.46 -14.37 -5.30
CA MET H 249 45.17 -15.08 -5.21
C MET H 249 45.33 -16.48 -4.68
N GLN H 250 46.38 -17.21 -5.12
CA GLN H 250 46.69 -18.56 -4.67
C GLN H 250 47.06 -18.55 -3.18
N ALA H 251 47.23 -17.33 -2.62
CA ALA H 251 47.51 -17.05 -1.22
C ALA H 251 46.24 -16.81 -0.42
N TYR H 252 45.05 -16.80 -1.06
CA TYR H 252 43.81 -16.50 -0.34
C TYR H 252 43.49 -17.48 0.78
N GLY H 253 43.46 -18.78 0.51
CA GLY H 253 43.19 -19.77 1.54
C GLY H 253 44.38 -20.00 2.44
N ALA H 254 44.80 -18.94 3.15
CA ALA H 254 45.95 -18.91 4.04
C ALA H 254 45.55 -19.45 5.39
N GLY H 255 46.28 -20.45 5.87
CA GLY H 255 46.02 -21.04 7.18
C GLY H 255 44.68 -21.70 7.38
N GLN H 256 43.83 -21.67 6.35
CA GLN H 256 42.51 -22.26 6.41
C GLN H 256 42.44 -23.53 5.58
N THR H 257 43.61 -24.09 5.20
CA THR H 257 43.73 -25.32 4.38
C THR H 257 42.82 -26.43 4.87
N MET H 258 42.60 -26.46 6.19
CA MET H 258 41.73 -27.43 6.82
C MET H 258 40.26 -27.30 6.42
N LEU H 259 39.73 -26.07 6.36
CA LEU H 259 38.34 -25.80 5.96
C LEU H 259 38.10 -26.14 4.51
N ARG H 260 39.06 -25.84 3.63
CA ARG H 260 38.93 -26.13 2.20
C ARG H 260 39.01 -27.63 1.94
N TRP H 261 39.82 -28.36 2.73
CA TRP H 261 39.91 -29.82 2.62
C TRP H 261 38.66 -30.46 3.22
N GLY H 262 37.99 -29.69 4.07
CA GLY H 262 36.74 -30.06 4.72
C GLY H 262 35.62 -30.14 3.69
N VAL H 263 35.55 -29.15 2.77
CA VAL H 263 34.55 -29.18 1.69
C VAL H 263 34.85 -30.32 0.73
N ILE H 264 36.15 -30.63 0.53
CA ILE H 264 36.62 -31.73 -0.32
C ILE H 264 36.15 -33.05 0.23
N ALA H 265 36.18 -33.23 1.57
CA ALA H 265 35.68 -34.43 2.23
C ALA H 265 34.16 -34.64 1.98
N ARG H 266 33.37 -33.54 1.96
CA ARG H 266 31.93 -33.55 1.68
C ARG H 266 31.70 -33.90 0.21
N SER H 267 32.47 -33.27 -0.70
CA SER H 267 32.39 -33.49 -2.14
C SER H 267 32.74 -34.94 -2.51
N SER H 268 33.67 -35.56 -1.75
CA SER H 268 34.11 -36.95 -1.93
C SER H 268 33.08 -37.93 -1.37
N ASN H 269 32.13 -37.42 -0.54
CA ASN H 269 31.08 -38.17 0.15
C ASN H 269 31.70 -39.32 0.93
N ASN H 270 32.73 -38.97 1.71
CA ASN H 270 33.47 -39.91 2.55
C ASN H 270 32.54 -40.37 3.65
N ILE H 271 32.25 -41.68 3.66
CA ILE H 271 31.35 -42.37 4.60
C ILE H 271 31.76 -42.20 6.07
N MET H 272 33.02 -41.81 6.30
CA MET H 272 33.51 -41.56 7.65
C MET H 272 32.93 -40.31 8.25
N LEU H 273 32.42 -39.38 7.40
CA LEU H 273 31.76 -38.15 7.87
C LEU H 273 30.41 -38.51 8.51
N GLY H 274 29.99 -39.77 8.35
CA GLY H 274 28.78 -40.32 8.90
C GLY H 274 28.99 -41.05 10.22
N HIS H 275 30.26 -41.19 10.66
CA HIS H 275 30.59 -41.84 11.93
C HIS H 275 29.94 -41.08 13.08
N VAL H 276 29.41 -41.82 14.06
CA VAL H 276 28.71 -41.30 15.22
C VAL H 276 29.52 -40.22 16.00
N SER H 277 30.83 -40.46 16.19
CA SER H 277 31.75 -39.56 16.90
C SER H 277 31.98 -38.26 16.13
N VAL H 278 31.93 -38.35 14.79
CA VAL H 278 32.09 -37.22 13.88
C VAL H 278 30.77 -36.45 13.85
N GLN H 279 29.62 -37.17 13.79
CA GLN H 279 28.26 -36.62 13.80
C GLN H 279 28.07 -35.72 15.01
N ALA H 280 28.67 -36.10 16.16
CA ALA H 280 28.60 -35.36 17.41
C ALA H 280 29.20 -33.93 17.31
N GLU H 281 30.19 -33.73 16.43
CA GLU H 281 30.90 -32.46 16.24
C GLU H 281 30.29 -31.56 15.17
N LEU H 282 29.23 -32.02 14.52
CA LEU H 282 28.55 -31.32 13.45
C LEU H 282 28.25 -29.85 13.77
N LYS H 283 27.63 -29.57 14.92
CA LYS H 283 27.29 -28.20 15.29
C LYS H 283 28.49 -27.27 15.42
N GLN H 284 29.64 -27.75 15.92
CA GLN H 284 30.86 -26.93 16.03
C GLN H 284 31.41 -26.64 14.65
N VAL H 285 31.49 -27.67 13.78
CA VAL H 285 31.97 -27.56 12.42
C VAL H 285 31.14 -26.51 11.68
N THR H 286 29.81 -26.64 11.77
CA THR H 286 28.86 -25.73 11.14
C THR H 286 29.13 -24.31 11.57
N GLU H 287 29.32 -24.11 12.88
CA GLU H 287 29.59 -22.81 13.49
C GLU H 287 30.81 -22.13 12.86
N VAL H 288 31.87 -22.90 12.56
CA VAL H 288 33.08 -22.35 11.97
C VAL H 288 32.81 -21.88 10.53
N TYR H 289 32.15 -22.71 9.68
CA TYR H 289 31.83 -22.35 8.28
C TYR H 289 30.89 -21.17 8.14
N ASP H 290 30.02 -20.98 9.17
CA ASP H 290 29.04 -19.89 9.28
C ASP H 290 29.68 -18.60 9.76
N LEU H 291 30.81 -18.72 10.46
CA LEU H 291 31.58 -17.57 10.87
C LEU H 291 32.30 -17.01 9.64
N VAL H 292 32.76 -17.89 8.72
CA VAL H 292 33.43 -17.50 7.46
C VAL H 292 32.49 -16.61 6.64
N ARG H 293 31.22 -17.00 6.58
CA ARG H 293 30.16 -16.28 5.87
C ARG H 293 29.85 -14.98 6.58
N GLU H 294 29.91 -14.97 7.93
CA GLU H 294 29.67 -13.79 8.77
C GLU H 294 30.77 -12.73 8.55
N MET H 295 32.02 -13.18 8.35
CA MET H 295 33.20 -12.32 8.14
C MET H 295 33.39 -11.91 6.71
N GLY H 296 32.82 -12.69 5.79
CA GLY H 296 32.84 -12.43 4.36
C GLY H 296 34.16 -12.57 3.65
N PRO H 297 34.58 -11.55 2.86
CA PRO H 297 35.79 -11.72 2.06
C PRO H 297 37.09 -11.59 2.82
N GLU H 298 37.09 -10.81 3.89
CA GLU H 298 38.31 -10.62 4.66
C GLU H 298 38.70 -11.87 5.44
N SER H 299 37.74 -12.79 5.63
CA SER H 299 37.91 -14.06 6.34
C SER H 299 39.14 -14.83 5.90
N GLY H 300 39.31 -14.94 4.58
CA GLY H 300 40.41 -15.67 3.98
C GLY H 300 41.81 -15.15 4.26
N LEU H 301 42.03 -13.86 4.04
CA LEU H 301 43.34 -13.28 4.27
C LEU H 301 43.65 -12.94 5.75
N LEU H 302 42.81 -13.36 6.71
CA LEU H 302 42.99 -13.10 8.16
C LEU H 302 44.31 -13.59 8.72
N HIS H 303 44.64 -14.85 8.36
CA HIS H 303 45.85 -15.52 8.78
C HIS H 303 47.04 -14.85 8.11
N LEU H 304 46.90 -14.44 6.85
CA LEU H 304 47.94 -13.75 6.07
C LEU H 304 48.36 -12.38 6.65
N ARG H 305 47.38 -11.65 7.21
CA ARG H 305 47.55 -10.35 7.83
C ARG H 305 48.19 -10.47 9.23
N GLN H 306 48.27 -11.72 9.75
CA GLN H 306 48.75 -12.08 11.09
C GLN H 306 47.80 -11.45 12.14
N SER H 307 46.51 -11.31 11.75
CA SER H 307 45.46 -10.70 12.55
C SER H 307 45.21 -11.49 13.81
N PRO H 308 45.12 -10.81 14.98
CA PRO H 308 44.83 -11.51 16.24
C PRO H 308 43.44 -12.16 16.22
N LYS H 309 42.48 -11.55 15.47
CA LYS H 309 41.10 -12.01 15.23
C LYS H 309 41.10 -13.48 14.73
N ALA H 310 42.04 -13.82 13.80
CA ALA H 310 42.23 -15.15 13.20
C ALA H 310 42.48 -16.19 14.26
N GLY H 311 42.15 -17.42 13.94
CA GLY H 311 42.29 -18.49 14.90
C GLY H 311 40.93 -18.84 15.45
N LEU H 312 39.91 -17.97 15.24
CA LEU H 312 38.53 -18.30 15.61
C LEU H 312 38.03 -19.39 14.63
N LEU H 313 38.69 -19.43 13.45
CA LEU H 313 38.49 -20.38 12.34
C LEU H 313 39.34 -21.64 12.55
N SER H 314 39.50 -22.06 13.82
CA SER H 314 40.25 -23.26 14.15
C SER H 314 39.30 -24.41 14.31
N LEU H 315 39.73 -25.56 13.81
CA LEU H 315 38.96 -26.78 13.88
C LEU H 315 39.52 -27.67 15.01
N ALA H 316 39.99 -27.02 16.09
CA ALA H 316 40.51 -27.65 17.30
C ALA H 316 39.35 -28.29 18.08
N ASN H 317 38.18 -27.61 18.11
CA ASN H 317 36.92 -28.01 18.76
C ASN H 317 36.33 -29.31 18.22
N CYS H 318 36.76 -29.72 16.99
CA CYS H 318 36.31 -30.92 16.29
C CYS H 318 37.47 -31.81 15.79
N PRO H 319 38.15 -32.50 16.74
CA PRO H 319 39.27 -33.35 16.37
C PRO H 319 38.96 -34.59 15.51
N ASN H 320 37.80 -35.22 15.73
CA ASN H 320 37.37 -36.42 14.98
C ASN H 320 37.05 -36.07 13.53
N PHE H 321 36.47 -34.88 13.29
CA PHE H 321 36.15 -34.36 11.96
C PHE H 321 37.45 -34.10 11.22
N ALA H 322 38.40 -33.41 11.89
CA ALA H 322 39.72 -33.09 11.36
C ALA H 322 40.44 -34.36 10.89
N SER H 323 40.34 -35.44 11.70
CA SER H 323 40.92 -36.75 11.42
C SER H 323 40.39 -37.33 10.11
N VAL H 324 39.07 -37.25 9.91
CA VAL H 324 38.40 -37.75 8.72
C VAL H 324 38.81 -36.93 7.48
N VAL H 325 38.79 -35.58 7.61
CA VAL H 325 39.15 -34.62 6.55
C VAL H 325 40.56 -34.91 6.03
N LEU H 326 41.52 -35.10 6.97
CA LEU H 326 42.91 -35.43 6.68
C LEU H 326 43.06 -36.82 6.05
N GLY H 327 42.30 -37.78 6.55
CA GLY H 327 42.28 -39.15 6.02
C GLY H 327 41.87 -39.15 4.58
N ASN H 328 40.76 -38.46 4.29
CA ASN H 328 40.19 -38.28 2.96
C ASN H 328 41.22 -37.66 2.03
N ALA H 329 41.94 -36.61 2.50
CA ALA H 329 43.01 -35.90 1.75
C ALA H 329 44.16 -36.85 1.45
N SER H 330 44.51 -37.72 2.42
CA SER H 330 45.57 -38.70 2.27
C SER H 330 45.21 -39.72 1.21
N GLY H 331 43.99 -40.24 1.30
CA GLY H 331 43.44 -41.23 0.37
C GLY H 331 43.38 -40.72 -1.06
N LEU H 332 42.99 -39.45 -1.24
CA LEU H 332 42.92 -38.84 -2.56
C LEU H 332 44.31 -38.42 -3.07
N GLY H 333 45.29 -38.40 -2.17
CA GLY H 333 46.68 -38.05 -2.46
C GLY H 333 46.93 -36.56 -2.59
N ILE H 334 46.32 -35.77 -1.70
CA ILE H 334 46.45 -34.31 -1.68
C ILE H 334 47.35 -33.89 -0.52
N ILE H 335 47.17 -34.55 0.64
CA ILE H 335 47.82 -34.31 1.93
C ILE H 335 49.28 -33.81 1.84
N GLY H 336 50.06 -34.33 0.89
CA GLY H 336 51.45 -33.94 0.69
C GLY H 336 52.25 -33.83 1.97
N MET H 337 52.88 -32.67 2.19
CA MET H 337 53.70 -32.42 3.37
C MET H 337 53.02 -31.63 4.48
N TYR H 338 51.72 -31.87 4.68
CA TYR H 338 50.96 -31.20 5.73
C TYR H 338 51.25 -31.84 7.10
N ARG H 339 51.83 -31.04 8.03
CA ARG H 339 52.23 -31.40 9.39
C ARG H 339 51.04 -31.51 10.38
N GLY H 340 49.84 -31.11 9.95
CA GLY H 340 48.64 -31.10 10.78
C GLY H 340 48.43 -32.38 11.55
N ARG H 341 48.45 -32.29 12.88
CA ARG H 341 48.29 -33.41 13.81
C ARG H 341 46.99 -34.18 13.59
N VAL H 342 47.04 -35.51 13.73
CA VAL H 342 45.89 -36.39 13.56
C VAL H 342 45.45 -36.94 14.92
N PRO H 343 44.35 -36.38 15.47
CA PRO H 343 43.87 -36.83 16.79
C PRO H 343 43.38 -38.28 16.79
N ASN H 344 42.47 -38.63 15.88
CA ASN H 344 41.94 -39.99 15.80
C ASN H 344 42.56 -40.74 14.62
N THR H 345 43.63 -41.47 14.91
CA THR H 345 44.39 -42.28 13.96
C THR H 345 43.52 -43.35 13.30
N GLU H 346 42.60 -43.92 14.09
CA GLU H 346 41.65 -44.95 13.68
C GLU H 346 40.75 -44.41 12.55
N LEU H 347 40.03 -43.29 12.80
CA LEU H 347 39.14 -42.65 11.83
C LEU H 347 39.87 -42.22 10.57
N PHE H 348 41.11 -41.70 10.73
CA PHE H 348 41.96 -41.27 9.63
C PHE H 348 42.18 -42.40 8.64
N SER H 349 42.64 -43.56 9.14
CA SER H 349 42.94 -44.73 8.33
C SER H 349 41.73 -45.21 7.55
N ALA H 350 40.56 -45.20 8.19
CA ALA H 350 39.30 -45.61 7.60
C ALA H 350 38.89 -44.68 6.46
N ALA H 351 38.92 -43.35 6.71
CA ALA H 351 38.59 -42.34 5.72
C ALA H 351 39.52 -42.44 4.52
N GLU H 352 40.80 -42.74 4.77
CA GLU H 352 41.87 -42.90 3.79
C GLU H 352 41.58 -44.08 2.86
N SER H 353 41.15 -45.21 3.45
CA SER H 353 40.84 -46.43 2.71
C SER H 353 39.69 -46.21 1.75
N TYR H 354 38.60 -45.58 2.25
CA TYR H 354 37.43 -45.28 1.45
C TYR H 354 37.79 -44.35 0.30
N ALA H 355 38.54 -43.28 0.58
CA ALA H 355 38.97 -42.29 -0.42
C ALA H 355 39.86 -42.90 -1.49
N LYS H 356 40.70 -43.89 -1.13
CA LYS H 356 41.56 -44.57 -2.09
C LYS H 356 40.73 -45.42 -3.06
N SER H 357 39.68 -46.08 -2.53
CA SER H 357 38.76 -46.91 -3.31
C SER H 357 37.89 -46.05 -4.23
N LEU H 358 37.52 -44.87 -3.73
CA LEU H 358 36.73 -43.84 -4.43
C LEU H 358 37.56 -43.32 -5.61
N LYS H 359 38.84 -42.95 -5.34
CA LYS H 359 39.85 -42.42 -6.26
C LYS H 359 39.94 -43.23 -7.56
N GLU H 360 40.03 -44.56 -7.43
CA GLU H 360 40.12 -45.46 -8.59
C GLU H 360 38.80 -45.69 -9.32
N SER H 361 37.69 -45.85 -8.56
CA SER H 361 36.36 -46.14 -9.08
C SER H 361 35.74 -45.02 -9.93
N ASN H 362 35.21 -45.42 -11.11
CA ASN H 362 34.57 -44.53 -12.09
C ASN H 362 33.04 -44.78 -12.07
N LYS H 363 32.23 -43.72 -11.82
CA LYS H 363 30.76 -43.80 -11.76
C LYS H 363 30.12 -42.61 -12.49
N ILE H 364 28.80 -42.68 -12.79
CA ILE H 364 28.14 -41.61 -13.54
C ILE H 364 26.96 -40.98 -12.78
N LEU I 3 24.78 -32.45 7.59
CA LEU I 3 26.10 -31.92 7.26
C LEU I 3 26.13 -31.13 5.93
N GLN I 4 25.34 -30.06 5.92
CA GLN I 4 25.21 -29.20 4.75
C GLN I 4 25.91 -27.85 4.83
N GLY I 5 26.10 -27.32 6.04
CA GLY I 5 26.76 -26.04 6.28
C GLY I 5 28.23 -25.98 5.95
N ILE I 6 28.80 -27.04 5.36
CA ILE I 6 30.19 -27.12 4.93
C ILE I 6 30.26 -26.51 3.51
N HIS I 7 30.31 -25.18 3.46
CA HIS I 7 30.37 -24.43 2.20
C HIS I 7 31.06 -23.05 2.33
N LEU I 8 32.00 -22.77 1.40
CA LEU I 8 32.76 -21.53 1.31
C LEU I 8 32.56 -20.96 -0.08
N SER I 9 32.13 -19.69 -0.17
CA SER I 9 31.94 -19.07 -1.49
C SER I 9 33.19 -18.26 -1.92
N ASP I 10 34.36 -18.87 -1.71
CA ASP I 10 35.70 -18.33 -1.94
C ASP I 10 35.87 -17.45 -3.16
N LEU I 11 35.42 -17.89 -4.34
CA LEU I 11 35.61 -17.13 -5.57
C LEU I 11 34.94 -15.76 -5.54
N SER I 12 33.74 -15.66 -4.93
CA SER I 12 33.03 -14.39 -4.80
C SER I 12 33.82 -13.44 -3.91
N TYR I 13 34.32 -13.95 -2.75
CA TYR I 13 35.12 -13.23 -1.78
C TYR I 13 36.41 -12.76 -2.43
N LYS I 14 37.04 -13.64 -3.26
CA LYS I 14 38.24 -13.35 -4.02
C LYS I 14 38.05 -12.11 -4.89
N HIS I 15 36.87 -12.00 -5.54
CA HIS I 15 36.51 -10.84 -6.35
C HIS I 15 36.19 -9.62 -5.48
N ALA I 16 35.40 -9.84 -4.41
CA ALA I 16 34.98 -8.81 -3.47
C ALA I 16 36.15 -8.01 -2.88
N ILE I 17 37.29 -8.68 -2.69
CA ILE I 17 38.50 -8.08 -2.16
C ILE I 17 39.13 -7.10 -3.19
N LEU I 18 38.88 -7.33 -4.48
CA LEU I 18 39.41 -6.48 -5.56
C LEU I 18 38.45 -5.34 -5.93
N LYS I 19 37.60 -4.93 -4.96
CA LYS I 19 36.62 -3.85 -5.07
C LYS I 19 36.82 -2.94 -3.87
N GLU I 20 37.17 -3.55 -2.71
CA GLU I 20 37.46 -2.92 -1.41
C GLU I 20 38.60 -1.90 -1.46
N SER I 21 39.45 -1.95 -2.53
CA SER I 21 40.58 -1.04 -2.70
C SER I 21 40.08 0.36 -2.88
N GLN I 22 40.14 1.10 -1.80
CA GLN I 22 39.72 2.49 -1.80
C GLN I 22 40.92 3.28 -2.37
N TYR I 23 42.12 2.72 -2.23
CA TYR I 23 43.32 3.35 -2.71
C TYR I 23 43.53 3.02 -4.19
N THR I 24 44.08 4.00 -4.91
CA THR I 24 44.27 3.94 -6.36
C THR I 24 45.73 3.99 -6.77
N ILE I 25 46.11 3.10 -7.69
CA ILE I 25 47.47 3.00 -8.19
C ILE I 25 47.77 4.06 -9.25
N LYS I 26 48.95 4.68 -9.13
CA LYS I 26 49.46 5.72 -10.02
C LYS I 26 50.72 5.21 -10.69
N ARG I 27 50.54 4.30 -11.65
CA ARG I 27 51.66 3.72 -12.40
C ARG I 27 51.99 4.64 -13.56
N ASP I 28 53.16 4.43 -14.22
CA ASP I 28 53.64 5.19 -15.39
C ASP I 28 53.81 6.65 -15.01
N VAL I 29 54.46 6.88 -13.87
CA VAL I 29 54.62 8.18 -13.26
C VAL I 29 55.23 9.26 -14.19
N GLY I 30 56.36 8.98 -14.83
CA GLY I 30 57.00 9.98 -15.67
C GLY I 30 56.67 9.94 -17.14
N THR I 31 56.13 8.80 -17.61
CA THR I 31 55.78 8.49 -19.01
C THR I 31 55.06 9.62 -19.77
N THR I 32 55.36 9.70 -21.09
CA THR I 32 54.75 10.65 -22.03
C THR I 32 54.42 9.94 -23.34
N THR I 33 53.23 10.21 -23.89
CA THR I 33 52.79 9.63 -25.16
C THR I 33 52.20 10.70 -26.03
N ALA I 34 52.31 10.50 -27.34
CA ALA I 34 51.79 11.44 -28.31
C ALA I 34 50.28 11.38 -28.46
N VAL I 35 49.68 12.58 -28.58
CA VAL I 35 48.27 12.81 -28.89
C VAL I 35 48.23 13.84 -30.01
N THR I 36 47.28 13.68 -30.93
CA THR I 36 47.09 14.57 -32.06
C THR I 36 45.77 15.30 -31.90
N PRO I 37 45.75 16.64 -32.03
CA PRO I 37 44.46 17.35 -31.89
C PRO I 37 43.58 17.06 -33.09
N SER I 38 42.27 17.11 -32.85
CA SER I 38 41.24 16.82 -33.86
C SER I 38 41.46 17.53 -35.20
N SER I 39 41.99 18.77 -35.12
CA SER I 39 42.31 19.70 -36.20
C SER I 39 43.23 19.12 -37.27
N LEU I 40 44.10 18.19 -36.86
CA LEU I 40 45.09 17.56 -37.74
C LEU I 40 44.67 16.19 -38.27
N GLN I 41 43.37 15.89 -38.25
CA GLN I 41 42.85 14.60 -38.73
C GLN I 41 43.19 14.36 -40.22
N GLN I 42 43.11 15.38 -41.10
CA GLN I 42 43.41 15.22 -42.52
C GLN I 42 44.89 14.89 -42.78
N GLU I 43 45.80 15.49 -41.99
CA GLU I 43 47.24 15.34 -42.07
C GLU I 43 47.66 13.97 -41.62
N ILE I 44 47.05 13.47 -40.54
CA ILE I 44 47.34 12.13 -40.03
C ILE I 44 46.73 11.07 -40.99
N THR I 45 45.58 11.40 -41.66
CA THR I 45 44.93 10.53 -42.64
C THR I 45 45.87 10.32 -43.80
N LEU I 46 46.48 11.40 -44.31
CA LEU I 46 47.43 11.30 -45.39
C LEU I 46 48.62 10.40 -45.03
N LEU I 47 49.18 10.59 -43.81
CA LEU I 47 50.32 9.83 -43.30
C LEU I 47 50.05 8.35 -43.21
N CYS I 48 48.81 8.00 -42.81
CA CYS I 48 48.31 6.62 -42.71
C CYS I 48 48.32 5.99 -44.11
N GLY I 49 47.78 6.73 -45.09
CA GLY I 49 47.72 6.32 -46.47
C GLY I 49 49.08 6.09 -47.06
N GLU I 50 50.06 6.95 -46.69
CA GLU I 50 51.45 6.86 -47.13
C GLU I 50 52.11 5.57 -46.69
N ILE I 51 51.77 5.07 -45.47
CA ILE I 51 52.27 3.81 -44.91
C ILE I 51 51.81 2.61 -45.79
N LEU I 52 50.52 2.61 -46.19
CA LEU I 52 49.90 1.58 -47.02
C LEU I 52 50.32 1.65 -48.50
N TYR I 53 50.42 2.89 -49.05
CA TYR I 53 50.67 3.21 -50.45
C TYR I 53 52.00 2.71 -51.03
N ALA I 54 53.10 2.79 -50.26
CA ALA I 54 54.44 2.40 -50.72
C ALA I 54 55.07 1.31 -49.85
N LYS I 55 56.05 0.58 -50.43
CA LYS I 55 56.76 -0.49 -49.73
C LYS I 55 57.92 0.18 -49.02
N HIS I 56 57.76 0.39 -47.70
CA HIS I 56 58.72 1.09 -46.84
C HIS I 56 59.76 0.21 -46.25
N ALA I 57 60.88 0.84 -45.88
CA ALA I 57 62.02 0.18 -45.26
C ALA I 57 61.69 -0.23 -43.83
N ASP I 58 61.08 0.68 -43.07
CA ASP I 58 60.75 0.37 -41.70
C ASP I 58 59.34 0.77 -41.34
N TYR I 59 58.65 -0.16 -40.66
CA TYR I 59 57.28 0.00 -40.19
C TYR I 59 57.28 -0.04 -38.64
N LYS I 60 58.17 0.74 -37.99
CA LYS I 60 58.29 0.78 -36.53
C LYS I 60 57.14 1.55 -35.87
N TYR I 61 56.90 2.76 -36.34
CA TYR I 61 55.92 3.66 -35.75
C TYR I 61 54.53 3.60 -36.39
N ALA I 62 54.32 2.67 -37.34
CA ALA I 62 53.05 2.46 -38.05
C ALA I 62 51.84 2.44 -37.11
N ALA I 63 51.96 1.70 -35.99
CA ALA I 63 50.92 1.58 -34.95
C ALA I 63 50.68 2.89 -34.23
N GLU I 64 51.76 3.63 -33.85
CA GLU I 64 51.63 4.91 -33.18
C GLU I 64 50.84 5.90 -34.05
N ILE I 65 51.03 5.84 -35.39
CA ILE I 65 50.31 6.67 -36.35
C ILE I 65 48.81 6.34 -36.31
N GLY I 66 48.48 5.06 -36.20
CA GLY I 66 47.09 4.60 -36.09
C GLY I 66 46.40 5.14 -34.85
N ILE I 67 47.13 5.12 -33.69
CA ILE I 67 46.69 5.63 -32.41
C ILE I 67 46.46 7.12 -32.55
N GLN I 68 47.32 7.81 -33.33
CA GLN I 68 47.18 9.25 -33.59
C GLN I 68 45.91 9.60 -34.34
N TYR I 69 45.43 8.70 -35.24
CA TYR I 69 44.15 8.94 -35.90
C TYR I 69 43.03 8.79 -34.85
N ILE I 70 43.07 7.72 -34.01
CA ILE I 70 42.11 7.49 -32.93
C ILE I 70 42.03 8.76 -32.08
N SER I 71 43.19 9.34 -31.75
CA SER I 71 43.33 10.57 -30.99
C SER I 71 42.52 11.71 -31.58
N THR I 72 42.65 11.93 -32.90
CA THR I 72 41.92 12.98 -33.61
C THR I 72 40.43 12.69 -33.55
N ALA I 73 40.05 11.42 -33.78
CA ALA I 73 38.66 10.96 -33.79
C ALA I 73 37.97 11.10 -32.44
N LEU I 74 38.66 10.77 -31.31
CA LEU I 74 38.09 10.81 -29.97
C LEU I 74 38.09 12.17 -29.32
N GLY I 75 39.19 12.88 -29.44
CA GLY I 75 39.28 14.20 -28.85
C GLY I 75 40.67 14.78 -28.71
N SER I 76 40.82 16.08 -29.13
CA SER I 76 42.04 16.88 -29.07
C SER I 76 42.81 16.54 -27.74
N GLU I 77 42.05 16.56 -26.61
CA GLU I 77 42.45 16.40 -25.20
C GLU I 77 41.57 15.43 -24.37
N ARG I 78 40.53 14.85 -24.98
CA ARG I 78 39.63 13.90 -24.32
C ARG I 78 40.40 12.61 -24.06
N VAL I 79 41.43 12.37 -24.87
CA VAL I 79 42.28 11.20 -24.80
C VAL I 79 43.01 11.11 -23.47
N GLN I 80 43.57 12.24 -22.97
CA GLN I 80 44.26 12.30 -21.67
C GLN I 80 43.37 11.73 -20.59
N GLN I 81 42.07 12.12 -20.60
CA GLN I 81 41.07 11.67 -19.65
C GLN I 81 41.01 10.14 -19.63
N ILE I 82 40.87 9.52 -20.81
CA ILE I 82 40.78 8.06 -20.98
C ILE I 82 42.00 7.36 -20.36
N LEU I 83 43.21 7.83 -20.72
CA LEU I 83 44.48 7.26 -20.28
C LEU I 83 44.66 7.37 -18.78
N ARG I 84 44.30 8.52 -18.21
CA ARG I 84 44.36 8.77 -16.77
C ARG I 84 43.40 7.81 -16.04
N ASN I 85 42.21 7.62 -16.61
CA ASN I 85 41.19 6.74 -16.07
C ASN I 85 41.45 5.26 -16.31
N SER I 86 42.43 4.90 -17.16
CA SER I 86 42.75 3.49 -17.38
C SER I 86 43.61 2.93 -16.22
N GLY I 87 44.12 3.82 -15.36
CA GLY I 87 44.96 3.50 -14.22
C GLY I 87 46.39 4.01 -14.33
N SER I 88 46.77 4.42 -15.56
CA SER I 88 48.09 4.94 -15.91
C SER I 88 48.10 6.44 -15.73
N GLU I 89 49.09 6.91 -15.01
CA GLU I 89 49.22 8.32 -14.72
C GLU I 89 50.09 9.03 -15.79
N VAL I 90 50.25 8.41 -16.97
CA VAL I 90 51.00 8.92 -18.12
C VAL I 90 50.50 10.32 -18.58
N GLN I 91 51.42 11.19 -19.07
CA GLN I 91 51.09 12.53 -19.59
C GLN I 91 51.10 12.53 -21.10
N VAL I 92 50.26 13.36 -21.70
CA VAL I 92 50.14 13.44 -23.16
C VAL I 92 50.95 14.57 -23.74
N VAL I 93 51.32 14.46 -25.03
CA VAL I 93 52.08 15.49 -25.73
C VAL I 93 51.45 15.77 -27.08
N LEU I 94 50.95 17.00 -27.28
CA LEU I 94 50.26 17.41 -28.50
C LEU I 94 51.21 17.64 -29.63
N THR I 95 51.06 16.80 -30.65
CA THR I 95 51.86 16.77 -31.86
C THR I 95 51.64 18.02 -32.70
N ARG I 96 52.76 18.63 -33.16
CA ARG I 96 52.80 19.89 -33.92
C ARG I 96 53.16 19.72 -35.41
N THR I 97 53.28 20.86 -36.13
CA THR I 97 53.61 20.90 -37.55
C THR I 97 54.90 21.68 -37.79
N TYR I 98 55.66 21.26 -38.83
CA TYR I 98 56.93 21.88 -39.28
C TYR I 98 57.05 21.86 -40.81
N SER I 99 58.06 22.54 -41.39
CA SER I 99 58.20 22.58 -42.85
C SER I 99 59.61 22.22 -43.36
N GLN I 112 55.29 21.05 -45.65
CA GLN I 112 54.61 20.86 -44.37
C GLN I 112 54.52 19.39 -43.91
N MET I 113 54.94 19.14 -42.65
CA MET I 113 55.01 17.84 -41.99
C MET I 113 54.45 17.80 -40.57
N LEU I 114 54.39 16.60 -39.97
CA LEU I 114 53.89 16.36 -38.62
C LEU I 114 54.99 15.91 -37.67
N ASP I 115 55.10 16.59 -36.52
CA ASP I 115 56.07 16.29 -35.48
C ASP I 115 55.37 15.53 -34.37
N ILE I 116 55.38 14.22 -34.48
CA ILE I 116 54.72 13.35 -33.52
C ILE I 116 55.67 12.96 -32.40
N HIS I 117 55.22 13.15 -31.13
CA HIS I 117 56.03 12.83 -29.96
C HIS I 117 56.33 11.35 -29.84
N GLY I 118 57.61 11.04 -29.76
CA GLY I 118 58.10 9.66 -29.67
C GLY I 118 58.48 9.11 -31.02
N VAL I 119 57.94 9.71 -32.09
CA VAL I 119 58.17 9.32 -33.48
C VAL I 119 59.27 10.19 -34.06
N GLU I 120 60.37 9.52 -34.49
CA GLU I 120 61.55 10.14 -35.09
C GLU I 120 61.15 10.97 -36.28
N LYS I 121 61.63 12.23 -36.32
CA LYS I 121 61.35 13.12 -37.44
C LYS I 121 61.82 12.48 -38.74
N SER I 122 62.99 11.81 -38.70
CA SER I 122 63.61 11.07 -39.78
C SER I 122 62.68 10.02 -40.39
N TRP I 123 61.94 9.29 -39.53
CA TRP I 123 61.00 8.24 -39.92
C TRP I 123 59.81 8.82 -40.69
N VAL I 124 59.22 9.91 -40.17
CA VAL I 124 58.09 10.65 -40.76
C VAL I 124 58.46 11.08 -42.19
N GLU I 125 59.66 11.68 -42.33
CA GLU I 125 60.18 12.15 -43.61
C GLU I 125 60.43 11.01 -44.57
N GLU I 126 60.96 9.86 -44.07
CA GLU I 126 61.22 8.65 -44.86
C GLU I 126 59.92 8.14 -45.48
N ILE I 127 58.87 7.98 -44.63
CA ILE I 127 57.56 7.48 -45.04
C ILE I 127 56.98 8.38 -46.12
N ASP I 128 57.05 9.70 -45.92
CA ASP I 128 56.57 10.68 -46.89
C ASP I 128 57.35 10.60 -48.20
N LYS I 129 58.71 10.68 -48.11
CA LYS I 129 59.63 10.64 -49.25
C LYS I 129 59.42 9.39 -50.11
N GLU I 130 59.44 8.21 -49.47
CA GLU I 130 59.26 6.94 -50.15
C GLU I 130 57.92 6.85 -50.87
N ALA I 131 56.84 7.37 -50.24
CA ALA I 131 55.49 7.37 -50.82
C ALA I 131 55.40 8.26 -52.06
N ARG I 132 56.04 9.45 -52.01
CA ARG I 132 56.05 10.41 -53.12
C ARG I 132 56.79 9.81 -54.31
N LYS I 133 57.90 9.09 -54.05
CA LYS I 133 58.72 8.39 -55.03
C LYS I 133 57.87 7.36 -55.78
N THR I 134 57.10 6.56 -55.01
CA THR I 134 56.21 5.53 -55.54
C THR I 134 55.07 6.18 -56.35
N MET I 135 54.52 7.33 -55.89
CA MET I 135 53.47 8.07 -56.59
C MET I 135 53.93 8.55 -57.96
N ALA I 136 55.16 9.06 -58.03
CA ALA I 136 55.79 9.56 -59.26
C ALA I 136 56.04 8.46 -60.30
N THR I 137 56.58 7.31 -59.85
CA THR I 137 56.87 6.12 -60.66
C THR I 137 55.58 5.63 -61.33
N LEU I 138 54.51 5.45 -60.51
CA LEU I 138 53.20 4.98 -60.91
C LEU I 138 52.41 5.95 -61.78
N LEU I 139 52.48 7.27 -61.51
CA LEU I 139 51.78 8.28 -62.30
C LEU I 139 52.32 8.36 -63.74
N LYS I 140 53.60 8.02 -63.94
CA LYS I 140 54.26 7.94 -65.24
C LYS I 140 53.65 6.75 -66.06
N GLU I 141 53.46 5.58 -65.39
CA GLU I 141 52.91 4.33 -65.95
C GLU I 141 51.42 4.47 -66.30
N SER I 142 50.62 5.00 -65.32
CA SER I 142 49.17 5.28 -65.33
C SER I 142 48.78 6.36 -66.36
N SER I 143 49.81 7.05 -66.91
CA SER I 143 49.74 8.14 -67.88
C SER I 143 48.98 9.32 -67.24
N GLY I 144 49.46 9.70 -66.05
CA GLY I 144 48.93 10.77 -65.22
C GLY I 144 47.59 10.47 -64.55
N ASN I 145 47.10 9.21 -64.67
CA ASN I 145 45.78 8.83 -64.14
C ASN I 145 45.78 7.86 -62.92
N ILE I 146 45.67 8.46 -61.70
CA ILE I 146 45.55 7.72 -60.45
C ILE I 146 44.22 8.12 -59.81
N PRO I 147 43.23 7.18 -59.72
CA PRO I 147 41.92 7.53 -59.13
C PRO I 147 42.02 7.75 -57.63
N GLN I 148 41.09 8.52 -57.08
CA GLN I 148 41.05 8.91 -55.67
C GLN I 148 41.25 7.76 -54.68
N ASN I 149 40.55 6.64 -54.92
CA ASN I 149 40.54 5.39 -54.15
C ASN I 149 41.90 4.68 -54.05
N GLN I 150 42.86 5.05 -54.90
CA GLN I 150 44.18 4.44 -54.89
C GLN I 150 45.25 5.33 -54.30
N ARG I 151 44.90 6.59 -54.00
CA ARG I 151 45.81 7.58 -53.45
C ARG I 151 45.90 7.49 -51.92
N PRO I 152 47.07 7.85 -51.32
CA PRO I 152 47.19 7.86 -49.84
C PRO I 152 46.25 8.84 -49.14
N SER I 153 45.64 9.74 -49.92
CA SER I 153 44.69 10.77 -49.50
C SER I 153 43.28 10.24 -49.16
N ALA I 154 42.92 9.03 -49.67
CA ALA I 154 41.62 8.40 -49.43
C ALA I 154 41.29 8.36 -47.92
N PRO I 155 40.08 8.83 -47.52
CA PRO I 155 39.75 8.96 -46.08
C PRO I 155 39.69 7.69 -45.24
N ASP I 156 39.52 6.54 -45.89
CA ASP I 156 39.41 5.24 -45.20
C ASP I 156 40.76 4.59 -44.87
N THR I 157 41.89 5.18 -45.35
CA THR I 157 43.26 4.67 -45.13
C THR I 157 43.61 4.52 -43.63
N PRO I 158 43.23 5.44 -42.71
CA PRO I 158 43.53 5.21 -41.29
C PRO I 158 42.75 4.03 -40.72
N ILE I 159 41.48 3.86 -41.17
CA ILE I 159 40.63 2.76 -40.73
C ILE I 159 41.23 1.43 -41.16
N ILE I 160 41.72 1.35 -42.43
CA ILE I 160 42.39 0.17 -43.01
C ILE I 160 43.58 -0.22 -42.13
N LEU I 161 44.40 0.79 -41.77
CA LEU I 161 45.58 0.64 -40.93
C LEU I 161 45.18 0.04 -39.57
N LEU I 162 44.11 0.59 -38.96
CA LEU I 162 43.59 0.17 -37.66
C LEU I 162 42.94 -1.20 -37.68
N CYS I 163 42.46 -1.63 -38.85
CA CYS I 163 41.86 -2.95 -39.04
C CYS I 163 42.89 -4.06 -38.92
N VAL I 164 44.15 -3.77 -39.32
CA VAL I 164 45.29 -4.69 -39.18
C VAL I 164 45.59 -4.78 -37.67
N GLY I 165 45.47 -3.64 -36.99
CA GLY I 165 45.62 -3.55 -35.55
C GLY I 165 44.55 -4.30 -34.80
N ALA I 166 43.31 -4.28 -35.35
CA ALA I 166 42.15 -4.97 -34.80
C ALA I 166 42.33 -6.48 -34.84
N LEU I 167 42.93 -6.98 -35.94
CA LEU I 167 43.21 -8.40 -36.11
C LEU I 167 44.27 -8.90 -35.16
N ILE I 168 45.29 -8.05 -34.85
CA ILE I 168 46.33 -8.41 -33.88
C ILE I 168 45.78 -8.25 -32.48
N PHE I 169 44.75 -7.38 -32.32
CA PHE I 169 44.08 -7.15 -31.04
C PHE I 169 43.34 -8.42 -30.65
N THR I 170 42.65 -9.07 -31.62
CA THR I 170 41.95 -10.34 -31.36
C THR I 170 42.95 -11.41 -30.83
N LYS I 171 44.11 -11.60 -31.50
CA LYS I 171 45.08 -12.60 -31.07
C LYS I 171 46.16 -12.03 -30.11
N LEU I 172 45.71 -11.19 -29.15
CA LEU I 172 46.61 -10.66 -28.13
C LEU I 172 46.71 -11.69 -26.99
N ALA I 173 45.78 -12.66 -26.98
CA ALA I 173 45.68 -13.76 -26.02
C ALA I 173 46.78 -14.82 -26.20
N SER I 174 47.36 -14.91 -27.41
CA SER I 174 48.41 -15.89 -27.72
C SER I 174 49.79 -15.22 -28.00
N THR I 175 50.71 -15.95 -28.71
CA THR I 175 52.07 -15.50 -29.08
C THR I 175 52.01 -14.28 -29.96
N ILE I 176 53.14 -13.55 -30.06
CA ILE I 176 53.33 -12.39 -30.93
C ILE I 176 53.31 -12.98 -32.35
N GLU I 177 53.79 -14.22 -32.42
CA GLU I 177 53.87 -15.03 -33.61
C GLU I 177 52.48 -15.48 -34.09
N VAL I 178 51.74 -16.27 -33.27
CA VAL I 178 50.41 -16.82 -33.61
C VAL I 178 49.51 -15.77 -34.25
N GLY I 179 49.49 -14.60 -33.63
CA GLY I 179 48.73 -13.43 -34.05
C GLY I 179 49.04 -12.99 -35.46
N LEU I 180 50.32 -13.00 -35.84
CA LEU I 180 50.75 -12.60 -37.17
C LEU I 180 50.22 -13.52 -38.26
N GLU I 181 50.11 -14.83 -37.96
CA GLU I 181 49.58 -15.82 -38.90
C GLU I 181 48.16 -15.48 -39.19
N THR I 182 47.35 -15.50 -38.12
CA THR I 182 45.92 -15.21 -38.09
C THR I 182 45.64 -13.87 -38.78
N THR I 183 46.41 -12.81 -38.40
CA THR I 183 46.29 -11.46 -38.96
C THR I 183 46.44 -11.52 -40.47
N VAL I 184 47.54 -12.10 -40.96
CA VAL I 184 47.80 -12.21 -42.39
C VAL I 184 46.68 -12.97 -43.13
N ARG I 185 46.32 -14.18 -42.65
CA ARG I 185 45.29 -15.06 -43.23
C ARG I 185 43.98 -14.32 -43.42
N ARG I 186 43.44 -13.80 -42.31
CA ARG I 186 42.18 -13.07 -42.26
C ARG I 186 42.21 -11.76 -43.03
N ALA I 187 43.34 -11.02 -42.95
CA ALA I 187 43.51 -9.75 -43.66
C ALA I 187 43.33 -9.92 -45.15
N ASN I 188 43.76 -11.06 -45.69
CA ASN I 188 43.64 -11.39 -47.11
C ASN I 188 42.20 -11.49 -47.55
N ARG I 189 41.34 -12.06 -46.70
CA ARG I 189 39.92 -12.25 -47.01
C ARG I 189 39.10 -11.00 -46.68
N VAL I 190 39.38 -10.45 -45.50
CA VAL I 190 38.71 -9.30 -44.93
C VAL I 190 39.06 -7.97 -45.65
N LEU I 191 40.37 -7.63 -45.74
CA LEU I 191 40.88 -6.39 -46.37
C LEU I 191 41.19 -6.59 -47.85
N SER I 192 40.47 -7.55 -48.46
CA SER I 192 40.54 -7.97 -49.84
C SER I 192 40.68 -6.77 -50.80
N ASP I 193 39.69 -5.88 -50.76
CA ASP I 193 39.56 -4.71 -51.63
C ASP I 193 40.54 -3.60 -51.33
N ALA I 194 40.91 -3.45 -50.04
CA ALA I 194 41.88 -2.44 -49.59
C ALA I 194 43.24 -2.79 -50.19
N LEU I 195 43.58 -4.09 -50.17
CA LEU I 195 44.80 -4.65 -50.71
C LEU I 195 44.87 -4.46 -52.22
N LYS I 196 43.69 -4.42 -52.89
CA LYS I 196 43.61 -4.20 -54.34
C LYS I 196 44.12 -2.79 -54.66
N ARG I 197 43.71 -1.79 -53.84
CA ARG I 197 44.09 -0.39 -54.03
C ARG I 197 45.48 -0.04 -53.49
N TYR I 198 45.89 -0.67 -52.38
CA TYR I 198 47.21 -0.43 -51.77
C TYR I 198 47.91 -1.79 -51.67
N PRO I 199 48.43 -2.31 -52.78
CA PRO I 199 49.04 -3.65 -52.73
C PRO I 199 50.41 -3.66 -52.07
N ARG I 200 50.87 -2.45 -51.73
CA ARG I 200 52.16 -2.21 -51.11
C ARG I 200 52.11 -2.28 -49.59
N MET I 201 50.89 -2.45 -49.01
CA MET I 201 50.76 -2.55 -47.56
C MET I 201 51.34 -3.86 -47.04
N ASP I 202 52.37 -3.72 -46.18
CA ASP I 202 53.09 -4.84 -45.58
C ASP I 202 52.36 -5.22 -44.31
N ILE I 203 51.32 -6.05 -44.45
CA ILE I 203 50.49 -6.53 -43.35
C ILE I 203 51.37 -7.08 -42.20
N PRO I 204 52.35 -7.97 -42.44
CA PRO I 204 53.16 -8.50 -41.33
C PRO I 204 53.96 -7.49 -40.52
N LYS I 205 54.52 -6.46 -41.18
CA LYS I 205 55.28 -5.43 -40.48
C LYS I 205 54.37 -4.47 -39.73
N ILE I 206 53.23 -4.10 -40.34
CA ILE I 206 52.23 -3.22 -39.72
C ILE I 206 51.68 -3.94 -38.49
N ALA I 207 51.29 -5.22 -38.63
CA ALA I 207 50.77 -6.04 -37.53
C ALA I 207 51.79 -6.24 -36.42
N ARG I 208 53.09 -6.26 -36.76
CA ARG I 208 54.14 -6.40 -35.77
C ARG I 208 54.25 -5.13 -34.94
N SER I 209 54.15 -3.95 -35.59
CA SER I 209 54.17 -2.62 -34.94
C SER I 209 53.06 -2.49 -33.89
N PHE I 210 51.86 -3.01 -34.23
CA PHE I 210 50.71 -3.03 -33.37
C PHE I 210 50.92 -3.97 -32.21
N TYR I 211 51.51 -5.18 -32.42
CA TYR I 211 51.78 -6.06 -31.27
C TYR I 211 52.76 -5.41 -30.32
N ASP I 212 53.84 -4.85 -30.85
CA ASP I 212 54.85 -4.18 -30.05
C ASP I 212 54.21 -3.06 -29.24
N LEU I 213 53.38 -2.20 -29.89
CA LEU I 213 52.67 -1.10 -29.25
C LEU I 213 51.75 -1.53 -28.10
N PHE I 214 50.89 -2.54 -28.34
CA PHE I 214 49.96 -3.04 -27.34
C PHE I 214 50.66 -3.67 -26.16
N GLU I 215 51.87 -4.20 -26.40
CA GLU I 215 52.65 -4.81 -25.34
C GLU I 215 53.38 -3.77 -24.50
N GLN I 216 53.95 -2.72 -25.14
CA GLN I 216 54.67 -1.63 -24.46
C GLN I 216 53.73 -0.60 -23.80
N LYS I 217 52.89 0.05 -24.62
CA LYS I 217 51.98 1.06 -24.12
C LYS I 217 50.63 0.41 -23.79
N VAL I 218 50.56 -0.30 -22.64
CA VAL I 218 49.38 -1.05 -22.18
C VAL I 218 48.11 -0.19 -22.14
N TYR I 219 48.24 1.11 -21.82
CA TYR I 219 47.10 2.04 -21.77
C TYR I 219 46.45 2.23 -23.14
N HIS I 220 47.20 2.01 -24.23
CA HIS I 220 46.64 2.10 -25.57
C HIS I 220 45.68 0.96 -25.90
N ARG I 221 45.68 -0.11 -25.08
CA ARG I 221 44.78 -1.25 -25.24
C ARG I 221 43.38 -0.75 -24.93
N SER I 222 43.20 -0.04 -23.78
CA SER I 222 41.89 0.50 -23.38
C SER I 222 41.50 1.77 -24.20
N LEU I 223 42.49 2.42 -24.85
CA LEU I 223 42.21 3.56 -25.73
C LEU I 223 41.58 3.00 -27.01
N PHE I 224 42.11 1.85 -27.50
CA PHE I 224 41.63 1.12 -28.67
C PHE I 224 40.21 0.64 -28.42
N ILE I 225 39.96 0.12 -27.21
CA ILE I 225 38.65 -0.35 -26.74
C ILE I 225 37.67 0.80 -26.75
N GLU I 226 38.08 1.99 -26.26
CA GLU I 226 37.22 3.17 -26.23
C GLU I 226 36.91 3.70 -27.62
N TYR I 227 37.85 3.51 -28.58
CA TYR I 227 37.61 3.91 -29.98
C TYR I 227 36.55 2.99 -30.54
N GLY I 228 36.71 1.68 -30.27
CA GLY I 228 35.79 0.62 -30.68
C GLY I 228 34.41 0.86 -30.13
N LYS I 229 34.30 1.09 -28.80
CA LYS I 229 33.05 1.37 -28.10
C LYS I 229 32.35 2.58 -28.73
N ALA I 230 33.12 3.70 -28.94
CA ALA I 230 32.67 4.97 -29.54
C ALA I 230 32.17 4.78 -30.98
N LEU I 231 32.97 4.06 -31.82
CA LEU I 231 32.66 3.74 -33.22
C LEU I 231 31.41 2.88 -33.31
N GLY I 232 31.30 1.93 -32.40
CA GLY I 232 30.15 1.04 -32.30
C GLY I 232 28.87 1.79 -32.02
N SER I 233 28.96 2.96 -31.40
CA SER I 233 27.78 3.73 -31.10
C SER I 233 27.22 4.53 -32.26
N SER I 234 28.05 5.19 -33.11
CA SER I 234 27.64 6.07 -34.21
C SER I 234 26.53 5.54 -35.18
N SER I 235 25.70 6.50 -35.66
CA SER I 235 24.56 6.27 -36.54
C SER I 235 25.01 5.80 -37.93
N THR I 236 25.96 6.53 -38.53
CA THR I 236 26.49 6.19 -39.85
C THR I 236 27.97 5.95 -39.78
N GLY I 237 28.36 4.76 -40.17
CA GLY I 237 29.75 4.38 -40.23
C GLY I 237 30.18 4.16 -41.64
N SER I 238 31.49 4.12 -41.84
CA SER I 238 32.09 3.84 -43.13
C SER I 238 32.00 2.34 -43.36
N LYS I 239 32.28 1.90 -44.61
CA LYS I 239 32.31 0.50 -44.97
C LYS I 239 33.48 -0.15 -44.18
N ALA I 240 34.61 0.59 -44.09
CA ALA I 240 35.84 0.25 -43.39
C ALA I 240 35.64 0.24 -41.87
N GLU I 241 34.88 1.22 -41.36
CA GLU I 241 34.56 1.38 -39.96
C GLU I 241 33.70 0.24 -39.45
N SER I 242 32.66 -0.11 -40.23
CA SER I 242 31.76 -1.22 -39.92
C SER I 242 32.49 -2.57 -39.91
N LEU I 243 33.63 -2.65 -40.63
CA LEU I 243 34.46 -3.84 -40.63
C LEU I 243 35.24 -3.89 -39.31
N PHE I 244 35.87 -2.75 -38.93
CA PHE I 244 36.69 -2.64 -37.73
C PHE I 244 36.00 -3.18 -36.48
N VAL I 245 34.76 -2.71 -36.24
CA VAL I 245 33.96 -3.12 -35.09
C VAL I 245 33.67 -4.61 -35.13
N ASN I 246 33.39 -5.14 -36.34
CA ASN I 246 33.09 -6.54 -36.55
C ASN I 246 34.29 -7.44 -36.26
N ILE I 247 35.53 -6.92 -36.44
CA ILE I 247 36.76 -7.64 -36.10
C ILE I 247 36.88 -7.60 -34.56
N PHE I 248 36.62 -6.41 -33.99
CA PHE I 248 36.65 -6.09 -32.56
C PHE I 248 35.66 -6.97 -31.78
N MET I 249 34.53 -7.33 -32.39
CA MET I 249 33.50 -8.16 -31.76
C MET I 249 33.92 -9.61 -31.62
N GLN I 250 34.54 -10.15 -32.67
CA GLN I 250 35.05 -11.51 -32.70
C GLN I 250 36.17 -11.68 -31.64
N ALA I 251 36.61 -10.54 -31.07
CA ALA I 251 37.62 -10.45 -30.01
C ALA I 251 36.99 -10.44 -28.63
N TYR I 252 35.63 -10.45 -28.51
CA TYR I 252 35.00 -10.37 -27.19
C TYR I 252 35.37 -11.55 -26.26
N GLY I 253 35.18 -12.79 -26.70
CA GLY I 253 35.54 -13.95 -25.87
C GLY I 253 37.04 -14.19 -25.82
N ALA I 254 37.77 -13.21 -25.29
CA ALA I 254 39.22 -13.20 -25.20
C ALA I 254 39.65 -13.96 -23.98
N GLY I 255 40.52 -14.94 -24.16
CA GLY I 255 41.05 -15.75 -23.07
C GLY I 255 40.05 -16.58 -22.29
N GLN I 256 38.77 -16.48 -22.65
CA GLN I 256 37.71 -17.20 -21.96
C GLN I 256 37.19 -18.34 -22.82
N THR I 257 37.96 -18.72 -23.88
CA THR I 257 37.60 -19.78 -24.84
C THR I 257 37.11 -21.04 -24.13
N MET I 258 37.65 -21.31 -22.95
CA MET I 258 37.27 -22.44 -22.13
C MET I 258 35.82 -22.38 -21.63
N LEU I 259 35.35 -21.20 -21.16
CA LEU I 259 33.99 -21.02 -20.68
C LEU I 259 32.96 -21.14 -21.79
N ARG I 260 33.30 -20.63 -22.99
CA ARG I 260 32.40 -20.70 -24.14
C ARG I 260 32.30 -22.12 -24.67
N TRP I 261 33.40 -22.88 -24.61
CA TRP I 261 33.40 -24.29 -25.01
C TRP I 261 32.67 -25.13 -23.95
N GLY I 262 32.60 -24.57 -22.75
CA GLY I 262 31.91 -25.15 -21.61
C GLY I 262 30.42 -25.17 -21.86
N VAL I 263 29.85 -24.05 -22.38
CA VAL I 263 28.44 -23.99 -22.72
C VAL I 263 28.13 -24.92 -23.88
N ILE I 264 29.10 -25.09 -24.81
CA ILE I 264 29.01 -25.98 -25.97
C ILE I 264 28.90 -27.41 -25.51
N ALA I 265 29.65 -27.80 -24.47
CA ALA I 265 29.59 -29.13 -23.88
C ALA I 265 28.19 -29.44 -23.30
N ARG I 266 27.54 -28.42 -22.66
CA ARG I 266 26.19 -28.51 -22.12
C ARG I 266 25.17 -28.64 -23.25
N SER I 267 25.31 -27.80 -24.30
CA SER I 267 24.46 -27.78 -25.48
C SER I 267 24.51 -29.12 -26.23
N SER I 268 25.71 -29.77 -26.24
CA SER I 268 25.94 -31.06 -26.88
C SER I 268 25.37 -32.21 -26.05
N ASN I 269 25.06 -31.93 -24.76
CA ASN I 269 24.55 -32.87 -23.77
C ASN I 269 25.48 -34.07 -23.66
N ASN I 270 26.78 -33.76 -23.54
CA ASN I 270 27.83 -34.76 -23.41
C ASN I 270 27.66 -35.48 -22.08
N ILE I 271 27.41 -36.79 -22.16
CA ILE I 271 27.17 -37.69 -21.03
C ILE I 271 28.33 -37.74 -20.04
N MET I 272 29.50 -37.29 -20.46
CA MET I 272 30.66 -37.22 -19.59
C MET I 272 30.54 -36.14 -18.53
N LEU I 273 29.66 -35.14 -18.77
CA LEU I 273 29.40 -34.07 -17.81
C LEU I 273 28.63 -34.65 -16.61
N GLY I 274 28.17 -35.90 -16.76
CA GLY I 274 27.45 -36.66 -15.73
C GLY I 274 28.35 -37.58 -14.92
N HIS I 275 29.64 -37.66 -15.28
CA HIS I 275 30.61 -38.48 -14.55
C HIS I 275 30.74 -37.99 -13.11
N VAL I 276 30.82 -38.93 -12.17
CA VAL I 276 30.89 -38.67 -10.74
C VAL I 276 32.02 -37.67 -10.34
N SER I 277 33.22 -37.81 -10.94
CA SER I 277 34.39 -36.96 -10.69
C SER I 277 34.17 -35.53 -11.22
N VAL I 278 33.38 -35.41 -12.29
CA VAL I 278 33.03 -34.13 -12.91
C VAL I 278 31.92 -33.49 -12.07
N GLN I 279 30.92 -34.30 -11.63
CA GLN I 279 29.81 -33.88 -10.77
C GLN I 279 30.33 -33.23 -9.50
N ALA I 280 31.46 -33.73 -8.98
CA ALA I 280 32.12 -33.21 -7.77
C ALA I 280 32.59 -31.74 -7.91
N GLU I 281 32.93 -31.33 -9.13
CA GLU I 281 33.43 -29.98 -9.44
C GLU I 281 32.36 -28.98 -9.81
N LEU I 282 31.10 -29.42 -9.85
CA LEU I 282 29.95 -28.60 -10.20
C LEU I 282 29.91 -27.24 -9.50
N LYS I 283 30.05 -27.22 -8.17
CA LYS I 283 30.00 -25.98 -7.41
C LYS I 283 31.08 -24.98 -7.82
N GLN I 284 32.32 -25.44 -8.14
CA GLN I 284 33.41 -24.55 -8.57
C GLN I 284 33.10 -23.97 -9.93
N VAL I 285 32.64 -24.83 -10.87
CA VAL I 285 32.28 -24.45 -12.24
C VAL I 285 31.20 -23.37 -12.18
N THR I 286 30.15 -23.63 -11.38
CA THR I 286 29.03 -22.71 -11.19
C THR I 286 29.55 -21.37 -10.72
N GLU I 287 30.45 -21.38 -9.71
CA GLU I 287 31.06 -20.18 -9.14
C GLU I 287 31.71 -19.30 -10.19
N VAL I 288 32.39 -19.93 -11.18
CA VAL I 288 33.06 -19.18 -12.24
C VAL I 288 32.04 -18.50 -13.16
N TYR I 289 31.00 -19.23 -13.64
CA TYR I 289 29.97 -18.67 -14.52
C TYR I 289 29.13 -17.58 -13.88
N ASP I 290 29.00 -17.64 -12.54
CA ASP I 290 28.27 -16.69 -11.69
C ASP I 290 29.10 -15.45 -11.43
N LEU I 291 30.44 -15.57 -11.52
CA LEU I 291 31.33 -14.44 -11.40
C LEU I 291 31.21 -13.61 -12.68
N VAL I 292 31.05 -14.27 -13.85
CA VAL I 292 30.88 -13.61 -15.16
C VAL I 292 29.65 -12.69 -15.13
N ARG I 293 28.56 -13.20 -14.54
CA ARG I 293 27.32 -12.48 -14.37
C ARG I 293 27.48 -11.35 -13.35
N GLU I 294 28.31 -11.57 -12.30
CA GLU I 294 28.62 -10.58 -11.26
C GLU I 294 29.41 -9.39 -11.85
N MET I 295 30.29 -9.66 -12.82
CA MET I 295 31.12 -8.65 -13.49
C MET I 295 30.46 -8.00 -14.70
N GLY I 296 29.47 -8.68 -15.24
CA GLY I 296 28.66 -8.18 -16.35
C GLY I 296 29.29 -8.13 -17.72
N PRO I 297 29.17 -6.98 -18.44
CA PRO I 297 29.68 -6.94 -19.81
C PRO I 297 31.18 -6.76 -19.92
N GLU I 298 31.81 -6.13 -18.92
CA GLU I 298 33.23 -5.91 -18.98
C GLU I 298 34.01 -7.22 -18.77
N SER I 299 33.34 -8.26 -18.22
CA SER I 299 33.89 -9.60 -17.97
C SER I 299 34.62 -10.16 -19.16
N GLY I 300 34.03 -10.07 -20.35
CA GLY I 300 34.60 -10.58 -21.59
C GLY I 300 35.91 -9.95 -22.05
N LEU I 301 35.96 -8.64 -22.11
CA LEU I 301 37.18 -7.97 -22.56
C LEU I 301 38.25 -7.81 -21.45
N LEU I 302 38.11 -8.46 -20.26
CA LEU I 302 39.07 -8.39 -19.14
C LEU I 302 40.45 -8.83 -19.51
N HIS I 303 40.53 -9.98 -20.22
CA HIS I 303 41.77 -10.57 -20.68
C HIS I 303 42.38 -9.68 -21.74
N LEU I 304 41.55 -9.10 -22.62
CA LEU I 304 41.97 -8.19 -23.69
C LEU I 304 42.63 -6.90 -23.20
N ARG I 305 42.15 -6.37 -22.07
CA ARG I 305 42.64 -5.16 -21.41
C ARG I 305 43.93 -5.42 -20.65
N GLN I 306 44.28 -6.72 -20.49
CA GLN I 306 45.44 -7.24 -19.73
C GLN I 306 45.24 -6.90 -18.25
N SER I 307 43.96 -6.81 -17.84
CA SER I 307 43.54 -6.45 -16.49
C SER I 307 44.07 -7.46 -15.47
N PRO I 308 44.66 -6.97 -14.35
CA PRO I 308 45.16 -7.90 -13.32
C PRO I 308 44.03 -8.72 -12.70
N LYS I 309 42.81 -8.11 -12.63
CA LYS I 309 41.55 -8.70 -12.15
C LYS I 309 41.28 -10.05 -12.83
N ALA I 310 41.51 -10.13 -14.18
CA ALA I 310 41.32 -11.31 -15.01
C ALA I 310 42.16 -12.48 -14.50
N GLY I 311 41.71 -13.68 -14.80
CA GLY I 311 42.37 -14.88 -14.32
C GLY I 311 41.57 -15.47 -13.19
N LEU I 312 40.62 -14.70 -12.63
CA LEU I 312 39.71 -15.22 -11.61
C LEU I 312 38.72 -16.17 -12.33
N LEU I 313 38.58 -15.96 -13.67
CA LEU I 313 37.78 -16.73 -14.61
C LEU I 313 38.59 -17.93 -15.14
N SER I 314 39.42 -18.53 -14.27
CA SER I 314 40.20 -19.71 -14.61
C SER I 314 39.48 -20.94 -14.15
N LEU I 315 39.53 -21.96 -15.01
CA LEU I 315 38.91 -23.24 -14.75
C LEU I 315 39.97 -24.26 -14.30
N ALA I 316 40.98 -23.75 -13.55
CA ALA I 316 42.07 -24.52 -12.96
C ALA I 316 41.54 -25.38 -11.82
N ASN I 317 40.60 -24.83 -11.03
CA ASN I 317 39.91 -25.43 -9.87
C ASN I 317 39.10 -26.69 -10.23
N CYS I 318 38.76 -26.84 -11.54
CA CYS I 318 37.97 -27.95 -12.07
C CYS I 318 38.66 -28.65 -13.28
N PRO I 319 39.73 -29.41 -13.00
CA PRO I 319 40.45 -30.09 -14.08
C PRO I 319 39.68 -31.18 -14.84
N ASN I 320 38.82 -31.95 -14.15
CA ASN I 320 38.03 -33.03 -14.75
C ASN I 320 36.97 -32.48 -15.70
N PHE I 321 36.37 -31.33 -15.35
CA PHE I 321 35.39 -30.63 -16.16
C PHE I 321 36.06 -30.12 -17.42
N ALA I 322 37.22 -29.47 -17.27
CA ALA I 322 38.03 -28.95 -18.36
C ALA I 322 38.35 -30.06 -19.38
N SER I 323 38.70 -31.26 -18.87
CA SER I 323 39.01 -32.45 -19.65
C SER I 323 37.83 -32.84 -20.54
N VAL I 324 36.62 -32.85 -19.97
CA VAL I 324 35.38 -33.21 -20.68
C VAL I 324 35.05 -32.17 -21.74
N VAL I 325 35.14 -30.87 -21.38
CA VAL I 325 34.88 -29.71 -22.27
C VAL I 325 35.75 -29.79 -23.52
N LEU I 326 37.06 -30.04 -23.31
CA LEU I 326 38.05 -30.18 -24.38
C LEU I 326 37.80 -31.44 -25.23
N GLY I 327 37.43 -32.54 -24.58
CA GLY I 327 37.12 -33.80 -25.25
C GLY I 327 35.96 -33.60 -26.20
N ASN I 328 34.89 -32.97 -25.69
CA ASN I 328 33.68 -32.64 -26.44
C ASN I 328 34.04 -31.78 -27.66
N ALA I 329 34.90 -30.76 -27.47
CA ALA I 329 35.39 -29.85 -28.53
C ALA I 329 36.17 -30.63 -29.59
N SER I 330 36.99 -31.60 -29.15
CA SER I 330 37.78 -32.45 -30.03
C SER I 330 36.88 -33.32 -30.88
N GLY I 331 35.90 -33.96 -30.24
CA GLY I 331 34.91 -34.82 -30.88
C GLY I 331 34.08 -34.10 -31.92
N LEU I 332 33.67 -32.86 -31.63
CA LEU I 332 32.90 -32.07 -32.57
C LEU I 332 33.78 -31.45 -33.66
N GLY I 333 35.10 -31.47 -33.44
CA GLY I 333 36.10 -30.96 -34.37
C GLY I 333 36.26 -29.47 -34.34
N ILE I 334 36.24 -28.87 -33.13
CA ILE I 334 36.38 -27.42 -32.91
C ILE I 334 37.77 -27.11 -32.39
N ILE I 335 38.27 -27.96 -31.45
CA ILE I 335 39.53 -27.87 -30.71
C ILE I 335 40.70 -27.23 -31.49
N GLY I 336 40.82 -27.52 -32.78
CA GLY I 336 41.86 -26.97 -33.62
C GLY I 336 43.24 -26.99 -33.00
N MET I 337 43.87 -25.82 -32.93
CA MET I 337 45.22 -25.66 -32.40
C MET I 337 45.31 -25.21 -30.96
N TYR I 338 44.35 -25.61 -30.13
CA TYR I 338 44.31 -25.19 -28.73
C TYR I 338 45.27 -26.00 -27.89
N ARG I 339 46.28 -25.32 -27.31
CA ARG I 339 47.36 -25.90 -26.48
C ARG I 339 46.92 -26.20 -25.02
N GLY I 340 45.70 -25.82 -24.65
CA GLY I 340 45.14 -26.04 -23.31
C GLY I 340 45.35 -27.44 -22.78
N ARG I 341 46.07 -27.54 -21.67
CA ARG I 341 46.46 -28.78 -21.01
C ARG I 341 45.27 -29.66 -20.65
N VAL I 342 45.41 -30.99 -20.83
CA VAL I 342 44.34 -31.95 -20.53
C VAL I 342 44.72 -32.76 -19.30
N PRO I 343 44.11 -32.43 -18.14
CA PRO I 343 44.44 -33.14 -16.89
C PRO I 343 44.02 -34.60 -16.90
N ASN I 344 42.74 -34.87 -17.21
CA ASN I 344 42.24 -36.24 -17.25
C ASN I 344 42.09 -36.73 -18.69
N THR I 345 43.14 -37.39 -19.18
CA THR I 345 43.22 -37.97 -20.52
C THR I 345 42.12 -38.99 -20.77
N GLU I 346 41.78 -39.77 -19.73
CA GLU I 346 40.75 -40.80 -19.75
C GLU I 346 39.38 -40.16 -20.09
N LEU I 347 38.94 -39.17 -19.28
CA LEU I 347 37.66 -38.46 -19.44
C LEU I 347 37.58 -37.77 -20.79
N PHE I 348 38.70 -37.18 -21.26
CA PHE I 348 38.81 -36.49 -22.53
C PHE I 348 38.44 -37.42 -23.66
N SER I 349 39.07 -38.59 -23.72
CA SER I 349 38.86 -39.59 -24.76
C SER I 349 37.41 -40.05 -24.84
N ALA I 350 36.80 -40.25 -23.66
CA ALA I 350 35.40 -40.67 -23.52
C ALA I 350 34.45 -39.61 -24.05
N ALA I 351 34.64 -38.34 -23.63
CA ALA I 351 33.82 -37.20 -24.06
C ALA I 351 33.93 -37.03 -25.58
N GLU I 352 35.15 -37.25 -26.12
CA GLU I 352 35.48 -37.16 -27.54
C GLU I 352 34.70 -38.20 -28.35
N SER I 353 34.66 -39.43 -27.85
CA SER I 353 33.97 -40.54 -28.50
C SER I 353 32.48 -40.27 -28.60
N TYR I 354 31.86 -39.83 -27.49
CA TYR I 354 30.45 -39.51 -27.45
C TYR I 354 30.12 -38.38 -28.42
N ALA I 355 30.93 -37.31 -28.41
CA ALA I 355 30.75 -36.15 -29.28
C ALA I 355 30.88 -36.50 -30.76
N LYS I 356 31.77 -37.45 -31.10
CA LYS I 356 31.96 -37.89 -32.48
C LYS I 356 30.72 -38.66 -32.96
N SER I 357 30.13 -39.49 -32.07
CA SER I 357 28.92 -40.27 -32.35
C SER I 357 27.70 -39.35 -32.48
N LEU I 358 27.67 -38.30 -31.66
CA LEU I 358 26.65 -37.25 -31.63
C LEU I 358 26.69 -36.49 -32.96
N LYS I 359 27.91 -36.06 -33.38
CA LYS I 359 28.25 -35.31 -34.60
C LYS I 359 27.61 -35.90 -35.85
N GLU I 360 27.74 -37.22 -36.01
CA GLU I 360 27.19 -37.94 -37.16
C GLU I 360 25.68 -38.17 -37.09
N SER I 361 25.17 -38.53 -35.89
CA SER I 361 23.76 -38.86 -35.66
C SER I 361 22.78 -37.72 -35.86
N ASN I 362 21.71 -38.02 -36.62
CA ASN I 362 20.62 -37.13 -36.99
C ASN I 362 19.35 -37.57 -36.25
N LYS I 363 18.74 -36.67 -35.47
CA LYS I 363 17.50 -36.93 -34.72
C LYS I 363 16.51 -35.76 -34.82
N ILE I 364 15.20 -36.01 -34.64
CA ILE I 364 14.18 -34.96 -34.69
C ILE I 364 13.30 -34.97 -33.43
N ASN I 365 13.23 -33.81 -32.75
CA ASN I 365 12.41 -33.60 -31.56
C ASN I 365 11.05 -33.11 -32.01
N PHE I 366 10.06 -34.00 -32.11
CA PHE I 366 8.70 -33.61 -32.48
C PHE I 366 8.01 -33.02 -31.25
N SER I 367 8.68 -33.20 -30.10
CA SER I 367 8.34 -32.72 -28.77
C SER I 367 8.51 -31.18 -28.74
N SER I 368 9.70 -30.70 -29.21
CA SER I 368 10.07 -29.28 -29.26
C SER I 368 9.23 -28.46 -30.23
N LEU I 369 9.01 -28.97 -31.47
CA LEU I 369 8.25 -28.33 -32.54
C LEU I 369 6.83 -27.93 -32.19
N GLY I 370 6.13 -28.80 -31.46
CA GLY I 370 4.74 -28.60 -31.04
C GLY I 370 3.78 -28.52 -32.21
N LEU I 371 3.79 -29.57 -33.06
CA LEU I 371 2.93 -29.66 -34.25
C LEU I 371 1.66 -30.45 -33.94
N THR I 372 0.67 -30.35 -34.85
CA THR I 372 -0.55 -31.14 -34.79
C THR I 372 -0.12 -32.56 -35.19
N ASP I 373 -0.82 -33.59 -34.70
CA ASP I 373 -0.45 -34.98 -35.04
C ASP I 373 -1.01 -35.42 -36.44
N GLU I 374 -1.15 -34.41 -37.35
CA GLU I 374 -1.60 -34.49 -38.74
C GLU I 374 -0.51 -33.83 -39.62
N GLU I 375 0.35 -33.03 -38.97
CA GLU I 375 1.54 -32.35 -39.48
C GLU I 375 2.76 -33.24 -39.11
N LYS I 376 2.67 -33.91 -37.91
CA LYS I 376 3.61 -34.88 -37.30
C LYS I 376 3.43 -36.24 -38.04
N GLU I 377 2.25 -36.44 -38.63
CA GLU I 377 1.81 -37.58 -39.44
C GLU I 377 2.54 -37.51 -40.80
N ALA I 378 2.49 -36.33 -41.46
CA ALA I 378 3.11 -35.99 -42.75
C ALA I 378 4.64 -35.93 -42.68
N ALA I 379 5.19 -35.54 -41.51
CA ALA I 379 6.63 -35.43 -41.22
C ALA I 379 7.32 -36.80 -41.22
N GLU I 380 6.57 -37.84 -40.80
CA GLU I 380 7.04 -39.23 -40.76
C GLU I 380 7.21 -39.76 -42.18
N LEU J 3 22.99 -28.85 -13.08
CA LEU J 3 23.99 -28.19 -13.94
C LEU J 3 23.35 -27.21 -14.95
N GLN J 4 22.75 -26.17 -14.38
CA GLN J 4 22.08 -25.11 -15.12
C GLN J 4 22.83 -23.81 -15.23
N GLY J 5 23.72 -23.50 -14.26
CA GLY J 5 24.52 -22.29 -14.20
C GLY J 5 25.54 -22.13 -15.31
N ILE J 6 25.58 -23.06 -16.29
CA ILE J 6 26.48 -23.00 -17.45
C ILE J 6 25.77 -22.16 -18.52
N HIS J 7 25.84 -20.84 -18.37
CA HIS J 7 25.21 -19.90 -19.29
C HIS J 7 25.87 -18.50 -19.34
N LEU J 8 26.14 -18.04 -20.57
CA LEU J 8 26.75 -16.73 -20.87
C LEU J 8 25.82 -15.99 -21.82
N SER J 9 25.42 -14.77 -21.45
CA SER J 9 24.54 -13.99 -22.31
C SER J 9 25.34 -13.02 -23.19
N ASP J 10 26.43 -13.54 -23.77
CA ASP J 10 27.42 -12.85 -24.59
C ASP J 10 26.89 -11.78 -25.54
N LEU J 11 25.86 -12.09 -26.33
CA LEU J 11 25.34 -11.14 -27.31
C LEU J 11 24.80 -9.88 -26.69
N SER J 12 24.12 -9.99 -25.52
CA SER J 12 23.58 -8.83 -24.81
C SER J 12 24.71 -7.94 -24.34
N TYR J 13 25.79 -8.57 -23.73
CA TYR J 13 26.99 -7.90 -23.24
C TYR J 13 27.69 -7.20 -24.38
N LYS J 14 27.77 -7.88 -25.56
CA LYS J 14 28.37 -7.37 -26.79
C LYS J 14 27.71 -6.04 -27.16
N HIS J 15 26.37 -5.97 -27.06
CA HIS J 15 25.62 -4.76 -27.34
C HIS J 15 25.80 -3.73 -26.25
N ALA J 16 25.72 -4.16 -24.99
CA ALA J 16 25.86 -3.32 -23.79
C ALA J 16 27.16 -2.49 -23.78
N ILE J 17 28.23 -3.05 -24.35
CA ILE J 17 29.53 -2.42 -24.46
C ILE J 17 29.49 -1.25 -25.47
N LEU J 18 28.59 -1.32 -26.47
CA LEU J 18 28.43 -0.29 -27.49
C LEU J 18 27.40 0.79 -27.09
N LYS J 19 27.22 0.98 -25.78
CA LYS J 19 26.34 1.95 -25.15
C LYS J 19 27.14 2.72 -24.12
N GLU J 20 28.07 2.00 -23.45
CA GLU J 20 29.02 2.48 -22.42
C GLU J 20 29.95 3.61 -22.92
N SER J 21 30.08 3.76 -24.26
CA SER J 21 30.95 4.77 -24.88
C SER J 21 30.41 6.12 -24.56
N GLN J 22 31.05 6.73 -23.58
CA GLN J 22 30.68 8.08 -23.18
C GLN J 22 31.34 9.01 -24.17
N TYR J 23 32.45 8.57 -24.79
CA TYR J 23 33.19 9.36 -25.75
C TYR J 23 32.56 9.23 -27.13
N THR J 24 32.59 10.35 -27.85
CA THR J 24 31.97 10.54 -29.17
C THR J 24 32.96 10.80 -30.27
N ILE J 25 32.80 10.08 -31.39
CA ILE J 25 33.71 10.19 -32.54
C ILE J 25 33.40 11.40 -33.40
N LYS J 26 34.46 12.11 -33.81
CA LYS J 26 34.39 13.30 -34.64
C LYS J 26 35.11 13.02 -35.94
N ARG J 27 34.46 12.25 -36.81
CA ARG J 27 35.01 11.89 -38.12
C ARG J 27 34.65 12.99 -39.11
N ASP J 28 35.28 13.01 -40.31
CA ASP J 28 35.04 13.98 -41.39
C ASP J 28 35.36 15.39 -40.91
N VAL J 29 36.52 15.53 -40.27
CA VAL J 29 36.95 16.74 -39.61
C VAL J 29 36.93 17.99 -40.52
N GLY J 30 37.55 17.94 -41.69
CA GLY J 30 37.62 19.11 -42.55
C GLY J 30 36.55 19.24 -43.60
N THR J 31 35.87 18.13 -43.91
CA THR J 31 34.83 17.98 -44.95
C THR J 31 33.80 19.12 -45.02
N THR J 32 33.33 19.40 -46.24
CA THR J 32 32.31 20.38 -46.55
C THR J 32 31.32 19.83 -47.58
N THR J 33 30.01 20.03 -47.36
CA THR J 33 28.98 19.57 -48.29
C THR J 33 28.00 20.70 -48.53
N ALA J 34 27.39 20.69 -49.71
CA ALA J 34 26.41 21.69 -50.08
C ALA J 34 25.06 21.47 -49.42
N VAL J 35 24.47 22.60 -49.00
CA VAL J 35 23.10 22.73 -48.48
C VAL J 35 22.45 23.87 -49.21
N THR J 36 21.16 23.73 -49.51
CA THR J 36 20.38 24.73 -50.21
C THR J 36 19.33 25.29 -49.25
N PRO J 37 19.21 26.63 -49.12
CA PRO J 37 18.18 27.17 -48.21
C PRO J 37 16.79 26.93 -48.78
N SER J 38 15.80 26.80 -47.89
CA SER J 38 14.41 26.53 -48.22
C SER J 38 13.86 27.44 -49.34
N SER J 39 14.30 28.71 -49.33
CA SER J 39 13.96 29.80 -50.25
C SER J 39 14.19 29.47 -51.73
N LEU J 40 15.17 28.60 -52.01
CA LEU J 40 15.54 28.21 -53.36
C LEU J 40 14.93 26.88 -53.82
N GLN J 41 13.85 26.44 -53.16
CA GLN J 41 13.18 25.18 -53.51
C GLN J 41 12.67 25.16 -54.98
N GLN J 42 12.12 26.28 -55.49
CA GLN J 42 11.61 26.36 -56.87
C GLN J 42 12.73 26.21 -57.94
N GLU J 43 13.90 26.80 -57.64
CA GLU J 43 15.07 26.81 -58.49
C GLU J 43 15.69 25.45 -58.56
N ILE J 44 15.77 24.75 -57.41
CA ILE J 44 16.31 23.39 -57.38
C ILE J 44 15.31 22.42 -58.05
N THR J 45 13.98 22.70 -57.95
CA THR J 45 12.92 21.90 -58.58
C THR J 45 13.10 21.95 -60.09
N LEU J 46 13.32 23.14 -60.63
CA LEU J 46 13.54 23.28 -62.06
C LEU J 46 14.76 22.48 -62.53
N LEU J 47 15.87 22.57 -61.78
CA LEU J 47 17.14 21.89 -62.08
C LEU J 47 16.99 20.38 -62.11
N CYS J 48 16.18 19.85 -61.18
CA CYS J 48 15.84 18.43 -61.07
C CYS J 48 15.11 17.98 -62.35
N GLY J 49 14.12 18.78 -62.75
CA GLY J 49 13.33 18.55 -63.95
C GLY J 49 14.17 18.53 -65.20
N GLU J 50 15.18 19.44 -65.26
CA GLU J 50 16.13 19.57 -66.37
C GLU J 50 16.94 18.30 -66.55
N ILE J 51 17.30 17.62 -65.45
CA ILE J 51 18.05 16.36 -65.47
C ILE J 51 17.22 15.24 -66.15
N LEU J 52 15.93 15.16 -65.81
CA LEU J 52 14.98 14.18 -66.34
C LEU J 52 14.55 14.49 -67.79
N TYR J 53 14.31 15.78 -68.09
CA TYR J 53 13.77 16.29 -69.36
C TYR J 53 14.59 16.02 -70.62
N ALA J 54 15.93 16.13 -70.54
CA ALA J 54 16.82 15.94 -71.68
C ALA J 54 17.84 14.82 -71.48
N LYS J 55 18.39 14.29 -72.59
CA LYS J 55 19.38 13.22 -72.54
C LYS J 55 20.72 13.90 -72.45
N HIS J 56 21.29 13.94 -71.23
CA HIS J 56 22.55 14.62 -70.91
C HIS J 56 23.77 13.81 -71.11
N ALA J 57 24.89 14.50 -71.29
CA ALA J 57 26.19 13.88 -71.50
C ALA J 57 26.69 13.26 -70.19
N ASP J 58 26.57 13.99 -69.09
CA ASP J 58 27.03 13.47 -67.81
C ASP J 58 26.02 13.66 -66.71
N TYR J 59 25.83 12.58 -65.94
CA TYR J 59 24.92 12.52 -64.79
C TYR J 59 25.74 12.29 -63.51
N LYS J 60 26.83 13.07 -63.31
CA LYS J 60 27.71 12.94 -62.13
C LYS J 60 27.08 13.48 -60.85
N TYR J 61 26.60 14.71 -60.91
CA TYR J 61 26.05 15.42 -59.76
C TYR J 61 24.56 15.29 -59.58
N ALA J 62 23.89 14.47 -60.42
CA ALA J 62 22.44 14.23 -60.39
C ALA J 62 21.92 13.94 -58.97
N ALA J 63 22.64 13.08 -58.21
CA ALA J 63 22.31 12.71 -56.84
C ALA J 63 22.47 13.88 -55.87
N GLU J 64 23.55 14.68 -56.00
CA GLU J 64 23.78 15.84 -55.16
C GLU J 64 22.64 16.84 -55.32
N ILE J 65 22.09 16.99 -56.54
CA ILE J 65 20.94 17.86 -56.82
C ILE J 65 19.71 17.38 -56.05
N GLY J 66 19.51 16.06 -56.01
CA GLY J 66 18.42 15.43 -55.26
C GLY J 66 18.49 15.73 -53.77
N ILE J 67 19.72 15.63 -53.20
CA ILE J 67 20.04 15.93 -51.80
C ILE J 67 19.73 17.39 -51.55
N GLN J 68 20.02 18.26 -52.54
CA GLN J 68 19.74 19.70 -52.44
C GLN J 68 18.26 20.01 -52.33
N TYR J 69 17.38 19.18 -52.99
CA TYR J 69 15.94 19.36 -52.82
C TYR J 69 15.56 18.95 -51.39
N ILE J 70 16.09 17.80 -50.90
CA ILE J 70 15.85 17.32 -49.52
C ILE J 70 16.21 18.46 -48.56
N SER J 71 17.37 19.12 -48.80
CA SER J 71 17.87 20.24 -48.02
C SER J 71 16.85 21.36 -47.90
N THR J 72 16.23 21.76 -49.03
CA THR J 72 15.21 22.80 -49.06
C THR J 72 13.99 22.35 -48.27
N ALA J 73 13.58 21.08 -48.48
CA ALA J 73 12.42 20.48 -47.82
C ALA J 73 12.56 20.37 -46.30
N LEU J 74 13.76 19.97 -45.79
CA LEU J 74 14.01 19.77 -44.37
C LEU J 74 14.31 21.04 -43.60
N GLY J 75 15.18 21.87 -44.16
CA GLY J 75 15.54 23.11 -43.50
C GLY J 75 16.77 23.80 -43.99
N SER J 76 16.61 25.16 -44.20
CA SER J 76 17.66 26.08 -44.65
C SER J 76 19.04 25.65 -44.02
N GLU J 77 19.01 25.44 -42.67
CA GLU J 77 20.11 25.14 -41.75
C GLU J 77 19.85 23.96 -40.76
N ARG J 78 18.65 23.36 -40.82
CA ARG J 78 18.28 22.23 -39.95
C ARG J 78 19.09 21.03 -40.35
N VAL J 79 19.53 21.02 -41.62
CA VAL J 79 20.31 19.95 -42.20
C VAL J 79 21.64 19.75 -41.49
N GLN J 80 22.33 20.86 -41.17
CA GLN J 80 23.62 20.81 -40.46
C GLN J 80 23.46 20.00 -39.16
N GLN J 81 22.35 20.25 -38.42
CA GLN J 81 22.04 19.57 -37.18
C GLN J 81 22.02 18.06 -37.41
N ILE J 82 21.27 17.59 -38.42
CA ILE J 82 21.13 16.17 -38.78
C ILE J 82 22.51 15.53 -39.03
N LEU J 83 23.33 16.17 -39.89
CA LEU J 83 24.66 15.69 -40.29
C LEU J 83 25.61 15.61 -39.10
N ARG J 84 25.59 16.63 -38.24
CA ARG J 84 26.40 16.68 -37.03
C ARG J 84 26.00 15.52 -36.10
N ASN J 85 24.69 15.29 -35.99
CA ASN J 85 24.13 14.23 -35.14
C ASN J 85 24.26 12.84 -35.75
N SER J 86 24.64 12.71 -37.03
CA SER J 86 24.82 11.40 -37.61
C SER J 86 26.18 10.78 -37.21
N GLY J 87 27.04 11.59 -36.60
CA GLY J 87 28.38 11.19 -36.15
C GLY J 87 29.52 11.88 -36.92
N SER J 88 29.17 12.49 -38.06
CA SER J 88 30.09 13.19 -38.94
C SER J 88 30.16 14.64 -38.54
N GLU J 89 31.37 15.11 -38.38
CA GLU J 89 31.62 16.47 -37.96
C GLU J 89 31.76 17.42 -39.18
N VAL J 90 31.26 16.98 -40.36
CA VAL J 90 31.27 17.73 -41.62
C VAL J 90 30.57 19.12 -41.49
N GLN J 91 31.06 20.15 -42.23
CA GLN J 91 30.48 21.50 -42.25
C GLN J 91 29.69 21.71 -43.52
N VAL J 92 28.63 22.52 -43.44
CA VAL J 92 27.75 22.78 -44.58
C VAL J 92 28.10 24.06 -45.30
N VAL J 93 27.72 24.17 -46.58
CA VAL J 93 27.95 25.36 -47.40
C VAL J 93 26.68 25.74 -48.14
N LEU J 94 26.12 26.94 -47.81
CA LEU J 94 24.88 27.42 -48.42
C LEU J 94 25.07 27.90 -49.82
N THR J 95 24.41 27.18 -50.75
CA THR J 95 24.43 27.40 -52.18
C THR J 95 23.77 28.72 -52.56
N ARG J 96 24.45 29.50 -53.42
CA ARG J 96 24.02 30.84 -53.85
C ARG J 96 23.53 30.90 -55.31
N THR J 97 23.20 32.11 -55.77
CA THR J 97 22.72 32.38 -57.12
C THR J 97 23.63 33.32 -57.88
N TYR J 98 23.73 33.13 -59.21
CA TYR J 98 24.52 33.95 -60.15
C TYR J 98 23.79 34.13 -61.48
N SER J 99 24.28 35.01 -62.35
CA SER J 99 23.59 35.27 -63.62
C SER J 99 24.51 35.17 -64.86
N GLN J 112 19.69 33.71 -64.68
CA GLN J 112 19.84 33.26 -63.29
C GLN J 112 20.08 31.78 -63.13
N MET J 113 21.13 31.43 -62.36
CA MET J 113 21.59 30.08 -62.09
C MET J 113 21.89 29.79 -60.61
N LEU J 114 22.21 28.53 -60.29
CA LEU J 114 22.52 28.06 -58.93
C LEU J 114 23.98 27.64 -58.81
N ASP J 115 24.66 28.19 -57.79
CA ASP J 115 26.04 27.87 -57.49
C ASP J 115 26.08 26.91 -56.32
N ILE J 116 26.07 25.62 -56.63
CA ILE J 116 26.05 24.56 -55.63
C ILE J 116 27.46 24.15 -55.27
N HIS J 117 27.76 24.13 -53.96
CA HIS J 117 29.08 23.76 -53.45
C HIS J 117 29.44 22.30 -53.77
N GLY J 118 30.58 22.14 -54.43
CA GLY J 118 31.08 20.83 -54.85
C GLY J 118 30.66 20.48 -56.26
N VAL J 119 29.62 21.15 -56.77
CA VAL J 119 29.08 20.96 -58.09
C VAL J 119 29.66 22.01 -59.02
N GLU J 120 30.38 21.53 -60.07
CA GLU J 120 31.04 22.34 -61.10
C GLU J 120 30.03 23.28 -61.72
N LYS J 121 30.37 24.58 -61.81
CA LYS J 121 29.51 25.58 -62.43
C LYS J 121 29.23 25.16 -63.88
N SER J 122 30.27 24.63 -64.57
CA SER J 122 30.21 24.10 -65.93
C SER J 122 29.13 23.04 -66.11
N TRP J 123 29.00 22.13 -65.13
CA TRP J 123 28.01 21.04 -65.13
C TRP J 123 26.59 21.57 -65.06
N VAL J 124 26.34 22.52 -64.13
CA VAL J 124 25.05 23.19 -63.90
C VAL J 124 24.58 23.83 -65.22
N GLU J 125 25.50 24.57 -65.88
CA GLU J 125 25.25 25.26 -67.14
C GLU J 125 24.97 24.30 -68.26
N GLU J 126 25.71 23.15 -68.30
CA GLU J 126 25.54 22.09 -69.31
C GLU J 126 24.12 21.53 -69.22
N ILE J 127 23.70 21.14 -68.00
CA ILE J 127 22.39 20.56 -67.73
C ILE J 127 21.30 21.52 -68.18
N ASP J 128 21.43 22.81 -67.83
CA ASP J 128 20.48 23.84 -68.22
C ASP J 128 20.45 24.02 -69.74
N LYS J 129 21.63 24.25 -70.37
CA LYS J 129 21.81 24.43 -71.81
C LYS J 129 21.19 23.30 -72.62
N GLU J 130 21.58 22.05 -72.29
CA GLU J 130 21.10 20.86 -72.96
C GLU J 130 19.58 20.72 -72.88
N ALA J 131 18.99 21.02 -71.72
CA ALA J 131 17.54 20.96 -71.49
C ALA J 131 16.78 21.98 -72.34
N ARG J 132 17.31 23.21 -72.42
CA ARG J 132 16.72 24.30 -73.20
C ARG J 132 16.72 23.95 -74.68
N LYS J 133 17.82 23.34 -75.17
CA LYS J 133 18.02 22.87 -76.54
C LYS J 133 16.94 21.84 -76.89
N THR J 134 16.70 20.87 -75.97
CA THR J 134 15.70 19.82 -76.13
C THR J 134 14.28 20.44 -76.11
N MET J 135 14.04 21.45 -75.25
CA MET J 135 12.74 22.15 -75.16
C MET J 135 12.40 22.84 -76.47
N ALA J 136 13.39 23.50 -77.09
CA ALA J 136 13.28 24.23 -78.35
C ALA J 136 12.96 23.30 -79.53
N THR J 137 13.70 22.15 -79.64
CA THR J 137 13.56 21.12 -80.67
C THR J 137 12.10 20.59 -80.64
N LEU J 138 11.65 20.18 -79.45
CA LEU J 138 10.33 19.63 -79.18
C LEU J 138 9.17 20.61 -79.36
N LEU J 139 9.35 21.88 -78.94
CA LEU J 139 8.30 22.90 -79.07
C LEU J 139 8.02 23.23 -80.55
N ASN J 145 3.06 23.50 -78.46
CA ASN J 145 2.29 23.11 -77.28
C ASN J 145 2.90 21.95 -76.45
N ILE J 146 3.49 22.32 -75.27
CA ILE J 146 4.05 21.42 -74.28
C ILE J 146 3.26 21.60 -72.98
N PRO J 147 2.49 20.57 -72.57
CA PRO J 147 1.68 20.70 -71.34
C PRO J 147 2.54 20.73 -70.08
N GLN J 148 2.01 21.34 -69.01
CA GLN J 148 2.71 21.53 -67.74
C GLN J 148 3.44 20.28 -67.20
N ASN J 149 2.74 19.15 -67.22
CA ASN J 149 3.18 17.82 -66.77
C ASN J 149 4.40 17.26 -67.51
N GLN J 150 4.75 17.83 -68.67
CA GLN J 150 5.90 17.37 -69.45
C GLN J 150 7.08 18.29 -69.36
N ARG J 151 6.92 19.45 -68.72
CA ARG J 151 7.96 20.45 -68.58
C ARG J 151 8.86 20.18 -67.37
N PRO J 152 10.17 20.59 -67.43
CA PRO J 152 11.06 20.42 -66.26
C PRO J 152 10.62 21.21 -65.00
N SER J 153 9.66 22.13 -65.19
CA SER J 153 9.07 22.98 -64.18
C SER J 153 8.06 22.27 -63.24
N ALA J 154 7.51 21.09 -63.67
CA ALA J 154 6.55 20.30 -62.89
C ALA J 154 7.08 20.04 -61.46
N PRO J 155 6.26 20.33 -60.41
CA PRO J 155 6.75 20.23 -59.01
C PRO J 155 7.17 18.86 -58.49
N ASP J 156 6.71 17.79 -59.14
CA ASP J 156 7.01 16.42 -58.73
C ASP J 156 8.34 15.87 -59.26
N THR J 157 9.03 16.63 -60.16
CA THR J 157 10.31 16.25 -60.78
C THR J 157 11.42 15.94 -59.73
N PRO J 158 11.58 16.70 -58.61
CA PRO J 158 12.59 16.32 -57.62
C PRO J 158 12.26 14.99 -56.94
N ILE J 159 10.96 14.74 -56.67
CA ILE J 159 10.48 13.51 -56.04
C ILE J 159 10.79 12.33 -56.95
N ILE J 160 10.52 12.47 -58.27
CA ILE J 160 10.81 11.44 -59.30
C ILE J 160 12.29 11.09 -59.26
N LEU J 161 13.16 12.11 -59.23
CA LEU J 161 14.61 11.99 -59.17
C LEU J 161 15.02 11.17 -57.93
N LEU J 162 14.44 11.52 -56.77
CA LEU J 162 14.70 10.87 -55.48
C LEU J 162 14.17 9.47 -55.41
N CYS J 163 13.14 9.15 -56.20
CA CYS J 163 12.55 7.81 -56.25
C CYS J 163 13.50 6.81 -56.88
N VAL J 164 14.35 7.28 -57.83
CA VAL J 164 15.40 6.48 -58.47
C VAL J 164 16.47 6.22 -57.39
N GLY J 165 16.72 7.24 -56.56
CA GLY J 165 17.63 7.16 -55.43
C GLY J 165 17.12 6.20 -54.37
N ALA J 166 15.79 6.17 -54.16
CA ALA J 166 15.12 5.30 -53.20
C ALA J 166 15.27 3.83 -53.59
N LEU J 167 15.20 3.54 -54.90
CA LEU J 167 15.36 2.20 -55.42
C LEU J 167 16.78 1.70 -55.25
N ILE J 168 17.78 2.60 -55.40
CA ILE J 168 19.19 2.22 -55.21
C ILE J 168 19.48 2.13 -53.71
N PHE J 169 18.70 2.86 -52.90
CA PHE J 169 18.80 2.85 -51.46
C PHE J 169 18.41 1.48 -50.94
N THR J 170 17.33 0.88 -51.48
CA THR J 170 16.90 -0.46 -51.10
C THR J 170 18.03 -1.47 -51.35
N LYS J 171 18.65 -1.46 -52.54
CA LYS J 171 19.73 -2.41 -52.88
C LYS J 171 21.13 -1.85 -52.55
N LEU J 172 21.26 -1.22 -51.39
CA LEU J 172 22.55 -0.73 -50.92
C LEU J 172 23.27 -1.88 -50.20
N ALA J 173 22.49 -2.95 -49.87
CA ALA J 173 22.91 -4.17 -49.20
C ALA J 173 23.76 -5.08 -50.10
N SER J 174 23.63 -4.94 -51.43
CA SER J 174 24.37 -5.75 -52.40
C SER J 174 25.38 -4.92 -53.25
N THR J 175 25.78 -5.45 -54.44
CA THR J 175 26.72 -4.81 -55.40
C THR J 175 26.18 -3.49 -55.90
N ILE J 176 27.08 -2.65 -56.45
CA ILE J 176 26.76 -1.37 -57.11
C ILE J 176 25.99 -1.78 -58.37
N GLU J 177 26.38 -2.94 -58.89
CA GLU J 177 25.83 -3.57 -60.06
C GLU J 177 24.41 -4.09 -59.80
N VAL J 178 24.23 -5.06 -58.86
CA VAL J 178 22.92 -5.70 -58.53
C VAL J 178 21.81 -4.68 -58.42
N GLY J 179 22.11 -3.60 -57.69
CA GLY J 179 21.23 -2.47 -57.44
C GLY J 179 20.73 -1.81 -58.71
N LEU J 180 21.61 -1.64 -59.71
CA LEU J 180 21.25 -1.04 -60.99
C LEU J 180 20.23 -1.85 -61.76
N GLU J 181 20.32 -3.19 -61.66
CA GLU J 181 19.39 -4.11 -62.33
C GLU J 181 18.03 -3.87 -61.77
N THR J 182 17.91 -4.13 -60.47
CA THR J 182 16.72 -3.99 -59.64
C THR J 182 16.10 -2.60 -59.83
N THR J 183 16.93 -1.51 -59.74
CA THR J 183 16.50 -0.12 -59.92
C THR J 183 15.82 0.02 -61.28
N VAL J 184 16.50 -0.37 -62.37
CA VAL J 184 15.96 -0.27 -63.72
C VAL J 184 14.64 -1.03 -63.86
N ARG J 185 14.61 -2.33 -63.48
CA ARG J 185 13.45 -3.22 -63.57
C ARG J 185 12.22 -2.62 -62.91
N ARG J 186 12.35 -2.30 -61.62
CA ARG J 186 11.30 -1.72 -60.79
C ARG J 186 10.89 -0.33 -61.23
N ALA J 187 11.87 0.50 -61.65
CA ALA J 187 11.61 1.88 -62.10
C ALA J 187 10.67 1.89 -63.28
N ASN J 188 10.77 0.86 -64.15
CA ASN J 188 9.91 0.72 -65.32
C ASN J 188 8.46 0.52 -64.96
N ARG J 189 8.19 -0.24 -63.89
CA ARG J 189 6.83 -0.53 -63.42
C ARG J 189 6.30 0.57 -62.51
N VAL J 190 7.16 1.00 -61.57
CA VAL J 190 6.88 2.00 -60.56
C VAL J 190 6.77 3.43 -61.12
N LEU J 191 7.81 3.91 -61.83
CA LEU J 191 7.88 5.26 -62.41
C LEU J 191 7.36 5.28 -63.85
N SER J 192 6.46 4.34 -64.14
CA SER J 192 5.79 4.12 -65.43
C SER J 192 5.37 5.43 -66.08
N ASP J 193 4.53 6.20 -65.38
CA ASP J 193 3.93 7.45 -65.83
C ASP J 193 4.89 8.61 -65.90
N ALA J 194 5.89 8.64 -65.00
CA ALA J 194 6.92 9.67 -64.96
C ALA J 194 7.77 9.55 -66.23
N LEU J 195 8.10 8.30 -66.60
CA LEU J 195 8.85 7.96 -67.79
C LEU J 195 8.09 8.33 -69.06
N LYS J 196 6.75 8.34 -69.01
CA LYS J 196 5.90 8.73 -70.13
C LYS J 196 6.12 10.21 -70.42
N ARG J 197 6.19 11.05 -69.36
CA ARG J 197 6.39 12.49 -69.47
C ARG J 197 7.84 12.91 -69.69
N TYR J 198 8.79 12.21 -69.08
CA TYR J 198 10.22 12.50 -69.23
C TYR J 198 10.90 11.23 -69.74
N PRO J 199 10.76 10.91 -71.04
CA PRO J 199 11.34 9.65 -71.54
C PRO J 199 12.84 9.71 -71.70
N ARG J 200 13.39 10.90 -71.47
CA ARG J 200 14.79 11.20 -71.58
C ARG J 200 15.56 10.95 -70.29
N MET J 201 14.85 10.57 -69.19
CA MET J 201 15.51 10.27 -67.92
C MET J 201 16.31 8.97 -68.02
N ASP J 202 17.63 9.11 -67.83
CA ASP J 202 18.57 8.00 -67.91
C ASP J 202 18.65 7.38 -66.54
N ILE J 203 17.72 6.46 -66.26
CA ILE J 203 17.62 5.75 -65.00
C ILE J 203 18.98 5.17 -64.59
N PRO J 204 19.71 4.42 -65.46
CA PRO J 204 20.99 3.85 -65.04
C PRO J 204 22.08 4.82 -64.61
N LYS J 205 22.18 5.98 -65.27
CA LYS J 205 23.17 6.98 -64.93
C LYS J 205 22.79 7.74 -63.65
N ILE J 206 21.49 8.05 -63.50
CA ILE J 206 20.95 8.72 -62.32
C ILE J 206 21.15 7.80 -61.13
N ALA J 207 20.78 6.51 -61.25
CA ALA J 207 20.94 5.50 -60.21
C ALA J 207 22.40 5.27 -59.85
N ARG J 208 23.33 5.43 -60.83
CA ARG J 208 24.75 5.27 -60.56
C ARG J 208 25.26 6.43 -59.72
N SER J 209 24.80 7.68 -60.01
CA SER J 209 25.14 8.92 -59.26
C SER J 209 24.76 8.78 -57.78
N PHE J 210 23.58 8.18 -57.52
CA PHE J 210 23.07 7.91 -56.19
C PHE J 210 23.89 6.85 -55.50
N TYR J 211 24.30 5.75 -56.19
CA TYR J 211 25.15 4.75 -55.52
C TYR J 211 26.48 5.38 -55.13
N ASP J 212 27.10 6.12 -56.05
CA ASP J 212 28.36 6.79 -55.80
C ASP J 212 28.24 7.72 -54.60
N LEU J 213 27.17 8.54 -54.56
CA LEU J 213 26.89 9.48 -53.46
C LEU J 213 26.75 8.80 -52.10
N PHE J 214 25.90 7.76 -52.01
CA PHE J 214 25.67 7.03 -50.77
C PHE J 214 26.91 6.34 -50.26
N GLU J 215 27.80 5.97 -51.18
CA GLU J 215 29.04 5.31 -50.80
C GLU J 215 30.09 6.30 -50.31
N GLN J 216 30.21 7.48 -50.97
CA GLN J 216 31.17 8.55 -50.62
C GLN J 216 30.71 9.38 -49.40
N LYS J 217 29.56 10.05 -49.54
CA LYS J 217 29.04 10.88 -48.47
C LYS J 217 28.08 10.05 -47.60
N VAL J 218 28.64 9.20 -46.73
CA VAL J 218 27.91 8.29 -45.84
C VAL J 218 26.86 8.98 -44.99
N TYR J 219 27.11 10.24 -44.58
CA TYR J 219 26.17 11.02 -43.79
C TYR J 219 24.88 11.32 -44.55
N HIS J 220 24.92 11.33 -45.90
CA HIS J 220 23.73 11.53 -46.70
C HIS J 220 22.76 10.34 -46.66
N ARG J 221 23.23 9.17 -46.15
CA ARG J 221 22.40 7.99 -45.99
C ARG J 221 21.38 8.30 -44.92
N SER J 222 21.83 8.83 -43.75
CA SER J 222 20.92 9.17 -42.64
C SER J 222 20.15 10.48 -42.91
N LEU J 223 20.61 11.31 -43.86
CA LEU J 223 19.88 12.52 -44.26
C LEU J 223 18.68 12.08 -45.09
N PHE J 224 18.88 11.08 -45.96
CA PHE J 224 17.86 10.47 -46.81
C PHE J 224 16.80 9.80 -45.93
N ILE J 225 17.26 9.09 -44.87
CA ILE J 225 16.41 8.44 -43.88
C ILE J 225 15.56 9.47 -43.16
N GLU J 226 16.16 10.61 -42.78
CA GLU J 226 15.43 11.69 -42.11
C GLU J 226 14.41 12.36 -43.01
N TYR J 227 14.68 12.39 -44.35
CA TYR J 227 13.72 12.93 -45.31
C TYR J 227 12.54 11.98 -45.37
N GLY J 228 12.84 10.69 -45.45
CA GLY J 228 11.86 9.61 -45.47
C GLY J 228 10.99 9.63 -44.24
N LYS J 229 11.62 9.66 -43.04
CA LYS J 229 10.95 9.73 -41.75
C LYS J 229 10.01 10.95 -41.69
N ALA J 230 10.51 12.13 -42.09
CA ALA J 230 9.79 13.42 -42.11
C ALA J 230 8.61 13.37 -43.06
N LEU J 231 8.83 12.87 -44.32
CA LEU J 231 7.82 12.72 -45.36
C LEU J 231 6.71 11.76 -44.90
N GLY J 232 7.12 10.68 -44.24
CA GLY J 232 6.23 9.67 -43.68
C GLY J 232 5.32 10.24 -42.62
N SER J 233 5.72 11.30 -41.97
CA SER J 233 4.90 11.90 -40.95
C SER J 233 3.75 12.79 -41.47
N SER J 234 4.00 13.67 -42.46
CA SER J 234 3.05 14.65 -43.01
C SER J 234 1.60 14.13 -43.29
N SER J 235 0.62 15.03 -43.09
CA SER J 235 -0.81 14.84 -43.28
C SER J 235 -1.15 14.66 -44.74
N THR J 236 -0.67 15.53 -45.63
CA THR J 236 -0.92 15.42 -47.06
C THR J 236 0.37 15.28 -47.84
N GLY J 237 0.47 14.19 -48.57
CA GLY J 237 1.62 13.95 -49.43
C GLY J 237 1.20 13.97 -50.88
N SER J 238 2.18 14.06 -51.77
CA SER J 238 1.97 14.03 -53.21
C SER J 238 1.78 12.57 -53.59
N LYS J 239 1.30 12.32 -54.83
CA LYS J 239 1.15 10.98 -55.36
C LYS J 239 2.58 10.38 -55.50
N ALA J 240 3.56 11.23 -55.93
CA ALA J 240 4.99 10.92 -56.09
C ALA J 240 5.68 10.69 -54.73
N GLU J 241 5.31 11.51 -53.74
CA GLU J 241 5.83 11.45 -52.38
C GLU J 241 5.39 10.16 -51.70
N SER J 242 4.10 9.81 -51.82
CA SER J 242 3.55 8.58 -51.26
C SER J 242 4.18 7.33 -51.90
N LEU J 243 4.75 7.47 -53.11
CA LEU J 243 5.46 6.37 -53.76
C LEU J 243 6.83 6.24 -53.10
N PHE J 244 7.54 7.38 -52.94
CA PHE J 244 8.88 7.42 -52.37
C PHE J 244 8.99 6.66 -51.05
N VAL J 245 8.09 6.96 -50.11
CA VAL J 245 8.04 6.32 -48.80
C VAL J 245 7.79 4.82 -48.93
N ASN J 246 6.91 4.43 -49.88
CA ASN J 246 6.56 3.04 -50.12
C ASN J 246 7.74 2.24 -50.67
N ILE J 247 8.68 2.90 -51.39
CA ILE J 247 9.93 2.28 -51.88
C ILE J 247 10.85 2.13 -50.65
N PHE J 248 10.92 3.21 -49.83
CA PHE J 248 11.70 3.34 -48.60
C PHE J 248 11.30 2.29 -47.58
N MET J 249 10.02 1.89 -47.56
CA MET J 249 9.51 0.88 -46.62
C MET J 249 9.96 -0.52 -46.95
N GLN J 250 9.95 -0.86 -48.25
CA GLN J 250 10.40 -2.15 -48.77
C GLN J 250 11.90 -2.33 -48.48
N ALA J 251 12.56 -1.23 -48.06
CA ALA J 251 13.97 -1.16 -47.69
C ALA J 251 14.16 -1.37 -46.18
N TYR J 252 13.08 -1.51 -45.37
CA TYR J 252 13.25 -1.66 -43.93
C TYR J 252 14.06 -2.90 -43.52
N GLY J 253 13.69 -4.09 -43.99
CA GLY J 253 14.43 -5.30 -43.67
C GLY J 253 15.72 -5.40 -44.46
N ALA J 254 16.62 -4.44 -44.26
CA ALA J 254 17.89 -4.31 -44.95
C ALA J 254 18.91 -5.19 -44.28
N GLY J 255 19.56 -6.06 -45.05
CA GLY J 255 20.58 -6.96 -44.54
C GLY J 255 20.15 -7.98 -43.48
N GLN J 256 18.87 -7.93 -43.10
CA GLN J 256 18.34 -8.83 -42.10
C GLN J 256 17.45 -9.88 -42.73
N THR J 257 17.53 -10.03 -44.07
CA THR J 257 16.71 -10.99 -44.86
C THR J 257 16.67 -12.37 -44.22
N MET J 258 17.77 -12.74 -43.56
CA MET J 258 17.89 -14.00 -42.88
C MET J 258 16.95 -14.15 -41.68
N LEU J 259 16.80 -13.10 -40.85
CA LEU J 259 15.91 -13.12 -39.70
C LEU J 259 14.45 -13.17 -40.10
N ARG J 260 14.08 -12.46 -41.18
CA ARG J 260 12.71 -12.46 -41.68
C ARG J 260 12.34 -13.79 -42.31
N TRP J 261 13.31 -14.45 -42.96
CA TRP J 261 13.10 -15.78 -43.52
C TRP J 261 13.06 -16.82 -42.42
N GLY J 262 13.65 -16.45 -41.27
CA GLY J 262 13.67 -17.24 -40.06
C GLY J 262 12.29 -17.37 -39.48
N VAL J 263 11.52 -16.25 -39.44
CA VAL J 263 10.14 -16.28 -38.96
C VAL J 263 9.26 -17.07 -39.92
N ILE J 264 9.58 -16.99 -41.23
CA ILE J 264 8.89 -17.73 -42.29
C ILE J 264 9.04 -19.21 -42.10
N ALA J 265 10.25 -19.67 -41.70
CA ALA J 265 10.53 -21.07 -41.40
C ALA J 265 9.66 -21.58 -40.23
N ARG J 266 9.44 -20.74 -39.19
CA ARG J 266 8.60 -21.04 -38.03
C ARG J 266 7.13 -21.10 -38.47
N SER J 267 6.68 -20.12 -39.27
CA SER J 267 5.32 -20.03 -39.80
C SER J 267 4.98 -21.23 -40.68
N SER J 268 5.98 -21.75 -41.43
CA SER J 268 5.85 -22.92 -42.31
C SER J 268 5.83 -24.22 -41.51
N ASN J 269 6.25 -24.15 -40.23
CA ASN J 269 6.38 -25.26 -39.29
C ASN J 269 7.23 -26.36 -39.91
N ASN J 270 8.39 -25.95 -40.43
CA ASN J 270 9.36 -26.83 -41.05
C ASN J 270 9.93 -27.74 -39.98
N ILE J 271 9.70 -29.05 -40.12
CA ILE J 271 10.09 -30.12 -39.20
C ILE J 271 11.60 -30.18 -38.99
N MET J 272 12.37 -29.57 -39.89
CA MET J 272 13.82 -29.51 -39.76
C MET J 272 14.27 -28.60 -38.63
N LEU J 273 13.39 -27.67 -38.20
CA LEU J 273 13.67 -26.78 -37.07
C LEU J 273 13.67 -27.59 -35.76
N GLY J 274 13.22 -28.83 -35.85
CA GLY J 274 13.18 -29.78 -34.76
C GLY J 274 14.37 -30.72 -34.71
N HIS J 275 15.28 -30.62 -35.71
CA HIS J 275 16.49 -31.43 -35.76
C HIS J 275 17.36 -31.15 -34.54
N VAL J 276 17.94 -32.20 -33.96
CA VAL J 276 18.77 -32.15 -32.76
C VAL J 276 19.92 -31.11 -32.86
N SER J 277 20.61 -31.05 -34.02
CA SER J 277 21.72 -30.13 -34.28
C SER J 277 21.25 -28.67 -34.36
N VAL J 278 20.01 -28.45 -34.80
CA VAL J 278 19.36 -27.15 -34.92
C VAL J 278 18.87 -26.75 -33.51
N GLN J 279 18.28 -27.71 -32.77
CA GLN J 279 17.81 -27.53 -31.39
C GLN J 279 18.93 -27.01 -30.49
N ALA J 280 20.17 -27.47 -30.74
CA ALA J 280 21.37 -27.06 -30.01
C ALA J 280 21.67 -25.55 -30.11
N GLU J 281 21.29 -24.93 -31.23
CA GLU J 281 21.55 -23.52 -31.52
C GLU J 281 20.42 -22.58 -31.09
N LEU J 282 19.36 -23.14 -30.51
CA LEU J 282 18.18 -22.40 -30.07
C LEU J 282 18.50 -21.16 -29.25
N LYS J 283 19.33 -21.29 -28.21
CA LYS J 283 19.68 -20.16 -27.34
C LYS J 283 20.37 -19.03 -28.09
N GLN J 284 21.25 -19.33 -29.08
CA GLN J 284 21.92 -18.28 -29.87
C GLN J 284 20.92 -17.57 -30.75
N VAL J 285 20.05 -18.34 -31.44
CA VAL J 285 19.01 -17.80 -32.32
C VAL J 285 18.12 -16.86 -31.53
N THR J 286 17.66 -17.31 -30.36
CA THR J 286 16.81 -16.54 -29.47
C THR J 286 17.48 -15.23 -29.12
N GLU J 287 18.77 -15.29 -28.75
CA GLU J 287 19.59 -14.12 -28.38
C GLU J 287 19.58 -13.06 -29.46
N VAL J 288 19.64 -13.47 -30.74
CA VAL J 288 19.63 -12.52 -31.86
C VAL J 288 18.27 -11.82 -31.98
N TYR J 289 17.15 -12.57 -31.96
CA TYR J 289 15.79 -12.00 -32.06
C TYR J 289 15.41 -11.09 -30.92
N ASP J 290 16.01 -11.36 -29.73
CA ASP J 290 15.83 -10.60 -28.49
C ASP J 290 16.66 -9.34 -28.48
N LEU J 291 17.74 -9.32 -29.27
CA LEU J 291 18.56 -8.13 -29.44
C LEU J 291 17.79 -7.16 -30.33
N VAL J 292 17.03 -7.66 -31.33
CA VAL J 292 16.20 -6.85 -32.22
C VAL J 292 15.18 -6.06 -31.40
N ARG J 293 14.56 -6.74 -30.43
CA ARG J 293 13.58 -6.16 -29.51
C ARG J 293 14.26 -5.17 -28.56
N GLU J 294 15.52 -5.46 -28.14
CA GLU J 294 16.34 -4.60 -27.27
C GLU J 294 16.71 -3.27 -27.98
N MET J 295 16.92 -3.32 -29.29
CA MET J 295 17.27 -2.16 -30.14
C MET J 295 16.06 -1.41 -30.69
N GLY J 296 14.93 -2.09 -30.71
CA GLY J 296 13.65 -1.55 -31.13
C GLY J 296 13.44 -1.26 -32.61
N PRO J 297 12.94 -0.05 -32.95
CA PRO J 297 12.63 0.22 -34.36
C PRO J 297 13.84 0.52 -35.23
N GLU J 298 14.89 1.08 -34.63
CA GLU J 298 16.08 1.46 -35.40
C GLU J 298 16.87 0.23 -35.84
N SER J 299 16.61 -0.95 -35.18
CA SER J 299 17.23 -2.23 -35.49
C SER J 299 17.20 -2.57 -36.97
N GLY J 300 16.06 -2.38 -37.63
CA GLY J 300 15.88 -2.65 -39.05
C GLY J 300 16.75 -1.86 -40.03
N LEU J 301 16.74 -0.55 -39.89
CA LEU J 301 17.52 0.26 -40.80
C LEU J 301 19.03 0.40 -40.42
N LEU J 302 19.54 -0.42 -39.46
CA LEU J 302 20.95 -0.40 -39.01
C LEU J 302 21.93 -0.64 -40.13
N HIS J 303 21.63 -1.68 -40.95
CA HIS J 303 22.44 -2.10 -42.09
C HIS J 303 22.39 -1.02 -43.15
N LEU J 304 21.20 -0.41 -43.35
CA LEU J 304 20.97 0.67 -44.33
C LEU J 304 21.78 1.95 -44.06
N ARG J 305 21.95 2.28 -42.77
CA ARG J 305 22.71 3.44 -42.28
C ARG J 305 24.21 3.21 -42.37
N GLN J 306 24.62 1.93 -42.64
CA GLN J 306 26.00 1.43 -42.69
C GLN J 306 26.63 1.59 -41.28
N SER J 307 25.75 1.48 -40.25
CA SER J 307 26.12 1.61 -38.85
C SER J 307 27.10 0.53 -38.44
N PRO J 308 28.21 0.91 -37.74
CA PRO J 308 29.18 -0.11 -37.30
C PRO J 308 28.56 -1.08 -36.30
N LYS J 309 27.56 -0.61 -35.50
CA LYS J 309 26.78 -1.38 -34.53
C LYS J 309 26.19 -2.64 -35.16
N ALA J 310 25.67 -2.52 -36.42
CA ALA J 310 25.07 -3.61 -37.23
C ALA J 310 26.04 -4.74 -37.42
N GLY J 311 25.49 -5.93 -37.61
CA GLY J 311 26.31 -7.11 -37.76
C GLY J 311 26.25 -7.92 -36.51
N LEU J 312 25.75 -7.32 -35.42
CA LEU J 312 25.53 -8.05 -34.17
C LEU J 312 24.33 -9.01 -34.39
N LEU J 313 23.50 -8.64 -35.39
CA LEU J 313 22.33 -9.35 -35.88
C LEU J 313 22.73 -10.39 -36.97
N SER J 314 23.90 -11.00 -36.78
CA SER J 314 24.38 -12.03 -37.68
C SER J 314 24.04 -13.38 -37.12
N LEU J 315 23.65 -14.26 -38.03
CA LEU J 315 23.26 -15.63 -37.73
C LEU J 315 24.41 -16.58 -38.07
N ALA J 316 25.66 -16.08 -37.87
CA ALA J 316 26.91 -16.80 -38.07
C ALA J 316 27.07 -17.86 -36.98
N ASN J 317 26.68 -17.51 -35.74
CA ASN J 317 26.73 -18.34 -34.53
C ASN J 317 25.86 -19.60 -34.62
N CYS J 318 24.88 -19.61 -35.55
CA CYS J 318 23.93 -20.71 -35.78
C CYS J 318 23.87 -21.16 -37.28
N PRO J 319 24.93 -21.83 -37.73
CA PRO J 319 24.96 -22.28 -39.13
C PRO J 319 23.92 -23.34 -39.54
N ASN J 320 23.58 -24.28 -38.64
CA ASN J 320 22.60 -25.34 -38.91
C ASN J 320 21.19 -24.77 -39.04
N PHE J 321 20.87 -23.74 -38.24
CA PHE J 321 19.59 -23.03 -38.29
C PHE J 321 19.48 -22.30 -39.61
N ALA J 322 20.54 -21.56 -39.99
CA ALA J 322 20.63 -20.82 -41.24
C ALA J 322 20.36 -21.74 -42.42
N SER J 323 20.94 -22.96 -42.39
CA SER J 323 20.79 -24.00 -43.41
C SER J 323 19.33 -24.38 -43.59
N VAL J 324 18.61 -24.58 -42.48
CA VAL J 324 17.20 -24.95 -42.48
C VAL J 324 16.33 -23.81 -43.01
N VAL J 325 16.58 -22.58 -42.54
CA VAL J 325 15.87 -21.35 -42.94
C VAL J 325 15.95 -21.15 -44.45
N LEU J 326 17.16 -21.32 -45.02
CA LEU J 326 17.43 -21.21 -46.45
C LEU J 326 16.78 -22.34 -47.24
N GLY J 327 16.82 -23.55 -46.70
CA GLY J 327 16.20 -24.73 -47.30
C GLY J 327 14.72 -24.51 -47.46
N ASN J 328 14.07 -24.06 -46.37
CA ASN J 328 12.65 -23.74 -46.29
C ASN J 328 12.29 -22.69 -47.35
N ALA J 329 13.12 -21.64 -47.48
CA ALA J 329 12.95 -20.56 -48.46
C ALA J 329 13.05 -21.10 -49.88
N SER J 330 13.98 -22.03 -50.10
CA SER J 330 14.19 -22.67 -51.40
C SER J 330 12.98 -23.49 -51.79
N GLY J 331 12.50 -24.30 -50.84
CA GLY J 331 11.33 -25.16 -51.01
C GLY J 331 10.07 -24.39 -51.31
N LEU J 332 9.88 -23.24 -50.64
CA LEU J 332 8.70 -22.40 -50.88
C LEU J 332 8.86 -21.55 -52.14
N GLY J 333 10.08 -21.48 -52.66
CA GLY J 333 10.42 -20.75 -53.88
C GLY J 333 10.56 -19.25 -53.68
N ILE J 334 11.20 -18.86 -52.58
CA ILE J 334 11.42 -17.45 -52.24
C ILE J 334 12.89 -17.08 -52.47
N ILE J 335 13.80 -18.01 -52.09
CA ILE J 335 15.26 -17.90 -52.11
C ILE J 335 15.83 -17.05 -53.28
N GLY J 336 15.25 -17.16 -54.47
CA GLY J 336 15.68 -16.43 -55.65
C GLY J 336 17.18 -16.41 -55.85
N MET J 337 17.77 -15.21 -55.95
CA MET J 337 19.21 -15.04 -56.18
C MET J 337 20.02 -14.73 -54.94
N TYR J 338 19.64 -15.29 -53.79
CA TYR J 338 20.34 -15.06 -52.55
C TYR J 338 21.62 -15.89 -52.48
N ARG J 339 22.79 -15.19 -52.41
CA ARG J 339 24.15 -15.76 -52.38
C ARG J 339 24.56 -16.34 -51.00
N GLY J 340 23.73 -16.12 -49.99
CA GLY J 340 23.95 -16.61 -48.62
C GLY J 340 24.43 -18.04 -48.53
N ARG J 341 25.65 -18.22 -48.01
CA ARG J 341 26.33 -19.50 -47.86
C ARG J 341 25.50 -20.54 -47.09
N VAL J 342 25.53 -21.81 -47.54
CA VAL J 342 24.81 -22.90 -46.89
C VAL J 342 25.80 -23.84 -46.20
N PRO J 343 25.90 -23.71 -44.85
CA PRO J 343 26.85 -24.54 -44.11
C PRO J 343 26.51 -26.02 -44.12
N ASN J 344 25.26 -26.38 -43.76
CA ASN J 344 24.83 -27.77 -43.76
C ASN J 344 23.94 -28.07 -44.96
N THR J 345 24.57 -28.56 -46.03
CA THR J 345 23.93 -28.92 -47.29
C THR J 345 22.86 -29.99 -47.09
N GLU J 346 23.14 -30.94 -46.19
CA GLU J 346 22.27 -32.05 -45.83
C GLU J 346 20.94 -31.51 -45.28
N LEU J 347 20.98 -30.69 -44.19
CA LEU J 347 19.82 -30.08 -43.54
C LEU J 347 19.01 -29.23 -44.51
N PHE J 348 19.71 -28.47 -45.38
CA PHE J 348 19.12 -27.60 -46.39
C PHE J 348 18.20 -28.40 -47.29
N SER J 349 18.71 -29.49 -47.88
CA SER J 349 17.98 -30.34 -48.80
C SER J 349 16.73 -30.92 -48.16
N ALA J 350 16.83 -31.34 -46.90
CA ALA J 350 15.74 -31.90 -46.11
C ALA J 350 14.64 -30.87 -45.89
N ALA J 351 15.02 -29.67 -45.41
CA ALA J 351 14.09 -28.57 -45.16
C ALA J 351 13.37 -28.18 -46.45
N GLU J 352 14.11 -28.20 -47.57
CA GLU J 352 13.62 -27.88 -48.91
C GLU J 352 12.55 -28.86 -49.36
N SER J 353 12.78 -30.15 -49.13
CA SER J 353 11.88 -31.22 -49.50
C SER J 353 10.56 -31.09 -48.76
N TYR J 354 10.62 -30.86 -47.43
CA TYR J 354 9.45 -30.69 -46.60
C TYR J 354 8.64 -29.49 -47.05
N ALA J 355 9.32 -28.34 -47.28
CA ALA J 355 8.69 -27.10 -47.71
C ALA J 355 8.02 -27.23 -49.07
N LYS J 356 8.61 -28.03 -49.99
CA LYS J 356 8.03 -28.24 -51.31
C LYS J 356 6.75 -29.06 -51.21
N SER J 357 6.72 -30.06 -50.31
CA SER J 357 5.57 -30.93 -50.04
C SER J 357 4.46 -30.13 -49.37
N LEU J 358 4.84 -29.22 -48.47
CA LEU J 358 3.98 -28.30 -47.72
C LEU J 358 3.29 -27.37 -48.73
N LYS J 359 4.10 -26.75 -49.64
CA LYS J 359 3.74 -25.80 -50.70
C LYS J 359 2.53 -26.29 -51.52
N GLU J 360 2.58 -27.54 -51.97
CA GLU J 360 1.52 -28.12 -52.78
C GLU J 360 0.28 -28.56 -51.97
N SER J 361 0.50 -29.15 -50.77
CA SER J 361 -0.53 -29.70 -49.91
C SER J 361 -1.51 -28.65 -49.35
N ASN J 362 -2.80 -29.00 -49.45
CA ASN J 362 -3.95 -28.23 -49.01
C ASN J 362 -4.57 -28.92 -47.78
N LYS J 363 -4.69 -28.18 -46.68
CA LYS J 363 -5.30 -28.68 -45.43
C LYS J 363 -6.27 -27.67 -44.82
N ILE J 364 -7.26 -28.13 -44.03
CA ILE J 364 -8.23 -27.24 -43.38
C ILE J 364 -8.30 -27.48 -41.85
N ASN J 365 -8.05 -26.41 -41.07
CA ASN J 365 -8.15 -26.40 -39.61
C ASN J 365 -9.57 -25.95 -39.27
N PHE J 366 -10.46 -26.90 -38.94
CA PHE J 366 -11.83 -26.57 -38.53
C PHE J 366 -11.81 -26.13 -37.07
N SER J 367 -10.65 -26.32 -36.43
CA SER J 367 -10.28 -25.94 -35.07
C SER J 367 -10.13 -24.41 -35.00
N SER J 368 -9.38 -23.83 -35.96
CA SER J 368 -9.10 -22.39 -36.07
C SER J 368 -10.36 -21.56 -36.38
N LEU J 369 -11.16 -22.01 -37.37
CA LEU J 369 -12.37 -21.34 -37.85
C LEU J 369 -13.44 -21.09 -36.78
N GLY J 370 -13.64 -22.05 -35.88
CA GLY J 370 -14.63 -21.99 -34.82
C GLY J 370 -16.06 -21.90 -35.32
N LEU J 371 -16.46 -22.88 -36.15
CA LEU J 371 -17.78 -22.94 -36.75
C LEU J 371 -18.72 -23.82 -35.94
N THR J 372 -20.04 -23.72 -36.23
CA THR J 372 -21.06 -24.60 -35.64
C THR J 372 -20.87 -25.95 -36.34
N ASP J 373 -21.21 -27.06 -35.68
CA ASP J 373 -21.03 -28.37 -36.30
C ASP J 373 -22.21 -28.73 -37.27
N GLU J 374 -22.79 -27.68 -37.88
CA GLU J 374 -23.87 -27.69 -38.88
C GLU J 374 -23.37 -26.90 -40.11
N GLU J 375 -22.30 -26.10 -39.90
CA GLU J 375 -21.54 -25.30 -40.87
C GLU J 375 -20.28 -26.15 -41.23
N LYS J 376 -19.76 -26.91 -40.21
CA LYS J 376 -18.63 -27.86 -40.25
C LYS J 376 -19.11 -29.16 -40.92
N GLU J 377 -20.43 -29.39 -40.87
CA GLU J 377 -21.21 -30.50 -41.46
C GLU J 377 -21.23 -30.28 -43.00
N ALA J 378 -21.62 -29.06 -43.43
CA ALA J 378 -21.74 -28.58 -44.82
C ALA J 378 -20.38 -28.43 -45.51
N ALA J 379 -19.33 -28.10 -44.73
CA ALA J 379 -17.95 -27.92 -45.19
C ALA J 379 -17.33 -29.23 -45.65
N GLU J 380 -17.73 -30.35 -45.01
CA GLU J 380 -17.27 -31.71 -45.33
C GLU J 380 -17.78 -32.11 -46.70
N HIS J 381 -19.01 -31.64 -47.02
CA HIS J 381 -19.72 -31.87 -48.28
C HIS J 381 -18.94 -31.30 -49.48
N PHE J 382 -17.93 -30.44 -49.23
CA PHE J 382 -17.13 -29.85 -50.29
C PHE J 382 -16.08 -30.80 -50.84
N LEU J 383 -16.44 -31.38 -52.00
CA LEU J 383 -15.63 -32.28 -52.82
C LEU J 383 -14.87 -31.49 -53.90
#